data_8BBE
#
_entry.id   8BBE
#
loop_
_entity.id
_entity.type
_entity.pdbx_description
1 polymer 'Intraflagellar transport protein 122 homolog'
2 polymer 'SNAP-tag,Tetratricopeptide repeat protein 21B'
3 polymer 'WD repeat-containing protein 35'
4 polymer 'Intraflagellar transport protein 43 homolog'
#
loop_
_entity_poly.entity_id
_entity_poly.type
_entity_poly.pdbx_seq_one_letter_code
_entity_poly.pdbx_strand_id
1 'polypeptide(L)'
;MRAVLTWRDKAEHCINDIAFKPDGTQLILAAGSRLLVYDTSDGTLLQPLKGHKDTVYCVAYAKDGKRFASGSADKSVIIW
TSKLEGILKYTHNDAIQCVSYNPITHQLASCSSSDFGLWSPEQKSVSKHKSSSKIICCSWTNDGQYLALGMFNGIISIRN
KNGEEKVKIERPGGSLSPIWSICWNPSSRWESFWMNRENEDAEDVIV(UNK)(UNK)(UNK)(UNK)(UNK)(UNK)IPS
TLKSAVYSSQGSEAEEEEPEEEDDSPRDDNLEERNDILAVADWGQKVSFYQLSGKQIGKDRALNFDPCCISYFTKGEYIL
LGGSDKQVSLFTKDGVRLGTVGEQNSWVWTCQAKPDSNYVVVGCQDGTISFYQLIFSTVHGLYKDRYAYRDSMTDVIVQH
LITEQKVRIKCKELVKKIAIYRNRLAIQLPEKILIYELYSEDLSDMHYRVKEKIIKKFECNLLVVCANHIILCQEKRLQC
LSFSGVKEREWQMESLIRYIKVIGGPPGREGLLVGLKNGQILKIFVDNLFAIVLLKQATAVRCLDMSASRKKLAVVDEND
TCLVYDIDTKELLFQEPNANSVAWNTQCEDMLCFSGGGYLNIKASTFPVHRQKLQGFVVGYNGSKIFCLHVFSISAVEVP
QSAPMYQYLDRKLFKEAYQIACLGVTDTDWRELAMEALEGLDFETAKKAFIRVQDLRYLELISSIEERKKRGETNNDLFL
ADVFSYQGKFHEAAKLYKRSGHENLALEMYTDLCMFEYAKDFLGSGDPKETKMLITKQADWARNIKEPKAAVEMYISAGE
HVKAIEICGDHGWVDMLIDIARKLDKAEREPLLLCATYLKKLDSPGYAAETYLKMGDLKSLVQLHVETQRWDEAFALGEK
HPEFKDDIYMPYAQWLAENDRFEEAQKAFHKAGRQREAVQVLEQLTNNAVAESRFNDAAYYYWMLSMQCLDIAQDPAQKD
TMLGKFYHFQRLAELYHGYHAIHRHTEDPFSVHRPETLFNISRFLLHSLPKDTPSGISKVKILFTLAKQSKALGAYRLAR
HAYDKLRGLYIPARFQKSIELGTLTIRAKPFHDSEELVPLCYRCSTNNPLLNNLGNVCINCRQPFIFSASSYDVLHLVEF
YLEEGITDEEAISLIDLEVLRPKRDDRQLEIANNSSQILRLVETKDSIGDEDPFTAKLSFEQGGSEFVPVVVSRLVLRSM
SRRDVLIKRWPPPLRWQYFRSLLPDASITMCPSCFQMFHSEDYELLVLQHGCCPYCRRCKDDPGP
;
C
2 'polypeptide(L)'
;GDKDCEMKRTTLDSPLGKLELSGCEQGLHRIIFLGKGTSAADAVEVPAPAAVLGGPEPLMQATAWLNAYFHQPEAIEEFP
VPALHHPVFQQESFTRQVLWKLLKVVKFGEVISYSHLAALAGNPAATAAVKTALSGNPVPILIPCHRVVQGDLDVGGYEG
GLAVKEWLLAHEGHRLGKPGLGGSMDSQELKTLINYYCQERYFHHVLLVASEGIKRYGSDPVFRFYHAYGTLMEGKTQEA
LREFEAIKNKQDVSLCSLLALIYAHKMSPNPDREAILESDARVKEQRKGAGEKALYHAGLFLWHIGRHDKAREYIDRMIK
ISDGSKQGHVLKAWLDITRGKEPYTKKALKYFEEGLQDGNDTFALLGKAQCLEMRQNYSGALETVNQIIVNFPSFLPAFV
KKMKLQLALQDWDQTVETAQRLLLQDSQNVEALRMQALYYVCREGDIEKASTKLENLGNTLDAMEPQNAQLFYNITLAFS
RTCGRSQLILQKIQTLLERAFSLNPQQSEFATELGYQMILQGRVKEALKWYKTAMTLDETSVSALVGFIQCQLIEGQLQD
ADQQLEFLNEIQQSIGKSAELIYLHAVLAMKKNKRQEEVINLLNDVLDTHFSQLEGLPLGIQYFEKLNPDFLLEIVMEYL
SFCPMQPASPGQPLCPLLRRCISVLETVVRTVPGLLQTVFLIAKVKYLSGDIEAAFNNLQHCLEHNPSYADAHLLLAQVY
LSQEKVKLCSQSLELCLSYDFKVRDYPLYHLIKAQSQKKMGEIADAIKTLHMAMSLPGMKRIGASTKSKDRKTEVDTSHR
LSIFLELIDVHRLNGEQHEATKVLQDAIHEFSGTSEEVRVTIANADLALAQGDIERALSILQNVTAEQPYFIEAREKMAD
IYLKHRKDKMLYITCFREIAERMANPRSFLLLGDAYMNILEPEEAIVAYEQALNQNPKDGTLASKMGKALIKTHNYSMAI
TYYEAALKTGQKNYLCYDLAELLLKLKWYDKAEKVLQHALAHEPVNELSALMEDGRCQVLLAKVYSKMEKLGDAITALQQ
ARELQARVLKRVQMEQPDAVPAQKHLAAEICAEIAKHSVAQRDYEKAIKFYREALVHCETDNKIMLELARLYLAQDDPDS
CLRQCALLLQSDQDNEAATMMMADLMFRKQDYEQAVFHLQQLLERKPDNYMTLSRLIDLLRRCGKLEDVPRFFSMAEKRN
SRAKLEPGFQYCKGLYLWYTGEPNDALRHFNKARKDRDWGQNALYNMIEICLNPDNETVGGEVFENLDGDLGNSTEKQES
VQLAVRTAEKLLKELKPQTVQGHVQLRIMENYCLMATKQKSNVEQALNTFTEIAASEKEHIPALLGMATAYMILKQTPRA
RNQLKRIAKMNWNAIDAEEFEKSWLLLADIYIQSAKYDMAEDLLKRCLRHNRSCCKAYEYMGYIMEKEQAYTDAALNYEM
AWKYSNRTNPAVGYKLAFNYLKAKRYVDSIDICHQVLEAHPTYPKIRKDILDKARASLRP
;
D
3 'polypeptide(L)'
;FQGMFFYLSKKISIPNNVKLQCVSWNKEQGFIACGGEDGLLKVLKLETQTDDAKLRGLAAPSNLSMNQTLEGHSGSVQVV
TWNEQYQKLTTSDENGLIIVWMLYKGSWIEEMINNRNKSVVRSMSWNADGQKICIVYEDGAVIVGSVDGNRIWGKDLKGI
QLSHVTWSADSKVLLFGMANGEIHIYDNQGNFMIKMKLSCLVNVTGAISIAGIHWYHGTEGYVEPDCPCLAVCFDNGRCQ
IMRHENDQNPVLIDTGMYVVGIQWNHMGSVLAVAGFQKAAMQDKDVNIVQFYTPFGEHLGTLKVPGKEISALSWEGGGLK
IALAVDSFIYFANIRPNYKWGYCSNTVVYAYTRPDRPEYCVVFWDTKNNEKYVKYVKGLISITTCGDFCILATKADENHP
QEENEMETFGATFVLVLCNSIGTPLDPKYIDIVPLFVAMTKTHVIAASKEAFYTWQYRVAKKLTALEINQITRSRKEGRE
RIYHVDDTPSGSMDGVLDYSKTIQGTRDPICAITASDKILIVGRESGTIQRYSLPNVGLIQKYSLNCRAYQLSLNCNSSR
LAIIDISGVLTFFDLDARVTDSTGQQVVGELLKLERRDVWDMKWAKDNPDLFAMMEKTRMYVFRNLDPEEPIQTSGYICN
FEDLEIKSVLLDEILKDPEHPNKDYLINFEIRSLRDSRALIEKVGIKDASQFIEDNPHPRLWRLLAEAALQKLDLYTAEQ
AFVRCKDYQGIKFVKRLGKLLSESMKQAEVVGYFGRFEEAERTYLEMDRRDLAIGLRLKLGDWFRVLQLLKTGSGDADDS
LLEQANNAIGDYFADRQKWLNAVQYYVQGRNQERLAECYYMLEDYEGLENLAISLPENHKLLPEIAQMFVRVGMCEQAVT
AFLKCSQPKAAVDTCVHLNQWNKAVELAKNHSMKEIGSLLARYASHLLEKNKTLDAIELYRKANYFFDAAKLMFKIADEE
AKKGSKPLRVKKLYVLSALLIEQYHEQMKNAQRGKVKGKSSEATSALAGLLEEEVLSTTDRFTDNAWRGAEAYHFFILAQ
RQLYEGCVDTALKTALHLKDYEDIIPPVEIYSLLALCACASRAFGTCSKAFIKLKSLETLSSEQKQQYEDLALEIFTKHT
SKDNRKPELDSLMEGGEGKLPTCVATGSPITEYQFWMCSVCKHGVLAQEISHYSFCPLCHSPVG
;
E
4 'polypeptide(L)'
;GMEDLLDLDEELRYSLATSRAKMGRRAQQESAQAENHLNGKNSSLTLTGETSSAKLPRCRQGGWAGDSVKASKFRRKASE
EIEDFRLRPQSLNGSDYGGDIPIIPDLEEVQEEDFVLQVAAPPSIQIKRVMTYRDLDNDLMKYSAIQTLDGEIDLKLLTK
VLAPEHEVREDDVGWDWDHLFTEVSSEVLTEWDPLQTEKEDPAGQARHT
;
F
#
# COMPACT_ATOMS: atom_id res chain seq x y z
N MET A 1 -5.75 -0.28 -3.98
CA MET A 1 -6.81 -0.19 -5.01
C MET A 1 -6.46 0.87 -6.05
N ARG A 2 -6.50 0.50 -7.34
CA ARG A 2 -6.17 1.37 -8.49
C ARG A 2 -7.14 1.11 -9.65
N ALA A 3 -7.57 2.16 -10.35
CA ALA A 3 -8.47 2.09 -11.50
C ALA A 3 -8.01 2.97 -12.66
N VAL A 4 -8.00 2.45 -13.88
CA VAL A 4 -7.45 3.13 -15.07
C VAL A 4 -8.50 3.30 -16.16
N LEU A 5 -8.68 4.50 -16.69
CA LEU A 5 -9.56 4.74 -17.82
C LEU A 5 -8.98 4.10 -19.09
N THR A 6 -9.61 3.02 -19.56
CA THR A 6 -9.22 2.28 -20.75
C THR A 6 -9.70 2.97 -22.02
N TRP A 7 -10.93 3.50 -22.03
CA TRP A 7 -11.45 4.38 -23.08
C TRP A 7 -12.66 5.15 -22.59
N ARG A 8 -13.03 6.22 -23.31
CA ARG A 8 -14.18 7.08 -23.03
C ARG A 8 -14.89 7.49 -24.31
N ASP A 9 -16.21 7.66 -24.22
CA ASP A 9 -16.99 8.35 -25.24
C ASP A 9 -18.09 9.18 -24.59
N LYS A 10 -18.70 10.10 -25.32
CA LYS A 10 -19.88 10.86 -24.89
C LYS A 10 -20.95 10.80 -25.99
N ALA A 11 -22.15 10.35 -25.62
CA ALA A 11 -23.28 10.32 -26.54
C ALA A 11 -23.82 11.72 -26.83
N GLU A 12 -24.83 11.83 -27.67
CA GLU A 12 -25.56 13.09 -27.88
C GLU A 12 -26.50 13.42 -26.71
N HIS A 13 -26.92 12.42 -25.93
CA HIS A 13 -27.97 12.47 -24.91
C HIS A 13 -27.57 11.73 -23.63
N CYS A 14 -28.41 11.83 -22.60
CA CYS A 14 -28.25 11.07 -21.38
C CYS A 14 -28.27 9.55 -21.62
N ILE A 15 -27.62 8.77 -20.74
CA ILE A 15 -27.51 7.31 -20.86
C ILE A 15 -28.18 6.61 -19.68
N ASN A 16 -29.21 5.82 -20.02
CA ASN A 16 -30.25 5.39 -19.08
C ASN A 16 -30.02 3.95 -18.54
N ASP A 17 -29.55 3.03 -19.37
CA ASP A 17 -29.14 1.68 -18.97
C ASP A 17 -28.11 1.06 -19.94
N ILE A 18 -27.43 0.00 -19.48
CA ILE A 18 -26.27 -0.64 -20.10
C ILE A 18 -26.45 -2.16 -20.16
N ALA A 19 -26.07 -2.77 -21.29
CA ALA A 19 -26.07 -4.22 -21.46
C ALA A 19 -24.76 -4.72 -22.07
N PHE A 20 -24.26 -5.87 -21.63
CA PHE A 20 -23.08 -6.53 -22.20
C PHE A 20 -23.45 -7.85 -22.85
N LYS A 21 -22.91 -8.15 -24.04
CA LYS A 21 -22.92 -9.53 -24.56
C LYS A 21 -22.23 -10.44 -23.52
N PRO A 22 -22.65 -11.70 -23.31
CA PRO A 22 -22.08 -12.51 -22.23
C PRO A 22 -20.59 -12.80 -22.40
N ASP A 23 -20.05 -12.85 -23.62
CA ASP A 23 -18.59 -13.01 -23.82
C ASP A 23 -17.78 -11.71 -23.64
N GLY A 24 -18.44 -10.60 -23.35
CA GLY A 24 -17.86 -9.27 -23.17
C GLY A 24 -17.47 -8.52 -24.44
N THR A 25 -17.72 -9.05 -25.64
CA THR A 25 -17.22 -8.45 -26.90
C THR A 25 -17.94 -7.16 -27.30
N GLN A 26 -19.23 -7.01 -26.98
CA GLN A 26 -20.02 -5.82 -27.30
C GLN A 26 -20.80 -5.30 -26.09
N LEU A 27 -20.88 -3.98 -26.02
CA LEU A 27 -21.57 -3.16 -25.05
C LEU A 27 -22.73 -2.48 -25.77
N ILE A 28 -23.91 -2.45 -25.18
CA ILE A 28 -25.07 -1.77 -25.75
C ILE A 28 -25.59 -0.76 -24.76
N LEU A 29 -25.89 0.46 -25.23
CA LEU A 29 -26.24 1.59 -24.39
C LEU A 29 -27.53 2.24 -24.83
N ALA A 30 -28.44 2.40 -23.87
CA ALA A 30 -29.73 3.06 -24.02
C ALA A 30 -29.56 4.58 -23.85
N ALA A 31 -29.09 5.23 -24.91
CA ALA A 31 -28.81 6.66 -24.94
C ALA A 31 -29.97 7.44 -25.59
N GLY A 32 -30.62 8.34 -24.86
CA GLY A 32 -31.70 9.15 -25.43
C GLY A 32 -32.78 8.31 -26.10
N SER A 33 -32.99 8.48 -27.41
CA SER A 33 -34.04 7.79 -28.19
C SER A 33 -33.54 6.70 -29.17
N ARG A 34 -32.28 6.26 -29.06
CA ARG A 34 -31.71 5.13 -29.85
C ARG A 34 -30.86 4.19 -28.99
N LEU A 35 -30.62 2.98 -29.49
CA LEU A 35 -29.60 2.09 -28.92
C LEU A 35 -28.26 2.31 -29.63
N LEU A 36 -27.19 2.33 -28.87
CA LEU A 36 -25.81 2.46 -29.36
C LEU A 36 -25.04 1.18 -29.10
N VAL A 37 -24.35 0.63 -30.12
CA VAL A 37 -23.54 -0.59 -29.98
C VAL A 37 -22.04 -0.27 -30.03
N TYR A 38 -21.30 -0.67 -29.01
CA TYR A 38 -19.91 -0.33 -28.76
C TYR A 38 -19.03 -1.58 -28.68
N ASP A 39 -17.78 -1.48 -29.15
CA ASP A 39 -16.72 -2.43 -28.84
C ASP A 39 -16.10 -2.11 -27.46
N THR A 40 -16.07 -3.09 -26.55
CA THR A 40 -15.49 -2.91 -25.22
C THR A 40 -13.97 -2.73 -25.22
N SER A 41 -13.25 -3.09 -26.28
CA SER A 41 -11.80 -3.01 -26.36
C SER A 41 -11.29 -1.56 -26.41
N ASP A 42 -11.97 -0.68 -27.14
CA ASP A 42 -11.48 0.67 -27.43
C ASP A 42 -12.59 1.71 -27.64
N GLY A 43 -13.85 1.35 -27.44
CA GLY A 43 -14.97 2.28 -27.51
C GLY A 43 -15.37 2.73 -28.91
N THR A 44 -15.00 2.03 -29.98
CA THR A 44 -15.60 2.37 -31.29
C THR A 44 -17.10 2.06 -31.31
N LEU A 45 -17.91 3.04 -31.70
CA LEU A 45 -19.36 2.92 -31.82
C LEU A 45 -19.72 2.39 -33.21
N LEU A 46 -20.18 1.15 -33.27
CA LEU A 46 -20.45 0.43 -34.52
C LEU A 46 -21.71 0.91 -35.23
N GLN A 47 -22.82 1.08 -34.50
CA GLN A 47 -24.11 1.44 -35.10
C GLN A 47 -25.09 2.06 -34.08
N PRO A 48 -25.80 3.14 -34.45
CA PRO A 48 -27.02 3.55 -33.79
C PRO A 48 -28.22 2.72 -34.32
N LEU A 49 -28.79 1.83 -33.52
CA LEU A 49 -29.98 1.04 -33.86
C LEU A 49 -31.22 1.92 -33.69
N LYS A 50 -32.11 1.90 -34.69
CA LYS A 50 -33.04 3.01 -34.97
C LYS A 50 -34.49 2.79 -34.51
N GLY A 51 -34.84 1.62 -34.01
CA GLY A 51 -36.23 1.16 -34.03
C GLY A 51 -37.25 2.02 -33.26
N HIS A 52 -36.89 2.52 -32.07
CA HIS A 52 -37.79 3.25 -31.17
C HIS A 52 -38.16 4.67 -31.66
N LYS A 53 -39.26 5.22 -31.13
CA LYS A 53 -39.73 6.60 -31.40
C LYS A 53 -39.25 7.59 -30.34
N ASP A 54 -39.27 7.20 -29.06
CA ASP A 54 -39.01 8.08 -27.89
C ASP A 54 -37.90 7.51 -26.97
N THR A 55 -37.78 8.03 -25.74
CA THR A 55 -36.65 7.72 -24.84
C THR A 55 -36.54 6.24 -24.50
N VAL A 56 -35.41 5.62 -24.86
CA VAL A 56 -35.02 4.26 -24.47
C VAL A 56 -34.62 4.29 -23.00
N TYR A 57 -35.57 4.08 -22.08
CA TYR A 57 -35.28 4.14 -20.65
C TYR A 57 -34.45 2.95 -20.15
N CYS A 58 -34.41 1.82 -20.87
CA CYS A 58 -33.48 0.72 -20.55
C CYS A 58 -33.25 -0.29 -21.69
N VAL A 59 -32.23 -1.13 -21.48
CA VAL A 59 -31.89 -2.33 -22.26
C VAL A 59 -31.36 -3.42 -21.32
N ALA A 60 -31.65 -4.69 -21.61
CA ALA A 60 -31.06 -5.86 -20.95
C ALA A 60 -30.90 -7.01 -21.95
N TYR A 61 -30.03 -7.98 -21.67
CA TYR A 61 -29.58 -8.96 -22.68
C TYR A 61 -29.45 -10.38 -22.14
N ALA A 62 -30.07 -11.34 -22.84
CA ALA A 62 -30.29 -12.70 -22.38
C ALA A 62 -29.00 -13.53 -22.26
N LYS A 63 -28.99 -14.49 -21.33
CA LYS A 63 -27.80 -15.30 -21.02
C LYS A 63 -27.30 -16.15 -22.18
N ASP A 64 -28.13 -16.56 -23.14
CA ASP A 64 -27.62 -17.31 -24.29
C ASP A 64 -26.89 -16.41 -25.32
N GLY A 65 -26.95 -15.09 -25.16
CA GLY A 65 -26.33 -14.14 -26.07
C GLY A 65 -26.99 -14.01 -27.44
N LYS A 66 -28.16 -14.61 -27.69
CA LYS A 66 -28.90 -14.46 -28.95
C LYS A 66 -29.84 -13.24 -28.98
N ARG A 67 -30.42 -12.81 -27.86
CA ARG A 67 -31.49 -11.79 -27.86
C ARG A 67 -31.41 -10.75 -26.74
N PHE A 68 -31.70 -9.49 -27.07
CA PHE A 68 -31.80 -8.40 -26.10
C PHE A 68 -33.11 -7.62 -26.19
N ALA A 69 -33.55 -7.10 -25.06
CA ALA A 69 -34.80 -6.40 -24.85
C ALA A 69 -34.51 -4.94 -24.55
N SER A 70 -35.25 -4.03 -25.17
CA SER A 70 -35.11 -2.58 -24.97
C SER A 70 -36.48 -1.94 -24.86
N GLY A 71 -36.65 -1.03 -23.89
CA GLY A 71 -37.94 -0.45 -23.52
C GLY A 71 -37.96 1.07 -23.64
N SER A 72 -39.10 1.63 -24.04
CA SER A 72 -39.20 3.05 -24.40
C SER A 72 -40.35 3.80 -23.72
N ALA A 73 -40.19 5.13 -23.64
CA ALA A 73 -41.25 6.09 -23.38
C ALA A 73 -42.40 6.01 -24.40
N ASP A 74 -42.14 5.55 -25.63
CA ASP A 74 -43.18 5.33 -26.67
C ASP A 74 -44.00 4.05 -26.42
N LYS A 75 -43.89 3.46 -25.21
CA LYS A 75 -44.60 2.27 -24.75
C LYS A 75 -44.13 0.97 -25.39
N SER A 76 -43.30 1.00 -26.43
CA SER A 76 -42.81 -0.22 -27.06
C SER A 76 -41.77 -0.94 -26.20
N VAL A 77 -41.64 -2.24 -26.44
CA VAL A 77 -40.49 -3.08 -26.12
C VAL A 77 -40.08 -3.75 -27.42
N ILE A 78 -38.80 -3.96 -27.68
CA ILE A 78 -38.37 -4.62 -28.91
C ILE A 78 -37.40 -5.71 -28.54
N ILE A 79 -37.58 -6.89 -29.11
CA ILE A 79 -36.62 -7.98 -28.98
C ILE A 79 -35.73 -7.99 -30.22
N TRP A 80 -34.45 -7.73 -30.00
CA TRP A 80 -33.42 -7.70 -31.02
C TRP A 80 -32.63 -8.99 -30.98
N THR A 81 -32.45 -9.59 -32.14
CA THR A 81 -31.43 -10.61 -32.36
C THR A 81 -30.03 -10.03 -32.18
N SER A 82 -29.03 -10.86 -31.90
CA SER A 82 -27.62 -10.43 -31.95
C SER A 82 -27.10 -10.18 -33.37
N LYS A 83 -27.87 -10.52 -34.41
CA LYS A 83 -27.76 -9.97 -35.78
C LYS A 83 -28.20 -8.48 -35.86
N LEU A 84 -28.60 -7.88 -34.75
CA LEU A 84 -29.03 -6.49 -34.63
C LEU A 84 -30.23 -6.17 -35.52
N GLU A 85 -31.21 -7.08 -35.54
CA GLU A 85 -32.56 -6.85 -36.07
C GLU A 85 -33.68 -7.26 -35.10
N GLY A 86 -34.77 -6.50 -35.10
CA GLY A 86 -35.74 -6.35 -34.02
C GLY A 86 -36.96 -7.27 -34.14
N ILE A 87 -36.73 -8.56 -34.37
CA ILE A 87 -37.69 -9.53 -34.91
C ILE A 87 -39.08 -9.54 -34.28
N LEU A 88 -39.23 -9.19 -33.00
CA LEU A 88 -40.50 -9.27 -32.26
C LEU A 88 -40.73 -7.99 -31.44
N LYS A 89 -41.44 -7.03 -32.01
CA LYS A 89 -41.95 -5.86 -31.31
C LYS A 89 -43.02 -6.26 -30.32
N TYR A 90 -43.27 -5.40 -29.36
CA TYR A 90 -44.28 -5.53 -28.33
C TYR A 90 -44.67 -4.12 -27.87
N THR A 91 -45.84 -3.93 -27.26
CA THR A 91 -46.33 -2.59 -26.87
C THR A 91 -47.09 -2.63 -25.54
N HIS A 92 -46.49 -2.10 -24.49
CA HIS A 92 -46.96 -2.20 -23.10
C HIS A 92 -48.02 -1.13 -22.79
N ASN A 93 -48.58 -1.13 -21.59
CA ASN A 93 -49.66 -0.24 -21.13
C ASN A 93 -49.26 1.25 -21.04
N ASP A 94 -48.01 1.54 -20.71
CA ASP A 94 -47.46 2.87 -20.45
C ASP A 94 -45.95 2.87 -20.75
N ALA A 95 -45.19 3.91 -20.41
CA ALA A 95 -43.74 3.93 -20.55
C ALA A 95 -43.05 2.81 -19.76
N ILE A 96 -42.01 2.22 -20.36
CA ILE A 96 -41.17 1.20 -19.73
C ILE A 96 -40.15 1.84 -18.77
N GLN A 97 -39.78 1.10 -17.72
CA GLN A 97 -38.81 1.55 -16.71
C GLN A 97 -37.53 0.72 -16.69
N CYS A 98 -37.56 -0.49 -16.14
CA CYS A 98 -36.49 -1.50 -16.24
C CYS A 98 -37.03 -2.79 -16.89
N VAL A 99 -36.18 -3.51 -17.62
CA VAL A 99 -36.43 -4.85 -18.15
C VAL A 99 -35.32 -5.81 -17.70
N SER A 100 -35.62 -7.09 -17.52
CA SER A 100 -34.63 -8.08 -17.04
C SER A 100 -34.96 -9.50 -17.51
N TYR A 101 -34.05 -10.13 -18.25
CA TYR A 101 -34.14 -11.55 -18.62
C TYR A 101 -33.83 -12.48 -17.44
N ASN A 102 -34.51 -13.61 -17.40
CA ASN A 102 -34.27 -14.68 -16.44
C ASN A 102 -32.94 -15.41 -16.72
N PRO A 103 -32.11 -15.70 -15.69
CA PRO A 103 -30.84 -16.41 -15.85
C PRO A 103 -30.96 -17.80 -16.48
N ILE A 104 -32.06 -18.51 -16.24
CA ILE A 104 -32.21 -19.92 -16.59
C ILE A 104 -33.04 -20.10 -17.87
N THR A 105 -34.31 -19.70 -17.84
CA THR A 105 -35.32 -20.07 -18.85
C THR A 105 -35.39 -19.09 -20.04
N HIS A 106 -34.61 -18.00 -20.03
CA HIS A 106 -34.75 -16.83 -20.94
C HIS A 106 -36.12 -16.14 -20.93
N GLN A 107 -36.98 -16.43 -19.95
CA GLN A 107 -38.21 -15.69 -19.74
C GLN A 107 -37.89 -14.22 -19.46
N LEU A 108 -38.58 -13.31 -20.15
CA LEU A 108 -38.38 -11.88 -19.98
C LEU A 108 -39.39 -11.27 -19.00
N ALA A 109 -39.02 -10.17 -18.35
CA ALA A 109 -39.91 -9.24 -17.67
C ALA A 109 -39.72 -7.82 -18.22
N SER A 110 -40.77 -6.98 -18.21
CA SER A 110 -40.71 -5.60 -18.69
C SER A 110 -41.60 -4.68 -17.85
N CYS A 111 -41.00 -3.92 -16.93
CA CYS A 111 -41.73 -3.12 -15.96
C CYS A 111 -42.23 -1.78 -16.52
N SER A 112 -43.32 -1.29 -15.95
CA SER A 112 -44.02 -0.06 -16.33
C SER A 112 -44.69 0.56 -15.09
N SER A 113 -45.51 1.58 -15.26
CA SER A 113 -46.10 2.35 -14.17
C SER A 113 -47.05 1.56 -13.25
N SER A 114 -47.67 0.48 -13.76
CA SER A 114 -48.62 -0.37 -13.01
C SER A 114 -48.56 -1.87 -13.32
N ASP A 115 -47.73 -2.32 -14.26
CA ASP A 115 -47.98 -3.54 -15.03
C ASP A 115 -46.66 -4.12 -15.60
N PHE A 116 -46.37 -5.43 -15.56
CA PHE A 116 -44.99 -5.94 -15.82
C PHE A 116 -44.76 -7.05 -16.87
N GLY A 117 -45.77 -7.61 -17.53
CA GLY A 117 -45.57 -8.25 -18.85
C GLY A 117 -44.52 -9.38 -19.04
N LEU A 118 -44.62 -10.48 -18.28
CA LEU A 118 -43.74 -11.66 -18.46
C LEU A 118 -44.03 -12.45 -19.76
N TRP A 119 -43.00 -12.90 -20.50
CA TRP A 119 -43.19 -14.02 -21.46
C TRP A 119 -41.93 -14.85 -21.74
N SER A 120 -42.13 -16.15 -21.98
CA SER A 120 -41.10 -17.14 -22.31
C SER A 120 -40.92 -17.30 -23.81
N PRO A 121 -39.72 -17.62 -24.35
CA PRO A 121 -39.38 -17.40 -25.76
C PRO A 121 -40.37 -17.95 -26.80
N GLU A 122 -40.75 -17.09 -27.74
CA GLU A 122 -41.66 -17.32 -28.87
C GLU A 122 -42.99 -18.06 -28.58
N GLN A 123 -43.53 -17.97 -27.37
CA GLN A 123 -44.97 -18.15 -27.12
C GLN A 123 -45.79 -16.96 -27.67
N LYS A 124 -47.10 -17.12 -27.84
CA LYS A 124 -47.98 -16.17 -28.56
C LYS A 124 -48.69 -15.13 -27.67
N SER A 125 -48.27 -14.93 -26.43
CA SER A 125 -48.97 -14.10 -25.43
C SER A 125 -48.04 -13.68 -24.28
N VAL A 126 -48.42 -12.63 -23.54
CA VAL A 126 -47.62 -11.99 -22.49
C VAL A 126 -48.48 -11.75 -21.25
N SER A 127 -48.00 -12.11 -20.06
CA SER A 127 -48.73 -11.88 -18.81
C SER A 127 -48.57 -10.44 -18.35
N LYS A 128 -49.35 -9.50 -18.90
CA LYS A 128 -49.42 -8.12 -18.41
C LYS A 128 -50.08 -8.11 -17.03
N HIS A 129 -49.31 -8.41 -15.98
CA HIS A 129 -49.76 -8.56 -14.58
C HIS A 129 -49.66 -7.24 -13.79
N LYS A 130 -50.62 -6.94 -12.91
CA LYS A 130 -50.72 -5.65 -12.20
C LYS A 130 -50.00 -5.55 -10.84
N SER A 131 -49.60 -4.32 -10.53
CA SER A 131 -48.81 -3.80 -9.41
C SER A 131 -49.52 -2.68 -8.64
N SER A 132 -49.25 -2.55 -7.34
CA SER A 132 -49.77 -1.43 -6.54
C SER A 132 -49.21 -0.06 -6.92
N SER A 133 -48.01 -0.02 -7.51
CA SER A 133 -47.14 1.17 -7.57
C SER A 133 -46.30 1.21 -8.84
N LYS A 134 -45.69 2.37 -9.14
CA LYS A 134 -44.64 2.53 -10.15
C LYS A 134 -43.53 1.52 -9.91
N ILE A 135 -43.22 0.68 -10.90
CA ILE A 135 -42.33 -0.49 -10.76
C ILE A 135 -40.93 -0.12 -11.24
N ILE A 136 -40.07 0.42 -10.35
CA ILE A 136 -38.85 1.09 -10.82
C ILE A 136 -37.81 0.10 -11.32
N CYS A 137 -37.54 -0.96 -10.56
CA CYS A 137 -36.41 -1.85 -10.85
C CYS A 137 -36.71 -3.30 -10.50
N CYS A 138 -36.13 -4.21 -11.29
CA CYS A 138 -36.48 -5.61 -11.29
C CYS A 138 -35.22 -6.49 -11.39
N SER A 139 -35.20 -7.63 -10.67
CA SER A 139 -34.05 -8.54 -10.70
C SER A 139 -34.46 -9.97 -10.38
N TRP A 140 -34.07 -10.91 -11.24
CA TRP A 140 -34.31 -12.34 -11.03
C TRP A 140 -33.35 -12.95 -10.01
N THR A 141 -33.89 -13.79 -9.16
CA THR A 141 -33.18 -14.68 -8.22
C THR A 141 -32.14 -15.52 -8.97
N ASN A 142 -31.05 -15.91 -8.33
CA ASN A 142 -29.91 -16.46 -9.04
C ASN A 142 -30.22 -17.82 -9.71
N ASP A 143 -31.17 -18.58 -9.17
CA ASP A 143 -31.70 -19.83 -9.72
C ASP A 143 -32.86 -19.63 -10.71
N GLY A 144 -33.21 -18.39 -11.03
CA GLY A 144 -34.31 -18.03 -11.93
C GLY A 144 -35.73 -18.11 -11.37
N GLN A 145 -35.99 -18.49 -10.12
CA GLN A 145 -37.36 -18.83 -9.70
C GLN A 145 -38.23 -17.68 -9.19
N TYR A 146 -37.65 -16.56 -8.75
CA TYR A 146 -38.41 -15.37 -8.35
C TYR A 146 -37.87 -14.10 -9.01
N LEU A 147 -38.78 -13.26 -9.50
CA LEU A 147 -38.53 -11.89 -9.94
C LEU A 147 -38.84 -10.94 -8.77
N ALA A 148 -37.84 -10.24 -8.26
CA ALA A 148 -38.05 -9.27 -7.19
C ALA A 148 -38.14 -7.88 -7.80
N LEU A 149 -39.15 -7.11 -7.37
CA LEU A 149 -39.49 -5.77 -7.83
C LEU A 149 -39.30 -4.77 -6.70
N GLY A 150 -38.64 -3.65 -6.99
CA GLY A 150 -38.57 -2.48 -6.11
C GLY A 150 -39.51 -1.39 -6.59
N MET A 151 -40.16 -0.71 -5.64
CA MET A 151 -41.20 0.28 -5.90
C MET A 151 -40.78 1.69 -5.49
N PHE A 152 -41.27 2.72 -6.20
CA PHE A 152 -41.13 4.12 -5.77
C PHE A 152 -41.74 4.33 -4.38
N ASN A 153 -42.75 3.54 -4.00
CA ASN A 153 -43.36 3.53 -2.67
C ASN A 153 -42.44 3.01 -1.54
N GLY A 154 -41.16 2.70 -1.79
CA GLY A 154 -40.22 2.25 -0.76
C GLY A 154 -40.44 0.81 -0.28
N ILE A 155 -41.16 0.01 -1.08
CA ILE A 155 -41.38 -1.41 -0.87
C ILE A 155 -40.57 -2.21 -1.89
N ILE A 156 -40.01 -3.33 -1.44
CA ILE A 156 -39.56 -4.42 -2.31
C ILE A 156 -40.52 -5.60 -2.14
N SER A 157 -40.94 -6.19 -3.25
CA SER A 157 -41.80 -7.37 -3.24
C SER A 157 -41.29 -8.43 -4.20
N ILE A 158 -41.63 -9.68 -3.90
CA ILE A 158 -41.01 -10.85 -4.52
C ILE A 158 -42.10 -11.65 -5.21
N ARG A 159 -42.00 -11.85 -6.52
CA ARG A 159 -42.99 -12.56 -7.34
C ARG A 159 -42.39 -13.83 -7.95
N ASN A 160 -43.13 -14.94 -7.96
CA ASN A 160 -42.65 -16.18 -8.58
C ASN A 160 -42.62 -16.06 -10.12
N LYS A 161 -42.01 -17.04 -10.81
CA LYS A 161 -41.89 -17.05 -12.27
C LYS A 161 -43.23 -17.05 -13.04
N ASN A 162 -44.35 -17.41 -12.38
CA ASN A 162 -45.71 -17.31 -12.93
C ASN A 162 -46.38 -15.92 -12.72
N GLY A 163 -45.85 -15.08 -11.82
CA GLY A 163 -46.32 -13.73 -11.53
C GLY A 163 -47.13 -13.56 -10.22
N GLU A 164 -47.33 -14.61 -9.42
CA GLU A 164 -47.95 -14.47 -8.09
C GLU A 164 -46.99 -13.79 -7.11
N GLU A 165 -47.49 -12.93 -6.23
CA GLU A 165 -46.68 -12.21 -5.25
C GLU A 165 -46.63 -12.93 -3.89
N LYS A 166 -45.40 -13.22 -3.41
CA LYS A 166 -45.14 -14.15 -2.30
C LYS A 166 -44.65 -13.47 -1.02
N VAL A 167 -43.86 -12.40 -1.12
CA VAL A 167 -43.22 -11.70 0.01
C VAL A 167 -43.18 -10.18 -0.25
N LYS A 168 -43.26 -9.39 0.82
CA LYS A 168 -43.08 -7.92 0.82
C LYS A 168 -42.17 -7.48 1.97
N ILE A 169 -41.38 -6.43 1.74
CA ILE A 169 -40.69 -5.65 2.78
C ILE A 169 -40.94 -4.16 2.50
N GLU A 170 -41.25 -3.37 3.52
CA GLU A 170 -41.29 -1.91 3.44
C GLU A 170 -40.10 -1.29 4.15
N ARG A 171 -39.36 -0.40 3.47
CA ARG A 171 -38.37 0.48 4.11
C ARG A 171 -39.12 1.43 5.06
N PRO A 172 -38.76 1.55 6.34
CA PRO A 172 -39.51 2.38 7.28
C PRO A 172 -39.45 3.85 6.84
N GLY A 173 -40.60 4.40 6.46
CA GLY A 173 -40.74 5.68 5.77
C GLY A 173 -41.48 5.61 4.43
N GLY A 174 -41.62 4.44 3.81
CA GLY A 174 -42.40 4.26 2.58
C GLY A 174 -41.87 5.10 1.40
N SER A 175 -42.74 5.87 0.76
CA SER A 175 -42.38 6.70 -0.41
C SER A 175 -41.35 7.81 -0.14
N LEU A 176 -40.96 8.03 1.12
CA LEU A 176 -39.78 8.86 1.45
C LEU A 176 -38.51 8.30 0.82
N SER A 177 -38.40 6.97 0.69
CA SER A 177 -37.21 6.25 0.22
C SER A 177 -37.51 5.35 -1.00
N PRO A 178 -37.68 5.93 -2.20
CA PRO A 178 -37.79 5.19 -3.45
C PRO A 178 -36.68 4.17 -3.65
N ILE A 179 -37.01 2.96 -4.13
CA ILE A 179 -36.01 1.92 -4.41
C ILE A 179 -35.49 2.09 -5.86
N TRP A 180 -34.33 2.74 -6.08
CA TRP A 180 -33.96 3.02 -7.46
C TRP A 180 -33.19 1.91 -8.17
N SER A 181 -32.55 0.96 -7.45
CA SER A 181 -32.08 -0.28 -8.04
C SER A 181 -31.84 -1.33 -6.98
N ILE A 182 -31.98 -2.60 -7.37
CA ILE A 182 -31.71 -3.77 -6.55
C ILE A 182 -31.02 -4.84 -7.39
N CYS A 183 -30.27 -5.73 -6.76
CA CYS A 183 -29.55 -6.79 -7.47
C CYS A 183 -29.38 -8.04 -6.59
N TRP A 184 -29.78 -9.21 -7.09
CA TRP A 184 -29.45 -10.48 -6.45
C TRP A 184 -27.97 -10.80 -6.62
N ASN A 185 -27.30 -11.29 -5.57
CA ASN A 185 -25.89 -11.65 -5.63
C ASN A 185 -25.66 -12.85 -6.59
N PRO A 186 -24.76 -12.74 -7.60
CA PRO A 186 -24.40 -13.83 -8.50
C PRO A 186 -23.78 -15.10 -7.88
N SER A 187 -23.43 -15.10 -6.58
CA SER A 187 -22.61 -16.14 -5.93
C SER A 187 -23.31 -17.48 -5.65
N SER A 188 -23.75 -18.23 -6.67
CA SER A 188 -24.22 -19.61 -6.51
C SER A 188 -23.95 -20.48 -7.74
N ARG A 189 -24.20 -21.80 -7.64
CA ARG A 189 -23.77 -22.80 -8.63
C ARG A 189 -24.14 -22.49 -10.08
N TRP A 190 -25.20 -21.72 -10.27
CA TRP A 190 -25.79 -21.42 -11.56
C TRP A 190 -24.97 -20.45 -12.41
N GLU A 191 -23.93 -19.78 -11.89
CA GLU A 191 -23.21 -18.78 -12.68
C GLU A 191 -22.48 -19.38 -13.91
N SER A 192 -22.06 -20.65 -13.85
CA SER A 192 -21.48 -21.34 -15.00
C SER A 192 -22.55 -21.88 -15.96
N PHE A 193 -23.83 -21.90 -15.58
CA PHE A 193 -24.92 -22.23 -16.50
C PHE A 193 -24.89 -21.19 -17.64
N TRP A 194 -25.03 -21.63 -18.91
CA TRP A 194 -24.75 -20.81 -20.12
C TRP A 194 -23.29 -20.35 -20.31
N MET A 195 -22.34 -20.76 -19.47
CA MET A 195 -20.90 -20.46 -19.65
C MET A 195 -20.19 -21.45 -20.60
N ASN A 196 -20.93 -22.41 -21.17
CA ASN A 196 -20.45 -23.37 -22.18
C ASN A 196 -21.33 -23.32 -23.45
N ARG A 197 -20.90 -22.53 -24.44
CA ARG A 197 -21.45 -22.39 -25.80
C ARG A 197 -20.31 -22.31 -26.81
N GLU A 198 -20.50 -22.89 -27.99
CA GLU A 198 -19.66 -22.64 -29.19
C GLU A 198 -20.49 -22.77 -30.48
N ASN A 199 -21.74 -22.32 -30.43
CA ASN A 199 -22.61 -22.28 -31.61
C ASN A 199 -22.09 -21.19 -32.58
N UNK A 208 -39.87 -7.38 -39.02
CA UNK A 208 -40.16 -7.39 -37.58
C UNK A 208 -41.67 -7.54 -37.28
N UNK A 209 -42.02 -8.55 -36.49
CA UNK A 209 -43.38 -8.97 -36.10
C UNK A 209 -43.89 -8.25 -34.84
N UNK A 210 -45.14 -8.46 -34.44
CA UNK A 210 -45.70 -8.04 -33.14
C UNK A 210 -46.16 -9.25 -32.32
N UNK A 211 -45.98 -9.21 -30.99
CA UNK A 211 -46.53 -10.17 -30.03
C UNK A 211 -47.79 -9.58 -29.37
N UNK A 212 -48.88 -10.34 -29.37
CA UNK A 212 -50.18 -9.88 -28.91
C UNK A 212 -50.35 -9.91 -27.39
N UNK A 213 -51.30 -9.13 -26.87
CA UNK A 213 -51.73 -9.05 -25.47
C UNK A 213 -50.61 -9.24 -24.47
N ASP A 244 -42.36 -23.04 -3.79
CA ASP A 244 -42.67 -21.72 -3.25
C ASP A 244 -42.85 -21.72 -1.71
N ASP A 245 -42.27 -22.70 -1.04
CA ASP A 245 -42.24 -22.89 0.42
C ASP A 245 -40.82 -23.16 0.95
N ASN A 246 -40.63 -23.05 2.27
CA ASN A 246 -39.34 -23.11 2.95
C ASN A 246 -38.35 -22.03 2.48
N LEU A 247 -38.85 -20.80 2.26
CA LEU A 247 -38.07 -19.66 1.75
C LEU A 247 -36.85 -19.31 2.61
N GLU A 248 -36.90 -19.57 3.92
CA GLU A 248 -35.75 -19.42 4.83
C GLU A 248 -34.59 -20.36 4.50
N GLU A 249 -34.86 -21.51 3.86
CA GLU A 249 -33.83 -22.43 3.35
C GLU A 249 -33.34 -22.05 1.94
N ARG A 250 -34.00 -21.14 1.22
CA ARG A 250 -33.49 -20.60 -0.03
C ARG A 250 -32.34 -19.63 0.28
N ASN A 251 -31.19 -19.82 -0.37
CA ASN A 251 -29.93 -19.18 0.02
C ASN A 251 -29.71 -17.75 -0.53
N ASP A 252 -30.48 -17.25 -1.50
CA ASP A 252 -30.22 -15.96 -2.19
C ASP A 252 -30.21 -14.71 -1.31
N ILE A 253 -29.44 -13.68 -1.73
CA ILE A 253 -29.29 -12.40 -1.02
C ILE A 253 -29.39 -11.20 -2.00
N LEU A 254 -30.20 -10.22 -1.62
CA LEU A 254 -30.64 -9.07 -2.41
C LEU A 254 -30.01 -7.78 -1.90
N ALA A 255 -29.28 -7.07 -2.76
CA ALA A 255 -28.78 -5.75 -2.47
C ALA A 255 -29.86 -4.69 -2.77
N VAL A 256 -30.22 -3.87 -1.77
CA VAL A 256 -31.24 -2.82 -1.89
C VAL A 256 -30.60 -1.45 -1.77
N ALA A 257 -30.75 -0.60 -2.80
CA ALA A 257 -30.30 0.79 -2.76
C ALA A 257 -31.48 1.76 -2.83
N ASP A 258 -31.72 2.47 -1.73
CA ASP A 258 -32.88 3.36 -1.60
C ASP A 258 -32.49 4.83 -1.41
N TRP A 259 -33.34 5.72 -1.89
CA TRP A 259 -33.19 7.16 -1.81
C TRP A 259 -33.53 7.76 -0.45
N GLY A 260 -33.71 6.94 0.58
CA GLY A 260 -33.46 7.37 1.95
C GLY A 260 -31.95 7.46 2.25
N GLN A 261 -31.10 7.21 1.24
CA GLN A 261 -29.65 7.24 1.30
C GLN A 261 -29.08 6.16 2.21
N LYS A 262 -29.55 4.92 2.06
CA LYS A 262 -29.06 3.74 2.78
C LYS A 262 -29.00 2.55 1.82
N VAL A 263 -28.08 1.64 2.07
CA VAL A 263 -28.00 0.35 1.37
C VAL A 263 -28.14 -0.72 2.42
N SER A 264 -28.90 -1.78 2.11
CA SER A 264 -29.01 -2.94 3.00
C SER A 264 -29.24 -4.20 2.19
N PHE A 265 -28.90 -5.34 2.79
CA PHE A 265 -29.01 -6.67 2.18
C PHE A 265 -30.13 -7.48 2.82
N TYR A 266 -30.84 -8.27 2.02
CA TYR A 266 -32.05 -8.98 2.44
C TYR A 266 -32.10 -10.39 1.87
N GLN A 267 -32.65 -11.35 2.62
CA GLN A 267 -32.93 -12.71 2.15
C GLN A 267 -34.29 -12.77 1.44
N LEU A 268 -34.56 -13.84 0.67
CA LEU A 268 -35.91 -14.10 0.09
C LEU A 268 -37.00 -14.25 1.17
N SER A 269 -36.65 -14.63 2.40
CA SER A 269 -37.57 -14.67 3.54
C SER A 269 -38.04 -13.29 4.01
N GLY A 270 -37.53 -12.21 3.43
CA GLY A 270 -37.85 -10.85 3.85
C GLY A 270 -36.99 -10.36 5.03
N LYS A 271 -36.18 -11.23 5.64
CA LYS A 271 -35.32 -10.87 6.77
C LYS A 271 -34.14 -10.01 6.32
N GLN A 272 -33.88 -8.93 7.03
CA GLN A 272 -32.74 -8.05 6.83
C GLN A 272 -31.46 -8.72 7.35
N ILE A 273 -30.37 -8.60 6.59
CA ILE A 273 -29.05 -9.08 7.00
C ILE A 273 -28.31 -7.95 7.67
N GLY A 274 -27.98 -8.13 8.94
CA GLY A 274 -27.21 -7.15 9.70
C GLY A 274 -27.93 -5.81 9.85
N LYS A 275 -27.35 -4.73 9.32
CA LYS A 275 -27.81 -3.35 9.51
C LYS A 275 -27.69 -2.52 8.23
N ASP A 276 -28.43 -1.42 8.16
CA ASP A 276 -28.36 -0.48 7.03
C ASP A 276 -27.00 0.22 6.96
N ARG A 277 -26.27 -0.03 5.86
CA ARG A 277 -24.99 0.63 5.54
C ARG A 277 -25.32 2.02 4.99
N ALA A 278 -25.25 3.03 5.85
CA ALA A 278 -25.64 4.39 5.55
C ALA A 278 -24.77 5.05 4.47
N LEU A 279 -25.30 6.06 3.80
CA LEU A 279 -24.63 6.82 2.75
C LEU A 279 -24.82 8.32 2.96
N ASN A 280 -24.20 9.14 2.12
CA ASN A 280 -24.39 10.60 2.08
C ASN A 280 -24.79 11.09 0.67
N PHE A 281 -25.50 10.27 -0.10
CA PHE A 281 -25.90 10.53 -1.47
C PHE A 281 -27.16 9.73 -1.84
N ASP A 282 -27.82 10.10 -2.92
CA ASP A 282 -28.86 9.28 -3.51
C ASP A 282 -28.19 8.19 -4.36
N PRO A 283 -28.12 6.92 -3.93
CA PRO A 283 -27.50 5.87 -4.72
C PRO A 283 -28.33 5.50 -5.93
N CYS A 284 -27.67 4.92 -6.92
CA CYS A 284 -28.27 4.28 -8.09
C CYS A 284 -27.50 2.99 -8.40
N CYS A 285 -28.09 2.11 -9.21
CA CYS A 285 -27.44 0.95 -9.83
C CYS A 285 -26.46 0.18 -8.94
N ILE A 286 -26.85 -0.19 -7.72
CA ILE A 286 -26.10 -1.19 -6.94
C ILE A 286 -25.94 -2.48 -7.75
N SER A 287 -24.71 -2.95 -7.85
CA SER A 287 -24.27 -3.85 -8.93
C SER A 287 -23.11 -4.71 -8.44
N TYR A 288 -22.86 -5.85 -9.07
CA TYR A 288 -21.78 -6.79 -8.69
C TYR A 288 -20.96 -7.22 -9.91
N PHE A 289 -19.70 -7.60 -9.67
CA PHE A 289 -18.91 -8.41 -10.60
C PHE A 289 -19.48 -9.83 -10.73
N THR A 290 -19.12 -10.54 -11.80
CA THR A 290 -19.46 -11.97 -12.04
C THR A 290 -19.17 -12.88 -10.83
N LYS A 291 -18.15 -12.52 -10.05
CA LYS A 291 -17.70 -13.22 -8.84
C LYS A 291 -18.67 -13.17 -7.64
N GLY A 292 -19.56 -12.18 -7.57
CA GLY A 292 -20.46 -11.97 -6.44
C GLY A 292 -19.82 -11.44 -5.14
N GLU A 293 -18.51 -11.11 -5.13
CA GLU A 293 -17.79 -10.70 -3.91
C GLU A 293 -17.56 -9.19 -3.74
N TYR A 294 -17.48 -8.42 -4.84
CA TYR A 294 -17.36 -6.95 -4.80
C TYR A 294 -18.56 -6.28 -5.46
N ILE A 295 -18.97 -5.16 -4.87
CA ILE A 295 -20.12 -4.34 -5.25
C ILE A 295 -19.63 -3.03 -5.88
N LEU A 296 -20.28 -2.60 -6.94
CA LEU A 296 -20.20 -1.25 -7.48
C LEU A 296 -21.44 -0.46 -7.06
N LEU A 297 -21.28 0.82 -6.73
CA LEU A 297 -22.36 1.68 -6.28
C LEU A 297 -22.20 3.10 -6.84
N GLY A 298 -23.03 3.45 -7.83
CA GLY A 298 -23.09 4.78 -8.43
C GLY A 298 -24.11 5.70 -7.76
N GLY A 299 -24.24 6.94 -8.21
CA GLY A 299 -25.29 7.81 -7.68
C GLY A 299 -25.10 9.30 -7.89
N SER A 300 -25.74 10.08 -7.02
CA SER A 300 -25.62 11.53 -6.91
C SER A 300 -24.36 11.97 -6.16
N ASP A 301 -23.54 11.04 -5.68
CA ASP A 301 -22.15 11.27 -5.32
C ASP A 301 -21.27 11.46 -6.56
N LYS A 302 -21.81 11.29 -7.76
CA LYS A 302 -21.15 11.58 -9.04
C LYS A 302 -19.85 10.79 -9.20
N GLN A 303 -19.80 9.55 -8.73
CA GLN A 303 -18.66 8.65 -8.81
C GLN A 303 -19.13 7.21 -8.94
N VAL A 304 -18.22 6.23 -9.07
CA VAL A 304 -18.54 4.83 -8.79
C VAL A 304 -17.71 4.36 -7.61
N SER A 305 -18.36 4.28 -6.46
CA SER A 305 -17.78 3.73 -5.23
C SER A 305 -17.71 2.20 -5.33
N LEU A 306 -16.72 1.58 -4.67
CA LEU A 306 -16.57 0.12 -4.64
C LEU A 306 -16.66 -0.40 -3.20
N PHE A 307 -17.33 -1.53 -2.99
CA PHE A 307 -17.68 -2.09 -1.68
C PHE A 307 -17.42 -3.62 -1.61
N THR A 308 -17.24 -4.17 -0.41
CA THR A 308 -17.36 -5.63 -0.18
C THR A 308 -18.82 -6.07 -0.27
N LYS A 309 -19.08 -7.36 -0.43
CA LYS A 309 -20.43 -7.94 -0.26
C LYS A 309 -21.03 -7.79 1.15
N ASP A 310 -20.29 -7.28 2.13
CA ASP A 310 -20.82 -6.89 3.46
C ASP A 310 -21.21 -5.40 3.53
N GLY A 311 -21.04 -4.67 2.43
CA GLY A 311 -21.32 -3.24 2.36
C GLY A 311 -20.29 -2.34 3.04
N VAL A 312 -19.08 -2.84 3.29
CA VAL A 312 -17.94 -2.00 3.72
C VAL A 312 -17.30 -1.38 2.49
N ARG A 313 -16.94 -0.08 2.53
CA ARG A 313 -16.30 0.62 1.40
C ARG A 313 -14.87 0.12 1.18
N LEU A 314 -14.44 -0.06 -0.06
CA LEU A 314 -13.06 -0.41 -0.43
C LEU A 314 -12.33 0.63 -1.29
N GLY A 315 -13.03 1.52 -2.01
CA GLY A 315 -12.31 2.44 -2.89
C GLY A 315 -13.19 3.24 -3.83
N THR A 316 -12.59 3.77 -4.89
CA THR A 316 -13.22 4.69 -5.82
C THR A 316 -12.76 4.39 -7.22
N VAL A 317 -13.66 3.87 -8.06
CA VAL A 317 -13.51 3.91 -9.53
C VAL A 317 -13.76 5.35 -9.99
N GLY A 318 -13.34 5.73 -11.20
CA GLY A 318 -13.29 7.13 -11.64
C GLY A 318 -14.49 8.02 -11.27
N GLU A 319 -14.20 9.17 -10.67
CA GLU A 319 -15.17 10.18 -10.28
C GLU A 319 -15.56 11.08 -11.47
N GLN A 320 -16.79 11.63 -11.46
CA GLN A 320 -17.52 12.07 -12.63
C GLN A 320 -18.03 13.52 -12.53
N ASN A 321 -18.16 14.17 -13.68
CA ASN A 321 -18.71 15.51 -13.84
C ASN A 321 -20.19 15.65 -13.43
N SER A 322 -20.97 14.57 -13.49
CA SER A 322 -22.44 14.56 -13.36
C SER A 322 -22.95 13.32 -12.63
N TRP A 323 -24.26 13.22 -12.35
CA TRP A 323 -24.86 12.05 -11.72
C TRP A 323 -24.52 10.77 -12.47
N VAL A 324 -24.29 9.68 -11.74
CA VAL A 324 -24.10 8.35 -12.29
C VAL A 324 -25.40 7.59 -12.15
N TRP A 325 -25.91 7.13 -13.29
CA TRP A 325 -27.12 6.33 -13.38
C TRP A 325 -26.87 4.83 -13.42
N THR A 326 -25.69 4.42 -13.88
CA THR A 326 -25.41 3.03 -14.26
C THR A 326 -23.95 2.69 -13.97
N CYS A 327 -23.65 1.55 -13.36
CA CYS A 327 -22.28 1.01 -13.28
C CYS A 327 -22.28 -0.52 -13.44
N GLN A 328 -21.88 -0.98 -14.63
CA GLN A 328 -22.00 -2.37 -15.02
C GLN A 328 -20.59 -3.00 -15.07
N ALA A 329 -20.32 -4.02 -14.27
CA ALA A 329 -19.08 -4.78 -14.37
C ALA A 329 -19.07 -5.66 -15.64
N LYS A 330 -17.95 -5.72 -16.37
CA LYS A 330 -17.83 -6.57 -17.56
C LYS A 330 -17.93 -8.05 -17.18
N PRO A 331 -18.53 -8.92 -18.01
CA PRO A 331 -18.47 -10.37 -17.80
C PRO A 331 -17.04 -10.91 -17.68
N ASP A 332 -16.87 -11.96 -16.87
CA ASP A 332 -15.64 -12.76 -16.70
C ASP A 332 -14.36 -12.01 -16.25
N SER A 333 -14.44 -10.74 -15.85
CA SER A 333 -13.26 -9.85 -15.78
C SER A 333 -13.43 -8.65 -14.85
N ASN A 334 -12.32 -7.98 -14.52
CA ASN A 334 -12.27 -6.83 -13.60
C ASN A 334 -12.54 -5.46 -14.25
N TYR A 335 -12.95 -5.37 -15.51
CA TYR A 335 -13.33 -4.07 -16.09
C TYR A 335 -14.70 -3.58 -15.57
N VAL A 336 -14.94 -2.27 -15.61
CA VAL A 336 -16.20 -1.62 -15.22
C VAL A 336 -16.60 -0.60 -16.30
N VAL A 337 -17.89 -0.41 -16.57
CA VAL A 337 -18.38 0.67 -17.43
C VAL A 337 -19.45 1.48 -16.72
N VAL A 338 -19.44 2.79 -16.96
CA VAL A 338 -20.22 3.79 -16.22
C VAL A 338 -20.94 4.68 -17.22
N GLY A 339 -22.14 5.14 -16.86
CA GLY A 339 -22.94 6.08 -17.65
C GLY A 339 -23.47 7.20 -16.76
N CYS A 340 -23.43 8.44 -17.26
CA CYS A 340 -23.74 9.64 -16.47
C CYS A 340 -24.79 10.53 -17.12
N GLN A 341 -25.40 11.40 -16.32
CA GLN A 341 -26.45 12.34 -16.74
C GLN A 341 -26.06 13.24 -17.93
N ASP A 342 -24.77 13.58 -18.06
CA ASP A 342 -24.24 14.41 -19.15
C ASP A 342 -24.00 13.66 -20.46
N GLY A 343 -24.17 12.34 -20.48
CA GLY A 343 -23.97 11.50 -21.66
C GLY A 343 -22.60 10.86 -21.78
N THR A 344 -21.69 11.06 -20.83
CA THR A 344 -20.40 10.37 -20.79
C THR A 344 -20.55 8.89 -20.45
N ILE A 345 -19.87 8.06 -21.24
CA ILE A 345 -19.62 6.64 -21.02
C ILE A 345 -18.15 6.51 -20.68
N SER A 346 -17.79 5.82 -19.60
CA SER A 346 -16.37 5.61 -19.27
C SER A 346 -16.11 4.14 -19.03
N PHE A 347 -15.03 3.62 -19.59
CA PHE A 347 -14.64 2.22 -19.46
C PHE A 347 -13.36 2.12 -18.63
N TYR A 348 -13.40 1.48 -17.48
CA TYR A 348 -12.32 1.43 -16.50
C TYR A 348 -11.80 0.02 -16.35
N GLN A 349 -10.50 -0.15 -16.11
CA GLN A 349 -9.93 -1.41 -15.65
C GLN A 349 -9.56 -1.28 -14.18
N LEU A 350 -10.00 -2.18 -13.32
CA LEU A 350 -9.57 -2.20 -11.92
C LEU A 350 -8.38 -3.16 -11.80
N ILE A 351 -7.33 -2.74 -11.07
CA ILE A 351 -6.00 -3.38 -11.15
C ILE A 351 -5.66 -4.23 -9.91
N PHE A 352 -6.30 -4.00 -8.76
CA PHE A 352 -6.24 -4.86 -7.57
C PHE A 352 -4.82 -5.36 -7.22
N SER A 353 -3.93 -4.41 -6.83
CA SER A 353 -2.52 -4.68 -6.54
C SER A 353 -2.29 -5.74 -5.45
N THR A 354 -1.10 -6.34 -5.44
CA THR A 354 -0.71 -7.39 -4.47
C THR A 354 -0.12 -6.78 -3.19
N VAL A 355 -0.50 -7.32 -2.03
CA VAL A 355 -0.05 -6.86 -0.71
C VAL A 355 0.36 -8.07 0.12
N HIS A 356 1.61 -8.12 0.57
CA HIS A 356 2.20 -9.28 1.26
C HIS A 356 3.53 -8.97 1.98
N GLY A 357 3.98 -9.89 2.84
CA GLY A 357 5.34 -9.94 3.39
C GLY A 357 5.72 -11.35 3.82
N LEU A 358 7.01 -11.72 3.85
CA LEU A 358 7.43 -13.13 3.96
C LEU A 358 8.25 -13.51 5.21
N TYR A 359 9.06 -12.60 5.76
CA TYR A 359 10.10 -12.98 6.71
C TYR A 359 10.94 -14.18 6.21
N LYS A 360 11.25 -15.18 7.05
CA LYS A 360 11.99 -16.39 6.64
C LYS A 360 11.11 -17.42 5.92
N ASP A 361 9.97 -17.81 6.49
CA ASP A 361 9.14 -18.91 6.00
C ASP A 361 7.64 -18.75 6.32
N ARG A 362 7.13 -17.52 6.47
CA ARG A 362 5.72 -17.23 6.82
C ARG A 362 5.12 -16.21 5.85
N TYR A 363 4.62 -16.67 4.70
CA TYR A 363 4.02 -15.76 3.72
C TYR A 363 2.67 -15.22 4.21
N ALA A 364 2.60 -13.94 4.57
CA ALA A 364 1.35 -13.26 4.91
C ALA A 364 0.88 -12.41 3.72
N TYR A 365 -0.37 -12.55 3.28
CA TYR A 365 -0.88 -11.84 2.10
C TYR A 365 -2.36 -11.48 2.20
N ARG A 366 -2.79 -10.49 1.41
CA ARG A 366 -4.17 -9.99 1.38
C ARG A 366 -5.11 -10.93 0.64
N ASP A 367 -6.21 -11.30 1.30
CA ASP A 367 -7.29 -12.11 0.74
C ASP A 367 -8.63 -11.39 0.90
N SER A 368 -9.54 -11.57 -0.07
CA SER A 368 -10.55 -10.56 -0.41
C SER A 368 -9.81 -9.21 -0.61
N MET A 369 -10.26 -8.13 0.03
CA MET A 369 -9.40 -6.99 0.36
C MET A 369 -9.41 -6.67 1.86
N THR A 370 -9.96 -7.55 2.71
CA THR A 370 -10.18 -7.29 4.15
C THR A 370 -9.48 -8.29 5.06
N ASP A 371 -8.95 -9.39 4.53
CA ASP A 371 -8.35 -10.43 5.35
C ASP A 371 -6.85 -10.53 5.06
N VAL A 372 -6.08 -10.95 6.06
CA VAL A 372 -4.76 -11.50 5.81
C VAL A 372 -4.79 -13.01 5.99
N ILE A 373 -4.25 -13.72 5.00
CA ILE A 373 -3.94 -15.14 5.08
C ILE A 373 -2.46 -15.25 5.37
N VAL A 374 -2.11 -15.88 6.48
CA VAL A 374 -0.73 -16.15 6.88
C VAL A 374 -0.44 -17.64 6.79
N GLN A 375 0.54 -18.00 5.96
CA GLN A 375 0.84 -19.37 5.55
C GLN A 375 2.24 -19.80 6.03
N HIS A 376 2.33 -20.81 6.88
CA HIS A 376 3.61 -21.38 7.31
C HIS A 376 4.16 -22.25 6.18
N LEU A 377 5.22 -21.84 5.50
CA LEU A 377 5.59 -22.47 4.23
C LEU A 377 6.22 -23.87 4.36
N ILE A 378 6.72 -24.24 5.54
CA ILE A 378 7.25 -25.58 5.79
C ILE A 378 6.11 -26.55 6.12
N THR A 379 5.23 -26.20 7.07
CA THR A 379 4.11 -27.07 7.50
C THR A 379 2.86 -26.95 6.61
N GLU A 380 2.82 -25.97 5.70
CA GLU A 380 1.69 -25.60 4.84
C GLU A 380 0.37 -25.29 5.57
N GLN A 381 0.43 -25.01 6.88
CA GLN A 381 -0.69 -24.45 7.65
C GLN A 381 -1.09 -23.07 7.13
N LYS A 382 -2.39 -22.75 7.10
CA LYS A 382 -2.89 -21.38 6.89
C LYS A 382 -3.71 -20.92 8.09
N VAL A 383 -3.66 -19.63 8.40
CA VAL A 383 -4.58 -18.95 9.31
C VAL A 383 -5.18 -17.75 8.59
N ARG A 384 -6.46 -17.49 8.82
CA ARG A 384 -7.16 -16.28 8.35
C ARG A 384 -7.35 -15.34 9.53
N ILE A 385 -6.92 -14.10 9.37
CA ILE A 385 -7.26 -13.00 10.27
C ILE A 385 -8.16 -12.05 9.48
N LYS A 386 -9.37 -11.80 10.00
CA LYS A 386 -10.36 -10.93 9.37
C LYS A 386 -10.32 -9.56 9.99
N CYS A 387 -10.09 -8.53 9.19
CA CYS A 387 -10.32 -7.14 9.57
C CYS A 387 -11.79 -6.77 9.31
N LYS A 388 -12.15 -5.50 9.49
CA LYS A 388 -13.48 -4.96 9.15
C LYS A 388 -13.42 -3.75 8.22
N GLU A 389 -12.29 -3.59 7.53
CA GLU A 389 -11.97 -2.48 6.62
C GLU A 389 -11.12 -3.00 5.45
N LEU A 390 -10.64 -2.13 4.58
CA LEU A 390 -9.56 -2.46 3.63
C LEU A 390 -8.26 -2.82 4.39
N VAL A 391 -7.45 -3.71 3.84
CA VAL A 391 -6.04 -3.93 4.26
C VAL A 391 -5.11 -3.27 3.23
N LYS A 392 -4.30 -2.30 3.67
CA LYS A 392 -3.46 -1.43 2.83
C LYS A 392 -1.99 -1.84 2.79
N LYS A 393 -1.41 -2.22 3.93
CA LYS A 393 -0.02 -2.69 4.10
C LYS A 393 0.04 -3.85 5.09
N ILE A 394 0.96 -4.78 4.89
CA ILE A 394 1.26 -5.90 5.80
C ILE A 394 2.78 -5.95 6.01
N ALA A 395 3.24 -6.32 7.19
CA ALA A 395 4.63 -6.65 7.43
C ALA A 395 4.75 -7.77 8.47
N ILE A 396 5.82 -8.57 8.41
CA ILE A 396 6.01 -9.72 9.27
C ILE A 396 7.50 -9.91 9.61
N TYR A 397 7.77 -10.44 10.79
CA TYR A 397 9.08 -10.69 11.39
C TYR A 397 8.91 -11.76 12.48
N ARG A 398 9.97 -12.38 13.01
CA ARG A 398 9.82 -13.48 13.99
C ARG A 398 8.89 -13.10 15.14
N ASN A 399 7.79 -13.85 15.28
CA ASN A 399 6.69 -13.65 16.24
C ASN A 399 5.84 -12.37 16.10
N ARG A 400 6.13 -11.44 15.16
CA ARG A 400 5.41 -10.15 15.00
C ARG A 400 4.82 -10.02 13.59
N LEU A 401 3.54 -9.72 13.50
CA LEU A 401 2.81 -9.39 12.28
C LEU A 401 2.21 -7.99 12.44
N ALA A 402 2.25 -7.13 11.44
CA ALA A 402 1.62 -5.81 11.48
C ALA A 402 0.75 -5.58 10.25
N ILE A 403 -0.42 -4.94 10.42
CA ILE A 403 -1.39 -4.72 9.35
C ILE A 403 -1.88 -3.28 9.40
N GLN A 404 -1.84 -2.54 8.30
CA GLN A 404 -2.37 -1.18 8.23
C GLN A 404 -3.71 -1.14 7.50
N LEU A 405 -4.72 -0.57 8.15
CA LEU A 405 -6.05 -0.29 7.62
C LEU A 405 -6.18 1.21 7.32
N PRO A 406 -7.28 1.73 6.75
CA PRO A 406 -7.42 3.15 6.46
C PRO A 406 -7.24 4.09 7.66
N GLU A 407 -7.61 3.66 8.87
CA GLU A 407 -7.68 4.55 10.04
C GLU A 407 -7.10 3.99 11.35
N LYS A 408 -6.41 2.84 11.29
CA LYS A 408 -5.66 2.23 12.40
C LYS A 408 -4.59 1.27 11.90
N ILE A 409 -3.60 0.96 12.74
CA ILE A 409 -2.58 -0.06 12.47
C ILE A 409 -2.54 -1.11 13.61
N LEU A 410 -2.58 -2.38 13.24
CA LEU A 410 -2.73 -3.54 14.11
C LEU A 410 -1.40 -4.25 14.26
N ILE A 411 -1.02 -4.59 15.49
CA ILE A 411 0.15 -5.42 15.79
C ILE A 411 -0.35 -6.74 16.35
N TYR A 412 0.10 -7.83 15.74
CA TYR A 412 -0.26 -9.20 16.05
C TYR A 412 0.97 -9.97 16.51
N GLU A 413 0.77 -10.91 17.41
CA GLU A 413 1.82 -11.63 18.14
C GLU A 413 1.55 -13.13 18.15
N LEU A 414 2.54 -13.97 17.82
CA LEU A 414 2.46 -15.40 18.11
C LEU A 414 2.62 -15.64 19.63
N TYR A 415 1.69 -16.38 20.22
CA TYR A 415 1.63 -16.57 21.68
C TYR A 415 2.71 -17.53 22.23
N SER A 416 3.28 -18.42 21.41
CA SER A 416 4.36 -19.34 21.80
C SER A 416 5.65 -19.10 21.01
N GLU A 417 6.79 -19.40 21.63
CA GLU A 417 8.11 -19.39 20.97
C GLU A 417 8.33 -20.59 20.03
N ASP A 418 7.40 -21.55 19.98
CA ASP A 418 7.39 -22.67 19.04
C ASP A 418 7.37 -22.18 17.58
N LEU A 419 8.39 -22.53 16.79
CA LEU A 419 8.53 -22.12 15.39
C LEU A 419 7.41 -22.65 14.48
N SER A 420 6.62 -23.64 14.92
CA SER A 420 5.44 -24.15 14.21
C SER A 420 4.12 -23.46 14.62
N ASP A 421 4.14 -22.55 15.60
CA ASP A 421 2.94 -21.85 16.07
C ASP A 421 2.30 -20.96 14.98
N MET A 422 0.98 -20.80 15.04
CA MET A 422 0.17 -19.94 14.18
C MET A 422 -0.90 -19.17 14.97
N HIS A 423 -0.96 -19.30 16.30
CA HIS A 423 -1.95 -18.66 17.17
C HIS A 423 -1.65 -17.17 17.38
N TYR A 424 -1.79 -16.38 16.33
CA TYR A 424 -1.73 -14.93 16.39
C TYR A 424 -2.85 -14.34 17.27
N ARG A 425 -2.49 -13.48 18.22
CA ARG A 425 -3.41 -12.62 18.97
C ARG A 425 -3.07 -11.15 18.72
N VAL A 426 -4.06 -10.25 18.76
CA VAL A 426 -3.74 -8.82 18.60
C VAL A 426 -3.03 -8.31 19.86
N LYS A 427 -1.78 -7.88 19.71
CA LYS A 427 -0.91 -7.37 20.76
C LYS A 427 -1.29 -5.96 21.16
N GLU A 428 -1.40 -5.09 20.15
CA GLU A 428 -1.75 -3.70 20.32
C GLU A 428 -2.37 -3.13 19.04
N LYS A 429 -3.16 -2.09 19.18
CA LYS A 429 -4.01 -1.54 18.12
C LYS A 429 -3.92 -0.03 18.22
N ILE A 430 -3.18 0.58 17.30
CA ILE A 430 -2.90 2.02 17.30
C ILE A 430 -3.97 2.72 16.48
N ILE A 431 -4.90 3.41 17.17
CA ILE A 431 -5.96 4.19 16.56
C ILE A 431 -5.39 5.56 16.19
N LYS A 432 -4.65 5.59 15.07
CA LYS A 432 -4.06 6.79 14.48
C LYS A 432 -3.99 6.58 12.97
N LYS A 433 -4.25 7.62 12.18
CA LYS A 433 -4.10 7.56 10.71
C LYS A 433 -2.68 7.89 10.31
N PHE A 434 -2.15 7.19 9.29
CA PHE A 434 -0.80 7.40 8.76
C PHE A 434 -0.78 7.57 7.23
N GLU A 435 0.12 8.42 6.75
CA GLU A 435 0.59 8.41 5.36
C GLU A 435 1.95 7.72 5.28
N CYS A 436 2.15 6.84 4.30
CA CYS A 436 3.35 6.02 4.12
C CYS A 436 3.60 5.68 2.65
N ASN A 437 4.87 5.41 2.32
CA ASN A 437 5.26 4.70 1.10
C ASN A 437 5.55 3.21 1.40
N LEU A 438 6.29 2.91 2.47
CA LEU A 438 6.65 1.54 2.90
C LEU A 438 6.46 1.37 4.42
N LEU A 439 6.23 0.14 4.87
CA LEU A 439 6.03 -0.28 6.26
C LEU A 439 6.86 -1.54 6.56
N VAL A 440 7.53 -1.59 7.71
CA VAL A 440 8.12 -2.83 8.26
C VAL A 440 7.93 -2.92 9.79
N VAL A 441 8.09 -4.12 10.36
CA VAL A 441 7.91 -4.40 11.79
C VAL A 441 9.12 -5.14 12.35
N CYS A 442 9.51 -4.82 13.59
CA CYS A 442 10.65 -5.38 14.31
C CYS A 442 10.20 -5.97 15.66
N ALA A 443 11.08 -6.32 16.61
CA ALA A 443 10.63 -6.99 17.83
C ALA A 443 9.70 -6.15 18.74
N ASN A 444 9.99 -4.85 18.89
CA ASN A 444 9.28 -3.94 19.79
C ASN A 444 8.73 -2.67 19.09
N HIS A 445 8.84 -2.60 17.75
CA HIS A 445 8.64 -1.37 17.00
C HIS A 445 7.96 -1.58 15.64
N ILE A 446 7.21 -0.56 15.23
CA ILE A 446 6.76 -0.31 13.86
C ILE A 446 7.71 0.71 13.23
N ILE A 447 8.16 0.45 12.01
CA ILE A 447 8.95 1.41 11.24
C ILE A 447 8.13 1.89 10.04
N LEU A 448 7.92 3.21 9.96
CA LEU A 448 7.16 3.87 8.91
C LEU A 448 8.11 4.64 7.99
N CYS A 449 8.08 4.37 6.69
CA CYS A 449 8.68 5.25 5.69
C CYS A 449 7.61 6.21 5.16
N GLN A 450 7.68 7.46 5.60
CA GLN A 450 7.10 8.60 4.89
C GLN A 450 8.04 9.01 3.74
N GLU A 451 7.56 9.82 2.80
CA GLU A 451 8.09 9.85 1.42
C GLU A 451 9.58 10.23 1.27
N LYS A 452 10.23 10.83 2.27
CA LYS A 452 11.70 10.97 2.35
C LYS A 452 12.27 10.76 3.77
N ARG A 453 11.46 10.24 4.69
CA ARG A 453 11.71 10.22 6.15
C ARG A 453 11.33 8.87 6.76
N LEU A 454 12.16 8.36 7.66
CA LEU A 454 11.97 7.08 8.31
C LEU A 454 11.65 7.30 9.79
N GLN A 455 10.51 6.84 10.28
CA GLN A 455 10.09 6.96 11.68
C GLN A 455 10.09 5.61 12.39
N CYS A 456 10.69 5.54 13.58
CA CYS A 456 10.51 4.42 14.48
C CYS A 456 9.44 4.76 15.52
N LEU A 457 8.36 3.98 15.55
CA LEU A 457 7.29 4.07 16.54
C LEU A 457 7.30 2.82 17.41
N SER A 458 7.22 3.04 18.72
CA SER A 458 6.93 1.97 19.66
C SER A 458 5.63 1.30 19.29
N PHE A 459 5.46 0.02 19.62
CA PHE A 459 4.11 -0.46 19.89
C PHE A 459 3.52 0.45 21.00
N SER A 460 2.22 0.75 20.93
CA SER A 460 1.53 1.85 21.63
C SER A 460 1.77 3.27 21.06
N GLY A 461 2.35 3.39 19.87
CA GLY A 461 2.24 4.58 18.99
C GLY A 461 3.18 5.76 19.30
N VAL A 462 3.73 5.84 20.50
CA VAL A 462 4.73 6.84 20.88
C VAL A 462 6.00 6.68 20.04
N LYS A 463 6.37 7.74 19.31
CA LYS A 463 7.56 7.78 18.45
C LYS A 463 8.83 7.72 19.29
N GLU A 464 9.81 6.97 18.80
CA GLU A 464 11.11 6.78 19.45
C GLU A 464 12.16 7.68 18.79
N ARG A 465 12.38 7.52 17.48
CA ARG A 465 13.48 8.11 16.72
C ARG A 465 13.04 8.36 15.29
N GLU A 466 13.77 9.17 14.57
CA GLU A 466 13.49 9.47 13.17
C GLU A 466 14.78 9.75 12.41
N TRP A 467 14.80 9.42 11.11
CA TRP A 467 15.95 9.63 10.23
C TRP A 467 15.49 10.29 8.92
N GLN A 468 16.25 11.28 8.44
CA GLN A 468 15.94 12.03 7.22
C GLN A 468 16.98 11.69 6.16
N MET A 469 16.57 11.17 5.02
CA MET A 469 17.50 10.77 3.96
C MET A 469 17.86 11.94 3.05
N GLU A 470 18.96 11.82 2.31
CA GLU A 470 19.37 12.78 1.28
C GLU A 470 18.62 12.63 -0.06
N SER A 471 17.72 11.64 -0.21
CA SER A 471 16.90 11.40 -1.41
C SER A 471 15.70 10.50 -1.10
N LEU A 472 14.72 10.45 -2.00
CA LEU A 472 13.49 9.67 -1.81
C LEU A 472 13.76 8.16 -1.61
N ILE A 473 13.16 7.56 -0.60
CA ILE A 473 13.31 6.12 -0.28
C ILE A 473 12.54 5.30 -1.34
N ARG A 474 13.24 4.36 -1.99
CA ARG A 474 12.67 3.43 -2.98
C ARG A 474 12.43 2.03 -2.43
N TYR A 475 13.24 1.57 -1.48
CA TYR A 475 13.13 0.23 -0.92
C TYR A 475 13.60 0.16 0.53
N ILE A 476 13.01 -0.72 1.34
CA ILE A 476 13.44 -1.05 2.72
C ILE A 476 13.29 -2.56 2.98
N LYS A 477 14.23 -3.14 3.73
CA LYS A 477 14.10 -4.48 4.35
C LYS A 477 14.67 -4.52 5.78
N VAL A 478 14.03 -5.23 6.71
CA VAL A 478 14.65 -5.58 8.01
C VAL A 478 15.64 -6.74 7.82
N ILE A 479 16.84 -6.61 8.37
CA ILE A 479 17.94 -7.59 8.21
C ILE A 479 18.33 -8.31 9.52
N GLY A 480 17.45 -8.30 10.51
CA GLY A 480 17.65 -8.99 11.77
C GLY A 480 18.58 -8.27 12.74
N GLY A 481 18.76 -8.84 13.92
CA GLY A 481 19.52 -8.25 15.02
C GLY A 481 18.99 -8.69 16.38
N PRO A 482 19.57 -8.21 17.49
CA PRO A 482 19.02 -8.45 18.82
C PRO A 482 17.73 -7.62 19.00
N PRO A 483 16.78 -8.04 19.86
CA PRO A 483 15.51 -7.34 20.03
C PRO A 483 15.72 -5.90 20.48
N GLY A 484 15.35 -4.94 19.64
CA GLY A 484 15.40 -3.50 19.90
C GLY A 484 16.58 -2.73 19.27
N ARG A 485 17.61 -3.42 18.74
CA ARG A 485 18.71 -2.82 17.96
C ARG A 485 18.72 -3.30 16.50
N GLU A 486 17.62 -3.82 15.98
CA GLU A 486 17.56 -4.41 14.64
C GLU A 486 18.14 -3.54 13.52
N GLY A 487 18.89 -4.15 12.60
CA GLY A 487 19.34 -3.44 11.43
C GLY A 487 18.24 -3.36 10.39
N LEU A 488 18.12 -2.21 9.75
CA LEU A 488 17.31 -1.94 8.57
C LEU A 488 18.23 -1.69 7.37
N LEU A 489 17.86 -2.17 6.19
CA LEU A 489 18.62 -2.00 4.96
C LEU A 489 17.78 -1.13 4.02
N VAL A 490 18.32 0.00 3.56
CA VAL A 490 17.53 1.06 2.91
C VAL A 490 18.13 1.47 1.58
N GLY A 491 17.31 1.60 0.54
CA GLY A 491 17.75 1.97 -0.81
C GLY A 491 17.05 3.22 -1.30
N LEU A 492 17.81 4.19 -1.80
CA LEU A 492 17.33 5.51 -2.18
C LEU A 492 17.28 5.71 -3.71
N LYS A 493 16.49 6.69 -4.17
CA LYS A 493 16.34 6.99 -5.60
C LYS A 493 17.63 7.48 -6.25
N ASN A 494 18.49 8.18 -5.51
CA ASN A 494 19.83 8.56 -5.99
C ASN A 494 20.80 7.39 -6.11
N GLY A 495 20.41 6.18 -5.66
CA GLY A 495 21.22 4.96 -5.69
C GLY A 495 22.08 4.72 -4.45
N GLN A 496 21.98 5.55 -3.41
CA GLN A 496 22.69 5.29 -2.15
C GLN A 496 22.02 4.15 -1.39
N ILE A 497 22.81 3.36 -0.67
CA ILE A 497 22.32 2.23 0.13
C ILE A 497 22.84 2.38 1.55
N LEU A 498 21.95 2.27 2.52
CA LEU A 498 22.22 2.57 3.92
C LEU A 498 21.85 1.39 4.81
N LYS A 499 22.55 1.25 5.92
CA LYS A 499 22.18 0.41 7.06
C LYS A 499 21.82 1.32 8.21
N ILE A 500 20.72 1.07 8.91
CA ILE A 500 20.27 1.93 10.00
C ILE A 500 19.92 1.05 11.18
N PHE A 501 20.47 1.34 12.36
CA PHE A 501 20.16 0.57 13.56
C PHE A 501 19.11 1.30 14.37
N VAL A 502 18.02 0.62 14.69
CA VAL A 502 16.84 1.20 15.34
C VAL A 502 17.16 1.81 16.72
N ASP A 503 18.27 1.42 17.35
CA ASP A 503 18.77 1.99 18.61
C ASP A 503 19.85 3.09 18.41
N ASN A 504 19.95 3.69 17.23
CA ASN A 504 21.01 4.64 16.86
C ASN A 504 20.45 5.80 16.01
N LEU A 505 20.94 7.02 16.21
CA LEU A 505 20.49 8.25 15.53
C LEU A 505 21.17 8.54 14.17
N PHE A 506 22.14 7.73 13.75
CA PHE A 506 22.95 7.97 12.55
C PHE A 506 22.88 6.79 11.58
N ALA A 507 22.75 7.08 10.28
CA ALA A 507 22.55 6.12 9.19
C ALA A 507 23.88 5.79 8.49
N ILE A 508 24.21 4.51 8.32
CA ILE A 508 25.56 4.07 7.96
C ILE A 508 25.58 3.77 6.46
N VAL A 509 26.39 4.48 5.69
CA VAL A 509 26.49 4.21 4.26
C VAL A 509 27.14 2.86 4.02
N LEU A 510 26.45 1.95 3.35
CA LEU A 510 27.06 0.71 2.83
C LEU A 510 27.69 0.92 1.46
N LEU A 511 27.04 1.67 0.58
CA LEU A 511 27.39 1.75 -0.83
C LEU A 511 26.68 2.94 -1.50
N LYS A 512 27.14 3.35 -2.68
CA LYS A 512 26.37 4.18 -3.62
C LYS A 512 26.47 3.64 -5.06
N GLN A 513 25.40 3.75 -5.83
CA GLN A 513 25.25 3.22 -7.18
C GLN A 513 24.84 4.28 -8.21
N ALA A 514 25.14 4.02 -9.48
CA ALA A 514 24.85 4.92 -10.60
C ALA A 514 23.34 5.05 -10.98
N THR A 515 22.45 4.25 -10.37
CA THR A 515 20.99 4.25 -10.65
C THR A 515 20.20 3.82 -9.41
N ALA A 516 18.91 4.15 -9.33
CA ALA A 516 18.05 3.89 -8.19
C ALA A 516 17.97 2.42 -7.75
N VAL A 517 17.79 2.17 -6.46
CA VAL A 517 17.50 0.83 -5.93
C VAL A 517 16.05 0.46 -6.19
N ARG A 518 15.78 -0.53 -7.05
CA ARG A 518 14.44 -1.09 -7.29
C ARG A 518 14.07 -2.20 -6.29
N CYS A 519 15.05 -2.99 -5.86
CA CYS A 519 14.92 -4.10 -4.91
C CYS A 519 16.29 -4.44 -4.32
N LEU A 520 16.34 -5.12 -3.17
CA LEU A 520 17.51 -5.16 -2.29
C LEU A 520 17.47 -6.38 -1.35
N ASP A 521 18.55 -7.15 -1.25
CA ASP A 521 18.64 -8.29 -0.30
C ASP A 521 20.08 -8.57 0.21
N MET A 522 20.21 -9.13 1.41
CA MET A 522 21.49 -9.54 2.03
C MET A 522 21.61 -11.07 2.18
N SER A 523 22.80 -11.61 1.92
CA SER A 523 23.09 -13.05 2.07
C SER A 523 23.08 -13.51 3.53
N ALA A 524 23.01 -14.82 3.76
CA ALA A 524 22.80 -15.45 5.06
C ALA A 524 23.75 -14.99 6.18
N SER A 525 25.03 -14.72 5.89
CA SER A 525 26.01 -14.24 6.88
C SER A 525 25.98 -12.73 7.13
N ARG A 526 25.22 -11.97 6.33
CA ARG A 526 25.28 -10.50 6.15
C ARG A 526 26.56 -9.95 5.46
N LYS A 527 27.44 -10.79 4.92
CA LYS A 527 28.66 -10.34 4.18
C LYS A 527 28.39 -9.78 2.77
N LYS A 528 27.32 -10.21 2.08
CA LYS A 528 27.06 -9.91 0.65
C LYS A 528 25.67 -9.29 0.43
N LEU A 529 25.57 -8.44 -0.59
CA LEU A 529 24.36 -7.70 -1.00
C LEU A 529 23.99 -8.06 -2.45
N ALA A 530 22.70 -8.16 -2.75
CA ALA A 530 22.17 -8.18 -4.11
C ALA A 530 21.23 -6.98 -4.28
N VAL A 531 21.29 -6.31 -5.43
CA VAL A 531 20.56 -5.07 -5.70
C VAL A 531 19.96 -5.13 -7.09
N VAL A 532 18.74 -4.66 -7.30
CA VAL A 532 18.18 -4.49 -8.64
C VAL A 532 18.21 -3.01 -8.99
N ASP A 533 18.82 -2.63 -10.11
CA ASP A 533 19.28 -1.26 -10.36
C ASP A 533 18.28 -0.32 -11.04
N GLU A 534 17.00 -0.68 -11.12
CA GLU A 534 15.96 0.07 -11.86
C GLU A 534 16.26 0.27 -13.36
N ASN A 535 17.22 -0.46 -13.94
CA ASN A 535 17.38 -0.68 -15.38
C ASN A 535 17.19 -2.17 -15.73
N ASP A 536 16.41 -2.87 -14.90
CA ASP A 536 16.15 -4.32 -14.95
C ASP A 536 17.40 -5.20 -14.91
N THR A 537 18.46 -4.83 -14.18
CA THR A 537 19.62 -5.69 -13.95
C THR A 537 19.81 -5.95 -12.47
N CYS A 538 20.38 -7.11 -12.14
CA CYS A 538 20.80 -7.45 -10.79
C CYS A 538 22.31 -7.21 -10.67
N LEU A 539 22.74 -6.55 -9.62
CA LEU A 539 24.14 -6.29 -9.29
C LEU A 539 24.43 -6.92 -7.93
N VAL A 540 25.60 -7.52 -7.74
CA VAL A 540 25.92 -8.21 -6.49
C VAL A 540 27.24 -7.72 -5.91
N TYR A 541 27.25 -7.41 -4.62
CA TYR A 541 28.32 -6.67 -3.94
C TYR A 541 28.78 -7.35 -2.66
N ASP A 542 30.08 -7.21 -2.36
CA ASP A 542 30.64 -7.43 -1.04
C ASP A 542 30.36 -6.21 -0.14
N ILE A 543 29.74 -6.41 1.03
CA ILE A 543 29.42 -5.32 1.96
C ILE A 543 30.63 -4.97 2.83
N ASP A 544 31.43 -5.96 3.24
CA ASP A 544 32.55 -5.75 4.15
C ASP A 544 33.70 -5.01 3.44
N THR A 545 33.82 -5.11 2.12
CA THR A 545 34.85 -4.41 1.32
C THR A 545 34.29 -3.39 0.34
N LYS A 546 32.96 -3.38 0.10
CA LYS A 546 32.22 -2.38 -0.69
C LYS A 546 32.57 -2.44 -2.18
N GLU A 547 32.67 -3.66 -2.72
CA GLU A 547 33.15 -3.95 -4.08
C GLU A 547 32.18 -4.85 -4.85
N LEU A 548 31.97 -4.58 -6.14
CA LEU A 548 31.11 -5.39 -7.00
C LEU A 548 31.76 -6.76 -7.27
N LEU A 549 30.99 -7.84 -7.12
CA LEU A 549 31.40 -9.20 -7.46
C LEU A 549 30.99 -9.54 -8.90
N PHE A 550 29.71 -9.38 -9.22
CA PHE A 550 29.14 -9.77 -10.51
C PHE A 550 27.82 -9.05 -10.78
N GLN A 551 27.32 -9.13 -12.01
CA GLN A 551 26.03 -8.58 -12.42
C GLN A 551 25.32 -9.45 -13.47
N GLU A 552 24.00 -9.33 -13.58
CA GLU A 552 23.17 -10.08 -14.54
C GLU A 552 22.16 -9.15 -15.26
N PRO A 553 21.99 -9.26 -16.59
CA PRO A 553 21.37 -8.23 -17.44
C PRO A 553 19.83 -8.27 -17.51
N ASN A 554 19.16 -9.14 -16.75
CA ASN A 554 17.71 -9.26 -16.77
C ASN A 554 17.18 -9.74 -15.41
N ALA A 555 16.72 -8.83 -14.56
CA ALA A 555 16.15 -9.13 -13.25
C ALA A 555 15.07 -8.14 -12.86
N ASN A 556 14.07 -8.60 -12.09
CA ASN A 556 12.96 -7.79 -11.59
C ASN A 556 12.79 -7.95 -10.07
N SER A 557 13.06 -9.14 -9.53
CA SER A 557 13.13 -9.41 -8.09
C SER A 557 14.18 -10.47 -7.79
N VAL A 558 14.82 -10.42 -6.62
CA VAL A 558 15.99 -11.24 -6.26
C VAL A 558 15.96 -11.65 -4.79
N ALA A 559 16.44 -12.84 -4.45
CA ALA A 559 16.64 -13.30 -3.08
C ALA A 559 17.88 -14.19 -2.95
N TRP A 560 18.64 -14.03 -1.87
CA TRP A 560 19.65 -15.00 -1.46
C TRP A 560 19.00 -16.24 -0.85
N ASN A 561 19.62 -17.42 -1.00
CA ASN A 561 19.19 -18.58 -0.24
C ASN A 561 19.43 -18.33 1.26
N THR A 562 18.38 -18.51 2.06
CA THR A 562 18.33 -18.15 3.48
C THR A 562 19.30 -18.95 4.35
N GLN A 563 19.74 -20.13 3.90
CA GLN A 563 20.70 -20.99 4.61
C GLN A 563 22.00 -21.18 3.81
N CYS A 564 21.92 -21.54 2.53
CA CYS A 564 23.08 -21.82 1.71
C CYS A 564 23.66 -20.55 1.10
N GLU A 565 24.63 -19.94 1.76
CA GLU A 565 25.35 -18.77 1.24
C GLU A 565 26.04 -19.06 -0.12
N ASP A 566 26.40 -18.02 -0.88
CA ASP A 566 26.99 -18.11 -2.21
C ASP A 566 26.01 -18.65 -3.26
N MET A 567 24.71 -18.71 -2.97
CA MET A 567 23.68 -19.06 -3.94
C MET A 567 22.47 -18.13 -3.82
N LEU A 568 21.94 -17.68 -4.95
CA LEU A 568 20.82 -16.73 -5.04
C LEU A 568 19.90 -17.07 -6.20
N CYS A 569 18.70 -16.49 -6.19
CA CYS A 569 17.73 -16.64 -7.25
C CYS A 569 17.11 -15.29 -7.63
N PHE A 570 16.83 -15.09 -8.92
CA PHE A 570 16.06 -13.95 -9.40
C PHE A 570 15.06 -14.34 -10.48
N SER A 571 14.07 -13.49 -10.75
CA SER A 571 13.12 -13.63 -11.86
C SER A 571 13.20 -12.41 -12.77
N GLY A 572 13.02 -12.58 -14.07
CA GLY A 572 12.96 -11.47 -15.01
C GLY A 572 12.74 -11.92 -16.45
N GLY A 573 11.97 -11.17 -17.23
CA GLY A 573 11.75 -11.42 -18.66
C GLY A 573 11.06 -12.74 -19.00
N GLY A 574 10.31 -13.33 -18.06
CA GLY A 574 9.67 -14.65 -18.24
C GLY A 574 10.54 -15.86 -17.87
N TYR A 575 11.67 -15.65 -17.18
CA TYR A 575 12.53 -16.71 -16.66
C TYR A 575 12.71 -16.63 -15.14
N LEU A 576 12.90 -17.78 -14.49
CA LEU A 576 13.52 -17.92 -13.17
C LEU A 576 14.99 -18.27 -13.34
N ASN A 577 15.88 -17.70 -12.54
CA ASN A 577 17.33 -17.75 -12.70
C ASN A 577 18.01 -18.10 -11.38
N ILE A 578 18.60 -19.29 -11.23
CA ILE A 578 19.34 -19.70 -10.02
C ILE A 578 20.85 -19.61 -10.30
N LYS A 579 21.59 -18.83 -9.51
CA LYS A 579 23.04 -18.64 -9.70
C LYS A 579 23.81 -19.02 -8.46
N ALA A 580 24.86 -19.82 -8.61
CA ALA A 580 25.76 -20.26 -7.55
C ALA A 580 27.16 -19.68 -7.74
N SER A 581 27.67 -18.93 -6.76
CA SER A 581 29.09 -18.67 -6.51
C SER A 581 29.91 -18.25 -7.73
N THR A 582 29.40 -17.32 -8.54
CA THR A 582 30.03 -16.80 -9.77
C THR A 582 30.10 -17.76 -10.96
N PHE A 583 29.59 -18.98 -10.86
CA PHE A 583 29.42 -19.93 -11.97
C PHE A 583 28.29 -19.50 -12.91
N PRO A 584 28.09 -20.14 -14.07
CA PRO A 584 26.90 -19.95 -14.87
C PRO A 584 25.58 -20.17 -14.11
N VAL A 585 24.52 -19.58 -14.65
CA VAL A 585 23.17 -19.48 -14.05
C VAL A 585 22.20 -20.47 -14.72
N HIS A 586 21.45 -21.22 -13.91
CA HIS A 586 20.38 -22.10 -14.39
C HIS A 586 19.14 -21.30 -14.75
N ARG A 587 18.70 -21.32 -16.00
CA ARG A 587 17.51 -20.60 -16.49
C ARG A 587 16.39 -21.53 -16.92
N GLN A 588 15.17 -21.27 -16.45
CA GLN A 588 13.95 -21.98 -16.87
C GLN A 588 12.76 -21.02 -16.95
N LYS A 589 11.75 -21.31 -17.76
CA LYS A 589 10.59 -20.41 -17.90
C LYS A 589 9.72 -20.35 -16.66
N LEU A 590 9.36 -19.13 -16.27
CA LEU A 590 8.43 -18.81 -15.19
C LEU A 590 7.86 -17.41 -15.41
N GLN A 591 6.60 -17.17 -15.06
CA GLN A 591 6.09 -15.82 -14.77
C GLN A 591 5.48 -15.76 -13.36
N GLY A 592 5.64 -14.60 -12.72
CA GLY A 592 5.67 -14.47 -11.26
C GLY A 592 7.04 -14.01 -10.76
N PHE A 593 7.15 -13.72 -9.46
CA PHE A 593 8.33 -13.06 -8.85
C PHE A 593 8.90 -13.84 -7.66
N VAL A 594 10.23 -13.88 -7.51
CA VAL A 594 10.90 -14.46 -6.34
C VAL A 594 10.63 -13.59 -5.11
N VAL A 595 9.96 -14.13 -4.08
CA VAL A 595 9.76 -13.46 -2.79
C VAL A 595 10.81 -13.91 -1.77
N GLY A 596 11.23 -15.18 -1.80
CA GLY A 596 12.27 -15.75 -0.93
C GLY A 596 12.80 -17.08 -1.44
N TYR A 597 13.82 -17.61 -0.76
CA TYR A 597 14.56 -18.81 -1.17
C TYR A 597 15.13 -19.52 0.07
N ASN A 598 14.68 -20.74 0.35
CA ASN A 598 15.06 -21.51 1.55
C ASN A 598 15.40 -22.96 1.16
N GLY A 599 16.51 -23.50 1.66
CA GLY A 599 16.90 -24.89 1.37
C GLY A 599 16.87 -25.21 -0.14
N SER A 600 16.07 -26.20 -0.53
CA SER A 600 15.85 -26.60 -1.94
C SER A 600 14.66 -25.91 -2.64
N LYS A 601 13.96 -24.96 -2.00
CA LYS A 601 12.73 -24.33 -2.51
C LYS A 601 12.84 -22.82 -2.71
N ILE A 602 12.32 -22.31 -3.82
CA ILE A 602 12.21 -20.87 -4.10
C ILE A 602 10.74 -20.48 -4.04
N PHE A 603 10.41 -19.56 -3.14
CA PHE A 603 9.05 -19.08 -2.94
C PHE A 603 8.72 -17.99 -3.97
N CYS A 604 8.53 -18.43 -5.20
CA CYS A 604 7.95 -17.62 -6.27
C CYS A 604 6.46 -17.37 -6.03
N LEU A 605 6.01 -16.15 -6.33
CA LEU A 605 4.63 -15.69 -6.23
C LEU A 605 4.03 -15.53 -7.63
N HIS A 606 3.00 -16.33 -7.92
CA HIS A 606 2.14 -16.17 -9.10
C HIS A 606 1.19 -14.98 -8.89
N VAL A 607 0.40 -14.61 -9.89
CA VAL A 607 -0.42 -13.38 -9.86
C VAL A 607 -1.44 -13.29 -8.72
N PHE A 608 -1.70 -14.39 -8.00
CA PHE A 608 -2.57 -14.41 -6.81
C PHE A 608 -2.09 -15.31 -5.65
N SER A 609 -1.11 -16.19 -5.81
CA SER A 609 -0.75 -17.19 -4.78
C SER A 609 0.70 -17.70 -4.88
N ILE A 610 1.28 -18.10 -3.75
CA ILE A 610 2.67 -18.59 -3.66
C ILE A 610 2.77 -20.01 -4.27
N SER A 611 3.85 -20.31 -5.03
CA SER A 611 3.95 -21.53 -5.83
C SER A 611 5.04 -22.53 -5.42
N ALA A 612 6.08 -22.11 -4.68
CA ALA A 612 7.15 -22.96 -4.14
C ALA A 612 7.84 -23.88 -5.18
N VAL A 613 8.56 -23.29 -6.13
CA VAL A 613 9.40 -23.99 -7.14
C VAL A 613 10.55 -24.74 -6.46
N GLU A 614 10.96 -25.90 -6.97
CA GLU A 614 12.11 -26.65 -6.45
C GLU A 614 13.36 -26.57 -7.32
N VAL A 615 14.49 -26.33 -6.65
CA VAL A 615 15.82 -26.16 -7.24
C VAL A 615 16.40 -27.50 -7.71
N PRO A 616 17.01 -27.57 -8.90
CA PRO A 616 17.77 -28.75 -9.31
C PRO A 616 19.15 -28.79 -8.61
N GLN A 617 19.24 -29.18 -7.34
CA GLN A 617 20.50 -29.22 -6.58
C GLN A 617 21.63 -29.98 -7.30
N SER A 618 21.30 -31.04 -8.03
CA SER A 618 22.26 -31.81 -8.83
C SER A 618 23.04 -30.93 -9.82
N ALA A 619 22.43 -29.89 -10.39
CA ALA A 619 23.08 -29.04 -11.39
C ALA A 619 24.18 -28.13 -10.80
N PRO A 620 23.95 -27.30 -9.76
CA PRO A 620 25.05 -26.54 -9.14
C PRO A 620 26.12 -27.44 -8.52
N MET A 621 25.75 -28.62 -8.00
CA MET A 621 26.73 -29.57 -7.47
C MET A 621 27.74 -29.99 -8.54
N TYR A 622 27.31 -30.35 -9.76
CA TYR A 622 28.27 -30.67 -10.81
C TYR A 622 29.09 -29.46 -11.27
N GLN A 623 28.59 -28.22 -11.13
CA GLN A 623 29.42 -27.05 -11.41
C GLN A 623 30.58 -26.90 -10.42
N TYR A 624 30.38 -27.22 -9.14
CA TYR A 624 31.49 -27.31 -8.18
C TYR A 624 32.45 -28.45 -8.52
N LEU A 625 31.96 -29.61 -8.98
CA LEU A 625 32.83 -30.76 -9.31
C LEU A 625 33.63 -30.57 -10.61
N ASP A 626 33.12 -29.87 -11.62
CA ASP A 626 33.95 -29.47 -12.78
C ASP A 626 35.18 -28.67 -12.34
N ARG A 627 35.07 -27.92 -11.24
CA ARG A 627 36.12 -27.06 -10.68
C ARG A 627 36.92 -27.76 -9.58
N LYS A 628 36.66 -29.05 -9.32
CA LYS A 628 37.25 -29.85 -8.23
C LYS A 628 37.10 -29.20 -6.84
N LEU A 629 36.00 -28.50 -6.63
CA LEU A 629 35.65 -27.89 -5.36
C LEU A 629 34.83 -28.86 -4.51
N PHE A 630 35.40 -30.00 -4.11
CA PHE A 630 34.65 -31.08 -3.45
C PHE A 630 34.00 -30.65 -2.13
N LYS A 631 34.74 -29.89 -1.31
CA LYS A 631 34.28 -29.36 -0.02
C LYS A 631 33.08 -28.44 -0.16
N GLU A 632 32.98 -27.73 -1.28
CA GLU A 632 31.84 -26.89 -1.62
C GLU A 632 30.70 -27.72 -2.22
N ALA A 633 30.99 -28.65 -3.14
CA ALA A 633 29.98 -29.48 -3.81
C ALA A 633 29.13 -30.25 -2.82
N TYR A 634 29.74 -30.78 -1.77
CA TYR A 634 29.02 -31.42 -0.68
C TYR A 634 27.94 -30.51 -0.06
N GLN A 635 28.16 -29.19 0.02
CA GLN A 635 27.17 -28.27 0.59
C GLN A 635 25.93 -28.10 -0.29
N ILE A 636 26.05 -28.25 -1.62
CA ILE A 636 24.89 -28.30 -2.51
C ILE A 636 24.20 -29.65 -2.45
N ALA A 637 24.97 -30.74 -2.41
CA ALA A 637 24.45 -32.08 -2.31
C ALA A 637 23.63 -32.28 -1.01
N CYS A 638 24.12 -31.75 0.10
CA CYS A 638 23.56 -32.01 1.42
C CYS A 638 22.15 -31.44 1.62
N LEU A 639 21.69 -30.53 0.76
CA LEU A 639 20.30 -30.06 0.73
C LEU A 639 19.31 -31.06 0.10
N GLY A 640 19.81 -32.08 -0.60
CA GLY A 640 19.01 -33.15 -1.23
C GLY A 640 19.39 -33.40 -2.69
N VAL A 641 20.04 -34.53 -2.95
CA VAL A 641 20.36 -35.06 -4.29
C VAL A 641 20.21 -36.59 -4.30
N THR A 642 20.20 -37.21 -5.48
CA THR A 642 19.99 -38.65 -5.63
C THR A 642 21.18 -39.46 -5.09
N ASP A 643 21.00 -40.76 -4.82
CA ASP A 643 22.15 -41.63 -4.53
C ASP A 643 23.14 -41.69 -5.70
N THR A 644 22.71 -41.48 -6.95
CA THR A 644 23.62 -41.37 -8.09
C THR A 644 24.47 -40.12 -8.01
N ASP A 645 23.91 -38.99 -7.61
CA ASP A 645 24.67 -37.76 -7.36
C ASP A 645 25.63 -37.93 -6.20
N TRP A 646 25.19 -38.49 -5.07
CA TRP A 646 26.08 -38.75 -3.94
C TRP A 646 27.23 -39.66 -4.31
N ARG A 647 27.00 -40.77 -5.04
CA ARG A 647 28.07 -41.67 -5.49
C ARG A 647 29.02 -40.97 -6.47
N GLU A 648 28.51 -40.20 -7.43
CA GLU A 648 29.37 -39.48 -8.38
C GLU A 648 30.19 -38.37 -7.70
N LEU A 649 29.63 -37.70 -6.70
CA LEU A 649 30.38 -36.82 -5.79
C LEU A 649 31.43 -37.62 -5.01
N ALA A 650 31.06 -38.74 -4.40
CA ALA A 650 31.94 -39.50 -3.53
C ALA A 650 33.18 -40.01 -4.27
N MET A 651 33.03 -40.56 -5.47
CA MET A 651 34.19 -41.02 -6.21
C MET A 651 35.00 -39.89 -6.84
N GLU A 652 34.40 -38.76 -7.20
CA GLU A 652 35.19 -37.58 -7.56
C GLU A 652 36.04 -37.09 -6.38
N ALA A 653 35.49 -37.06 -5.15
CA ALA A 653 36.24 -36.73 -3.95
C ALA A 653 37.34 -37.76 -3.66
N LEU A 654 37.05 -39.05 -3.81
CA LEU A 654 38.01 -40.13 -3.61
C LEU A 654 39.20 -40.02 -4.59
N GLU A 655 38.94 -39.85 -5.89
CA GLU A 655 40.00 -39.66 -6.89
C GLU A 655 40.70 -38.31 -6.75
N GLY A 656 40.01 -37.27 -6.26
CA GLY A 656 40.61 -35.99 -5.91
C GLY A 656 41.43 -36.03 -4.62
N LEU A 657 41.54 -37.19 -3.97
CA LEU A 657 42.21 -37.43 -2.70
C LEU A 657 41.67 -36.53 -1.58
N ASP A 658 40.38 -36.18 -1.63
CA ASP A 658 39.65 -35.49 -0.57
C ASP A 658 38.91 -36.51 0.29
N PHE A 659 39.67 -37.24 1.10
CA PHE A 659 39.15 -38.36 1.87
C PHE A 659 38.14 -37.96 2.92
N GLU A 660 38.23 -36.78 3.52
CA GLU A 660 37.21 -36.29 4.44
C GLU A 660 35.88 -36.00 3.75
N THR A 661 35.86 -35.48 2.51
CA THR A 661 34.61 -35.36 1.76
C THR A 661 34.12 -36.71 1.29
N ALA A 662 34.97 -37.52 0.67
CA ALA A 662 34.61 -38.83 0.14
C ALA A 662 34.03 -39.73 1.22
N LYS A 663 34.63 -39.79 2.42
CA LYS A 663 34.10 -40.52 3.58
C LYS A 663 32.64 -40.16 3.83
N LYS A 664 32.31 -38.86 3.88
CA LYS A 664 30.93 -38.39 4.12
C LYS A 664 30.00 -38.61 2.94
N ALA A 665 30.48 -38.40 1.72
CA ALA A 665 29.71 -38.63 0.51
C ALA A 665 29.34 -40.11 0.32
N PHE A 666 30.22 -41.03 0.71
CA PHE A 666 29.90 -42.45 0.75
C PHE A 666 29.07 -42.83 1.96
N ILE A 667 29.21 -42.22 3.14
CA ILE A 667 28.34 -42.53 4.32
C ILE A 667 26.86 -42.29 3.98
N ARG A 668 26.54 -41.27 3.19
CA ARG A 668 25.19 -41.03 2.64
C ARG A 668 24.65 -42.21 1.82
N VAL A 669 25.50 -42.86 1.03
CA VAL A 669 25.17 -44.06 0.22
C VAL A 669 25.32 -45.37 1.05
N GLN A 670 26.09 -45.28 2.14
CA GLN A 670 26.54 -46.32 3.06
C GLN A 670 27.27 -47.51 2.40
N ASP A 671 28.14 -47.23 1.41
CA ASP A 671 28.92 -48.24 0.70
C ASP A 671 30.22 -48.63 1.43
N LEU A 672 30.20 -49.72 2.20
CA LEU A 672 31.33 -50.11 3.05
C LEU A 672 32.61 -50.44 2.26
N ARG A 673 32.54 -50.83 0.97
CA ARG A 673 33.73 -51.20 0.17
C ARG A 673 34.76 -50.08 0.12
N TYR A 674 34.31 -48.89 -0.27
CA TYR A 674 35.17 -47.73 -0.39
C TYR A 674 35.44 -47.07 0.96
N LEU A 675 34.55 -47.19 1.96
CA LEU A 675 34.87 -46.80 3.33
C LEU A 675 36.02 -47.64 3.91
N GLU A 676 36.08 -48.94 3.63
CA GLU A 676 37.21 -49.77 4.02
C GLU A 676 38.50 -49.28 3.34
N LEU A 677 38.48 -48.97 2.04
CA LEU A 677 39.61 -48.38 1.33
C LEU A 677 40.04 -47.02 1.92
N ILE A 678 39.10 -46.10 2.17
CA ILE A 678 39.40 -44.81 2.81
C ILE A 678 40.02 -45.03 4.19
N SER A 679 39.46 -45.96 4.99
CA SER A 679 40.03 -46.30 6.29
C SER A 679 41.45 -46.88 6.16
N SER A 680 41.75 -47.64 5.11
CA SER A 680 43.11 -48.10 4.81
C SER A 680 44.04 -46.92 4.50
N ILE A 681 43.65 -46.02 3.60
CA ILE A 681 44.49 -44.88 3.22
C ILE A 681 44.72 -43.95 4.41
N GLU A 682 43.72 -43.71 5.25
CA GLU A 682 43.92 -42.97 6.50
C GLU A 682 44.81 -43.73 7.48
N GLU A 683 44.67 -45.05 7.59
CA GLU A 683 45.56 -45.94 8.33
C GLU A 683 46.94 -46.14 7.68
N ARG A 684 47.27 -45.40 6.63
CA ARG A 684 48.61 -45.33 6.03
C ARG A 684 49.16 -43.90 6.01
N LYS A 685 48.30 -42.88 5.90
CA LYS A 685 48.65 -41.50 6.24
C LYS A 685 49.00 -41.35 7.72
N LYS A 686 48.24 -41.97 8.62
CA LYS A 686 48.72 -42.36 9.95
C LYS A 686 49.71 -43.51 9.78
N ARG A 687 50.80 -43.54 10.56
CA ARG A 687 51.99 -44.38 10.31
C ARG A 687 52.80 -43.97 9.06
N GLY A 688 52.71 -42.72 8.65
CA GLY A 688 53.80 -42.03 7.94
C GLY A 688 53.98 -42.32 6.45
N GLU A 689 53.04 -42.96 5.76
CA GLU A 689 53.00 -42.89 4.29
C GLU A 689 52.49 -41.50 3.84
N THR A 690 52.92 -41.05 2.66
CA THR A 690 52.48 -39.78 2.04
C THR A 690 52.41 -39.83 0.52
N ASN A 691 52.77 -40.95 -0.11
CA ASN A 691 52.84 -41.09 -1.55
C ASN A 691 51.43 -41.06 -2.20
N ASN A 692 51.00 -39.90 -2.71
CA ASN A 692 49.67 -39.73 -3.30
C ASN A 692 49.45 -40.60 -4.54
N ASP A 693 50.48 -40.88 -5.31
CA ASP A 693 50.37 -41.72 -6.49
C ASP A 693 50.06 -43.18 -6.12
N LEU A 694 50.60 -43.67 -5.00
CA LEU A 694 50.23 -44.96 -4.44
C LEU A 694 48.76 -44.96 -3.99
N PHE A 695 48.29 -43.89 -3.34
CA PHE A 695 46.88 -43.82 -2.94
C PHE A 695 45.93 -43.79 -4.14
N LEU A 696 46.23 -43.02 -5.19
CA LEU A 696 45.42 -43.02 -6.40
C LEU A 696 45.50 -44.37 -7.14
N ALA A 697 46.62 -45.08 -7.08
CA ALA A 697 46.70 -46.42 -7.66
C ALA A 697 45.73 -47.39 -6.98
N ASP A 698 45.63 -47.35 -5.64
CA ASP A 698 44.65 -48.18 -4.93
C ASP A 698 43.21 -47.84 -5.31
N VAL A 699 42.85 -46.56 -5.35
CA VAL A 699 41.53 -46.13 -5.82
C VAL A 699 41.26 -46.62 -7.24
N PHE A 700 42.17 -46.40 -8.19
CA PHE A 700 41.99 -46.96 -9.51
C PHE A 700 41.95 -48.50 -9.54
N SER A 701 42.62 -49.21 -8.63
CA SER A 701 42.55 -50.66 -8.55
C SER A 701 41.15 -51.11 -8.14
N TYR A 702 40.57 -50.52 -7.07
CA TYR A 702 39.22 -50.84 -6.60
C TYR A 702 38.15 -50.48 -7.64
N GLN A 703 38.33 -49.38 -8.36
CA GLN A 703 37.44 -48.98 -9.47
C GLN A 703 37.61 -49.83 -10.75
N GLY A 704 38.61 -50.72 -10.81
CA GLY A 704 38.84 -51.54 -12.00
C GLY A 704 39.52 -50.79 -13.15
N LYS A 705 40.08 -49.61 -12.87
CA LYS A 705 40.84 -48.76 -13.79
C LYS A 705 42.28 -49.27 -13.84
N PHE A 706 42.45 -50.52 -14.28
CA PHE A 706 43.66 -51.30 -14.01
C PHE A 706 44.91 -50.75 -14.70
N HIS A 707 44.85 -50.40 -15.98
CA HIS A 707 46.04 -49.87 -16.68
C HIS A 707 46.50 -48.54 -16.11
N GLU A 708 45.56 -47.67 -15.74
CA GLU A 708 45.86 -46.43 -15.03
C GLU A 708 46.39 -46.69 -13.61
N ALA A 709 45.85 -47.65 -12.88
CA ALA A 709 46.41 -48.06 -11.60
C ALA A 709 47.84 -48.57 -11.75
N ALA A 710 48.11 -49.38 -12.78
CA ALA A 710 49.42 -49.93 -13.04
C ALA A 710 50.47 -48.85 -13.35
N LYS A 711 50.17 -47.89 -14.23
CA LYS A 711 51.02 -46.72 -14.46
C LYS A 711 51.32 -45.98 -13.16
N LEU A 712 50.32 -45.78 -12.31
CA LEU A 712 50.53 -45.16 -11.00
C LEU A 712 51.39 -46.04 -10.08
N TYR A 713 51.20 -47.36 -10.04
CA TYR A 713 52.06 -48.24 -9.26
C TYR A 713 53.51 -48.24 -9.76
N LYS A 714 53.74 -48.20 -11.07
CA LYS A 714 55.06 -47.98 -11.66
C LYS A 714 55.66 -46.64 -11.22
N ARG A 715 54.98 -45.53 -11.52
CA ARG A 715 55.48 -44.16 -11.32
C ARG A 715 55.60 -43.74 -9.86
N SER A 716 54.76 -44.28 -8.98
CA SER A 716 54.92 -44.16 -7.52
C SER A 716 56.14 -44.90 -6.98
N GLY A 717 56.81 -45.73 -7.79
CA GLY A 717 58.05 -46.43 -7.45
C GLY A 717 57.88 -47.90 -7.04
N HIS A 718 56.69 -48.46 -7.19
CA HIS A 718 56.29 -49.79 -6.70
C HIS A 718 55.81 -50.72 -7.82
N GLU A 719 56.64 -51.03 -8.82
CA GLU A 719 56.24 -51.91 -9.94
C GLU A 719 55.75 -53.28 -9.47
N ASN A 720 56.30 -53.81 -8.38
CA ASN A 720 55.84 -55.08 -7.81
C ASN A 720 54.34 -55.09 -7.45
N LEU A 721 53.75 -53.96 -7.04
CA LEU A 721 52.31 -53.91 -6.79
C LEU A 721 51.49 -54.04 -8.09
N ALA A 722 51.98 -53.53 -9.22
CA ALA A 722 51.35 -53.76 -10.52
C ALA A 722 51.53 -55.21 -10.99
N LEU A 723 52.68 -55.84 -10.73
CA LEU A 723 52.86 -57.27 -10.95
C LEU A 723 51.85 -58.08 -10.12
N GLU A 724 51.73 -57.81 -8.82
CA GLU A 724 50.75 -58.48 -7.99
C GLU A 724 49.33 -58.28 -8.50
N MET A 725 48.92 -57.06 -8.82
CA MET A 725 47.56 -56.80 -9.29
C MET A 725 47.21 -57.63 -10.52
N TYR A 726 48.05 -57.61 -11.57
CA TYR A 726 47.76 -58.40 -12.76
C TYR A 726 47.97 -59.90 -12.56
N THR A 727 48.89 -60.33 -11.70
CA THR A 727 49.03 -61.75 -11.37
C THR A 727 47.80 -62.26 -10.65
N ASP A 728 47.25 -61.49 -9.72
CA ASP A 728 46.04 -61.83 -8.98
C ASP A 728 44.82 -61.88 -9.90
N LEU A 729 44.64 -60.89 -10.76
CA LEU A 729 43.64 -60.93 -11.81
C LEU A 729 43.90 -62.03 -12.86
N CYS A 730 45.04 -62.73 -12.80
CA CYS A 730 45.45 -63.74 -13.78
C CYS A 730 45.54 -63.19 -15.21
N MET A 731 45.83 -61.90 -15.34
CA MET A 731 46.04 -61.17 -16.60
C MET A 731 47.49 -61.29 -17.07
N PHE A 732 47.97 -62.50 -17.32
CA PHE A 732 49.40 -62.75 -17.53
C PHE A 732 50.00 -62.03 -18.76
N GLU A 733 49.19 -61.74 -19.78
CA GLU A 733 49.62 -60.96 -20.96
C GLU A 733 50.02 -59.50 -20.65
N TYR A 734 49.55 -58.96 -19.51
CA TYR A 734 49.98 -57.66 -18.97
C TYR A 734 50.94 -57.82 -17.77
N ALA A 735 50.78 -58.88 -16.96
CA ALA A 735 51.57 -59.07 -15.75
C ALA A 735 53.08 -59.15 -16.03
N LYS A 736 53.49 -59.78 -17.14
CA LYS A 736 54.91 -59.98 -17.51
C LYS A 736 55.75 -58.71 -17.48
N ASP A 737 55.17 -57.54 -17.71
CA ASP A 737 55.92 -56.28 -17.79
C ASP A 737 56.61 -55.89 -16.47
N PHE A 738 56.05 -56.28 -15.33
CA PHE A 738 56.33 -55.63 -14.05
C PHE A 738 57.40 -56.31 -13.18
N LEU A 739 58.00 -57.41 -13.64
CA LEU A 739 59.27 -57.87 -13.08
C LEU A 739 60.42 -56.94 -13.51
N GLY A 740 61.30 -56.56 -12.56
CA GLY A 740 62.45 -55.69 -12.81
C GLY A 740 63.19 -55.28 -11.55
N ASP B 853 45.80 47.04 27.83
CA ASP B 853 46.50 47.49 29.03
C ASP B 853 45.68 48.56 29.79
N ILE B 854 44.51 48.17 30.28
CA ILE B 854 43.54 49.05 30.96
C ILE B 854 44.17 49.72 32.20
N GLU B 855 44.99 49.00 32.96
CA GLU B 855 45.71 49.54 34.12
C GLU B 855 46.84 50.50 33.72
N ARG B 856 47.46 50.32 32.55
CA ARG B 856 48.41 51.30 31.99
C ARG B 856 47.68 52.60 31.64
N ALA B 857 46.51 52.50 31.01
CA ALA B 857 45.65 53.66 30.79
C ALA B 857 45.27 54.35 32.11
N LEU B 858 44.66 53.63 33.05
CA LEU B 858 44.22 54.20 34.32
C LEU B 858 45.38 54.82 35.10
N SER B 859 46.52 54.15 35.24
CA SER B 859 47.68 54.72 35.95
C SER B 859 48.19 56.00 35.28
N ILE B 860 48.26 56.06 33.95
CA ILE B 860 48.61 57.31 33.25
C ILE B 860 47.61 58.42 33.56
N LEU B 861 46.31 58.14 33.45
CA LEU B 861 45.27 59.12 33.69
C LEU B 861 45.21 59.57 35.16
N GLN B 862 45.42 58.65 36.10
CA GLN B 862 45.53 58.94 37.55
C GLN B 862 46.74 59.84 37.86
N ASN B 863 47.83 59.68 37.10
CA ASN B 863 48.99 60.58 37.18
C ASN B 863 48.71 61.99 36.60
N VAL B 864 47.50 62.28 36.13
CA VAL B 864 47.03 63.65 35.87
C VAL B 864 46.14 64.07 37.04
N THR B 865 46.46 65.20 37.68
CA THR B 865 45.92 65.69 38.95
C THR B 865 45.52 67.17 38.86
N ALA B 866 44.96 67.75 39.93
CA ALA B 866 44.33 69.07 39.92
C ALA B 866 45.22 70.22 39.38
N GLU B 867 46.52 70.19 39.64
CA GLU B 867 47.50 71.18 39.17
C GLU B 867 47.87 71.04 37.67
N GLN B 868 47.43 70.00 36.94
CA GLN B 868 47.82 69.79 35.52
C GLN B 868 46.72 70.18 34.50
N PRO B 869 47.09 70.69 33.30
CA PRO B 869 46.20 70.80 32.15
C PRO B 869 45.60 69.45 31.72
N TYR B 870 44.50 69.49 30.96
CA TYR B 870 43.79 68.32 30.40
C TYR B 870 43.28 67.28 31.42
N PHE B 871 43.29 67.60 32.72
CA PHE B 871 42.75 66.77 33.82
C PHE B 871 41.27 66.41 33.66
N ILE B 872 40.48 67.28 33.02
CA ILE B 872 39.07 67.03 32.72
C ILE B 872 38.94 65.78 31.83
N GLU B 873 39.61 65.78 30.67
CA GLU B 873 39.61 64.63 29.78
C GLU B 873 40.24 63.39 30.42
N ALA B 874 41.28 63.55 31.24
CA ALA B 874 41.89 62.42 31.93
C ALA B 874 40.90 61.73 32.90
N ARG B 875 40.17 62.51 33.69
CA ARG B 875 39.16 62.04 34.64
C ARG B 875 37.90 61.54 33.94
N GLU B 876 37.49 62.13 32.82
CA GLU B 876 36.41 61.58 32.00
C GLU B 876 36.78 60.18 31.47
N LYS B 877 38.02 60.02 30.99
CA LYS B 877 38.54 58.72 30.53
C LYS B 877 38.59 57.71 31.67
N MET B 878 39.08 58.09 32.85
CA MET B 878 38.99 57.23 34.03
C MET B 878 37.55 56.81 34.33
N ALA B 879 36.62 57.77 34.33
CA ALA B 879 35.22 57.48 34.56
C ALA B 879 34.68 56.45 33.55
N ASP B 880 34.89 56.71 32.26
CA ASP B 880 34.48 55.88 31.14
C ASP B 880 35.06 54.45 31.23
N ILE B 881 36.34 54.32 31.55
CA ILE B 881 36.99 53.02 31.78
C ILE B 881 36.31 52.26 32.91
N TYR B 882 36.06 52.91 34.05
CA TYR B 882 35.41 52.25 35.18
C TYR B 882 33.98 51.82 34.86
N LEU B 883 33.22 52.60 34.08
CA LEU B 883 31.89 52.20 33.64
C LEU B 883 31.92 51.07 32.58
N LYS B 884 32.85 51.11 31.62
CA LYS B 884 32.98 50.07 30.58
C LYS B 884 33.47 48.73 31.15
N HIS B 885 34.59 48.76 31.86
CA HIS B 885 35.38 47.56 32.17
C HIS B 885 35.12 47.01 33.58
N ARG B 886 35.06 47.87 34.60
CA ARG B 886 34.67 47.50 35.99
C ARG B 886 33.16 47.58 36.26
N LYS B 887 32.37 48.07 35.30
CA LYS B 887 30.89 48.26 35.39
C LYS B 887 30.46 49.11 36.60
N ASP B 888 31.30 50.05 37.00
CA ASP B 888 31.18 50.78 38.27
C ASP B 888 30.77 52.22 38.05
N LYS B 889 29.47 52.49 38.28
CA LYS B 889 28.92 53.84 38.17
C LYS B 889 29.48 54.76 39.25
N MET B 890 29.77 54.26 40.45
CA MET B 890 30.31 55.11 41.51
C MET B 890 31.74 55.56 41.21
N LEU B 891 32.59 54.72 40.65
CA LEU B 891 33.89 55.16 40.18
C LEU B 891 33.75 56.15 39.00
N TYR B 892 32.81 55.94 38.08
CA TYR B 892 32.48 56.95 37.07
C TYR B 892 32.07 58.28 37.72
N ILE B 893 31.08 58.26 38.61
CA ILE B 893 30.53 59.45 39.27
C ILE B 893 31.59 60.15 40.13
N THR B 894 32.39 59.42 40.90
CA THR B 894 33.47 60.04 41.69
C THR B 894 34.55 60.65 40.80
N CYS B 895 34.91 60.04 39.66
CA CYS B 895 35.75 60.72 38.67
C CYS B 895 35.11 62.01 38.15
N PHE B 896 33.81 62.01 37.89
CA PHE B 896 33.09 63.21 37.46
C PHE B 896 32.92 64.26 38.56
N ARG B 897 32.72 63.86 39.82
CA ARG B 897 32.71 64.77 40.98
C ARG B 897 34.10 65.34 41.23
N GLU B 898 35.17 64.57 40.99
CA GLU B 898 36.53 65.11 40.98
C GLU B 898 36.70 66.20 39.90
N ILE B 899 36.13 66.03 38.71
CA ILE B 899 36.10 67.11 37.70
C ILE B 899 35.40 68.36 38.27
N ALA B 900 34.22 68.20 38.88
CA ALA B 900 33.47 69.30 39.48
C ALA B 900 34.21 70.00 40.63
N GLU B 901 34.88 69.24 41.49
CA GLU B 901 35.62 69.73 42.65
C GLU B 901 36.92 70.45 42.26
N ARG B 902 37.69 69.88 41.32
CA ARG B 902 39.01 70.41 40.93
C ARG B 902 38.94 71.46 39.81
N MET B 903 38.02 71.32 38.87
CA MET B 903 37.97 72.10 37.62
C MET B 903 36.54 72.54 37.25
N ALA B 904 35.92 73.27 38.17
CA ALA B 904 34.65 73.97 37.99
C ALA B 904 34.74 75.04 36.87
N ASN B 905 34.12 74.80 35.72
CA ASN B 905 33.95 75.78 34.64
C ASN B 905 32.71 75.43 33.79
N PRO B 906 32.19 76.34 32.96
CA PRO B 906 30.92 76.10 32.27
C PRO B 906 30.93 74.88 31.34
N ARG B 907 32.01 74.65 30.57
CA ARG B 907 32.11 73.47 29.70
C ARG B 907 32.22 72.18 30.51
N SER B 908 33.05 72.13 31.56
CA SER B 908 33.15 70.93 32.41
C SER B 908 31.83 70.63 33.12
N PHE B 909 31.11 71.65 33.59
CA PHE B 909 29.78 71.51 34.15
C PHE B 909 28.72 71.09 33.11
N LEU B 910 28.78 71.56 31.86
CA LEU B 910 27.95 71.06 30.77
C LEU B 910 28.22 69.56 30.51
N LEU B 911 29.49 69.18 30.38
CA LEU B 911 29.90 67.79 30.14
C LEU B 911 29.51 66.86 31.30
N LEU B 912 29.64 67.34 32.54
CA LEU B 912 29.15 66.68 33.75
C LEU B 912 27.63 66.46 33.69
N GLY B 913 26.87 67.43 33.19
CA GLY B 913 25.44 67.27 32.96
C GLY B 913 25.15 66.12 31.99
N ASP B 914 25.80 66.13 30.82
CA ASP B 914 25.63 65.06 29.82
C ASP B 914 26.05 63.69 30.35
N ALA B 915 27.12 63.61 31.15
CA ALA B 915 27.53 62.39 31.83
C ALA B 915 26.42 61.87 32.76
N TYR B 916 25.87 62.74 33.60
CA TYR B 916 24.74 62.38 34.46
C TYR B 916 23.50 61.97 33.65
N MET B 917 23.25 62.53 32.47
CA MET B 917 22.17 62.05 31.60
C MET B 917 22.44 60.65 31.03
N ASN B 918 23.68 60.33 30.65
CA ASN B 918 24.06 58.97 30.23
C ASN B 918 23.89 57.96 31.39
N ILE B 919 24.18 58.39 32.61
CA ILE B 919 23.99 57.65 33.87
C ILE B 919 22.50 57.59 34.32
N LEU B 920 21.58 58.28 33.64
CA LEU B 920 20.15 58.37 33.96
C LEU B 920 19.87 59.02 35.34
N GLU B 921 20.67 60.00 35.73
CA GLU B 921 20.51 60.79 36.96
C GLU B 921 20.31 62.29 36.64
N PRO B 922 19.15 62.66 36.05
CA PRO B 922 18.92 63.99 35.53
C PRO B 922 18.90 65.09 36.60
N GLU B 923 18.64 64.79 37.87
CA GLU B 923 18.67 65.79 38.95
C GLU B 923 20.08 66.35 39.15
N GLU B 924 21.09 65.48 39.24
CA GLU B 924 22.50 65.91 39.27
C GLU B 924 22.94 66.48 37.91
N ALA B 925 22.37 66.01 36.80
CA ALA B 925 22.60 66.65 35.51
C ALA B 925 22.12 68.12 35.51
N ILE B 926 20.95 68.39 36.08
CA ILE B 926 20.40 69.75 36.23
C ILE B 926 21.26 70.58 37.17
N VAL B 927 21.76 70.01 38.28
CA VAL B 927 22.73 70.73 39.13
C VAL B 927 23.98 71.11 38.33
N ALA B 928 24.49 70.21 37.48
CA ALA B 928 25.61 70.50 36.60
C ALA B 928 25.26 71.58 35.54
N TYR B 929 24.12 71.48 34.87
CA TYR B 929 23.67 72.51 33.92
C TYR B 929 23.41 73.87 34.61
N GLU B 930 22.93 73.90 35.86
CA GLU B 930 22.83 75.12 36.67
C GLU B 930 24.23 75.68 36.98
N GLN B 931 25.16 74.86 37.44
CA GLN B 931 26.54 75.28 37.71
C GLN B 931 27.23 75.84 36.47
N ALA B 932 26.89 75.36 35.27
CA ALA B 932 27.29 75.99 34.01
C ALA B 932 26.52 77.30 33.73
N LEU B 933 25.18 77.26 33.64
CA LEU B 933 24.37 78.31 33.03
C LEU B 933 24.34 79.62 33.85
N ASN B 934 24.54 79.54 35.17
CA ASN B 934 24.75 80.73 36.01
C ASN B 934 26.11 81.43 35.74
N GLN B 935 27.05 80.77 35.06
CA GLN B 935 28.37 81.29 34.68
C GLN B 935 28.48 81.75 33.21
N ASN B 936 27.80 81.09 32.26
CA ASN B 936 27.79 81.48 30.83
C ASN B 936 26.36 81.64 30.25
N PRO B 937 25.55 82.61 30.73
CA PRO B 937 24.15 82.78 30.32
C PRO B 937 23.91 83.04 28.82
N LYS B 938 24.97 83.37 28.08
CA LYS B 938 24.96 83.62 26.63
C LYS B 938 24.81 82.34 25.77
N ASP B 939 25.09 81.16 26.30
CA ASP B 939 25.09 79.90 25.52
C ASP B 939 23.68 79.29 25.37
N GLY B 940 23.07 79.48 24.19
CA GLY B 940 21.76 78.90 23.87
C GLY B 940 21.76 77.36 23.82
N THR B 941 22.90 76.74 23.50
CA THR B 941 23.01 75.26 23.42
C THR B 941 22.88 74.68 24.82
N LEU B 942 23.57 75.28 25.80
CA LEU B 942 23.43 74.96 27.21
C LEU B 942 22.01 75.25 27.71
N ALA B 943 21.42 76.39 27.37
CA ALA B 943 20.02 76.70 27.74
C ALA B 943 19.01 75.69 27.16
N SER B 944 19.25 75.17 25.96
CA SER B 944 18.42 74.11 25.37
C SER B 944 18.64 72.74 26.03
N LYS B 945 19.89 72.33 26.30
CA LYS B 945 20.19 71.12 27.08
C LYS B 945 19.62 71.18 28.51
N MET B 946 19.73 72.34 29.16
CA MET B 946 19.01 72.67 30.40
C MET B 946 17.50 72.42 30.22
N GLY B 947 16.89 73.03 29.20
CA GLY B 947 15.48 72.82 28.85
C GLY B 947 15.09 71.34 28.75
N LYS B 948 15.83 70.54 27.99
CA LYS B 948 15.59 69.08 27.85
C LYS B 948 15.52 68.37 29.21
N ALA B 949 16.54 68.54 30.04
CA ALA B 949 16.59 67.92 31.36
C ALA B 949 15.45 68.39 32.28
N LEU B 950 15.13 69.69 32.26
CA LEU B 950 14.01 70.25 33.01
C LEU B 950 12.66 69.67 32.54
N ILE B 951 12.47 69.44 31.24
CA ILE B 951 11.27 68.78 30.68
C ILE B 951 11.18 67.32 31.16
N LYS B 952 12.29 66.58 31.08
CA LYS B 952 12.40 65.18 31.60
C LYS B 952 12.18 65.07 33.11
N THR B 953 12.14 66.18 33.84
CA THR B 953 11.96 66.27 35.30
C THR B 953 10.77 67.16 35.72
N HIS B 954 9.85 67.48 34.81
CA HIS B 954 8.61 68.22 35.10
C HIS B 954 8.83 69.66 35.63
N ASN B 955 10.03 70.22 35.44
CA ASN B 955 10.39 71.60 35.80
C ASN B 955 10.05 72.59 34.67
N TYR B 956 8.86 72.50 34.09
CA TYR B 956 8.50 73.19 32.85
C TYR B 956 8.61 74.72 32.96
N SER B 957 8.24 75.30 34.09
CA SER B 957 8.35 76.76 34.31
C SER B 957 9.80 77.25 34.23
N MET B 958 10.77 76.48 34.75
CA MET B 958 12.19 76.80 34.60
C MET B 958 12.63 76.69 33.14
N ALA B 959 12.19 75.67 32.41
CA ALA B 959 12.52 75.53 30.98
C ALA B 959 11.97 76.71 30.16
N ILE B 960 10.68 77.01 30.32
CA ILE B 960 9.99 78.14 29.71
C ILE B 960 10.73 79.45 30.01
N THR B 961 10.99 79.75 31.29
CA THR B 961 11.64 81.01 31.68
C THR B 961 13.11 81.10 31.24
N TYR B 962 13.85 79.99 31.17
CA TYR B 962 15.19 80.00 30.55
C TYR B 962 15.12 80.27 29.05
N TYR B 963 14.18 79.66 28.31
CA TYR B 963 13.99 79.99 26.90
C TYR B 963 13.56 81.44 26.69
N GLU B 964 12.65 81.97 27.51
CA GLU B 964 12.29 83.39 27.47
C GLU B 964 13.51 84.30 27.74
N ALA B 965 14.35 84.00 28.73
CA ALA B 965 15.57 84.78 28.97
C ALA B 965 16.56 84.71 27.79
N ALA B 966 16.72 83.55 27.16
CA ALA B 966 17.57 83.39 25.97
C ALA B 966 17.03 84.19 24.77
N LEU B 967 15.71 84.20 24.56
CA LEU B 967 15.05 84.99 23.54
C LEU B 967 15.12 86.50 23.82
N LYS B 968 14.93 86.93 25.07
CA LYS B 968 15.09 88.34 25.50
C LYS B 968 16.53 88.85 25.38
N THR B 969 17.52 87.96 25.49
CA THR B 969 18.94 88.26 25.20
C THR B 969 19.34 87.98 23.74
N GLY B 970 18.37 87.80 22.83
CA GLY B 970 18.60 87.77 21.38
C GLY B 970 19.33 86.54 20.85
N GLN B 971 19.27 85.39 21.54
CA GLN B 971 20.00 84.17 21.16
C GLN B 971 19.40 83.47 19.92
N LYS B 972 20.01 82.37 19.47
CA LYS B 972 19.87 81.77 18.12
C LYS B 972 18.47 81.27 17.69
N ASN B 973 18.33 81.08 16.38
CA ASN B 973 17.13 80.76 15.59
C ASN B 973 16.17 79.74 16.23
N TYR B 974 16.68 78.57 16.61
CA TYR B 974 15.87 77.42 17.04
C TYR B 974 15.18 77.60 18.40
N LEU B 975 15.55 78.60 19.20
CA LEU B 975 14.98 78.81 20.54
C LEU B 975 13.48 79.15 20.50
N CYS B 976 13.01 79.84 19.45
CA CYS B 976 11.58 80.01 19.21
C CYS B 976 10.88 78.66 19.00
N TYR B 977 11.50 77.74 18.26
CA TYR B 977 10.96 76.39 18.07
C TYR B 977 10.97 75.58 19.36
N ASP B 978 12.06 75.59 20.14
CA ASP B 978 12.13 74.89 21.42
C ASP B 978 10.99 75.32 22.36
N LEU B 979 10.78 76.62 22.53
CA LEU B 979 9.73 77.13 23.41
C LEU B 979 8.33 76.86 22.85
N ALA B 980 8.13 77.09 21.54
CA ALA B 980 6.84 76.84 20.91
C ALA B 980 6.44 75.36 20.93
N GLU B 981 7.33 74.47 20.52
CA GLU B 981 7.01 73.04 20.47
C GLU B 981 6.80 72.48 21.89
N LEU B 982 7.52 72.98 22.89
CA LEU B 982 7.23 72.69 24.30
C LEU B 982 5.80 73.08 24.67
N LEU B 983 5.45 74.36 24.50
CA LEU B 983 4.12 74.87 24.83
C LEU B 983 3.01 74.15 24.05
N LEU B 984 3.25 73.81 22.78
CA LEU B 984 2.36 73.02 21.92
C LEU B 984 2.17 71.60 22.47
N LYS B 985 3.24 70.90 22.85
CA LYS B 985 3.17 69.56 23.46
C LYS B 985 2.51 69.58 24.84
N LEU B 986 2.61 70.70 25.57
CA LEU B 986 1.82 70.99 26.77
C LEU B 986 0.40 71.52 26.46
N LYS B 987 -0.03 71.50 25.18
CA LYS B 987 -1.35 71.92 24.66
C LYS B 987 -1.69 73.41 24.85
N TRP B 988 -0.73 74.24 25.24
CA TRP B 988 -0.87 75.69 25.44
C TRP B 988 -0.59 76.46 24.13
N TYR B 989 -1.36 76.13 23.10
CA TYR B 989 -1.21 76.66 21.75
C TYR B 989 -1.36 78.20 21.71
N ASP B 990 -2.23 78.75 22.55
CA ASP B 990 -2.40 80.19 22.75
C ASP B 990 -1.13 80.87 23.32
N LYS B 991 -0.44 80.22 24.28
CA LYS B 991 0.82 80.77 24.82
C LYS B 991 1.89 80.76 23.74
N ALA B 992 1.99 79.68 22.96
CA ALA B 992 2.89 79.62 21.81
C ALA B 992 2.59 80.73 20.78
N GLU B 993 1.31 80.95 20.47
CA GLU B 993 0.88 82.03 19.58
C GLU B 993 1.40 83.39 20.06
N LYS B 994 1.12 83.75 21.33
CA LYS B 994 1.57 85.02 21.93
C LYS B 994 3.08 85.15 22.01
N VAL B 995 3.78 84.07 22.35
CA VAL B 995 5.25 84.03 22.37
C VAL B 995 5.83 84.33 20.99
N LEU B 996 5.33 83.67 19.95
CA LEU B 996 5.85 83.86 18.59
C LEU B 996 5.50 85.23 18.03
N GLN B 997 4.32 85.76 18.34
CA GLN B 997 3.98 87.15 18.05
C GLN B 997 4.93 88.12 18.77
N HIS B 998 5.24 87.89 20.06
CA HIS B 998 6.22 88.70 20.79
C HIS B 998 7.64 88.57 20.20
N ALA B 999 8.03 87.38 19.75
CA ALA B 999 9.27 87.12 19.00
C ALA B 999 9.31 87.77 17.58
N LEU B 1000 8.20 88.38 17.15
CA LEU B 1000 8.06 89.10 15.87
C LEU B 1000 7.58 90.55 16.06
N ALA B 1001 7.54 91.06 17.30
CA ALA B 1001 7.07 92.41 17.63
C ALA B 1001 8.07 93.53 17.29
N HIS B 1002 9.34 93.21 17.05
CA HIS B 1002 10.36 94.13 16.58
C HIS B 1002 10.08 94.60 15.14
N GLU B 1003 10.64 95.75 14.76
CA GLU B 1003 10.80 96.09 13.33
C GLU B 1003 11.76 95.08 12.67
N PRO B 1004 11.41 94.47 11.53
CA PRO B 1004 12.15 93.33 11.00
C PRO B 1004 13.59 93.71 10.62
N VAL B 1005 14.56 93.00 11.18
CA VAL B 1005 15.99 93.27 10.98
C VAL B 1005 16.45 92.78 9.60
N ASN B 1006 17.21 93.62 8.89
CA ASN B 1006 17.60 93.42 7.49
C ASN B 1006 18.81 92.48 7.28
N GLU B 1007 19.44 91.99 8.35
CA GLU B 1007 20.53 91.01 8.28
C GLU B 1007 20.03 89.67 7.71
N LEU B 1008 20.85 89.01 6.87
CA LEU B 1008 20.45 87.80 6.17
C LEU B 1008 20.04 86.65 7.11
N SER B 1009 20.76 86.53 8.22
CA SER B 1009 20.40 85.64 9.34
C SER B 1009 19.04 86.01 9.95
N ALA B 1010 18.84 87.27 10.35
CA ALA B 1010 17.60 87.74 10.96
C ALA B 1010 16.38 87.63 10.04
N LEU B 1011 16.53 87.86 8.73
CA LEU B 1011 15.48 87.66 7.74
C LEU B 1011 15.02 86.20 7.72
N MET B 1012 15.96 85.26 7.68
CA MET B 1012 15.66 83.83 7.69
C MET B 1012 15.08 83.37 9.04
N GLU B 1013 15.66 83.83 10.15
CA GLU B 1013 15.12 83.60 11.50
C GLU B 1013 13.67 84.07 11.63
N ASP B 1014 13.37 85.31 11.26
CA ASP B 1014 11.99 85.83 11.28
C ASP B 1014 11.09 85.07 10.31
N GLY B 1015 11.61 84.63 9.17
CA GLY B 1015 10.89 83.76 8.23
C GLY B 1015 10.49 82.43 8.87
N ARG B 1016 11.41 81.77 9.58
CA ARG B 1016 11.11 80.55 10.34
C ARG B 1016 10.18 80.80 11.52
N CYS B 1017 10.33 81.91 12.23
CA CYS B 1017 9.39 82.31 13.29
C CYS B 1017 7.98 82.53 12.73
N GLN B 1018 7.84 83.16 11.57
CA GLN B 1018 6.57 83.32 10.87
C GLN B 1018 5.98 81.98 10.42
N VAL B 1019 6.77 81.09 9.83
CA VAL B 1019 6.34 79.72 9.48
C VAL B 1019 5.83 78.99 10.72
N LEU B 1020 6.59 79.03 11.80
CA LEU B 1020 6.24 78.41 13.07
C LEU B 1020 4.95 79.01 13.68
N LEU B 1021 4.79 80.34 13.64
CA LEU B 1021 3.56 81.00 14.05
C LEU B 1021 2.38 80.57 13.16
N ALA B 1022 2.57 80.37 11.87
CA ALA B 1022 1.54 79.80 11.00
C ALA B 1022 1.20 78.35 11.37
N LYS B 1023 2.19 77.51 11.70
CA LYS B 1023 1.96 76.14 12.21
C LYS B 1023 1.12 76.17 13.49
N VAL B 1024 1.38 77.13 14.39
CA VAL B 1024 0.54 77.33 15.58
C VAL B 1024 -0.86 77.84 15.23
N TYR B 1025 -0.97 78.88 14.38
CA TYR B 1025 -2.26 79.41 13.92
C TYR B 1025 -3.16 78.34 13.29
N SER B 1026 -2.59 77.29 12.68
CA SER B 1026 -3.34 76.14 12.20
C SER B 1026 -4.18 75.48 13.31
N LYS B 1027 -3.55 75.22 14.47
CA LYS B 1027 -4.23 74.69 15.66
C LYS B 1027 -5.15 75.70 16.34
N MET B 1028 -4.90 77.00 16.15
CA MET B 1028 -5.83 78.06 16.60
C MET B 1028 -7.08 78.23 15.72
N GLU B 1029 -7.19 77.51 14.59
CA GLU B 1029 -8.19 77.75 13.53
C GLU B 1029 -8.09 79.13 12.83
N LYS B 1030 -6.98 79.86 13.05
CA LYS B 1030 -6.69 81.21 12.52
C LYS B 1030 -6.04 81.13 11.13
N LEU B 1031 -6.69 80.45 10.19
CA LEU B 1031 -6.06 80.03 8.93
C LEU B 1031 -5.73 81.20 7.98
N GLY B 1032 -6.51 82.28 8.02
CA GLY B 1032 -6.19 83.52 7.30
C GLY B 1032 -4.93 84.19 7.85
N ASP B 1033 -4.78 84.26 9.17
CA ASP B 1033 -3.55 84.75 9.80
C ASP B 1033 -2.36 83.84 9.48
N ALA B 1034 -2.56 82.52 9.45
CA ALA B 1034 -1.55 81.59 8.96
C ALA B 1034 -1.11 81.92 7.52
N ILE B 1035 -2.04 82.17 6.59
CA ILE B 1035 -1.69 82.64 5.25
C ILE B 1035 -0.92 83.97 5.30
N THR B 1036 -1.36 84.97 6.06
CA THR B 1036 -0.62 86.24 6.12
C THR B 1036 0.79 86.06 6.68
N ALA B 1037 0.97 85.25 7.72
CA ALA B 1037 2.26 84.91 8.29
C ALA B 1037 3.14 84.16 7.28
N LEU B 1038 2.57 83.21 6.53
CA LEU B 1038 3.30 82.51 5.47
C LEU B 1038 3.65 83.41 4.29
N GLN B 1039 2.78 84.34 3.89
CA GLN B 1039 3.12 85.32 2.88
C GLN B 1039 4.21 86.28 3.39
N GLN B 1040 4.16 86.69 4.65
CA GLN B 1040 5.24 87.47 5.27
C GLN B 1040 6.54 86.65 5.35
N ALA B 1041 6.47 85.34 5.62
CA ALA B 1041 7.60 84.45 5.49
C ALA B 1041 8.08 84.37 4.04
N ARG B 1042 7.19 84.30 3.04
CA ARG B 1042 7.55 84.29 1.61
C ARG B 1042 8.23 85.58 1.19
N GLU B 1043 7.77 86.71 1.70
CA GLU B 1043 8.41 88.02 1.50
C GLU B 1043 9.82 88.04 2.09
N LEU B 1044 9.99 87.60 3.34
CA LEU B 1044 11.31 87.48 3.97
C LEU B 1044 12.21 86.48 3.23
N GLN B 1045 11.65 85.35 2.80
CA GLN B 1045 12.37 84.29 2.11
C GLN B 1045 12.84 84.71 0.72
N ALA B 1046 12.07 85.54 0.02
CA ALA B 1046 12.53 86.18 -1.22
C ALA B 1046 13.75 87.08 -0.95
N ARG B 1047 13.73 87.89 0.13
CA ARG B 1047 14.91 88.69 0.53
C ARG B 1047 16.10 87.83 0.93
N VAL B 1048 15.87 86.68 1.56
CA VAL B 1048 16.91 85.67 1.81
C VAL B 1048 17.50 85.16 0.50
N LEU B 1049 16.68 84.63 -0.42
CA LEU B 1049 17.12 84.09 -1.71
C LEU B 1049 17.92 85.11 -2.55
N LYS B 1050 17.44 86.35 -2.67
CA LYS B 1050 18.10 87.45 -3.42
C LYS B 1050 19.44 87.92 -2.83
N ARG B 1051 19.82 87.48 -1.62
CA ARG B 1051 21.19 87.64 -1.07
C ARG B 1051 21.98 86.32 -1.10
N VAL B 1052 21.35 85.20 -0.72
CA VAL B 1052 21.96 83.86 -0.75
C VAL B 1052 22.53 83.51 -2.13
N GLN B 1053 21.83 83.86 -3.21
CA GLN B 1053 22.31 83.68 -4.59
C GLN B 1053 23.59 84.48 -4.91
N MET B 1054 23.90 85.53 -4.14
CA MET B 1054 25.03 86.44 -4.37
C MET B 1054 26.17 86.28 -3.34
N GLU B 1055 25.89 85.70 -2.16
CA GLU B 1055 26.86 85.61 -1.05
C GLU B 1055 26.86 84.24 -0.35
N GLN B 1056 25.94 83.32 -0.64
CA GLN B 1056 25.86 81.98 -0.02
C GLN B 1056 25.25 80.87 -0.90
N PRO B 1057 25.69 80.69 -2.16
CA PRO B 1057 25.00 79.88 -3.15
C PRO B 1057 24.87 78.39 -2.78
N ASP B 1058 25.70 77.85 -1.87
CA ASP B 1058 25.57 76.46 -1.42
C ASP B 1058 24.32 76.19 -0.57
N ALA B 1059 23.69 77.23 -0.02
CA ALA B 1059 22.42 77.11 0.71
C ALA B 1059 21.17 77.10 -0.19
N VAL B 1060 21.30 77.34 -1.50
CA VAL B 1060 20.16 77.56 -2.40
C VAL B 1060 19.12 76.41 -2.38
N PRO B 1061 19.47 75.11 -2.44
CA PRO B 1061 18.46 74.05 -2.40
C PRO B 1061 17.63 74.02 -1.10
N ALA B 1062 18.26 74.21 0.05
CA ALA B 1062 17.56 74.25 1.34
C ALA B 1062 16.62 75.46 1.43
N GLN B 1063 17.08 76.63 0.99
CA GLN B 1063 16.27 77.86 1.03
C GLN B 1063 15.14 77.84 -0.03
N LYS B 1064 15.36 77.24 -1.20
CA LYS B 1064 14.28 76.92 -2.17
C LYS B 1064 13.27 75.96 -1.55
N HIS B 1065 13.72 74.91 -0.88
CA HIS B 1065 12.82 73.96 -0.23
C HIS B 1065 11.97 74.60 0.87
N LEU B 1066 12.56 75.48 1.68
CA LEU B 1066 11.78 76.26 2.65
C LEU B 1066 10.73 77.16 1.97
N ALA B 1067 11.07 77.79 0.83
CA ALA B 1067 10.09 78.55 0.03
C ALA B 1067 8.99 77.65 -0.56
N ALA B 1068 9.34 76.43 -0.98
CA ALA B 1068 8.39 75.43 -1.43
C ALA B 1068 7.41 75.05 -0.30
N GLU B 1069 7.93 74.79 0.90
CA GLU B 1069 7.13 74.40 2.06
C GLU B 1069 6.20 75.52 2.54
N ILE B 1070 6.65 76.77 2.49
CA ILE B 1070 5.80 77.95 2.71
C ILE B 1070 4.62 77.96 1.73
N CYS B 1071 4.90 77.78 0.43
CA CYS B 1071 3.86 77.76 -0.59
C CYS B 1071 2.91 76.56 -0.43
N ALA B 1072 3.43 75.40 -0.02
CA ALA B 1072 2.63 74.23 0.32
C ALA B 1072 1.67 74.50 1.50
N GLU B 1073 2.14 75.13 2.57
CA GLU B 1073 1.28 75.50 3.69
C GLU B 1073 0.22 76.56 3.29
N ILE B 1074 0.56 77.55 2.47
CA ILE B 1074 -0.44 78.51 1.94
C ILE B 1074 -1.52 77.75 1.18
N ALA B 1075 -1.11 76.80 0.35
CA ALA B 1075 -2.02 75.93 -0.35
C ALA B 1075 -2.90 75.11 0.61
N LYS B 1076 -2.35 74.48 1.66
CA LYS B 1076 -3.15 73.75 2.68
C LYS B 1076 -4.21 74.63 3.32
N HIS B 1077 -3.85 75.85 3.76
CA HIS B 1077 -4.83 76.76 4.34
C HIS B 1077 -5.91 77.15 3.33
N SER B 1078 -5.55 77.34 2.06
CA SER B 1078 -6.54 77.60 1.01
C SER B 1078 -7.46 76.40 0.72
N VAL B 1079 -6.99 75.14 0.86
CA VAL B 1079 -7.86 73.94 0.86
C VAL B 1079 -8.88 73.99 2.00
N ALA B 1080 -8.44 74.33 3.22
CA ALA B 1080 -9.34 74.44 4.37
C ALA B 1080 -10.37 75.58 4.20
N GLN B 1081 -10.01 76.63 3.46
CA GLN B 1081 -10.92 77.70 3.01
C GLN B 1081 -11.73 77.34 1.74
N ARG B 1082 -11.65 76.09 1.26
CA ARG B 1082 -12.31 75.56 0.06
C ARG B 1082 -11.88 76.22 -1.27
N ASP B 1083 -10.86 77.08 -1.26
CA ASP B 1083 -10.27 77.67 -2.46
C ASP B 1083 -9.22 76.72 -3.05
N TYR B 1084 -9.71 75.64 -3.65
CA TYR B 1084 -8.85 74.62 -4.24
C TYR B 1084 -8.03 75.18 -5.41
N GLU B 1085 -8.50 76.24 -6.08
CA GLU B 1085 -7.75 76.92 -7.14
C GLU B 1085 -6.52 77.63 -6.57
N LYS B 1086 -6.62 78.36 -5.45
CA LYS B 1086 -5.43 78.82 -4.72
C LYS B 1086 -4.58 77.64 -4.28
N ALA B 1087 -5.18 76.52 -3.88
CA ALA B 1087 -4.39 75.36 -3.48
C ALA B 1087 -3.53 74.83 -4.64
N ILE B 1088 -4.11 74.65 -5.84
CA ILE B 1088 -3.34 74.30 -7.04
C ILE B 1088 -2.29 75.37 -7.33
N LYS B 1089 -2.64 76.66 -7.29
CA LYS B 1089 -1.69 77.75 -7.54
C LYS B 1089 -0.49 77.67 -6.59
N PHE B 1090 -0.72 77.64 -5.29
CA PHE B 1090 0.38 77.67 -4.33
C PHE B 1090 1.14 76.33 -4.22
N TYR B 1091 0.54 75.19 -4.59
CA TYR B 1091 1.32 73.98 -4.80
C TYR B 1091 2.11 74.00 -6.13
N ARG B 1092 1.61 74.64 -7.20
CA ARG B 1092 2.41 74.91 -8.39
C ARG B 1092 3.58 75.83 -8.06
N GLU B 1093 3.38 76.86 -7.24
CA GLU B 1093 4.50 77.65 -6.70
C GLU B 1093 5.46 76.79 -5.87
N ALA B 1094 4.94 75.88 -5.04
CA ALA B 1094 5.80 74.95 -4.30
C ALA B 1094 6.63 74.06 -5.24
N LEU B 1095 6.08 73.60 -6.38
CA LEU B 1095 6.84 72.91 -7.41
C LEU B 1095 7.84 73.83 -8.13
N VAL B 1096 7.45 75.06 -8.47
CA VAL B 1096 8.37 76.04 -9.09
C VAL B 1096 9.57 76.31 -8.17
N HIS B 1097 9.38 76.27 -6.85
CA HIS B 1097 10.49 76.23 -5.90
C HIS B 1097 11.23 74.87 -5.89
N CYS B 1098 10.53 73.75 -5.72
CA CYS B 1098 11.08 72.39 -5.69
C CYS B 1098 10.21 71.38 -6.46
N GLU B 1099 10.60 71.07 -7.69
CA GLU B 1099 9.83 70.21 -8.61
C GLU B 1099 9.71 68.75 -8.16
N THR B 1100 10.56 68.29 -7.23
CA THR B 1100 10.78 66.87 -6.90
C THR B 1100 10.71 66.55 -5.40
N ASP B 1101 10.10 67.41 -4.58
CA ASP B 1101 9.75 67.06 -3.19
C ASP B 1101 8.57 66.07 -3.13
N ASN B 1102 8.74 64.95 -2.43
CA ASN B 1102 7.76 63.86 -2.42
C ASN B 1102 6.36 64.29 -1.96
N LYS B 1103 6.26 65.10 -0.90
CA LYS B 1103 4.97 65.55 -0.36
C LYS B 1103 4.33 66.57 -1.29
N ILE B 1104 5.08 67.52 -1.85
CA ILE B 1104 4.56 68.52 -2.79
C ILE B 1104 4.06 67.87 -4.09
N MET B 1105 4.80 66.89 -4.64
CA MET B 1105 4.34 66.11 -5.78
C MET B 1105 3.02 65.40 -5.46
N LEU B 1106 2.96 64.70 -4.33
CA LEU B 1106 1.79 63.98 -3.88
C LEU B 1106 0.59 64.90 -3.61
N GLU B 1107 0.81 66.06 -3.00
CA GLU B 1107 -0.26 67.02 -2.71
C GLU B 1107 -0.79 67.71 -3.97
N LEU B 1108 0.06 68.10 -4.93
CA LEU B 1108 -0.47 68.60 -6.18
C LEU B 1108 -1.14 67.47 -6.99
N ALA B 1109 -0.66 66.23 -6.91
CA ALA B 1109 -1.39 65.09 -7.44
C ALA B 1109 -2.79 64.99 -6.79
N ARG B 1110 -2.89 65.04 -5.46
CA ARG B 1110 -4.19 65.08 -4.75
C ARG B 1110 -5.10 66.21 -5.23
N LEU B 1111 -4.57 67.38 -5.56
CA LEU B 1111 -5.39 68.51 -6.03
C LEU B 1111 -5.74 68.42 -7.51
N TYR B 1112 -4.82 67.99 -8.38
CA TYR B 1112 -5.16 67.59 -9.73
C TYR B 1112 -6.25 66.51 -9.72
N LEU B 1113 -6.20 65.56 -8.77
CA LEU B 1113 -7.31 64.63 -8.55
C LEU B 1113 -8.58 65.36 -8.07
N ALA B 1114 -8.52 66.16 -7.01
CA ALA B 1114 -9.69 66.79 -6.39
C ALA B 1114 -10.44 67.77 -7.30
N GLN B 1115 -9.73 68.42 -8.22
CA GLN B 1115 -10.27 69.33 -9.24
C GLN B 1115 -10.37 68.69 -10.63
N ASP B 1116 -10.44 67.37 -10.67
CA ASP B 1116 -10.90 66.57 -11.82
C ASP B 1116 -9.96 66.63 -13.04
N ASP B 1117 -8.65 66.72 -12.82
CA ASP B 1117 -7.59 66.53 -13.81
C ASP B 1117 -6.82 65.22 -13.53
N PRO B 1118 -7.39 64.06 -13.89
CA PRO B 1118 -6.76 62.77 -13.66
C PRO B 1118 -5.46 62.60 -14.46
N ASP B 1119 -5.33 63.28 -15.61
CA ASP B 1119 -4.11 63.22 -16.44
C ASP B 1119 -2.92 63.92 -15.77
N SER B 1120 -3.08 65.16 -15.30
CA SER B 1120 -2.01 65.84 -14.54
C SER B 1120 -1.74 65.17 -13.20
N CYS B 1121 -2.76 64.57 -12.59
CA CYS B 1121 -2.57 63.73 -11.43
C CYS B 1121 -1.68 62.51 -11.76
N LEU B 1122 -1.95 61.80 -12.86
CA LEU B 1122 -1.11 60.70 -13.34
C LEU B 1122 0.30 61.17 -13.70
N ARG B 1123 0.50 62.37 -14.26
CA ARG B 1123 1.84 62.95 -14.47
C ARG B 1123 2.60 63.06 -13.15
N GLN B 1124 2.02 63.69 -12.13
CA GLN B 1124 2.65 63.79 -10.81
C GLN B 1124 2.85 62.42 -10.15
N CYS B 1125 1.93 61.48 -10.30
CA CYS B 1125 2.12 60.09 -9.85
C CYS B 1125 3.31 59.43 -10.56
N ALA B 1126 3.39 59.51 -11.89
CA ALA B 1126 4.45 58.91 -12.68
C ALA B 1126 5.82 59.51 -12.33
N LEU B 1127 5.93 60.85 -12.24
CA LEU B 1127 7.14 61.53 -11.78
C LEU B 1127 7.52 61.11 -10.34
N LEU B 1128 6.55 61.03 -9.44
CA LEU B 1128 6.79 60.62 -8.06
C LEU B 1128 7.27 59.17 -8.00
N LEU B 1129 6.65 58.26 -8.75
CA LEU B 1129 7.07 56.86 -8.85
C LEU B 1129 8.44 56.70 -9.54
N GLN B 1130 8.78 57.56 -10.51
CA GLN B 1130 10.11 57.60 -11.11
C GLN B 1130 11.16 58.11 -10.10
N SER B 1131 10.79 59.05 -9.23
CA SER B 1131 11.69 59.57 -8.18
C SER B 1131 11.85 58.62 -6.99
N ASP B 1132 10.80 57.87 -6.64
CA ASP B 1132 10.82 56.75 -5.67
C ASP B 1132 9.69 55.74 -5.98
N GLN B 1133 10.07 54.55 -6.43
CA GLN B 1133 9.14 53.49 -6.82
C GLN B 1133 8.33 52.91 -5.64
N ASP B 1134 8.82 53.08 -4.41
CA ASP B 1134 8.23 52.49 -3.20
C ASP B 1134 7.27 53.44 -2.47
N ASN B 1135 6.94 54.59 -3.07
CA ASN B 1135 5.94 55.54 -2.56
C ASN B 1135 4.51 54.98 -2.68
N GLU B 1136 3.99 54.46 -1.56
CA GLU B 1136 2.72 53.74 -1.50
C GLU B 1136 1.54 54.61 -1.92
N ALA B 1137 1.49 55.87 -1.45
CA ALA B 1137 0.42 56.79 -1.78
C ALA B 1137 0.35 57.06 -3.29
N ALA B 1138 1.49 57.27 -3.97
CA ALA B 1138 1.53 57.42 -5.42
C ALA B 1138 1.05 56.15 -6.14
N THR B 1139 1.45 54.95 -5.69
CA THR B 1139 0.97 53.71 -6.32
C THR B 1139 -0.55 53.57 -6.17
N MET B 1140 -1.09 53.80 -4.97
CA MET B 1140 -2.52 53.67 -4.71
C MET B 1140 -3.35 54.75 -5.41
N MET B 1141 -2.85 55.99 -5.46
CA MET B 1141 -3.50 57.08 -6.20
C MET B 1141 -3.52 56.76 -7.70
N MET B 1142 -2.41 56.29 -8.26
CA MET B 1142 -2.35 55.82 -9.64
C MET B 1142 -3.30 54.64 -9.89
N ALA B 1143 -3.35 53.64 -8.99
CA ALA B 1143 -4.29 52.54 -9.11
C ALA B 1143 -5.76 53.01 -9.07
N ASP B 1144 -6.10 53.98 -8.23
CA ASP B 1144 -7.45 54.57 -8.22
C ASP B 1144 -7.78 55.27 -9.55
N LEU B 1145 -6.81 55.96 -10.15
CA LEU B 1145 -6.97 56.60 -11.46
C LEU B 1145 -7.11 55.56 -12.58
N MET B 1146 -6.35 54.46 -12.53
CA MET B 1146 -6.55 53.32 -13.43
C MET B 1146 -7.96 52.73 -13.26
N PHE B 1147 -8.42 52.53 -12.03
CA PHE B 1147 -9.79 52.10 -11.71
C PHE B 1147 -10.85 53.07 -12.28
N ARG B 1148 -10.69 54.39 -12.11
CA ARG B 1148 -11.59 55.39 -12.71
C ARG B 1148 -11.59 55.34 -14.26
N LYS B 1149 -10.44 55.08 -14.87
CA LYS B 1149 -10.27 54.83 -16.32
C LYS B 1149 -10.65 53.39 -16.75
N GLN B 1150 -11.18 52.57 -15.84
CA GLN B 1150 -11.59 51.18 -16.04
C GLN B 1150 -10.44 50.21 -16.42
N ASP B 1151 -9.20 50.61 -16.19
CA ASP B 1151 -8.00 49.75 -16.23
C ASP B 1151 -7.85 48.99 -14.90
N TYR B 1152 -8.90 48.25 -14.52
CA TYR B 1152 -8.98 47.52 -13.25
C TYR B 1152 -7.86 46.50 -13.07
N GLU B 1153 -7.46 45.83 -14.17
CA GLU B 1153 -6.37 44.86 -14.15
C GLU B 1153 -5.03 45.51 -13.77
N GLN B 1154 -4.76 46.72 -14.27
CA GLN B 1154 -3.59 47.51 -13.87
C GLN B 1154 -3.71 47.98 -12.42
N ALA B 1155 -4.87 48.51 -12.03
CA ALA B 1155 -5.11 48.94 -10.65
C ALA B 1155 -4.81 47.82 -9.64
N VAL B 1156 -5.34 46.63 -9.89
CA VAL B 1156 -5.03 45.40 -9.14
C VAL B 1156 -3.55 45.09 -9.19
N PHE B 1157 -2.98 44.95 -10.39
CA PHE B 1157 -1.61 44.50 -10.57
C PHE B 1157 -0.57 45.43 -9.92
N HIS B 1158 -0.78 46.74 -9.93
CA HIS B 1158 0.13 47.68 -9.27
C HIS B 1158 0.05 47.58 -7.75
N LEU B 1159 -1.14 47.35 -7.17
CA LEU B 1159 -1.23 47.06 -5.74
C LEU B 1159 -0.65 45.68 -5.38
N GLN B 1160 -0.82 44.68 -6.25
CA GLN B 1160 -0.19 43.36 -6.08
C GLN B 1160 1.34 43.46 -6.12
N GLN B 1161 1.92 44.20 -7.08
CA GLN B 1161 3.36 44.47 -7.11
C GLN B 1161 3.83 45.17 -5.83
N LEU B 1162 3.08 46.17 -5.37
CA LEU B 1162 3.41 46.87 -4.13
C LEU B 1162 3.35 45.93 -2.91
N LEU B 1163 2.39 45.02 -2.84
CA LEU B 1163 2.35 43.98 -1.82
C LEU B 1163 3.46 42.93 -1.98
N GLU B 1164 3.94 42.66 -3.20
CA GLU B 1164 5.11 41.79 -3.40
C GLU B 1164 6.43 42.47 -3.02
N ARG B 1165 6.50 43.81 -3.04
CA ARG B 1165 7.58 44.59 -2.40
C ARG B 1165 7.41 44.72 -0.87
N LYS B 1166 6.17 44.90 -0.42
CA LYS B 1166 5.77 45.20 0.98
C LYS B 1166 4.56 44.35 1.39
N PRO B 1167 4.73 43.05 1.71
CA PRO B 1167 3.62 42.14 2.03
C PRO B 1167 2.77 42.58 3.22
N ASP B 1168 3.42 43.17 4.22
CA ASP B 1168 2.78 43.72 5.40
C ASP B 1168 2.43 45.21 5.16
N ASN B 1169 1.31 45.44 4.45
CA ASN B 1169 0.84 46.78 4.12
C ASN B 1169 -0.70 46.85 4.07
N TYR B 1170 -1.30 47.11 5.23
CA TYR B 1170 -2.76 47.05 5.41
C TYR B 1170 -3.51 48.11 4.60
N MET B 1171 -2.91 49.24 4.25
CA MET B 1171 -3.56 50.17 3.32
C MET B 1171 -3.68 49.54 1.93
N THR B 1172 -2.56 49.11 1.34
CA THR B 1172 -2.56 48.51 -0.01
C THR B 1172 -3.43 47.26 -0.06
N LEU B 1173 -3.39 46.42 0.98
CA LEU B 1173 -4.24 45.25 1.09
C LEU B 1173 -5.73 45.61 1.13
N SER B 1174 -6.16 46.50 2.03
CA SER B 1174 -7.57 46.88 2.09
C SER B 1174 -8.04 47.59 0.82
N ARG B 1175 -7.17 48.37 0.14
CA ARG B 1175 -7.50 48.93 -1.19
C ARG B 1175 -7.70 47.82 -2.21
N LEU B 1176 -6.77 46.85 -2.29
CA LEU B 1176 -6.88 45.71 -3.19
C LEU B 1176 -8.13 44.86 -2.91
N ILE B 1177 -8.49 44.64 -1.65
CA ILE B 1177 -9.72 43.92 -1.29
C ILE B 1177 -10.95 44.62 -1.87
N ASP B 1178 -11.09 45.94 -1.73
CA ASP B 1178 -12.23 46.64 -2.34
C ASP B 1178 -12.19 46.63 -3.87
N LEU B 1179 -11.02 46.75 -4.50
CA LEU B 1179 -10.91 46.56 -5.96
C LEU B 1179 -11.44 45.18 -6.37
N LEU B 1180 -11.01 44.12 -5.68
CA LEU B 1180 -11.46 42.76 -5.92
C LEU B 1180 -12.94 42.57 -5.57
N ARG B 1181 -13.50 43.23 -4.56
CA ARG B 1181 -14.96 43.25 -4.36
C ARG B 1181 -15.68 43.90 -5.53
N ARG B 1182 -15.24 45.08 -5.98
CA ARG B 1182 -15.93 45.80 -7.05
C ARG B 1182 -15.79 45.09 -8.40
N CYS B 1183 -14.69 44.39 -8.63
CA CYS B 1183 -14.51 43.47 -9.77
C CYS B 1183 -15.33 42.18 -9.65
N GLY B 1184 -15.67 41.72 -8.45
CA GLY B 1184 -16.31 40.42 -8.19
C GLY B 1184 -15.33 39.23 -8.23
N LYS B 1185 -14.14 39.41 -7.65
CA LYS B 1185 -12.98 38.48 -7.70
C LYS B 1185 -12.34 38.22 -6.32
N LEU B 1186 -13.20 38.14 -5.29
CA LEU B 1186 -12.85 37.94 -3.86
C LEU B 1186 -11.97 36.72 -3.59
N GLU B 1187 -12.05 35.71 -4.44
CA GLU B 1187 -11.29 34.46 -4.35
C GLU B 1187 -9.76 34.68 -4.44
N ASP B 1188 -9.31 35.80 -5.01
CA ASP B 1188 -7.89 36.13 -5.16
C ASP B 1188 -7.24 36.65 -3.86
N VAL B 1189 -8.04 37.10 -2.88
CA VAL B 1189 -7.55 37.78 -1.66
C VAL B 1189 -6.66 36.91 -0.74
N PRO B 1190 -6.97 35.63 -0.43
CA PRO B 1190 -6.27 34.89 0.62
C PRO B 1190 -4.75 34.78 0.45
N ARG B 1191 -4.26 34.80 -0.80
CA ARG B 1191 -2.84 34.89 -1.14
C ARG B 1191 -2.14 36.00 -0.35
N PHE B 1192 -2.73 37.20 -0.32
CA PHE B 1192 -2.11 38.37 0.28
C PHE B 1192 -2.14 38.35 1.82
N PHE B 1193 -3.16 37.77 2.45
CA PHE B 1193 -3.08 37.43 3.88
C PHE B 1193 -1.93 36.45 4.14
N SER B 1194 -1.80 35.38 3.35
CA SER B 1194 -0.71 34.40 3.52
C SER B 1194 0.68 35.04 3.36
N MET B 1195 0.85 35.99 2.43
CA MET B 1195 2.11 36.72 2.24
C MET B 1195 2.47 37.55 3.47
N ALA B 1196 1.51 38.25 4.08
CA ALA B 1196 1.74 38.96 5.33
C ALA B 1196 2.11 37.99 6.48
N GLU B 1197 1.40 36.87 6.63
CA GLU B 1197 1.71 35.84 7.62
C GLU B 1197 3.08 35.19 7.41
N LYS B 1198 3.51 34.95 6.16
CA LYS B 1198 4.84 34.41 5.83
C LYS B 1198 5.97 35.38 6.19
N ARG B 1199 5.81 36.67 5.87
CA ARG B 1199 6.77 37.73 6.25
C ARG B 1199 6.81 37.94 7.77
N ASN B 1200 5.64 37.97 8.41
CA ASN B 1200 5.44 38.38 9.79
C ASN B 1200 4.41 37.44 10.45
N SER B 1201 4.90 36.48 11.24
CA SER B 1201 4.04 35.53 11.98
C SER B 1201 3.10 36.22 12.98
N ARG B 1202 3.46 37.42 13.46
CA ARG B 1202 2.62 38.25 14.34
C ARG B 1202 1.61 39.12 13.57
N ALA B 1203 1.61 39.14 12.23
CA ALA B 1203 0.70 39.99 11.45
C ALA B 1203 -0.78 39.78 11.84
N LYS B 1204 -1.18 38.54 12.15
CA LYS B 1204 -2.51 38.19 12.65
C LYS B 1204 -2.94 38.98 13.89
N LEU B 1205 -2.01 39.40 14.72
CA LEU B 1205 -2.27 40.16 15.95
C LEU B 1205 -2.50 41.67 15.69
N GLU B 1206 -2.19 42.17 14.50
CA GLU B 1206 -2.13 43.60 14.21
C GLU B 1206 -3.51 44.17 13.80
N PRO B 1207 -3.96 45.33 14.33
CA PRO B 1207 -5.27 45.88 14.01
C PRO B 1207 -5.53 46.12 12.52
N GLY B 1208 -4.51 46.41 11.72
CA GLY B 1208 -4.67 46.54 10.27
C GLY B 1208 -4.94 45.22 9.56
N PHE B 1209 -4.32 44.11 10.00
CA PHE B 1209 -4.67 42.77 9.53
C PHE B 1209 -6.11 42.43 9.92
N GLN B 1210 -6.46 42.67 11.18
CA GLN B 1210 -7.80 42.41 11.73
C GLN B 1210 -8.88 43.23 11.01
N TYR B 1211 -8.62 44.50 10.66
CA TYR B 1211 -9.46 45.30 9.79
C TYR B 1211 -9.57 44.70 8.36
N CYS B 1212 -8.46 44.35 7.71
CA CYS B 1212 -8.49 43.75 6.38
C CYS B 1212 -9.26 42.42 6.36
N LYS B 1213 -9.06 41.57 7.36
CA LYS B 1213 -9.78 40.30 7.53
C LYS B 1213 -11.27 40.53 7.82
N GLY B 1214 -11.62 41.50 8.66
CA GLY B 1214 -13.02 41.85 8.93
C GLY B 1214 -13.79 42.30 7.68
N LEU B 1215 -13.16 43.10 6.83
CA LEU B 1215 -13.72 43.48 5.53
C LEU B 1215 -14.01 42.23 4.67
N TYR B 1216 -13.07 41.29 4.59
CA TYR B 1216 -13.23 40.12 3.72
C TYR B 1216 -14.48 39.30 4.07
N LEU B 1217 -14.68 39.01 5.36
CA LEU B 1217 -15.78 38.17 5.82
C LEU B 1217 -17.16 38.80 5.64
N TRP B 1218 -17.25 40.13 5.69
CA TRP B 1218 -18.48 40.86 5.35
C TRP B 1218 -18.86 40.69 3.88
N TYR B 1219 -17.88 40.53 3.00
CA TYR B 1219 -18.09 40.30 1.57
C TYR B 1219 -18.30 38.82 1.22
N THR B 1220 -17.66 37.87 1.91
CA THR B 1220 -17.95 36.44 1.71
C THR B 1220 -19.33 36.04 2.22
N GLY B 1221 -19.83 36.67 3.29
CA GLY B 1221 -21.20 36.51 3.78
C GLY B 1221 -21.37 36.17 5.27
N GLU B 1222 -20.33 36.36 6.08
CA GLU B 1222 -20.29 35.94 7.48
C GLU B 1222 -20.27 37.17 8.42
N PRO B 1223 -21.42 37.82 8.68
CA PRO B 1223 -21.47 39.09 9.43
C PRO B 1223 -20.94 38.97 10.86
N ASN B 1224 -21.13 37.80 11.50
CA ASN B 1224 -20.61 37.53 12.83
C ASN B 1224 -19.07 37.46 12.85
N ASP B 1225 -18.46 36.81 11.86
CA ASP B 1225 -17.00 36.75 11.74
C ASP B 1225 -16.40 38.09 11.33
N ALA B 1226 -17.08 38.83 10.46
CA ALA B 1226 -16.72 40.21 10.18
C ALA B 1226 -16.70 41.05 11.46
N LEU B 1227 -17.77 41.01 12.27
CA LEU B 1227 -17.84 41.70 13.56
C LEU B 1227 -16.70 41.28 14.49
N ARG B 1228 -16.42 39.99 14.63
CA ARG B 1228 -15.32 39.47 15.47
C ARG B 1228 -13.97 40.06 15.06
N HIS B 1229 -13.66 40.07 13.77
CA HIS B 1229 -12.40 40.62 13.27
C HIS B 1229 -12.34 42.16 13.33
N PHE B 1230 -13.44 42.86 13.03
CA PHE B 1230 -13.50 44.31 13.25
C PHE B 1230 -13.31 44.69 14.73
N ASN B 1231 -13.94 43.96 15.65
CA ASN B 1231 -13.86 44.18 17.09
C ASN B 1231 -12.41 44.11 17.59
N LYS B 1232 -11.63 43.12 17.12
CA LYS B 1232 -10.19 43.01 17.44
C LYS B 1232 -9.36 44.20 16.94
N ALA B 1233 -9.79 44.87 15.88
CA ALA B 1233 -9.16 46.10 15.39
C ALA B 1233 -9.65 47.39 16.07
N ARG B 1234 -10.89 47.39 16.60
CA ARG B 1234 -11.76 48.59 16.73
C ARG B 1234 -11.20 49.82 17.47
N LYS B 1235 -10.27 49.65 18.40
CA LYS B 1235 -9.66 50.78 19.14
C LYS B 1235 -8.49 51.47 18.42
N ASP B 1236 -7.93 50.89 17.35
CA ASP B 1236 -6.82 51.50 16.60
C ASP B 1236 -7.19 52.82 15.90
N ARG B 1237 -6.28 53.80 15.95
CA ARG B 1237 -6.48 55.17 15.46
C ARG B 1237 -6.80 55.28 13.95
N ASP B 1238 -6.37 54.33 13.13
CA ASP B 1238 -6.75 54.26 11.71
C ASP B 1238 -7.67 53.05 11.45
N TRP B 1239 -7.13 51.85 11.68
CA TRP B 1239 -7.78 50.59 11.33
C TRP B 1239 -9.01 50.35 12.19
N GLY B 1240 -8.96 50.78 13.45
CA GLY B 1240 -10.06 50.63 14.39
C GLY B 1240 -11.18 51.62 14.12
N GLN B 1241 -10.84 52.87 13.80
CA GLN B 1241 -11.80 53.87 13.32
C GLN B 1241 -12.57 53.37 12.08
N ASN B 1242 -11.86 52.83 11.08
CA ASN B 1242 -12.51 52.29 9.88
C ASN B 1242 -13.28 50.97 10.15
N ALA B 1243 -12.77 50.12 11.05
CA ALA B 1243 -13.48 48.94 11.53
C ALA B 1243 -14.80 49.32 12.21
N LEU B 1244 -14.80 50.31 13.11
CA LEU B 1244 -15.98 50.80 13.84
C LEU B 1244 -17.12 51.18 12.89
N TYR B 1245 -16.85 51.96 11.83
CA TYR B 1245 -17.88 52.27 10.82
C TYR B 1245 -18.50 51.00 10.23
N ASN B 1246 -17.72 49.98 9.94
CA ASN B 1246 -18.26 48.72 9.40
C ASN B 1246 -18.95 47.84 10.47
N MET B 1247 -18.51 47.90 11.73
CA MET B 1247 -19.31 47.33 12.81
C MET B 1247 -20.67 48.02 12.90
N ILE B 1248 -20.72 49.35 12.79
CA ILE B 1248 -21.97 50.12 12.80
C ILE B 1248 -22.87 49.74 11.62
N GLU B 1249 -22.33 49.57 10.41
CA GLU B 1249 -23.08 49.06 9.26
C GLU B 1249 -23.78 47.74 9.57
N ILE B 1250 -23.05 46.76 10.13
CA ILE B 1250 -23.63 45.46 10.49
C ILE B 1250 -24.63 45.60 11.64
N CYS B 1251 -24.29 46.35 12.68
CA CYS B 1251 -25.15 46.50 13.85
C CYS B 1251 -26.45 47.25 13.53
N LEU B 1252 -26.44 48.17 12.55
CA LEU B 1252 -27.64 48.78 11.98
C LEU B 1252 -28.43 47.79 11.13
N ASN B 1253 -27.76 46.99 10.30
CA ASN B 1253 -28.40 46.27 9.19
C ASN B 1253 -27.68 44.94 8.88
N PRO B 1254 -27.80 43.93 9.77
CA PRO B 1254 -26.99 42.72 9.69
C PRO B 1254 -27.36 41.82 8.51
N ASP B 1255 -28.61 41.89 8.04
CA ASP B 1255 -29.08 41.22 6.82
C ASP B 1255 -28.79 42.03 5.53
N ASN B 1256 -28.18 43.21 5.64
CA ASN B 1256 -27.87 44.13 4.53
C ASN B 1256 -29.09 44.44 3.63
N GLU B 1257 -30.26 44.67 4.22
CA GLU B 1257 -31.51 44.93 3.48
C GLU B 1257 -31.68 46.40 3.10
N THR B 1258 -32.55 46.67 2.12
CA THR B 1258 -33.17 47.98 1.95
C THR B 1258 -34.06 48.27 3.18
N VAL B 1259 -33.60 49.15 4.08
CA VAL B 1259 -34.37 49.53 5.28
C VAL B 1259 -35.69 50.21 4.84
N GLY B 1260 -36.82 49.59 5.14
CA GLY B 1260 -38.13 50.01 4.65
C GLY B 1260 -38.47 49.62 3.21
N GLY B 1261 -37.71 48.72 2.57
CA GLY B 1261 -38.00 48.20 1.23
C GLY B 1261 -39.19 47.23 1.21
N GLU B 1262 -40.27 47.58 0.51
CA GLU B 1262 -41.53 46.84 0.53
C GLU B 1262 -41.47 45.50 -0.20
N VAL B 1263 -40.51 45.26 -1.10
CA VAL B 1263 -40.37 43.97 -1.79
C VAL B 1263 -39.97 42.86 -0.82
N PHE B 1264 -39.29 43.18 0.29
CA PHE B 1264 -38.80 42.18 1.25
C PHE B 1264 -39.13 42.46 2.74
N GLU B 1265 -39.33 43.70 3.20
CA GLU B 1265 -39.76 43.94 4.60
C GLU B 1265 -41.22 43.52 4.87
N ASN B 1266 -42.04 43.29 3.84
CA ASN B 1266 -43.35 42.61 4.00
C ASN B 1266 -43.21 41.08 4.16
N LEU B 1267 -42.02 40.51 3.90
CA LEU B 1267 -41.66 39.10 4.03
C LEU B 1267 -40.81 38.88 5.29
N ASP B 1268 -40.18 37.70 5.43
CA ASP B 1268 -39.43 37.26 6.63
C ASP B 1268 -40.26 37.24 7.93
N GLY B 1269 -41.60 37.31 7.84
CA GLY B 1269 -42.48 37.58 8.98
C GLY B 1269 -42.42 36.53 10.10
N ASP B 1270 -42.12 35.28 9.76
CA ASP B 1270 -41.95 34.18 10.74
C ASP B 1270 -40.79 34.44 11.73
N LEU B 1271 -39.79 35.23 11.35
CA LEU B 1271 -38.77 35.75 12.26
C LEU B 1271 -39.02 37.22 12.64
N GLY B 1272 -39.41 38.07 11.69
CA GLY B 1272 -39.57 39.52 11.88
C GLY B 1272 -40.69 39.93 12.83
N ASN B 1273 -41.72 39.11 12.98
CA ASN B 1273 -42.78 39.29 14.00
C ASN B 1273 -42.37 38.78 15.39
N SER B 1274 -41.26 38.04 15.51
CA SER B 1274 -40.81 37.48 16.79
C SER B 1274 -40.07 38.53 17.65
N THR B 1275 -40.30 38.48 18.97
CA THR B 1275 -39.53 39.28 19.93
C THR B 1275 -38.04 38.95 19.89
N GLU B 1276 -37.67 37.70 19.60
CA GLU B 1276 -36.28 37.26 19.51
C GLU B 1276 -35.48 38.05 18.46
N LYS B 1277 -35.97 38.14 17.22
CA LYS B 1277 -35.32 38.96 16.19
C LYS B 1277 -35.44 40.46 16.49
N GLN B 1278 -36.61 40.92 16.90
CA GLN B 1278 -36.84 42.35 17.20
C GLN B 1278 -35.90 42.88 18.28
N GLU B 1279 -35.86 42.25 19.46
CA GLU B 1279 -35.07 42.73 20.60
C GLU B 1279 -33.56 42.62 20.34
N SER B 1280 -33.08 41.52 19.77
CA SER B 1280 -31.65 41.36 19.44
C SER B 1280 -31.19 42.37 18.38
N VAL B 1281 -31.98 42.60 17.32
CA VAL B 1281 -31.68 43.64 16.32
C VAL B 1281 -31.72 45.03 16.95
N GLN B 1282 -32.76 45.37 17.74
CA GLN B 1282 -32.83 46.70 18.35
C GLN B 1282 -31.76 46.93 19.42
N LEU B 1283 -31.29 45.90 20.12
CA LEU B 1283 -30.09 46.01 20.95
C LEU B 1283 -28.85 46.32 20.10
N ALA B 1284 -28.67 45.66 18.96
CA ALA B 1284 -27.57 45.98 18.03
C ALA B 1284 -27.67 47.43 17.53
N VAL B 1285 -28.87 47.92 17.20
CA VAL B 1285 -29.10 49.34 16.86
C VAL B 1285 -28.72 50.26 18.03
N ARG B 1286 -29.28 50.03 19.22
CA ARG B 1286 -29.08 50.89 20.40
C ARG B 1286 -27.64 50.84 20.93
N THR B 1287 -26.87 49.79 20.60
CA THR B 1287 -25.42 49.68 20.87
C THR B 1287 -24.53 50.12 19.70
N ALA B 1288 -25.04 50.23 18.47
CA ALA B 1288 -24.33 50.94 17.41
C ALA B 1288 -24.09 52.41 17.80
N GLU B 1289 -25.01 53.02 18.56
CA GLU B 1289 -24.78 54.31 19.22
C GLU B 1289 -23.55 54.30 20.13
N LYS B 1290 -23.24 53.19 20.83
CA LYS B 1290 -22.02 53.09 21.63
C LYS B 1290 -20.77 52.95 20.77
N LEU B 1291 -20.83 52.19 19.67
CA LEU B 1291 -19.78 52.18 18.64
C LEU B 1291 -19.54 53.58 18.04
N LEU B 1292 -20.61 54.37 17.86
CA LEU B 1292 -20.54 55.77 17.44
C LEU B 1292 -19.92 56.68 18.53
N LYS B 1293 -20.21 56.44 19.81
CA LYS B 1293 -19.49 57.08 20.94
C LYS B 1293 -18.01 56.71 21.01
N GLU B 1294 -17.60 55.59 20.43
CA GLU B 1294 -16.19 55.22 20.25
C GLU B 1294 -15.53 55.87 19.00
N LEU B 1295 -16.31 56.25 17.98
CA LEU B 1295 -15.86 57.08 16.87
C LEU B 1295 -15.69 58.56 17.28
N LYS B 1296 -14.65 58.88 18.08
CA LYS B 1296 -14.28 60.28 18.35
C LYS B 1296 -13.91 60.97 17.01
N PRO B 1297 -14.58 62.07 16.63
CA PRO B 1297 -14.28 62.80 15.40
C PRO B 1297 -13.04 63.70 15.56
N GLN B 1298 -12.37 64.02 14.45
CA GLN B 1298 -11.25 64.97 14.40
C GLN B 1298 -11.43 66.10 13.36
N THR B 1299 -12.57 66.11 12.65
CA THR B 1299 -12.93 67.07 11.60
C THR B 1299 -14.44 67.35 11.63
N VAL B 1300 -14.90 68.45 11.02
CA VAL B 1300 -16.34 68.73 10.87
C VAL B 1300 -17.03 67.67 10.02
N GLN B 1301 -16.38 67.16 8.96
CA GLN B 1301 -16.92 66.04 8.18
C GLN B 1301 -17.10 64.77 9.04
N GLY B 1302 -16.18 64.51 9.96
CA GLY B 1302 -16.30 63.42 10.95
C GLY B 1302 -17.49 63.62 11.89
N HIS B 1303 -17.68 64.83 12.42
CA HIS B 1303 -18.87 65.16 13.22
C HIS B 1303 -20.18 64.96 12.42
N VAL B 1304 -20.23 65.41 11.16
CA VAL B 1304 -21.43 65.27 10.31
C VAL B 1304 -21.73 63.80 10.04
N GLN B 1305 -20.75 63.00 9.61
CA GLN B 1305 -20.95 61.57 9.34
C GLN B 1305 -21.33 60.78 10.62
N LEU B 1306 -20.73 61.12 11.76
CA LEU B 1306 -21.09 60.62 13.08
C LEU B 1306 -22.57 60.93 13.41
N ARG B 1307 -22.97 62.20 13.32
CA ARG B 1307 -24.34 62.66 13.59
C ARG B 1307 -25.35 61.98 12.67
N ILE B 1308 -25.01 61.83 11.38
CA ILE B 1308 -25.84 61.10 10.42
C ILE B 1308 -26.03 59.66 10.88
N MET B 1309 -24.96 58.93 11.22
CA MET B 1309 -25.08 57.52 11.62
C MET B 1309 -25.75 57.32 12.98
N GLU B 1310 -25.59 58.25 13.94
CA GLU B 1310 -26.44 58.28 15.15
C GLU B 1310 -27.92 58.44 14.78
N ASN B 1311 -28.23 59.27 13.78
CA ASN B 1311 -29.58 59.41 13.29
C ASN B 1311 -30.04 58.22 12.43
N TYR B 1312 -29.14 57.44 11.81
CA TYR B 1312 -29.47 56.13 11.26
C TYR B 1312 -29.84 55.14 12.36
N CYS B 1313 -29.18 55.18 13.53
CA CYS B 1313 -29.62 54.40 14.68
C CYS B 1313 -31.04 54.82 15.10
N LEU B 1314 -31.31 56.12 15.21
CA LEU B 1314 -32.63 56.66 15.53
C LEU B 1314 -33.71 56.25 14.51
N MET B 1315 -33.41 56.27 13.20
CA MET B 1315 -34.29 55.69 12.17
C MET B 1315 -34.58 54.21 12.43
N ALA B 1316 -33.52 53.42 12.62
CA ALA B 1316 -33.62 51.98 12.75
C ALA B 1316 -34.44 51.54 13.99
N THR B 1317 -34.63 52.40 15.00
CA THR B 1317 -35.59 52.12 16.10
C THR B 1317 -37.04 51.98 15.63
N LYS B 1318 -37.40 52.63 14.52
CA LYS B 1318 -38.78 52.79 14.01
C LYS B 1318 -39.78 53.46 14.99
N GLN B 1319 -39.30 54.01 16.11
CA GLN B 1319 -40.11 54.80 17.05
C GLN B 1319 -40.33 56.20 16.46
N LYS B 1320 -41.58 56.66 16.29
CA LYS B 1320 -41.87 57.80 15.40
C LYS B 1320 -41.10 59.08 15.75
N SER B 1321 -41.00 59.45 17.03
CA SER B 1321 -40.22 60.62 17.47
C SER B 1321 -38.73 60.53 17.10
N ASN B 1322 -38.11 59.36 17.24
CA ASN B 1322 -36.71 59.14 16.83
C ASN B 1322 -36.55 59.29 15.31
N VAL B 1323 -37.49 58.76 14.54
CA VAL B 1323 -37.46 58.83 13.07
C VAL B 1323 -37.69 60.25 12.56
N GLU B 1324 -38.62 61.01 13.17
CA GLU B 1324 -38.81 62.43 12.88
C GLU B 1324 -37.58 63.28 13.25
N GLN B 1325 -36.94 63.02 14.41
CA GLN B 1325 -35.68 63.68 14.76
C GLN B 1325 -34.60 63.38 13.71
N ALA B 1326 -34.47 62.12 13.29
CA ALA B 1326 -33.53 61.76 12.25
C ALA B 1326 -33.81 62.52 10.95
N LEU B 1327 -35.05 62.50 10.45
CA LEU B 1327 -35.47 63.29 9.29
C LEU B 1327 -35.09 64.77 9.44
N ASN B 1328 -35.34 65.36 10.62
CA ASN B 1328 -35.00 66.75 10.87
C ASN B 1328 -33.48 66.99 10.80
N THR B 1329 -32.64 66.16 11.42
CA THR B 1329 -31.18 66.32 11.27
C THR B 1329 -30.73 66.14 9.83
N PHE B 1330 -31.28 65.18 9.10
CA PHE B 1330 -30.93 64.95 7.71
C PHE B 1330 -31.32 66.16 6.84
N THR B 1331 -32.54 66.66 6.98
CA THR B 1331 -33.00 67.86 6.26
C THR B 1331 -32.21 69.11 6.65
N GLU B 1332 -31.83 69.29 7.91
CA GLU B 1332 -30.93 70.38 8.33
C GLU B 1332 -29.55 70.28 7.66
N ILE B 1333 -28.96 69.08 7.64
CA ILE B 1333 -27.67 68.86 6.97
C ILE B 1333 -27.81 69.08 5.46
N ALA B 1334 -28.85 68.55 4.83
CA ALA B 1334 -29.13 68.76 3.41
C ALA B 1334 -29.37 70.26 3.08
N ALA B 1335 -30.00 71.03 3.97
CA ALA B 1335 -30.15 72.47 3.79
C ALA B 1335 -28.79 73.20 3.85
N SER B 1336 -27.86 72.72 4.67
CA SER B 1336 -26.49 73.27 4.73
C SER B 1336 -25.59 72.79 3.59
N GLU B 1337 -25.85 71.60 3.05
CA GLU B 1337 -25.08 70.91 2.02
C GLU B 1337 -26.03 70.09 1.12
N LYS B 1338 -26.53 70.70 0.05
CA LYS B 1338 -27.62 70.14 -0.79
C LYS B 1338 -27.26 68.86 -1.57
N GLU B 1339 -25.99 68.48 -1.61
CA GLU B 1339 -25.48 67.27 -2.25
C GLU B 1339 -25.00 66.20 -1.25
N HIS B 1340 -25.25 66.35 0.06
CA HIS B 1340 -24.72 65.45 1.09
C HIS B 1340 -25.43 64.08 1.08
N ILE B 1341 -25.00 63.16 0.23
CA ILE B 1341 -25.68 61.87 -0.04
C ILE B 1341 -26.07 61.08 1.22
N PRO B 1342 -25.21 60.89 2.25
CA PRO B 1342 -25.60 60.16 3.46
C PRO B 1342 -26.79 60.79 4.20
N ALA B 1343 -26.96 62.11 4.16
CA ALA B 1343 -28.13 62.79 4.71
C ALA B 1343 -29.36 62.61 3.80
N LEU B 1344 -29.20 62.70 2.49
CA LEU B 1344 -30.30 62.51 1.54
C LEU B 1344 -30.88 61.08 1.62
N LEU B 1345 -30.01 60.06 1.77
CA LEU B 1345 -30.45 58.68 2.05
C LEU B 1345 -31.12 58.58 3.42
N GLY B 1346 -30.64 59.34 4.40
CA GLY B 1346 -31.30 59.49 5.69
C GLY B 1346 -32.74 59.99 5.54
N MET B 1347 -32.94 61.12 4.84
CA MET B 1347 -34.27 61.66 4.55
C MET B 1347 -35.18 60.61 3.93
N ALA B 1348 -34.72 59.98 2.85
CA ALA B 1348 -35.50 58.96 2.17
C ALA B 1348 -35.89 57.79 3.08
N THR B 1349 -34.94 57.29 3.85
CA THR B 1349 -35.17 56.14 4.75
C THR B 1349 -36.12 56.51 5.89
N ALA B 1350 -35.94 57.68 6.50
CA ALA B 1350 -36.85 58.17 7.53
C ALA B 1350 -38.27 58.36 6.96
N TYR B 1351 -38.39 59.02 5.81
CA TYR B 1351 -39.68 59.19 5.13
C TYR B 1351 -40.36 57.85 4.83
N MET B 1352 -39.63 56.83 4.36
CA MET B 1352 -40.18 55.49 4.17
C MET B 1352 -40.70 54.88 5.48
N ILE B 1353 -39.95 55.00 6.58
CA ILE B 1353 -40.36 54.50 7.89
C ILE B 1353 -41.59 55.26 8.42
N LEU B 1354 -41.66 56.56 8.15
CA LEU B 1354 -42.82 57.43 8.42
C LEU B 1354 -43.99 57.20 7.44
N LYS B 1355 -43.88 56.25 6.50
CA LYS B 1355 -44.82 55.98 5.40
C LYS B 1355 -45.06 57.17 4.44
N GLN B 1356 -44.25 58.23 4.52
CA GLN B 1356 -44.22 59.36 3.57
C GLN B 1356 -43.47 58.99 2.28
N THR B 1357 -43.81 57.86 1.67
CA THR B 1357 -43.07 57.31 0.53
C THR B 1357 -42.94 58.28 -0.66
N PRO B 1358 -43.91 59.18 -0.98
CA PRO B 1358 -43.72 60.14 -2.06
C PRO B 1358 -42.60 61.16 -1.78
N ARG B 1359 -42.39 61.52 -0.52
CA ARG B 1359 -41.30 62.42 -0.10
C ARG B 1359 -39.96 61.70 -0.15
N ALA B 1360 -39.91 60.40 0.16
CA ALA B 1360 -38.71 59.59 -0.03
C ALA B 1360 -38.30 59.49 -1.51
N ARG B 1361 -39.26 59.24 -2.39
CA ARG B 1361 -39.07 58.99 -3.84
C ARG B 1361 -38.28 60.10 -4.54
N ASN B 1362 -38.69 61.36 -4.39
CA ASN B 1362 -37.97 62.49 -5.00
C ASN B 1362 -36.58 62.70 -4.38
N GLN B 1363 -36.44 62.54 -3.06
CA GLN B 1363 -35.13 62.67 -2.40
C GLN B 1363 -34.14 61.57 -2.77
N LEU B 1364 -34.62 60.40 -3.24
CA LEU B 1364 -33.76 59.40 -3.89
C LEU B 1364 -33.47 59.72 -5.36
N LYS B 1365 -34.47 60.16 -6.17
CA LYS B 1365 -34.22 60.61 -7.56
C LYS B 1365 -33.12 61.69 -7.62
N ARG B 1366 -33.17 62.62 -6.67
CA ARG B 1366 -32.16 63.65 -6.41
C ARG B 1366 -30.73 63.07 -6.31
N ILE B 1367 -30.54 62.00 -5.54
CA ILE B 1367 -29.26 61.28 -5.45
C ILE B 1367 -28.93 60.58 -6.78
N ALA B 1368 -29.91 59.90 -7.40
CA ALA B 1368 -29.69 59.07 -8.59
C ALA B 1368 -29.15 59.84 -9.81
N LYS B 1369 -29.36 61.15 -9.89
CA LYS B 1369 -28.80 62.03 -10.95
C LYS B 1369 -27.31 62.36 -10.78
N MET B 1370 -26.75 62.21 -9.57
CA MET B 1370 -25.38 62.63 -9.24
C MET B 1370 -24.32 61.63 -9.75
N ASN B 1371 -23.10 62.10 -10.06
CA ASN B 1371 -21.97 61.21 -10.32
C ASN B 1371 -21.51 60.51 -9.04
N TRP B 1372 -21.11 59.24 -9.15
CA TRP B 1372 -20.57 58.45 -8.04
C TRP B 1372 -19.17 58.91 -7.60
N ASN B 1373 -18.83 58.64 -6.34
CA ASN B 1373 -17.48 58.77 -5.81
C ASN B 1373 -17.19 57.69 -4.76
N ALA B 1374 -15.91 57.40 -4.50
CA ALA B 1374 -15.48 56.32 -3.63
C ALA B 1374 -15.81 56.52 -2.13
N ILE B 1375 -16.09 57.75 -1.69
CA ILE B 1375 -16.38 58.06 -0.28
C ILE B 1375 -17.85 57.82 0.04
N ASP B 1376 -18.76 58.33 -0.78
CA ASP B 1376 -20.22 58.16 -0.69
C ASP B 1376 -20.73 56.84 -1.30
N ALA B 1377 -19.84 56.00 -1.83
CA ALA B 1377 -20.17 54.82 -2.61
C ALA B 1377 -21.22 53.90 -1.97
N GLU B 1378 -21.08 53.57 -0.69
CA GLU B 1378 -22.05 52.70 -0.03
C GLU B 1378 -23.44 53.36 0.08
N GLU B 1379 -23.52 54.66 0.35
CA GLU B 1379 -24.80 55.36 0.42
C GLU B 1379 -25.41 55.53 -0.96
N PHE B 1380 -24.59 55.71 -2.00
CA PHE B 1380 -25.03 55.62 -3.38
C PHE B 1380 -25.64 54.24 -3.67
N GLU B 1381 -24.89 53.18 -3.45
CA GLU B 1381 -25.34 51.81 -3.71
C GLU B 1381 -26.62 51.47 -2.92
N LYS B 1382 -26.71 51.85 -1.63
CA LYS B 1382 -27.94 51.70 -0.84
C LYS B 1382 -29.10 52.51 -1.41
N SER B 1383 -28.86 53.75 -1.80
CA SER B 1383 -29.92 54.65 -2.28
C SER B 1383 -30.54 54.15 -3.58
N TRP B 1384 -29.71 53.65 -4.50
CA TRP B 1384 -30.14 53.05 -5.76
C TRP B 1384 -30.99 51.79 -5.52
N LEU B 1385 -30.59 50.95 -4.57
CA LEU B 1385 -31.38 49.77 -4.17
C LEU B 1385 -32.72 50.15 -3.53
N LEU B 1386 -32.75 51.14 -2.63
CA LEU B 1386 -34.01 51.58 -2.03
C LEU B 1386 -34.95 52.20 -3.07
N LEU B 1387 -34.41 52.97 -4.01
CA LEU B 1387 -35.16 53.54 -5.10
C LEU B 1387 -35.66 52.46 -6.07
N ALA B 1388 -34.86 51.43 -6.35
CA ALA B 1388 -35.26 50.27 -7.15
C ALA B 1388 -36.44 49.50 -6.51
N ASP B 1389 -36.45 49.35 -5.18
CA ASP B 1389 -37.59 48.77 -4.47
C ASP B 1389 -38.87 49.60 -4.68
N ILE B 1390 -38.77 50.92 -4.50
CA ILE B 1390 -39.89 51.84 -4.73
C ILE B 1390 -40.35 51.78 -6.20
N TYR B 1391 -39.43 51.66 -7.16
CA TYR B 1391 -39.80 51.44 -8.55
C TYR B 1391 -40.51 50.10 -8.77
N ILE B 1392 -40.15 49.02 -8.06
CA ILE B 1392 -40.89 47.75 -8.13
C ILE B 1392 -42.29 47.90 -7.51
N GLN B 1393 -42.46 48.65 -6.42
CA GLN B 1393 -43.79 49.00 -5.89
C GLN B 1393 -44.63 49.71 -6.96
N SER B 1394 -44.01 50.62 -7.73
CA SER B 1394 -44.65 51.32 -8.86
C SER B 1394 -44.85 50.45 -10.12
N ALA B 1395 -44.32 49.22 -10.12
CA ALA B 1395 -44.25 48.28 -11.25
C ALA B 1395 -43.45 48.75 -12.49
N LYS B 1396 -42.81 49.93 -12.48
CA LYS B 1396 -41.93 50.41 -13.57
C LYS B 1396 -40.52 49.81 -13.42
N TYR B 1397 -40.44 48.50 -13.63
CA TYR B 1397 -39.25 47.67 -13.42
C TYR B 1397 -38.03 48.15 -14.20
N ASP B 1398 -38.21 48.80 -15.34
CA ASP B 1398 -37.11 49.25 -16.20
C ASP B 1398 -36.17 50.24 -15.47
N MET B 1399 -36.71 51.17 -14.67
CA MET B 1399 -35.88 52.08 -13.87
C MET B 1399 -35.22 51.36 -12.70
N ALA B 1400 -35.88 50.36 -12.10
CA ALA B 1400 -35.27 49.50 -11.09
C ALA B 1400 -34.09 48.71 -11.68
N GLU B 1401 -34.26 48.05 -12.83
CA GLU B 1401 -33.20 47.31 -13.51
C GLU B 1401 -31.99 48.21 -13.84
N ASP B 1402 -32.24 49.43 -14.34
CA ASP B 1402 -31.19 50.43 -14.56
C ASP B 1402 -30.43 50.73 -13.26
N LEU B 1403 -31.11 50.98 -12.14
CA LEU B 1403 -30.48 51.25 -10.86
C LEU B 1403 -29.69 50.04 -10.32
N LEU B 1404 -30.23 48.84 -10.46
CA LEU B 1404 -29.57 47.60 -10.06
C LEU B 1404 -28.29 47.36 -10.88
N LYS B 1405 -28.35 47.55 -12.20
CA LYS B 1405 -27.17 47.40 -13.09
C LYS B 1405 -26.15 48.52 -12.88
N ARG B 1406 -26.57 49.78 -12.70
CA ARG B 1406 -25.67 50.88 -12.30
C ARG B 1406 -24.96 50.59 -10.98
N CYS B 1407 -25.67 50.03 -10.00
CA CYS B 1407 -25.08 49.57 -8.75
C CYS B 1407 -24.00 48.49 -8.99
N LEU B 1408 -24.29 47.47 -9.80
CA LEU B 1408 -23.33 46.43 -10.16
C LEU B 1408 -22.12 46.98 -10.94
N ARG B 1409 -22.29 47.98 -11.81
CA ARG B 1409 -21.18 48.62 -12.54
C ARG B 1409 -20.18 49.30 -11.61
N HIS B 1410 -20.63 49.90 -10.50
CA HIS B 1410 -19.75 50.42 -9.45
C HIS B 1410 -19.29 49.36 -8.43
N ASN B 1411 -20.00 48.24 -8.32
CA ASN B 1411 -19.67 47.18 -7.37
C ASN B 1411 -20.31 45.82 -7.75
N ARG B 1412 -19.59 44.98 -8.52
CA ARG B 1412 -20.12 43.70 -9.04
C ARG B 1412 -20.43 42.67 -7.96
N SER B 1413 -20.03 42.88 -6.71
CA SER B 1413 -20.29 41.93 -5.62
C SER B 1413 -21.72 41.94 -5.06
N CYS B 1414 -22.53 42.96 -5.35
CA CYS B 1414 -23.74 43.25 -4.57
C CYS B 1414 -24.81 42.15 -4.69
N CYS B 1415 -24.92 41.29 -3.67
CA CYS B 1415 -25.93 40.22 -3.62
C CYS B 1415 -27.36 40.77 -3.73
N LYS B 1416 -27.68 41.88 -3.04
CA LYS B 1416 -29.01 42.46 -3.16
C LYS B 1416 -29.30 43.00 -4.57
N ALA B 1417 -28.32 43.50 -5.33
CA ALA B 1417 -28.56 43.88 -6.71
C ALA B 1417 -28.99 42.67 -7.57
N TYR B 1418 -28.32 41.52 -7.42
CA TYR B 1418 -28.73 40.28 -8.08
C TYR B 1418 -30.06 39.71 -7.56
N GLU B 1419 -30.35 39.79 -6.25
CA GLU B 1419 -31.54 39.11 -5.70
C GLU B 1419 -32.84 39.78 -6.16
N TYR B 1420 -32.86 41.12 -6.17
CA TYR B 1420 -33.94 41.90 -6.78
C TYR B 1420 -34.05 41.62 -8.30
N MET B 1421 -32.94 41.54 -9.03
CA MET B 1421 -32.97 41.26 -10.48
C MET B 1421 -33.49 39.84 -10.80
N GLY B 1422 -33.11 38.82 -10.01
CA GLY B 1422 -33.64 37.47 -10.13
C GLY B 1422 -35.15 37.40 -9.90
N TYR B 1423 -35.67 38.17 -8.93
CA TYR B 1423 -37.09 38.29 -8.72
C TYR B 1423 -37.81 38.93 -9.93
N ILE B 1424 -37.22 39.95 -10.58
CA ILE B 1424 -37.77 40.50 -11.82
C ILE B 1424 -37.76 39.45 -12.92
N MET B 1425 -36.67 38.70 -13.10
CA MET B 1425 -36.63 37.62 -14.11
C MET B 1425 -37.69 36.54 -13.85
N GLU B 1426 -37.97 36.18 -12.60
CA GLU B 1426 -39.05 35.24 -12.28
C GLU B 1426 -40.44 35.83 -12.56
N LYS B 1427 -40.70 37.10 -12.23
CA LYS B 1427 -41.93 37.82 -12.61
C LYS B 1427 -42.12 37.85 -14.14
N GLU B 1428 -41.05 38.06 -14.89
CA GLU B 1428 -41.05 37.99 -16.36
C GLU B 1428 -41.07 36.56 -16.93
N GLN B 1429 -41.24 35.52 -16.08
CA GLN B 1429 -41.26 34.11 -16.48
C GLN B 1429 -39.96 33.61 -17.14
N ALA B 1430 -38.86 34.34 -17.00
CA ALA B 1430 -37.53 33.94 -17.45
C ALA B 1430 -36.84 33.05 -16.39
N TYR B 1431 -37.41 31.87 -16.11
CA TYR B 1431 -36.95 30.97 -15.04
C TYR B 1431 -35.46 30.59 -15.17
N THR B 1432 -34.91 30.53 -16.38
CA THR B 1432 -33.46 30.31 -16.60
C THR B 1432 -32.61 31.50 -16.14
N ASP B 1433 -32.90 32.73 -16.56
CA ASP B 1433 -32.16 33.93 -16.14
C ASP B 1433 -32.39 34.25 -14.65
N ALA B 1434 -33.59 33.98 -14.15
CA ALA B 1434 -33.89 33.97 -12.73
C ALA B 1434 -33.00 32.96 -12.00
N ALA B 1435 -32.89 31.71 -12.47
CA ALA B 1435 -31.94 30.75 -11.92
C ALA B 1435 -30.48 31.22 -12.01
N LEU B 1436 -30.05 31.93 -13.06
CA LEU B 1436 -28.70 32.52 -13.11
C LEU B 1436 -28.49 33.55 -11.98
N ASN B 1437 -29.44 34.46 -11.78
CA ASN B 1437 -29.39 35.42 -10.67
C ASN B 1437 -29.44 34.71 -9.30
N TYR B 1438 -30.33 33.74 -9.13
CA TYR B 1438 -30.44 32.95 -7.91
C TYR B 1438 -29.21 32.08 -7.67
N GLU B 1439 -28.51 31.60 -8.69
CA GLU B 1439 -27.25 30.88 -8.52
C GLU B 1439 -26.17 31.82 -7.96
N MET B 1440 -26.04 33.04 -8.48
CA MET B 1440 -25.11 34.00 -7.88
C MET B 1440 -25.53 34.30 -6.45
N ALA B 1441 -26.81 34.55 -6.18
CA ALA B 1441 -27.26 34.84 -4.84
C ALA B 1441 -27.06 33.65 -3.88
N TRP B 1442 -27.25 32.41 -4.34
CA TRP B 1442 -26.96 31.20 -3.58
C TRP B 1442 -25.47 31.14 -3.23
N LYS B 1443 -24.61 31.24 -4.24
CA LYS B 1443 -23.15 31.24 -4.11
C LYS B 1443 -22.64 32.34 -3.18
N TYR B 1444 -22.99 33.59 -3.42
CA TYR B 1444 -22.49 34.72 -2.62
C TYR B 1444 -23.20 34.88 -1.27
N SER B 1445 -24.31 34.17 -1.00
CA SER B 1445 -24.78 33.97 0.37
C SER B 1445 -23.93 32.95 1.14
N ASN B 1446 -22.91 32.35 0.53
CA ASN B 1446 -22.23 31.15 1.03
C ASN B 1446 -23.23 30.02 1.37
N ARG B 1447 -24.25 29.88 0.52
CA ARG B 1447 -25.37 28.95 0.68
C ARG B 1447 -26.12 29.08 2.02
N THR B 1448 -26.16 30.30 2.58
CA THR B 1448 -26.91 30.61 3.83
C THR B 1448 -28.28 31.27 3.59
N ASN B 1449 -28.69 31.48 2.33
CA ASN B 1449 -30.00 32.02 1.97
C ASN B 1449 -30.94 30.89 1.45
N PRO B 1450 -31.60 30.13 2.34
CA PRO B 1450 -32.44 29.00 1.93
C PRO B 1450 -33.69 29.44 1.16
N ALA B 1451 -34.11 30.70 1.25
CA ALA B 1451 -35.18 31.22 0.40
C ALA B 1451 -34.74 31.28 -1.06
N VAL B 1452 -33.55 31.80 -1.35
CA VAL B 1452 -32.92 31.65 -2.67
C VAL B 1452 -32.64 30.18 -2.98
N GLY B 1453 -32.30 29.36 -1.99
CA GLY B 1453 -32.15 27.92 -2.16
C GLY B 1453 -33.42 27.28 -2.73
N TYR B 1454 -34.58 27.56 -2.13
CA TYR B 1454 -35.88 27.16 -2.64
C TYR B 1454 -36.09 27.67 -4.05
N LYS B 1455 -35.94 28.97 -4.27
CA LYS B 1455 -36.17 29.61 -5.58
C LYS B 1455 -35.29 29.00 -6.66
N LEU B 1456 -34.02 28.75 -6.38
CA LEU B 1456 -33.09 28.14 -7.31
C LEU B 1456 -33.53 26.72 -7.67
N ALA B 1457 -33.87 25.88 -6.67
CA ALA B 1457 -34.37 24.55 -6.94
C ALA B 1457 -35.69 24.59 -7.74
N PHE B 1458 -36.60 25.49 -7.39
CA PHE B 1458 -37.90 25.62 -8.02
C PHE B 1458 -37.77 26.09 -9.47
N ASN B 1459 -36.86 27.03 -9.74
CA ASN B 1459 -36.59 27.49 -11.10
C ASN B 1459 -35.94 26.37 -11.94
N TYR B 1460 -35.02 25.58 -11.37
CA TYR B 1460 -34.52 24.39 -12.07
C TYR B 1460 -35.61 23.34 -12.35
N LEU B 1461 -36.54 23.10 -11.42
CA LEU B 1461 -37.69 22.22 -11.62
C LEU B 1461 -38.52 22.73 -12.82
N LYS B 1462 -38.93 24.00 -12.84
CA LYS B 1462 -39.69 24.58 -13.96
C LYS B 1462 -38.93 24.67 -15.28
N ALA B 1463 -37.61 24.80 -15.25
CA ALA B 1463 -36.74 24.74 -16.44
C ALA B 1463 -36.54 23.32 -17.02
N LYS B 1464 -37.25 22.30 -16.51
CA LYS B 1464 -37.10 20.88 -16.87
C LYS B 1464 -35.69 20.34 -16.63
N ARG B 1465 -35.07 20.77 -15.52
CA ARG B 1465 -33.72 20.37 -15.06
C ARG B 1465 -33.81 19.63 -13.72
N TYR B 1466 -34.52 18.51 -13.69
CA TYR B 1466 -34.97 17.87 -12.45
C TYR B 1466 -33.82 17.38 -11.57
N VAL B 1467 -32.75 16.84 -12.17
CA VAL B 1467 -31.55 16.46 -11.41
C VAL B 1467 -30.91 17.67 -10.74
N ASP B 1468 -30.70 18.75 -11.47
CA ASP B 1468 -30.18 20.01 -10.89
C ASP B 1468 -31.10 20.54 -9.79
N SER B 1469 -32.42 20.44 -9.95
CA SER B 1469 -33.35 20.82 -8.87
C SER B 1469 -33.16 19.97 -7.61
N ILE B 1470 -33.02 18.65 -7.79
CA ILE B 1470 -32.79 17.74 -6.68
C ILE B 1470 -31.41 17.96 -6.08
N ASP B 1471 -30.38 18.29 -6.87
CA ASP B 1471 -29.10 18.68 -6.28
C ASP B 1471 -29.31 19.80 -5.26
N ILE B 1472 -29.96 20.88 -5.67
CA ILE B 1472 -30.18 22.01 -4.77
C ILE B 1472 -31.14 21.64 -3.62
N CYS B 1473 -32.15 20.78 -3.79
CA CYS B 1473 -32.95 20.41 -2.64
C CYS B 1473 -32.13 19.68 -1.57
N HIS B 1474 -31.13 18.89 -1.96
CA HIS B 1474 -30.17 18.35 -1.01
C HIS B 1474 -29.33 19.46 -0.37
N GLN B 1475 -28.80 20.39 -1.15
CA GLN B 1475 -27.98 21.47 -0.58
C GLN B 1475 -28.77 22.35 0.39
N VAL B 1476 -30.07 22.59 0.19
CA VAL B 1476 -30.91 23.32 1.15
C VAL B 1476 -31.08 22.53 2.44
N LEU B 1477 -31.38 21.22 2.36
CA LEU B 1477 -31.50 20.39 3.56
C LEU B 1477 -30.17 20.22 4.31
N GLU B 1478 -29.06 20.21 3.58
CA GLU B 1478 -27.71 20.27 4.15
C GLU B 1478 -27.47 21.62 4.87
N ALA B 1479 -27.77 22.74 4.21
CA ALA B 1479 -27.59 24.08 4.76
C ALA B 1479 -28.50 24.33 5.98
N HIS B 1480 -29.74 23.83 5.95
CA HIS B 1480 -30.72 23.89 7.03
C HIS B 1480 -31.55 22.61 7.11
N PRO B 1481 -31.31 21.72 8.08
CA PRO B 1481 -32.24 20.63 8.39
C PRO B 1481 -33.57 21.21 8.88
N THR B 1482 -34.68 20.49 8.66
CA THR B 1482 -36.06 20.90 9.02
C THR B 1482 -36.59 22.19 8.34
N TYR B 1483 -35.89 22.72 7.33
CA TYR B 1483 -36.36 23.88 6.56
C TYR B 1483 -37.70 23.56 5.87
N PRO B 1484 -38.78 24.32 6.11
CA PRO B 1484 -40.12 23.99 5.62
C PRO B 1484 -40.28 23.94 4.09
N LYS B 1485 -41.40 23.40 3.64
CA LYS B 1485 -41.94 23.36 2.27
C LYS B 1485 -41.14 22.57 1.23
N ILE B 1486 -39.81 22.74 1.17
CA ILE B 1486 -39.00 22.27 0.03
C ILE B 1486 -39.10 20.78 -0.21
N ARG B 1487 -39.10 19.97 0.85
CA ARG B 1487 -39.03 18.51 0.71
C ARG B 1487 -40.21 18.00 -0.08
N LYS B 1488 -41.43 18.40 0.29
CA LYS B 1488 -42.61 17.88 -0.37
C LYS B 1488 -42.77 18.48 -1.75
N ASP B 1489 -42.73 19.80 -1.83
CA ASP B 1489 -43.07 20.43 -3.10
C ASP B 1489 -42.00 20.30 -4.16
N ILE B 1490 -40.79 20.75 -3.88
CA ILE B 1490 -39.72 20.65 -4.88
C ILE B 1490 -39.13 19.27 -4.97
N LEU B 1491 -38.73 18.71 -3.83
CA LEU B 1491 -37.91 17.52 -3.89
C LEU B 1491 -38.76 16.34 -4.36
N ASP B 1492 -39.91 16.09 -3.73
CA ASP B 1492 -40.74 14.98 -4.19
C ASP B 1492 -41.39 15.22 -5.56
N LYS B 1493 -41.74 16.44 -6.01
CA LYS B 1493 -42.20 16.58 -7.40
C LYS B 1493 -41.06 16.40 -8.42
N ALA B 1494 -39.84 16.80 -8.10
CA ALA B 1494 -38.71 16.57 -9.00
C ALA B 1494 -38.36 15.09 -9.10
N ARG B 1495 -38.33 14.38 -7.95
CA ARG B 1495 -38.22 12.91 -7.92
C ARG B 1495 -39.33 12.26 -8.73
N ALA B 1496 -40.59 12.62 -8.51
CA ALA B 1496 -41.72 12.00 -9.21
C ALA B 1496 -41.65 12.17 -10.75
N SER B 1497 -41.08 13.24 -11.27
CA SER B 1497 -40.85 13.43 -12.71
C SER B 1497 -39.69 12.61 -13.27
N LEU B 1498 -38.74 12.19 -12.43
CA LEU B 1498 -37.36 11.95 -12.86
C LEU B 1498 -37.22 10.82 -13.90
N ARG B 1499 -37.94 9.71 -13.68
CA ARG B 1499 -38.44 8.84 -14.76
C ARG B 1499 -39.97 9.06 -14.77
N PRO B 1500 -40.59 9.53 -15.86
CA PRO B 1500 -41.99 9.97 -15.87
C PRO B 1500 -42.99 8.81 -15.69
N PHE C 1 -6.54 -50.96 -29.70
CA PHE C 1 -6.00 -49.62 -30.06
C PHE C 1 -5.18 -49.05 -28.91
N GLN C 2 -4.65 -47.83 -29.02
CA GLN C 2 -3.98 -47.16 -27.89
C GLN C 2 -4.87 -47.17 -26.64
N GLY C 3 -4.30 -47.50 -25.48
CA GLY C 3 -5.03 -47.63 -24.22
C GLY C 3 -4.62 -48.82 -23.37
N MET C 4 -5.49 -49.18 -22.42
CA MET C 4 -5.43 -50.35 -21.53
C MET C 4 -5.62 -51.69 -22.26
N PHE C 5 -5.47 -52.82 -21.55
CA PHE C 5 -5.75 -54.16 -22.09
C PHE C 5 -6.68 -55.01 -21.20
N PHE C 6 -7.52 -55.87 -21.79
CA PHE C 6 -8.62 -56.59 -21.13
C PHE C 6 -8.96 -57.92 -21.83
N TYR C 7 -9.44 -58.89 -21.05
CA TYR C 7 -9.73 -60.25 -21.51
C TYR C 7 -10.77 -60.89 -20.61
N LEU C 8 -11.52 -61.87 -21.11
CA LEU C 8 -12.57 -62.56 -20.36
C LEU C 8 -11.99 -63.56 -19.35
N SER C 9 -12.08 -63.23 -18.07
CA SER C 9 -11.39 -63.97 -16.99
C SER C 9 -12.22 -65.07 -16.31
N LYS C 10 -13.54 -65.01 -16.39
CA LYS C 10 -14.47 -65.78 -15.54
C LYS C 10 -15.84 -65.86 -16.20
N LYS C 11 -16.69 -66.76 -15.71
CA LYS C 11 -18.12 -66.81 -15.97
C LYS C 11 -18.85 -67.22 -14.70
N ILE C 12 -20.12 -66.90 -14.58
CA ILE C 12 -21.07 -67.51 -13.66
C ILE C 12 -22.30 -67.83 -14.47
N SER C 13 -22.83 -69.05 -14.44
CA SER C 13 -24.06 -69.41 -15.17
C SER C 13 -25.20 -69.67 -14.19
N ILE C 14 -26.37 -69.12 -14.48
CA ILE C 14 -27.50 -69.06 -13.55
C ILE C 14 -28.43 -70.25 -13.79
N PRO C 15 -28.95 -70.91 -12.74
CA PRO C 15 -29.86 -72.05 -12.85
C PRO C 15 -31.05 -71.83 -13.80
N ASN C 16 -31.46 -72.91 -14.46
CA ASN C 16 -32.54 -72.95 -15.45
C ASN C 16 -32.37 -71.98 -16.65
N ASN C 17 -31.19 -71.40 -16.84
CA ASN C 17 -30.92 -70.33 -17.80
C ASN C 17 -31.88 -69.13 -17.67
N VAL C 18 -32.20 -68.71 -16.43
CA VAL C 18 -33.01 -67.50 -16.17
C VAL C 18 -32.30 -66.25 -16.70
N LYS C 19 -32.89 -65.56 -17.67
CA LYS C 19 -32.31 -64.35 -18.28
C LYS C 19 -32.14 -63.22 -17.26
N LEU C 20 -30.94 -62.62 -17.19
CA LEU C 20 -30.70 -61.38 -16.45
C LEU C 20 -31.22 -60.18 -17.23
N GLN C 21 -31.87 -59.26 -16.53
CA GLN C 21 -32.22 -57.95 -17.05
C GLN C 21 -31.20 -56.88 -16.60
N CYS C 22 -30.73 -56.89 -15.34
CA CYS C 22 -29.83 -55.87 -14.81
C CYS C 22 -28.80 -56.43 -13.84
N VAL C 23 -27.64 -55.78 -13.73
CA VAL C 23 -26.58 -56.07 -12.75
C VAL C 23 -26.01 -54.75 -12.22
N SER C 24 -25.60 -54.70 -10.97
CA SER C 24 -24.76 -53.61 -10.48
C SER C 24 -23.88 -54.05 -9.32
N TRP C 25 -22.69 -53.48 -9.22
CA TRP C 25 -21.64 -53.94 -8.32
C TRP C 25 -21.31 -52.87 -7.26
N ASN C 26 -21.52 -53.21 -6.00
CA ASN C 26 -21.16 -52.40 -4.84
C ASN C 26 -19.66 -52.11 -4.86
N LYS C 27 -19.22 -50.99 -4.27
CA LYS C 27 -17.82 -50.55 -4.33
C LYS C 27 -17.22 -50.34 -2.94
N GLU C 28 -18.01 -50.02 -1.91
CA GLU C 28 -17.53 -49.94 -0.53
C GLU C 28 -17.31 -51.30 0.14
N GLN C 29 -17.98 -52.36 -0.32
CA GLN C 29 -17.92 -53.72 0.24
C GLN C 29 -17.89 -54.84 -0.83
N GLY C 30 -18.13 -54.52 -2.09
CA GLY C 30 -17.76 -55.41 -3.21
C GLY C 30 -18.78 -56.48 -3.64
N PHE C 31 -19.96 -56.54 -3.02
CA PHE C 31 -21.06 -57.39 -3.49
C PHE C 31 -21.47 -57.08 -4.94
N ILE C 32 -21.71 -58.09 -5.76
CA ILE C 32 -22.49 -57.96 -6.99
C ILE C 32 -23.95 -58.20 -6.61
N ALA C 33 -24.89 -57.49 -7.22
CA ALA C 33 -26.29 -57.85 -7.24
C ALA C 33 -26.77 -57.94 -8.68
N CYS C 34 -27.54 -58.98 -9.01
CA CYS C 34 -28.07 -59.21 -10.34
C CYS C 34 -29.54 -59.62 -10.28
N GLY C 35 -30.33 -59.02 -11.16
CA GLY C 35 -31.78 -59.17 -11.26
C GLY C 35 -32.19 -59.73 -12.62
N GLY C 36 -32.92 -60.84 -12.61
CA GLY C 36 -33.39 -61.53 -13.79
C GLY C 36 -34.91 -61.67 -13.82
N GLU C 37 -35.40 -62.45 -14.77
CA GLU C 37 -36.83 -62.71 -14.93
C GLU C 37 -37.40 -63.61 -13.81
N ASP C 38 -38.72 -63.74 -13.77
CA ASP C 38 -39.43 -64.58 -12.77
C ASP C 38 -39.05 -64.27 -11.31
N GLY C 39 -38.83 -62.99 -10.99
CA GLY C 39 -38.51 -62.55 -9.63
C GLY C 39 -37.09 -62.89 -9.18
N LEU C 40 -36.19 -63.33 -10.06
CA LEU C 40 -34.81 -63.62 -9.69
C LEU C 40 -34.09 -62.36 -9.17
N LEU C 41 -33.62 -62.44 -7.94
CA LEU C 41 -32.54 -61.61 -7.41
C LEU C 41 -31.48 -62.52 -6.77
N LYS C 42 -30.21 -62.23 -7.04
CA LYS C 42 -29.05 -62.88 -6.40
C LYS C 42 -28.00 -61.84 -6.02
N VAL C 43 -27.38 -62.05 -4.85
CA VAL C 43 -26.16 -61.36 -4.42
C VAL C 43 -24.99 -62.35 -4.44
N LEU C 44 -23.88 -61.93 -5.02
CA LEU C 44 -22.67 -62.72 -5.28
C LEU C 44 -21.46 -61.94 -4.77
N LYS C 45 -20.43 -62.57 -4.18
CA LYS C 45 -19.17 -61.88 -3.85
C LYS C 45 -17.93 -62.67 -4.27
N LEU C 46 -17.04 -62.09 -5.07
CA LEU C 46 -15.76 -62.70 -5.46
C LEU C 46 -14.71 -62.63 -4.34
N GLU C 47 -13.80 -63.61 -4.26
CA GLU C 47 -12.64 -63.60 -3.35
C GLU C 47 -11.46 -64.40 -3.93
N THR C 48 -10.23 -64.09 -3.50
CA THR C 48 -8.98 -64.82 -3.83
C THR C 48 -8.08 -64.97 -2.60
N SER C 62 -17.38 -69.44 -11.37
CA SER C 62 -16.50 -68.78 -10.40
C SER C 62 -16.44 -69.41 -9.00
N ASN C 63 -15.33 -69.15 -8.29
CA ASN C 63 -15.04 -69.59 -6.92
C ASN C 63 -15.59 -68.62 -5.83
N LEU C 64 -16.69 -67.93 -6.12
CA LEU C 64 -17.29 -66.89 -5.28
C LEU C 64 -17.56 -67.33 -3.82
N SER C 65 -17.35 -66.43 -2.87
CA SER C 65 -17.35 -66.70 -1.43
C SER C 65 -18.73 -66.59 -0.78
N MET C 66 -19.67 -65.88 -1.39
CA MET C 66 -21.08 -65.82 -0.98
C MET C 66 -21.99 -65.80 -2.19
N ASN C 67 -23.11 -66.52 -2.12
CA ASN C 67 -24.09 -66.64 -3.19
C ASN C 67 -25.48 -66.82 -2.56
N GLN C 68 -26.22 -65.73 -2.41
CA GLN C 68 -27.53 -65.69 -1.79
C GLN C 68 -28.58 -65.26 -2.81
N THR C 69 -29.58 -66.11 -3.09
CA THR C 69 -30.80 -65.65 -3.78
C THR C 69 -31.75 -65.00 -2.78
N LEU C 70 -32.53 -64.03 -3.25
CA LEU C 70 -33.41 -63.18 -2.48
C LEU C 70 -34.81 -63.21 -3.10
N GLU C 71 -35.85 -63.31 -2.26
CA GLU C 71 -37.22 -63.65 -2.68
C GLU C 71 -38.27 -62.66 -2.15
N GLY C 72 -39.26 -62.35 -2.98
CA GLY C 72 -40.33 -61.39 -2.69
C GLY C 72 -40.89 -60.74 -3.97
N HIS C 73 -40.03 -60.53 -4.98
CA HIS C 73 -40.43 -60.00 -6.28
C HIS C 73 -41.37 -60.91 -7.07
N SER C 74 -42.24 -60.29 -7.88
CA SER C 74 -43.33 -60.95 -8.62
C SER C 74 -43.13 -60.98 -10.15
N GLY C 75 -42.07 -60.36 -10.66
CA GLY C 75 -41.71 -60.32 -12.08
C GLY C 75 -40.24 -59.97 -12.29
N SER C 76 -39.83 -59.68 -13.52
CA SER C 76 -38.42 -59.34 -13.82
C SER C 76 -37.93 -58.16 -12.99
N VAL C 77 -36.79 -58.33 -12.32
CA VAL C 77 -36.26 -57.35 -11.36
C VAL C 77 -35.46 -56.29 -12.14
N GLN C 78 -36.19 -55.41 -12.84
CA GLN C 78 -35.60 -54.46 -13.80
C GLN C 78 -34.89 -53.24 -13.17
N VAL C 79 -35.02 -53.00 -11.87
CA VAL C 79 -34.15 -52.06 -11.16
C VAL C 79 -33.47 -52.74 -9.98
N VAL C 80 -32.14 -52.65 -9.97
CA VAL C 80 -31.28 -53.03 -8.86
C VAL C 80 -30.32 -51.86 -8.66
N THR C 81 -30.17 -51.34 -7.45
CA THR C 81 -29.23 -50.23 -7.23
C THR C 81 -28.69 -50.18 -5.80
N TRP C 82 -27.48 -49.67 -5.63
CA TRP C 82 -26.69 -49.70 -4.40
C TRP C 82 -26.60 -48.34 -3.73
N ASN C 83 -26.84 -48.29 -2.42
CA ASN C 83 -26.31 -47.23 -1.57
C ASN C 83 -24.87 -47.60 -1.21
N GLU C 84 -23.88 -46.74 -1.45
CA GLU C 84 -22.50 -47.03 -1.03
C GLU C 84 -22.28 -46.61 0.44
N GLN C 85 -22.71 -45.40 0.81
CA GLN C 85 -22.42 -44.78 2.09
C GLN C 85 -23.08 -45.50 3.27
N TYR C 86 -24.20 -46.16 3.03
CA TYR C 86 -24.92 -46.99 3.98
C TYR C 86 -25.08 -48.40 3.41
N GLN C 87 -25.11 -49.42 4.26
CA GLN C 87 -25.06 -50.84 3.91
C GLN C 87 -26.39 -51.35 3.31
N LYS C 88 -26.90 -50.76 2.21
CA LYS C 88 -28.25 -51.01 1.67
C LYS C 88 -28.31 -51.26 0.16
N LEU C 89 -29.04 -52.30 -0.22
CA LEU C 89 -29.40 -52.64 -1.59
C LEU C 89 -30.86 -52.24 -1.83
N THR C 90 -31.17 -51.57 -2.93
CA THR C 90 -32.54 -51.21 -3.33
C THR C 90 -32.94 -51.97 -4.58
N THR C 91 -34.14 -52.54 -4.63
CA THR C 91 -34.61 -53.26 -5.83
C THR C 91 -36.10 -53.07 -6.11
N SER C 92 -36.48 -53.11 -7.38
CA SER C 92 -37.88 -53.17 -7.80
C SER C 92 -38.07 -53.92 -9.12
N ASP C 93 -39.26 -54.47 -9.31
CA ASP C 93 -39.62 -55.29 -10.46
C ASP C 93 -40.68 -54.63 -11.35
N GLU C 94 -41.04 -55.29 -12.45
CA GLU C 94 -42.14 -54.89 -13.34
C GLU C 94 -43.55 -54.95 -12.70
N ASN C 95 -43.67 -55.34 -11.43
CA ASN C 95 -44.91 -55.30 -10.64
C ASN C 95 -44.86 -54.28 -9.50
N GLY C 96 -43.81 -53.45 -9.45
CA GLY C 96 -43.78 -52.20 -8.71
C GLY C 96 -43.60 -52.32 -7.19
N LEU C 97 -43.31 -53.53 -6.70
CA LEU C 97 -42.81 -53.75 -5.34
C LEU C 97 -41.37 -53.23 -5.21
N ILE C 98 -41.17 -52.22 -4.37
CA ILE C 98 -39.88 -51.60 -4.08
C ILE C 98 -39.43 -52.12 -2.72
N ILE C 99 -38.20 -52.64 -2.64
CA ILE C 99 -37.66 -53.29 -1.43
C ILE C 99 -36.28 -52.68 -1.13
N VAL C 100 -35.99 -52.36 0.15
CA VAL C 100 -34.61 -52.06 0.55
C VAL C 100 -34.11 -53.09 1.55
N TRP C 101 -33.04 -53.78 1.15
CA TRP C 101 -32.39 -54.85 1.89
C TRP C 101 -31.20 -54.30 2.70
N MET C 102 -30.90 -54.93 3.84
CA MET C 102 -29.72 -54.64 4.66
C MET C 102 -28.96 -55.93 4.95
N LEU C 103 -27.63 -55.86 4.95
CA LEU C 103 -26.78 -56.99 5.33
C LEU C 103 -26.70 -57.10 6.86
N TYR C 104 -27.46 -58.03 7.43
CA TYR C 104 -27.58 -58.30 8.86
C TYR C 104 -27.14 -59.72 9.19
N LYS C 105 -26.20 -59.90 10.13
CA LYS C 105 -25.60 -61.19 10.49
C LYS C 105 -25.18 -62.02 9.27
N GLY C 106 -24.55 -61.37 8.30
CA GLY C 106 -24.05 -61.98 7.07
C GLY C 106 -25.11 -62.36 6.02
N SER C 107 -26.34 -61.87 6.15
CA SER C 107 -27.46 -62.16 5.24
C SER C 107 -28.16 -60.88 4.79
N TRP C 108 -28.56 -60.76 3.52
CA TRP C 108 -29.38 -59.64 3.06
C TRP C 108 -30.86 -59.83 3.43
N ILE C 109 -31.30 -59.26 4.55
CA ILE C 109 -32.71 -59.25 4.99
C ILE C 109 -33.46 -58.02 4.43
N GLU C 110 -34.80 -58.04 4.40
CA GLU C 110 -35.60 -56.87 4.05
C GLU C 110 -35.71 -55.88 5.23
N GLU C 111 -35.46 -54.58 5.01
CA GLU C 111 -35.64 -53.53 6.01
C GLU C 111 -36.96 -52.76 5.83
N MET C 112 -37.26 -52.34 4.60
CA MET C 112 -38.50 -51.61 4.27
C MET C 112 -39.12 -52.16 2.97
N ILE C 113 -40.45 -52.11 2.87
CA ILE C 113 -41.23 -52.56 1.71
C ILE C 113 -42.27 -51.52 1.28
N ASN C 114 -42.45 -51.34 -0.03
CA ASN C 114 -43.25 -50.24 -0.57
C ASN C 114 -43.90 -50.65 -1.91
N ASN C 115 -45.11 -50.20 -2.22
CA ASN C 115 -45.74 -50.41 -3.53
C ASN C 115 -46.76 -49.32 -3.83
N ARG C 116 -46.57 -48.55 -4.91
CA ARG C 116 -47.50 -47.49 -5.35
C ARG C 116 -48.79 -48.04 -5.94
N ASN C 117 -48.81 -49.31 -6.34
CA ASN C 117 -49.93 -50.00 -6.95
C ASN C 117 -50.43 -49.38 -8.28
N LYS C 118 -49.57 -48.77 -9.09
CA LYS C 118 -50.00 -48.12 -10.36
C LYS C 118 -49.13 -48.32 -11.62
N SER C 119 -47.80 -48.18 -11.55
CA SER C 119 -46.93 -48.21 -12.75
C SER C 119 -45.58 -48.86 -12.52
N VAL C 120 -44.91 -49.25 -13.61
CA VAL C 120 -43.53 -49.74 -13.61
C VAL C 120 -42.58 -48.66 -13.08
N VAL C 121 -41.74 -49.00 -12.10
CA VAL C 121 -40.58 -48.20 -11.73
C VAL C 121 -39.53 -48.32 -12.83
N ARG C 122 -39.29 -47.26 -13.58
CA ARG C 122 -38.38 -47.30 -14.71
C ARG C 122 -36.93 -47.14 -14.31
N SER C 123 -36.63 -46.36 -13.27
CA SER C 123 -35.26 -46.15 -12.83
C SER C 123 -35.19 -45.54 -11.43
N MET C 124 -33.99 -45.48 -10.87
CA MET C 124 -33.66 -44.92 -9.58
C MET C 124 -32.29 -44.26 -9.63
N SER C 125 -32.01 -43.38 -8.68
CA SER C 125 -30.63 -43.07 -8.30
C SER C 125 -30.59 -42.56 -6.89
N TRP C 126 -29.71 -43.12 -6.06
CA TRP C 126 -29.26 -42.41 -4.87
C TRP C 126 -28.51 -41.14 -5.25
N ASN C 127 -28.53 -40.12 -4.39
CA ASN C 127 -27.77 -38.89 -4.59
C ASN C 127 -26.29 -39.10 -4.21
N ALA C 128 -25.42 -38.17 -4.60
CA ALA C 128 -23.97 -38.34 -4.44
C ALA C 128 -23.49 -38.54 -2.97
N ASP C 129 -24.26 -38.09 -1.98
CA ASP C 129 -24.00 -38.31 -0.55
C ASP C 129 -24.70 -39.54 0.06
N GLY C 130 -25.54 -40.26 -0.69
CA GLY C 130 -26.26 -41.43 -0.19
C GLY C 130 -27.36 -41.14 0.83
N GLN C 131 -27.73 -39.88 1.02
CA GLN C 131 -28.77 -39.43 1.96
C GLN C 131 -30.20 -39.47 1.38
N LYS C 132 -30.36 -39.52 0.05
CA LYS C 132 -31.65 -39.45 -0.66
C LYS C 132 -31.69 -40.42 -1.83
N ILE C 133 -32.86 -40.95 -2.16
CA ILE C 133 -33.13 -41.68 -3.41
C ILE C 133 -34.19 -40.95 -4.20
N CYS C 134 -33.98 -40.86 -5.51
CA CYS C 134 -34.96 -40.44 -6.50
C CYS C 134 -35.48 -41.69 -7.21
N ILE C 135 -36.79 -41.85 -7.33
CA ILE C 135 -37.42 -43.02 -7.95
C ILE C 135 -38.39 -42.53 -9.03
N VAL C 136 -38.25 -42.97 -10.28
CA VAL C 136 -39.04 -42.44 -11.39
C VAL C 136 -39.89 -43.50 -12.08
N TYR C 137 -41.19 -43.30 -12.04
CA TYR C 137 -42.17 -44.19 -12.64
C TYR C 137 -42.34 -43.89 -14.13
N GLU C 138 -42.97 -44.80 -14.87
CA GLU C 138 -43.22 -44.58 -16.29
C GLU C 138 -44.34 -43.58 -16.56
N ASP C 139 -45.44 -43.61 -15.80
CA ASP C 139 -46.63 -42.81 -16.10
C ASP C 139 -46.46 -41.31 -15.87
N GLY C 140 -45.52 -40.92 -15.01
CA GLY C 140 -45.17 -39.51 -14.79
C GLY C 140 -44.83 -39.18 -13.35
N ALA C 141 -45.17 -40.03 -12.38
CA ALA C 141 -44.84 -39.72 -10.99
C ALA C 141 -43.33 -39.60 -10.77
N VAL C 142 -42.95 -38.96 -9.67
CA VAL C 142 -41.59 -38.95 -9.14
C VAL C 142 -41.69 -39.07 -7.63
N ILE C 143 -40.77 -39.76 -6.95
CA ILE C 143 -40.63 -39.62 -5.50
C ILE C 143 -39.19 -39.23 -5.18
N VAL C 144 -38.98 -38.41 -4.17
CA VAL C 144 -37.69 -38.34 -3.47
C VAL C 144 -37.88 -38.76 -2.01
N GLY C 145 -37.10 -39.72 -1.53
CA GLY C 145 -37.18 -40.25 -0.17
C GLY C 145 -35.82 -40.20 0.53
N SER C 146 -35.81 -39.97 1.83
CA SER C 146 -34.57 -40.02 2.61
C SER C 146 -34.06 -41.46 2.74
N VAL C 147 -32.78 -41.63 3.08
CA VAL C 147 -32.22 -42.90 3.58
C VAL C 147 -32.96 -43.41 4.83
N ASP C 148 -33.69 -42.54 5.54
CA ASP C 148 -34.64 -42.95 6.59
C ASP C 148 -35.84 -43.78 6.08
N GLY C 149 -36.07 -43.80 4.77
CA GLY C 149 -37.24 -44.37 4.09
C GLY C 149 -38.45 -43.41 4.00
N ASN C 150 -38.46 -42.33 4.79
CA ASN C 150 -39.50 -41.32 4.77
C ASN C 150 -39.50 -40.53 3.45
N ARG C 151 -40.67 -40.41 2.80
CA ARG C 151 -40.88 -39.63 1.58
C ARG C 151 -40.76 -38.14 1.86
N ILE C 152 -40.05 -37.42 0.99
CA ILE C 152 -39.87 -35.97 1.09
C ILE C 152 -40.89 -35.23 0.22
N TRP C 153 -40.90 -35.50 -1.09
CA TRP C 153 -41.83 -34.88 -2.04
C TRP C 153 -42.18 -35.83 -3.20
N GLY C 154 -43.28 -35.55 -3.89
CA GLY C 154 -43.67 -36.31 -5.08
C GLY C 154 -44.57 -35.53 -6.04
N LYS C 155 -44.06 -35.24 -7.23
CA LYS C 155 -44.78 -34.63 -8.36
C LYS C 155 -45.64 -35.67 -9.09
N ASP C 156 -46.27 -35.25 -10.18
CA ASP C 156 -46.65 -36.13 -11.28
C ASP C 156 -46.52 -35.35 -12.60
N LEU C 157 -45.50 -35.61 -13.39
CA LEU C 157 -45.06 -34.77 -14.53
C LEU C 157 -45.97 -34.89 -15.76
N LYS C 158 -47.29 -34.78 -15.58
CA LYS C 158 -48.32 -35.17 -16.54
C LYS C 158 -48.07 -34.54 -17.91
N GLY C 159 -47.96 -35.39 -18.92
CA GLY C 159 -47.67 -35.02 -20.31
C GLY C 159 -46.67 -35.96 -20.99
N ILE C 160 -45.65 -36.47 -20.27
CA ILE C 160 -44.54 -37.25 -20.83
C ILE C 160 -44.10 -38.37 -19.86
N GLN C 161 -43.59 -39.48 -20.40
CA GLN C 161 -43.12 -40.66 -19.66
C GLN C 161 -41.59 -40.69 -19.52
N LEU C 162 -41.06 -40.83 -18.31
CA LEU C 162 -39.67 -40.49 -18.00
C LEU C 162 -38.64 -41.48 -18.59
N SER C 163 -38.62 -42.73 -18.13
CA SER C 163 -37.67 -43.80 -18.46
C SER C 163 -36.24 -43.69 -17.90
N HIS C 164 -35.76 -42.56 -17.40
CA HIS C 164 -34.41 -42.41 -16.81
C HIS C 164 -34.30 -41.28 -15.78
N VAL C 165 -33.26 -41.31 -14.96
CA VAL C 165 -32.92 -40.28 -13.97
C VAL C 165 -31.42 -40.23 -13.69
N THR C 166 -30.84 -39.07 -13.32
CA THR C 166 -29.62 -38.97 -12.49
C THR C 166 -29.68 -37.75 -11.56
N TRP C 167 -28.90 -37.72 -10.47
CA TRP C 167 -28.58 -36.45 -9.81
C TRP C 167 -27.40 -35.76 -10.51
N SER C 168 -27.13 -34.52 -10.11
CA SER C 168 -25.88 -33.78 -10.29
C SER C 168 -24.91 -34.04 -9.14
N ALA C 169 -23.64 -33.67 -9.34
CA ALA C 169 -22.58 -34.00 -8.40
C ALA C 169 -22.81 -33.47 -6.97
N ASP C 170 -23.40 -32.27 -6.86
CA ASP C 170 -23.77 -31.60 -5.61
C ASP C 170 -25.17 -32.00 -5.10
N SER C 171 -25.92 -32.80 -5.88
CA SER C 171 -27.33 -33.14 -5.68
C SER C 171 -28.33 -31.99 -5.80
N LYS C 172 -27.95 -30.85 -6.39
CA LYS C 172 -28.84 -29.69 -6.58
C LYS C 172 -29.74 -29.80 -7.81
N VAL C 173 -29.35 -30.58 -8.79
CA VAL C 173 -30.06 -30.73 -10.06
C VAL C 173 -30.38 -32.19 -10.27
N LEU C 174 -31.49 -32.47 -10.91
CA LEU C 174 -31.87 -33.79 -11.39
C LEU C 174 -31.89 -33.73 -12.91
N LEU C 175 -31.43 -34.77 -13.59
CA LEU C 175 -31.76 -34.97 -15.00
C LEU C 175 -32.88 -36.01 -15.04
N PHE C 176 -34.07 -35.70 -15.56
CA PHE C 176 -34.98 -36.76 -15.95
C PHE C 176 -34.78 -36.95 -17.43
N GLY C 177 -34.70 -38.19 -17.85
CA GLY C 177 -34.92 -38.51 -19.25
C GLY C 177 -36.40 -38.51 -19.56
N MET C 178 -36.72 -38.58 -20.84
CA MET C 178 -38.05 -38.81 -21.39
C MET C 178 -37.95 -39.87 -22.48
N ALA C 179 -38.89 -40.80 -22.45
CA ALA C 179 -38.92 -41.98 -23.29
C ALA C 179 -38.92 -41.67 -24.79
N ASN C 180 -39.39 -40.51 -25.22
CA ASN C 180 -39.33 -40.11 -26.63
C ASN C 180 -37.94 -39.60 -27.08
N GLY C 181 -36.90 -39.87 -26.29
CA GLY C 181 -35.51 -39.47 -26.57
C GLY C 181 -35.24 -37.99 -26.33
N GLU C 182 -35.68 -37.49 -25.18
CA GLU C 182 -35.67 -36.07 -24.81
C GLU C 182 -35.30 -35.96 -23.33
N ILE C 183 -34.56 -34.93 -22.90
CA ILE C 183 -34.03 -34.85 -21.54
C ILE C 183 -34.38 -33.50 -20.92
N HIS C 184 -34.93 -33.49 -19.71
CA HIS C 184 -35.40 -32.29 -19.03
C HIS C 184 -34.72 -32.18 -17.68
N ILE C 185 -34.24 -30.99 -17.35
CA ILE C 185 -33.42 -30.66 -16.19
C ILE C 185 -34.30 -30.00 -15.13
N TYR C 186 -34.26 -30.46 -13.90
CA TYR C 186 -35.08 -29.94 -12.81
C TYR C 186 -34.21 -29.55 -11.64
N ASP C 187 -34.60 -28.61 -10.81
CA ASP C 187 -33.94 -28.51 -9.51
C ASP C 187 -34.32 -29.70 -8.63
N ASN C 188 -33.63 -29.87 -7.49
CA ASN C 188 -33.92 -30.94 -6.56
C ASN C 188 -35.25 -30.83 -5.78
N GLN C 189 -36.11 -29.86 -6.13
CA GLN C 189 -37.49 -29.73 -5.66
C GLN C 189 -38.49 -30.04 -6.78
N GLY C 190 -38.02 -30.46 -7.97
CA GLY C 190 -38.88 -30.82 -9.09
C GLY C 190 -39.41 -29.62 -9.87
N ASN C 191 -38.80 -28.44 -9.77
CA ASN C 191 -39.17 -27.27 -10.56
C ASN C 191 -38.49 -27.33 -11.93
N PHE C 192 -39.25 -27.37 -13.03
CA PHE C 192 -38.68 -27.53 -14.36
C PHE C 192 -37.79 -26.35 -14.75
N MET C 193 -36.50 -26.60 -14.98
CA MET C 193 -35.59 -25.56 -15.40
C MET C 193 -35.52 -25.44 -16.89
N ILE C 194 -35.11 -26.48 -17.62
CA ILE C 194 -34.98 -26.41 -19.08
C ILE C 194 -34.91 -27.80 -19.75
N LYS C 195 -35.18 -27.89 -21.05
CA LYS C 195 -34.82 -29.01 -21.92
C LYS C 195 -33.32 -28.98 -22.27
N MET C 196 -32.61 -30.10 -22.12
CA MET C 196 -31.19 -30.23 -22.51
C MET C 196 -31.01 -30.27 -24.05
N LYS C 197 -29.95 -29.64 -24.59
CA LYS C 197 -29.59 -29.72 -26.01
C LYS C 197 -28.94 -31.07 -26.37
N LEU C 198 -29.58 -31.84 -27.26
CA LEU C 198 -29.12 -33.19 -27.65
C LEU C 198 -28.36 -33.19 -28.99
N SER C 199 -27.27 -32.43 -29.04
CA SER C 199 -26.54 -32.10 -30.28
C SER C 199 -25.95 -33.31 -31.03
N CYS C 200 -25.71 -34.46 -30.39
CA CYS C 200 -25.29 -35.68 -31.10
C CYS C 200 -26.37 -36.25 -32.04
N LEU C 201 -27.64 -35.82 -31.91
CA LEU C 201 -28.75 -36.31 -32.75
C LEU C 201 -28.94 -35.50 -34.04
N VAL C 202 -27.94 -34.75 -34.49
CA VAL C 202 -27.92 -34.13 -35.81
C VAL C 202 -27.92 -35.19 -36.91
N ASN C 203 -28.64 -35.00 -38.00
CA ASN C 203 -28.79 -35.98 -39.08
C ASN C 203 -29.26 -37.36 -38.58
N VAL C 204 -30.50 -37.42 -38.09
CA VAL C 204 -31.18 -38.60 -37.54
C VAL C 204 -32.61 -38.66 -38.09
N THR C 205 -33.19 -39.86 -38.20
CA THR C 205 -34.56 -40.07 -38.68
C THR C 205 -35.33 -41.04 -37.79
N GLY C 206 -36.63 -40.75 -37.55
CA GLY C 206 -37.52 -41.57 -36.74
C GLY C 206 -37.35 -41.37 -35.23
N ALA C 207 -37.88 -42.31 -34.45
CA ALA C 207 -37.82 -42.26 -32.99
C ALA C 207 -36.40 -42.48 -32.43
N ILE C 208 -36.15 -41.88 -31.27
CA ILE C 208 -34.91 -41.99 -30.48
C ILE C 208 -35.29 -42.47 -29.08
N SER C 209 -34.42 -43.24 -28.43
CA SER C 209 -34.57 -43.59 -27.01
C SER C 209 -33.25 -43.48 -26.27
N ILE C 210 -33.25 -42.93 -25.06
CA ILE C 210 -32.07 -42.91 -24.18
C ILE C 210 -31.71 -44.35 -23.82
N ALA C 211 -30.53 -44.81 -24.27
CA ALA C 211 -29.95 -46.09 -23.89
C ALA C 211 -29.33 -46.01 -22.49
N GLY C 212 -28.77 -44.84 -22.12
CA GLY C 212 -28.30 -44.59 -20.77
C GLY C 212 -27.83 -43.16 -20.55
N ILE C 213 -27.77 -42.77 -19.27
CA ILE C 213 -27.07 -41.57 -18.79
C ILE C 213 -26.21 -42.03 -17.61
N HIS C 214 -24.95 -41.57 -17.54
CA HIS C 214 -24.15 -41.73 -16.33
C HIS C 214 -23.29 -40.48 -16.08
N TRP C 215 -23.29 -39.99 -14.85
CA TRP C 215 -22.54 -38.80 -14.45
C TRP C 215 -21.51 -39.20 -13.39
N TYR C 216 -20.22 -39.03 -13.70
CA TYR C 216 -19.16 -39.20 -12.72
C TYR C 216 -19.14 -38.01 -11.75
N HIS C 217 -19.49 -38.24 -10.48
CA HIS C 217 -19.57 -37.21 -9.45
C HIS C 217 -18.21 -36.74 -8.91
N GLY C 218 -17.10 -37.14 -9.54
CA GLY C 218 -15.77 -36.57 -9.30
C GLY C 218 -15.04 -37.11 -8.07
N THR C 219 -15.52 -38.19 -7.44
CA THR C 219 -15.04 -38.57 -6.10
C THR C 219 -13.54 -38.94 -6.03
N GLU C 220 -12.94 -39.47 -7.07
CA GLU C 220 -11.49 -39.72 -7.18
C GLU C 220 -10.74 -38.57 -7.85
N GLY C 221 -11.37 -37.42 -8.04
CA GLY C 221 -10.87 -36.36 -8.90
C GLY C 221 -11.05 -36.68 -10.38
N TYR C 222 -11.14 -35.63 -11.20
CA TYR C 222 -11.30 -35.72 -12.66
C TYR C 222 -9.97 -35.89 -13.39
N VAL C 223 -10.02 -36.37 -14.64
CA VAL C 223 -8.83 -36.53 -15.50
C VAL C 223 -8.12 -35.20 -15.76
N GLU C 224 -8.89 -34.12 -15.91
CA GLU C 224 -8.41 -32.73 -15.99
C GLU C 224 -9.44 -31.80 -15.31
N PRO C 225 -9.06 -30.61 -14.83
CA PRO C 225 -10.04 -29.58 -14.48
C PRO C 225 -10.88 -29.20 -15.72
N ASP C 226 -12.20 -29.07 -15.55
CA ASP C 226 -13.19 -28.86 -16.62
C ASP C 226 -13.26 -29.99 -17.68
N CYS C 227 -12.77 -31.20 -17.38
CA CYS C 227 -13.01 -32.41 -18.17
C CYS C 227 -14.52 -32.71 -18.31
N PRO C 228 -14.98 -33.38 -19.39
CA PRO C 228 -16.32 -33.95 -19.46
C PRO C 228 -16.61 -34.92 -18.29
N CYS C 229 -17.79 -34.81 -17.69
CA CYS C 229 -18.24 -35.51 -16.47
C CYS C 229 -19.50 -36.36 -16.68
N LEU C 230 -20.36 -35.94 -17.60
CA LEU C 230 -21.71 -36.46 -17.81
C LEU C 230 -21.80 -37.11 -19.20
N ALA C 231 -22.07 -38.40 -19.28
CA ALA C 231 -22.24 -39.14 -20.53
C ALA C 231 -23.72 -39.46 -20.76
N VAL C 232 -24.19 -39.24 -21.99
CA VAL C 232 -25.53 -39.59 -22.48
C VAL C 232 -25.37 -40.45 -23.72
N CYS C 233 -26.19 -41.47 -23.90
CA CYS C 233 -26.17 -42.33 -25.10
C CYS C 233 -27.57 -42.84 -25.49
N PHE C 234 -27.75 -43.14 -26.78
CA PHE C 234 -29.03 -43.41 -27.41
C PHE C 234 -29.05 -44.74 -28.17
N ASP C 235 -30.23 -45.33 -28.33
CA ASP C 235 -30.44 -46.64 -28.93
C ASP C 235 -29.96 -46.76 -30.40
N ASN C 236 -29.88 -45.63 -31.12
CA ASN C 236 -29.29 -45.52 -32.46
C ASN C 236 -27.74 -45.59 -32.49
N GLY C 237 -27.08 -45.59 -31.33
CA GLY C 237 -25.61 -45.65 -31.20
C GLY C 237 -24.91 -44.30 -31.09
N ARG C 238 -25.63 -43.17 -31.09
CA ARG C 238 -25.06 -41.84 -30.79
C ARG C 238 -24.74 -41.72 -29.30
N CYS C 239 -23.66 -41.02 -28.97
CA CYS C 239 -23.25 -40.70 -27.61
C CYS C 239 -22.72 -39.25 -27.53
N GLN C 240 -22.88 -38.66 -26.36
CA GLN C 240 -22.68 -37.23 -26.10
C GLN C 240 -22.11 -37.07 -24.68
N ILE C 241 -20.92 -36.48 -24.51
CA ILE C 241 -20.29 -36.31 -23.20
C ILE C 241 -20.12 -34.82 -22.86
N MET C 242 -20.85 -34.36 -21.84
CA MET C 242 -20.93 -32.98 -21.33
C MET C 242 -19.95 -32.71 -20.17
N ARG C 243 -19.52 -31.45 -20.05
CA ARG C 243 -18.82 -30.90 -18.87
C ARG C 243 -19.75 -30.59 -17.69
N HIS C 244 -20.99 -30.17 -17.97
CA HIS C 244 -22.07 -29.97 -16.99
C HIS C 244 -23.44 -30.07 -17.69
N GLU C 245 -24.53 -30.08 -16.92
CA GLU C 245 -25.89 -30.36 -17.42
C GLU C 245 -26.39 -29.48 -18.58
N ASN C 246 -25.83 -28.29 -18.78
CA ASN C 246 -26.15 -27.41 -19.92
C ASN C 246 -24.88 -26.98 -20.68
N ASP C 247 -23.88 -27.87 -20.76
CA ASP C 247 -22.81 -27.75 -21.74
C ASP C 247 -23.37 -27.91 -23.17
N GLN C 248 -23.40 -26.81 -23.93
CA GLN C 248 -23.92 -26.77 -25.28
C GLN C 248 -22.87 -27.05 -26.37
N ASN C 249 -21.63 -27.37 -25.99
CA ASN C 249 -20.56 -27.84 -26.90
C ASN C 249 -19.92 -29.15 -26.39
N PRO C 250 -20.71 -30.21 -26.15
CA PRO C 250 -20.21 -31.48 -25.62
C PRO C 250 -19.37 -32.25 -26.66
N VAL C 251 -18.67 -33.28 -26.19
CA VAL C 251 -17.98 -34.28 -27.04
C VAL C 251 -19.02 -35.14 -27.76
N LEU C 252 -18.90 -35.31 -29.08
CA LEU C 252 -19.83 -36.08 -29.92
C LEU C 252 -19.20 -37.40 -30.41
N ILE C 253 -19.93 -38.50 -30.30
CA ILE C 253 -19.48 -39.85 -30.67
C ILE C 253 -20.58 -40.58 -31.45
N ASP C 254 -20.26 -41.19 -32.59
CA ASP C 254 -21.07 -42.26 -33.18
C ASP C 254 -20.35 -43.58 -32.95
N THR C 255 -20.92 -44.46 -32.13
CA THR C 255 -20.35 -45.77 -31.80
C THR C 255 -20.51 -46.81 -32.92
N GLY C 256 -21.45 -46.61 -33.86
CA GLY C 256 -21.71 -47.57 -34.94
C GLY C 256 -22.34 -48.90 -34.49
N MET C 257 -23.04 -48.93 -33.35
CA MET C 257 -23.66 -50.13 -32.79
C MET C 257 -24.97 -49.82 -32.04
N TYR C 258 -25.81 -50.83 -31.82
CA TYR C 258 -27.02 -50.72 -31.00
C TYR C 258 -26.65 -50.78 -29.52
N VAL C 259 -26.68 -49.64 -28.82
CA VAL C 259 -26.30 -49.54 -27.40
C VAL C 259 -27.44 -49.95 -26.49
N VAL C 260 -27.10 -50.68 -25.42
CA VAL C 260 -28.00 -51.14 -24.35
C VAL C 260 -27.76 -50.41 -23.02
N GLY C 261 -26.53 -49.95 -22.75
CA GLY C 261 -26.20 -49.18 -21.54
C GLY C 261 -24.77 -48.66 -21.49
N ILE C 262 -24.49 -47.72 -20.57
CA ILE C 262 -23.17 -47.07 -20.40
C ILE C 262 -22.78 -46.95 -18.91
N GLN C 263 -21.49 -47.08 -18.60
CA GLN C 263 -20.93 -46.89 -17.25
C GLN C 263 -19.52 -46.29 -17.24
N TRP C 264 -19.28 -45.24 -16.46
CA TRP C 264 -17.93 -44.82 -16.07
C TRP C 264 -17.27 -45.84 -15.13
N ASN C 265 -15.95 -46.02 -15.24
CA ASN C 265 -15.16 -46.67 -14.18
C ASN C 265 -15.14 -45.80 -12.91
N HIS C 266 -14.74 -46.37 -11.77
CA HIS C 266 -14.79 -45.66 -10.47
C HIS C 266 -13.96 -44.37 -10.45
N MET C 267 -12.82 -44.36 -11.14
CA MET C 267 -11.94 -43.18 -11.26
C MET C 267 -12.41 -42.15 -12.32
N GLY C 268 -13.49 -42.41 -13.06
CA GLY C 268 -14.01 -41.50 -14.09
C GLY C 268 -13.11 -41.31 -15.32
N SER C 269 -12.07 -42.13 -15.47
CA SER C 269 -11.07 -42.07 -16.54
C SER C 269 -11.42 -42.90 -17.78
N VAL C 270 -12.42 -43.80 -17.69
CA VAL C 270 -12.92 -44.60 -18.82
C VAL C 270 -14.45 -44.67 -18.79
N LEU C 271 -15.10 -44.54 -19.95
CA LEU C 271 -16.51 -44.87 -20.17
C LEU C 271 -16.59 -46.22 -20.91
N ALA C 272 -17.31 -47.19 -20.36
CA ALA C 272 -17.66 -48.42 -21.06
C ALA C 272 -19.07 -48.30 -21.64
N VAL C 273 -19.25 -48.71 -22.89
CA VAL C 273 -20.53 -48.70 -23.61
C VAL C 273 -20.85 -50.13 -24.05
N ALA C 274 -21.92 -50.72 -23.50
CA ALA C 274 -22.36 -52.07 -23.83
C ALA C 274 -23.44 -52.06 -24.92
N GLY C 275 -23.29 -52.91 -25.92
CA GLY C 275 -24.25 -53.02 -27.02
C GLY C 275 -24.03 -54.25 -27.89
N PHE C 276 -24.58 -54.21 -29.10
CA PHE C 276 -24.35 -55.22 -30.11
C PHE C 276 -24.34 -54.59 -31.50
N GLN C 277 -23.58 -55.22 -32.41
CA GLN C 277 -23.36 -54.76 -33.77
C GLN C 277 -23.72 -55.88 -34.75
N LYS C 278 -24.29 -55.53 -35.91
CA LYS C 278 -24.54 -56.52 -36.98
C LYS C 278 -23.19 -57.11 -37.44
N ALA C 279 -23.05 -58.42 -37.44
CA ALA C 279 -21.80 -59.09 -37.80
C ALA C 279 -21.49 -58.92 -39.31
N ALA C 280 -20.21 -58.88 -39.67
CA ALA C 280 -19.74 -58.33 -40.94
C ALA C 280 -20.17 -59.10 -42.20
N MET C 281 -20.59 -60.35 -42.07
CA MET C 281 -20.93 -61.26 -43.17
C MET C 281 -22.28 -61.98 -42.94
N GLN C 282 -23.10 -61.52 -41.99
CA GLN C 282 -24.28 -62.23 -41.48
C GLN C 282 -25.44 -61.28 -41.14
N ASP C 283 -26.67 -61.79 -41.18
CA ASP C 283 -27.87 -61.14 -40.62
C ASP C 283 -28.06 -61.56 -39.16
N LYS C 284 -26.98 -61.42 -38.37
CA LYS C 284 -26.85 -61.84 -36.96
C LYS C 284 -26.07 -60.78 -36.19
N ASP C 285 -26.42 -60.52 -34.94
CA ASP C 285 -25.75 -59.51 -34.11
C ASP C 285 -24.73 -60.15 -33.16
N VAL C 286 -23.57 -59.52 -32.98
CA VAL C 286 -22.56 -59.91 -31.99
C VAL C 286 -22.48 -58.87 -30.86
N ASN C 287 -22.46 -59.33 -29.62
CA ASN C 287 -22.34 -58.47 -28.44
C ASN C 287 -20.93 -57.90 -28.32
N ILE C 288 -20.81 -56.60 -28.07
CA ILE C 288 -19.55 -55.90 -27.87
C ILE C 288 -19.67 -54.90 -26.72
N VAL C 289 -18.57 -54.71 -25.99
CA VAL C 289 -18.36 -53.51 -25.15
C VAL C 289 -17.30 -52.67 -25.83
N GLN C 290 -17.59 -51.38 -26.06
CA GLN C 290 -16.60 -50.41 -26.53
C GLN C 290 -16.18 -49.50 -25.39
N PHE C 291 -14.88 -49.27 -25.22
CA PHE C 291 -14.33 -48.42 -24.17
C PHE C 291 -13.87 -47.08 -24.76
N TYR C 292 -14.21 -45.97 -24.11
CA TYR C 292 -13.91 -44.61 -24.56
C TYR C 292 -13.25 -43.78 -23.46
N THR C 293 -12.32 -42.91 -23.85
CA THR C 293 -11.84 -41.81 -23.01
C THR C 293 -12.98 -40.79 -22.76
N PRO C 294 -12.91 -39.93 -21.71
CA PRO C 294 -13.87 -38.84 -21.52
C PRO C 294 -13.93 -37.87 -22.71
N PHE C 295 -12.84 -37.79 -23.47
CA PHE C 295 -12.72 -36.94 -24.66
C PHE C 295 -13.14 -37.64 -25.97
N GLY C 296 -13.65 -38.88 -25.92
CA GLY C 296 -14.28 -39.56 -27.06
C GLY C 296 -13.33 -40.30 -28.00
N GLU C 297 -12.06 -40.46 -27.64
CA GLU C 297 -11.13 -41.38 -28.32
C GLU C 297 -11.41 -42.83 -27.88
N HIS C 298 -11.48 -43.75 -28.85
CA HIS C 298 -11.85 -45.16 -28.70
C HIS C 298 -10.68 -46.00 -28.19
N LEU C 299 -10.72 -46.47 -26.94
CA LEU C 299 -9.65 -47.27 -26.30
C LEU C 299 -9.62 -48.73 -26.75
N GLY C 300 -10.73 -49.30 -27.22
CA GLY C 300 -10.80 -50.74 -27.52
C GLY C 300 -12.21 -51.29 -27.61
N THR C 301 -12.31 -52.53 -28.07
CA THR C 301 -13.56 -53.29 -28.22
C THR C 301 -13.39 -54.69 -27.67
N LEU C 302 -14.33 -55.17 -26.87
CA LEU C 302 -14.39 -56.53 -26.31
C LEU C 302 -15.61 -57.26 -26.84
N LYS C 303 -15.49 -58.40 -27.54
CA LYS C 303 -16.65 -59.26 -27.87
C LYS C 303 -17.09 -60.08 -26.67
N VAL C 304 -18.37 -60.46 -26.57
CA VAL C 304 -18.83 -61.49 -25.61
C VAL C 304 -19.82 -62.51 -26.22
N PRO C 305 -19.74 -63.82 -25.87
CA PRO C 305 -20.66 -64.84 -26.40
C PRO C 305 -22.02 -64.82 -25.70
N GLY C 306 -23.11 -65.04 -26.44
CA GLY C 306 -24.47 -65.20 -25.91
C GLY C 306 -25.53 -64.51 -26.78
N LYS C 307 -26.82 -64.73 -26.50
CA LYS C 307 -27.92 -64.12 -27.28
C LYS C 307 -27.93 -62.58 -27.24
N GLU C 308 -27.86 -61.99 -26.04
CA GLU C 308 -27.82 -60.53 -25.82
C GLU C 308 -27.01 -60.18 -24.57
N ILE C 309 -26.22 -59.09 -24.61
CA ILE C 309 -25.77 -58.38 -23.41
C ILE C 309 -26.91 -57.51 -22.87
N SER C 310 -27.29 -57.73 -21.62
CA SER C 310 -28.38 -56.99 -20.94
C SER C 310 -27.90 -55.75 -20.19
N ALA C 311 -26.75 -55.84 -19.50
CA ALA C 311 -26.29 -54.80 -18.57
C ALA C 311 -24.78 -54.88 -18.26
N LEU C 312 -24.27 -53.83 -17.60
CA LEU C 312 -22.85 -53.49 -17.49
C LEU C 312 -22.52 -52.90 -16.11
N SER C 313 -21.42 -53.30 -15.44
CA SER C 313 -20.94 -52.64 -14.19
C SER C 313 -19.49 -52.94 -13.81
N TRP C 314 -18.73 -51.90 -13.45
CA TRP C 314 -17.34 -51.98 -12.99
C TRP C 314 -17.22 -52.37 -11.51
N GLU C 315 -16.19 -53.17 -11.17
CA GLU C 315 -15.74 -53.40 -9.81
C GLU C 315 -15.30 -52.10 -9.14
N GLY C 316 -15.39 -51.97 -7.81
CA GLY C 316 -14.96 -50.77 -7.10
C GLY C 316 -13.49 -50.37 -7.31
N GLY C 317 -12.61 -51.35 -7.53
CA GLY C 317 -11.22 -51.10 -7.89
C GLY C 317 -10.98 -50.73 -9.37
N GLY C 318 -11.97 -50.90 -10.23
CA GLY C 318 -11.84 -50.71 -11.68
C GLY C 318 -11.03 -51.79 -12.43
N LEU C 319 -10.67 -52.91 -11.77
CA LEU C 319 -9.83 -53.99 -12.33
C LEU C 319 -10.62 -55.17 -12.92
N LYS C 320 -11.94 -55.20 -12.71
CA LYS C 320 -12.88 -56.10 -13.40
C LYS C 320 -14.11 -55.31 -13.85
N ILE C 321 -14.77 -55.79 -14.89
CA ILE C 321 -16.10 -55.32 -15.30
C ILE C 321 -17.04 -56.51 -15.57
N ALA C 322 -18.17 -56.55 -14.85
CA ALA C 322 -19.20 -57.57 -14.94
C ALA C 322 -20.16 -57.28 -16.08
N LEU C 323 -20.38 -58.28 -16.94
CA LEU C 323 -21.20 -58.18 -18.13
C LEU C 323 -22.34 -59.21 -18.01
N ALA C 324 -23.56 -58.75 -17.79
CA ALA C 324 -24.73 -59.62 -17.72
C ALA C 324 -25.19 -59.96 -19.14
N VAL C 325 -25.14 -61.23 -19.51
CA VAL C 325 -25.34 -61.69 -20.89
C VAL C 325 -26.11 -63.01 -20.85
N ASP C 326 -27.34 -63.05 -21.35
CA ASP C 326 -28.02 -64.32 -21.66
C ASP C 326 -28.00 -65.37 -20.51
N SER C 327 -28.41 -64.99 -19.29
CA SER C 327 -28.35 -65.84 -18.05
C SER C 327 -26.96 -66.18 -17.51
N PHE C 328 -25.91 -65.54 -18.01
CA PHE C 328 -24.53 -65.66 -17.55
C PHE C 328 -24.07 -64.29 -17.07
N ILE C 329 -23.14 -64.23 -16.12
CA ILE C 329 -22.33 -63.03 -15.91
C ILE C 329 -20.91 -63.36 -16.33
N TYR C 330 -20.36 -62.69 -17.34
CA TYR C 330 -18.93 -62.75 -17.63
C TYR C 330 -18.21 -61.72 -16.80
N PHE C 331 -16.91 -61.90 -16.52
CA PHE C 331 -16.08 -60.85 -15.92
C PHE C 331 -14.87 -60.61 -16.80
N ALA C 332 -14.76 -59.44 -17.41
CA ALA C 332 -13.56 -59.08 -18.12
C ALA C 332 -12.52 -58.59 -17.11
N ASN C 333 -11.36 -59.22 -17.02
CA ASN C 333 -10.24 -58.60 -16.36
C ASN C 333 -9.79 -57.43 -17.22
N ILE C 334 -9.26 -56.42 -16.57
CA ILE C 334 -8.86 -55.18 -17.23
C ILE C 334 -7.62 -54.63 -16.53
N ARG C 335 -6.58 -54.32 -17.31
CA ARG C 335 -5.22 -53.99 -16.88
C ARG C 335 -4.98 -52.51 -17.21
N PRO C 336 -5.14 -51.59 -16.23
CA PRO C 336 -5.13 -50.16 -16.53
C PRO C 336 -3.84 -49.70 -17.18
N ASN C 337 -3.96 -48.73 -18.09
CA ASN C 337 -2.80 -48.07 -18.68
C ASN C 337 -2.31 -46.94 -17.76
N TYR C 338 -1.81 -47.31 -16.59
CA TYR C 338 -1.41 -46.38 -15.54
C TYR C 338 -0.36 -45.36 -16.02
N LYS C 339 -0.42 -44.14 -15.50
CA LYS C 339 0.64 -43.15 -15.58
C LYS C 339 1.73 -43.54 -14.60
N TRP C 340 2.72 -44.30 -15.08
CA TRP C 340 3.77 -44.90 -14.25
C TRP C 340 5.08 -45.11 -15.01
N GLY C 341 6.19 -45.27 -14.28
CA GLY C 341 7.46 -45.73 -14.84
C GLY C 341 8.50 -46.00 -13.75
N TYR C 342 9.51 -46.81 -14.04
CA TYR C 342 10.59 -47.14 -13.10
C TYR C 342 11.90 -46.51 -13.54
N CYS C 343 12.60 -45.80 -12.64
CA CYS C 343 13.89 -45.17 -12.90
C CYS C 343 14.83 -45.32 -11.71
N SER C 344 15.98 -45.96 -11.91
CA SER C 344 17.06 -46.11 -10.93
C SER C 344 16.56 -46.52 -9.53
N ASN C 345 15.77 -47.57 -9.44
CA ASN C 345 15.24 -48.09 -8.17
C ASN C 345 14.26 -47.16 -7.42
N THR C 346 13.72 -46.16 -8.12
CA THR C 346 12.47 -45.49 -7.76
C THR C 346 11.36 -45.94 -8.69
N VAL C 347 10.20 -46.27 -8.12
CA VAL C 347 8.95 -46.41 -8.88
C VAL C 347 8.30 -45.02 -8.91
N VAL C 348 7.84 -44.60 -10.08
CA VAL C 348 7.00 -43.42 -10.24
C VAL C 348 5.58 -43.88 -10.54
N TYR C 349 4.62 -43.49 -9.69
CA TYR C 349 3.20 -43.74 -9.92
C TYR C 349 2.42 -42.46 -9.65
N ALA C 350 1.37 -42.20 -10.45
CA ALA C 350 0.60 -40.97 -10.37
C ALA C 350 -0.90 -41.23 -10.38
N TYR C 351 -1.65 -40.47 -9.58
CA TYR C 351 -3.10 -40.64 -9.43
C TYR C 351 -3.84 -39.30 -9.26
N THR C 352 -5.07 -39.20 -9.78
CA THR C 352 -5.94 -38.05 -9.51
C THR C 352 -6.40 -38.07 -8.05
N ARG C 353 -6.72 -36.92 -7.47
CA ARG C 353 -7.06 -36.81 -6.04
C ARG C 353 -8.48 -36.30 -5.78
N PRO C 354 -9.17 -36.73 -4.72
CA PRO C 354 -10.50 -36.22 -4.36
C PRO C 354 -10.56 -34.73 -4.06
N ASP C 355 -9.42 -34.15 -3.71
CA ASP C 355 -9.24 -32.85 -3.04
C ASP C 355 -8.18 -31.94 -3.69
N ARG C 356 -7.74 -32.23 -4.92
CA ARG C 356 -6.86 -31.36 -5.72
C ARG C 356 -7.16 -31.46 -7.21
N PRO C 357 -6.89 -30.41 -8.00
CA PRO C 357 -6.87 -30.50 -9.47
C PRO C 357 -5.60 -31.18 -10.02
N GLU C 358 -4.49 -31.18 -9.26
CA GLU C 358 -3.26 -31.86 -9.67
C GLU C 358 -3.32 -33.39 -9.63
N TYR C 359 -2.51 -34.05 -10.46
CA TYR C 359 -2.09 -35.42 -10.23
C TYR C 359 -1.08 -35.48 -9.09
N CYS C 360 -1.33 -36.34 -8.12
CA CYS C 360 -0.36 -36.64 -7.08
C CYS C 360 0.68 -37.62 -7.62
N VAL C 361 1.79 -37.13 -8.20
CA VAL C 361 2.88 -38.01 -8.66
C VAL C 361 3.74 -38.40 -7.47
N VAL C 362 3.98 -39.69 -7.25
CA VAL C 362 4.82 -40.19 -6.15
C VAL C 362 6.06 -40.85 -6.71
N PHE C 363 7.22 -40.35 -6.32
CA PHE C 363 8.52 -40.97 -6.54
C PHE C 363 8.87 -41.81 -5.32
N TRP C 364 8.54 -43.10 -5.36
CA TRP C 364 8.84 -44.04 -4.28
C TRP C 364 10.23 -44.65 -4.47
N ASP C 365 11.23 -44.11 -3.79
CA ASP C 365 12.58 -44.67 -3.69
C ASP C 365 12.50 -46.01 -2.97
N THR C 366 12.54 -47.09 -3.73
CA THR C 366 12.42 -48.45 -3.19
C THR C 366 13.73 -48.98 -2.61
N LYS C 367 14.86 -48.33 -2.91
CA LYS C 367 16.19 -48.72 -2.42
C LYS C 367 16.39 -48.32 -0.96
N ASN C 368 15.93 -47.13 -0.59
CA ASN C 368 15.92 -46.62 0.78
C ASN C 368 14.55 -46.74 1.48
N ASN C 369 13.49 -47.02 0.71
CA ASN C 369 12.07 -46.98 1.09
C ASN C 369 11.61 -45.59 1.58
N GLU C 370 11.56 -44.62 0.66
CA GLU C 370 11.08 -43.25 0.92
C GLU C 370 10.14 -42.77 -0.20
N LYS C 371 9.11 -42.00 0.14
CA LYS C 371 8.22 -41.36 -0.84
C LYS C 371 8.55 -39.88 -0.95
N TYR C 372 8.83 -39.41 -2.15
CA TYR C 372 8.88 -37.99 -2.48
C TYR C 372 7.68 -37.65 -3.36
N VAL C 373 6.82 -36.73 -2.92
CA VAL C 373 5.50 -36.50 -3.52
C VAL C 373 5.45 -35.16 -4.23
N LYS C 374 5.00 -35.14 -5.49
CA LYS C 374 5.03 -33.98 -6.38
C LYS C 374 3.67 -33.77 -7.04
N TYR C 375 2.94 -32.72 -6.68
CA TYR C 375 1.64 -32.43 -7.28
C TYR C 375 1.83 -31.74 -8.63
N VAL C 376 1.42 -32.37 -9.72
CA VAL C 376 1.62 -31.88 -11.10
C VAL C 376 0.27 -31.58 -11.78
N LYS C 377 0.12 -30.39 -12.37
CA LYS C 377 -1.04 -30.04 -13.18
C LYS C 377 -1.00 -30.72 -14.55
N GLY C 378 -2.14 -31.20 -15.05
CA GLY C 378 -2.31 -31.58 -16.46
C GLY C 378 -1.35 -32.67 -16.99
N LEU C 379 -1.13 -33.73 -16.22
CA LEU C 379 -0.20 -34.82 -16.58
C LEU C 379 -0.72 -35.70 -17.72
N ILE C 380 0.00 -35.74 -18.84
CA ILE C 380 -0.36 -36.50 -20.04
C ILE C 380 0.22 -37.91 -20.01
N SER C 381 1.51 -38.06 -19.66
CA SER C 381 2.18 -39.36 -19.57
C SER C 381 3.40 -39.29 -18.66
N ILE C 382 3.90 -40.45 -18.23
CA ILE C 382 5.20 -40.64 -17.58
C ILE C 382 6.03 -41.57 -18.44
N THR C 383 7.34 -41.40 -18.52
CA THR C 383 8.26 -42.31 -19.21
C THR C 383 9.60 -42.30 -18.51
N THR C 384 10.41 -43.36 -18.62
CA THR C 384 11.71 -43.46 -17.93
C THR C 384 12.80 -44.06 -18.80
N CYS C 385 14.05 -43.69 -18.55
CA CYS C 385 15.24 -44.30 -19.12
C CYS C 385 16.45 -44.01 -18.23
N GLY C 386 17.03 -45.02 -17.57
CA GLY C 386 18.09 -44.81 -16.59
C GLY C 386 17.59 -44.06 -15.35
N ASP C 387 18.36 -43.07 -14.89
CA ASP C 387 18.09 -42.30 -13.66
C ASP C 387 17.03 -41.17 -13.81
N PHE C 388 16.54 -40.94 -15.04
CA PHE C 388 15.67 -39.83 -15.36
C PHE C 388 14.32 -40.28 -15.89
N CYS C 389 13.30 -39.49 -15.60
CA CYS C 389 11.94 -39.67 -16.10
C CYS C 389 11.45 -38.38 -16.73
N ILE C 390 10.42 -38.48 -17.57
CA ILE C 390 9.75 -37.31 -18.11
C ILE C 390 8.30 -37.37 -17.73
N LEU C 391 7.83 -36.35 -17.02
CA LEU C 391 6.42 -36.08 -16.83
C LEU C 391 6.01 -35.16 -17.98
N ALA C 392 5.36 -35.67 -19.02
CA ALA C 392 4.86 -34.84 -20.12
C ALA C 392 3.55 -34.20 -19.69
N THR C 393 3.37 -32.89 -19.85
CA THR C 393 2.21 -32.18 -19.28
C THR C 393 1.64 -31.13 -20.24
N LYS C 394 0.38 -30.76 -20.01
CA LYS C 394 -0.30 -29.62 -20.67
C LYS C 394 0.08 -28.30 -20.00
N ALA C 395 0.66 -27.37 -20.77
CA ALA C 395 1.07 -26.07 -20.23
C ALA C 395 -0.16 -25.22 -19.85
N ASP C 396 -0.04 -24.39 -18.81
CA ASP C 396 -1.18 -23.64 -18.28
C ASP C 396 -1.74 -22.58 -19.26
N ALA C 411 -0.89 -25.68 -29.62
CA ALA C 411 -0.74 -25.22 -28.23
C ALA C 411 0.58 -25.70 -27.61
N THR C 412 1.03 -25.05 -26.54
CA THR C 412 2.25 -25.46 -25.82
C THR C 412 2.00 -26.61 -24.85
N PHE C 413 2.96 -27.52 -24.78
CA PHE C 413 3.06 -28.63 -23.82
C PHE C 413 4.47 -28.66 -23.26
N VAL C 414 4.69 -29.19 -22.05
CA VAL C 414 6.02 -29.16 -21.42
C VAL C 414 6.47 -30.53 -20.92
N LEU C 415 7.66 -30.94 -21.37
CA LEU C 415 8.34 -32.19 -21.04
C LEU C 415 9.20 -32.00 -19.79
N VAL C 416 8.65 -32.22 -18.61
CA VAL C 416 9.33 -31.97 -17.33
C VAL C 416 10.35 -33.08 -17.06
N LEU C 417 11.53 -33.00 -17.66
CA LEU C 417 12.64 -33.93 -17.37
C LEU C 417 13.00 -33.85 -15.89
N CYS C 418 13.07 -34.99 -15.22
CA CYS C 418 13.07 -35.06 -13.77
C CYS C 418 13.94 -36.24 -13.28
N ASN C 419 14.50 -36.17 -12.07
CA ASN C 419 15.38 -37.22 -11.56
C ASN C 419 14.65 -38.24 -10.67
N SER C 420 15.32 -39.32 -10.30
CA SER C 420 14.78 -40.42 -9.50
C SER C 420 14.24 -40.07 -8.10
N ILE C 421 14.39 -38.85 -7.58
CA ILE C 421 13.70 -38.39 -6.36
C ILE C 421 12.69 -37.27 -6.62
N GLY C 422 12.46 -36.90 -7.87
CA GLY C 422 11.35 -36.05 -8.28
C GLY C 422 11.60 -34.54 -8.32
N THR C 423 12.86 -34.07 -8.36
CA THR C 423 13.13 -32.62 -8.52
C THR C 423 13.30 -32.27 -10.00
N PRO C 424 12.50 -31.37 -10.60
CA PRO C 424 12.57 -31.08 -12.03
C PRO C 424 13.92 -30.53 -12.45
N LEU C 425 14.41 -30.92 -13.63
CA LEU C 425 15.73 -30.55 -14.14
C LEU C 425 15.67 -29.59 -15.32
N ASP C 426 14.80 -29.80 -16.30
CA ASP C 426 14.73 -28.94 -17.50
C ASP C 426 13.39 -29.04 -18.22
N PRO C 427 12.36 -28.29 -17.82
CA PRO C 427 11.05 -28.30 -18.47
C PRO C 427 11.10 -27.70 -19.89
N LYS C 428 11.32 -28.51 -20.93
CA LYS C 428 11.26 -28.07 -22.34
C LYS C 428 9.84 -27.88 -22.82
N TYR C 429 9.51 -26.68 -23.29
CA TYR C 429 8.24 -26.38 -23.93
C TYR C 429 8.28 -26.74 -25.43
N ILE C 430 7.22 -27.40 -25.92
CA ILE C 430 7.04 -27.83 -27.30
C ILE C 430 5.65 -27.43 -27.80
N ASP C 431 5.52 -27.16 -29.10
CA ASP C 431 4.25 -26.70 -29.69
C ASP C 431 3.43 -27.84 -30.35
N ILE C 432 3.73 -29.11 -30.03
CA ILE C 432 2.97 -30.29 -30.47
C ILE C 432 2.44 -31.11 -29.29
N VAL C 433 1.30 -31.77 -29.49
CA VAL C 433 0.72 -32.64 -28.46
C VAL C 433 1.61 -33.88 -28.28
N PRO C 434 2.16 -34.16 -27.08
CA PRO C 434 2.96 -35.34 -26.83
C PRO C 434 2.06 -36.58 -26.62
N LEU C 435 1.42 -37.07 -27.69
CA LEU C 435 0.56 -38.25 -27.60
C LEU C 435 1.40 -39.51 -27.33
N PHE C 436 2.43 -39.73 -28.12
CA PHE C 436 3.33 -40.87 -28.02
C PHE C 436 4.71 -40.38 -27.58
N VAL C 437 5.32 -41.00 -26.57
CA VAL C 437 6.64 -40.60 -26.06
C VAL C 437 7.55 -41.81 -25.93
N ALA C 438 8.78 -41.69 -26.43
CA ALA C 438 9.85 -42.66 -26.26
C ALA C 438 11.05 -41.98 -25.64
N MET C 439 11.71 -42.61 -24.68
CA MET C 439 12.88 -42.05 -24.01
C MET C 439 14.08 -42.98 -24.13
N THR C 440 15.26 -42.39 -24.14
CA THR C 440 16.53 -42.99 -24.53
C THR C 440 17.63 -42.31 -23.71
N LYS C 441 18.77 -42.95 -23.48
CA LYS C 441 19.82 -42.39 -22.61
C LYS C 441 20.40 -41.04 -23.07
N THR C 442 20.17 -40.64 -24.32
CA THR C 442 20.45 -39.30 -24.84
C THR C 442 19.24 -38.53 -25.34
N HIS C 443 18.11 -39.17 -25.66
CA HIS C 443 17.01 -38.54 -26.40
C HIS C 443 15.65 -38.70 -25.73
N VAL C 444 14.83 -37.69 -25.89
CA VAL C 444 13.38 -37.78 -25.77
C VAL C 444 12.82 -37.65 -27.15
N ILE C 445 11.88 -38.49 -27.52
CA ILE C 445 11.08 -38.32 -28.74
C ILE C 445 9.63 -38.19 -28.32
N ALA C 446 8.95 -37.15 -28.80
CA ALA C 446 7.52 -36.96 -28.60
C ALA C 446 6.85 -36.82 -29.97
N ALA C 447 5.66 -37.38 -30.13
CA ALA C 447 4.96 -37.35 -31.40
C ALA C 447 3.46 -37.12 -31.23
N SER C 448 2.89 -36.32 -32.11
CA SER C 448 1.46 -36.22 -32.34
C SER C 448 1.04 -37.31 -33.31
N LYS C 449 -0.21 -37.30 -33.79
CA LYS C 449 -0.63 -38.17 -34.90
C LYS C 449 0.08 -37.87 -36.23
N GLU C 450 0.80 -36.77 -36.38
CA GLU C 450 1.28 -36.32 -37.70
C GLU C 450 2.76 -35.91 -37.74
N ALA C 451 3.40 -35.63 -36.62
CA ALA C 451 4.78 -35.16 -36.58
C ALA C 451 5.45 -35.51 -35.26
N PHE C 452 6.78 -35.60 -35.27
CA PHE C 452 7.58 -35.98 -34.10
C PHE C 452 8.76 -35.04 -33.88
N TYR C 453 9.02 -34.75 -32.62
CA TYR C 453 10.03 -33.84 -32.10
C TYR C 453 11.07 -34.66 -31.34
N THR C 454 12.35 -34.45 -31.61
CA THR C 454 13.45 -35.14 -30.91
C THR C 454 14.29 -34.13 -30.14
N TRP C 455 14.41 -34.30 -28.84
CA TRP C 455 15.24 -33.47 -27.96
C TRP C 455 16.38 -34.31 -27.35
N GLN C 456 17.62 -33.89 -27.56
CA GLN C 456 18.80 -34.52 -26.96
C GLN C 456 19.13 -33.87 -25.62
N TYR C 457 19.39 -34.65 -24.58
CA TYR C 457 19.57 -34.16 -23.22
C TYR C 457 20.70 -34.87 -22.47
N ARG C 458 21.23 -34.21 -21.43
CA ARG C 458 22.19 -34.66 -20.40
C ARG C 458 22.11 -33.71 -19.19
N VAL C 459 22.72 -34.08 -18.07
CA VAL C 459 22.84 -33.23 -16.86
C VAL C 459 24.27 -32.69 -16.71
N ALA C 460 24.40 -31.38 -16.50
CA ALA C 460 25.65 -30.63 -16.34
C ALA C 460 25.45 -29.29 -15.62
N ARG C 475 27.93 -28.81 -28.73
CA ARG C 475 27.25 -27.56 -28.41
C ARG C 475 25.74 -27.76 -28.27
N LYS C 476 25.03 -26.75 -27.75
CA LYS C 476 23.59 -26.81 -27.41
C LYS C 476 22.62 -26.67 -28.60
N GLU C 477 23.06 -26.07 -29.71
CA GLU C 477 22.15 -25.59 -30.78
C GLU C 477 21.42 -26.72 -31.53
N GLY C 478 22.12 -27.79 -31.90
CA GLY C 478 21.57 -28.91 -32.69
C GLY C 478 20.75 -29.93 -31.91
N ARG C 479 20.44 -29.67 -30.63
CA ARG C 479 19.83 -30.61 -29.68
C ARG C 479 18.30 -30.70 -29.73
N GLU C 480 17.63 -29.94 -30.58
CA GLU C 480 16.19 -30.09 -30.84
C GLU C 480 15.90 -30.08 -32.33
N ARG C 481 14.99 -30.93 -32.80
CA ARG C 481 14.50 -30.96 -34.19
C ARG C 481 13.01 -31.36 -34.22
N ILE C 482 12.32 -31.10 -35.33
CA ILE C 482 10.94 -31.57 -35.58
C ILE C 482 10.71 -32.00 -37.03
N TYR C 483 9.96 -33.10 -37.22
CA TYR C 483 9.74 -33.76 -38.50
C TYR C 483 8.30 -34.17 -38.73
N HIS C 484 7.78 -33.96 -39.94
CA HIS C 484 6.45 -34.47 -40.33
C HIS C 484 6.52 -35.92 -40.77
N VAL C 485 5.51 -36.73 -40.46
CA VAL C 485 5.52 -38.19 -40.70
C VAL C 485 5.55 -38.58 -42.19
N ASP C 486 5.08 -37.73 -43.08
CA ASP C 486 5.18 -37.91 -44.54
C ASP C 486 6.45 -37.27 -45.14
N ASP C 487 7.34 -36.69 -44.34
CA ASP C 487 8.61 -36.12 -44.80
C ASP C 487 9.70 -37.20 -45.00
N THR C 488 10.76 -36.88 -45.76
CA THR C 488 11.87 -37.80 -46.09
C THR C 488 13.24 -37.19 -45.71
N PRO C 489 13.49 -36.88 -44.42
CA PRO C 489 14.68 -36.14 -44.01
C PRO C 489 15.99 -36.90 -44.23
N SER C 490 17.06 -36.17 -44.55
CA SER C 490 18.39 -36.72 -44.89
C SER C 490 19.23 -37.14 -43.67
N GLY C 491 18.96 -36.57 -42.49
CA GLY C 491 19.83 -36.66 -41.31
C GLY C 491 20.72 -35.43 -41.09
N SER C 492 21.11 -34.73 -42.15
CA SER C 492 22.23 -33.78 -42.12
C SER C 492 21.98 -32.46 -41.38
N MET C 493 20.74 -32.02 -41.17
CA MET C 493 20.47 -30.61 -40.83
C MET C 493 20.12 -30.41 -39.34
N ASP C 494 20.91 -29.61 -38.63
CA ASP C 494 20.61 -29.10 -37.28
C ASP C 494 19.63 -27.90 -37.33
N GLY C 495 18.56 -28.03 -38.11
CA GLY C 495 17.64 -26.94 -38.45
C GLY C 495 16.78 -26.42 -37.30
N VAL C 496 16.20 -25.23 -37.48
CA VAL C 496 15.22 -24.62 -36.57
C VAL C 496 13.89 -25.39 -36.59
N LEU C 497 13.14 -25.32 -35.48
CA LEU C 497 11.86 -26.00 -35.30
C LEU C 497 10.75 -25.40 -36.17
N ASP C 498 10.51 -25.99 -37.35
CA ASP C 498 9.41 -25.68 -38.25
C ASP C 498 8.06 -26.19 -37.73
N TYR C 499 7.58 -25.69 -36.59
CA TYR C 499 6.28 -26.07 -36.02
C TYR C 499 5.09 -25.86 -36.98
N SER C 500 5.23 -25.00 -38.00
CA SER C 500 4.23 -24.81 -39.06
C SER C 500 3.98 -26.07 -39.90
N LYS C 501 4.97 -26.96 -40.06
CA LYS C 501 4.84 -28.22 -40.79
C LYS C 501 3.95 -29.24 -40.06
N THR C 502 3.81 -29.11 -38.74
CA THR C 502 3.14 -30.10 -37.90
C THR C 502 1.64 -30.22 -38.11
N ILE C 503 1.00 -29.25 -38.77
CA ILE C 503 -0.45 -29.23 -39.03
C ILE C 503 -0.79 -29.61 -40.49
N GLN C 504 0.18 -29.96 -41.33
CA GLN C 504 -0.10 -30.58 -42.63
C GLN C 504 -0.81 -31.94 -42.44
N GLY C 505 -2.01 -32.11 -42.99
CA GLY C 505 -2.82 -33.30 -42.79
C GLY C 505 -2.22 -34.58 -43.39
N THR C 506 -2.33 -35.72 -42.71
CA THR C 506 -1.92 -37.04 -43.21
C THR C 506 -3.08 -38.04 -43.28
N ARG C 507 -3.05 -38.93 -44.27
CA ARG C 507 -4.04 -40.00 -44.45
C ARG C 507 -3.81 -41.18 -43.51
N ASP C 508 -2.55 -41.45 -43.15
CA ASP C 508 -2.14 -42.53 -42.25
C ASP C 508 -1.38 -41.95 -41.05
N PRO C 509 -2.03 -41.64 -39.92
CA PRO C 509 -1.34 -41.04 -38.78
C PRO C 509 -0.45 -42.02 -38.01
N ILE C 510 0.36 -41.51 -37.09
CA ILE C 510 1.15 -42.30 -36.13
C ILE C 510 0.21 -42.97 -35.12
N CYS C 511 0.53 -44.21 -34.72
CA CYS C 511 -0.19 -44.92 -33.66
C CYS C 511 0.71 -45.56 -32.60
N ALA C 512 2.00 -45.78 -32.91
CA ALA C 512 3.03 -46.12 -31.93
C ALA C 512 4.39 -45.65 -32.41
N ILE C 513 5.31 -45.37 -31.49
CA ILE C 513 6.73 -45.11 -31.76
C ILE C 513 7.59 -45.85 -30.74
N THR C 514 8.86 -46.09 -31.06
CA THR C 514 9.88 -46.54 -30.11
C THR C 514 11.27 -46.13 -30.56
N ALA C 515 12.25 -46.07 -29.66
CA ALA C 515 13.64 -45.77 -30.02
C ALA C 515 14.64 -46.51 -29.12
N SER C 516 15.85 -46.74 -29.63
CA SER C 516 16.80 -47.69 -29.04
C SER C 516 18.19 -47.14 -28.69
N ASP C 517 18.41 -45.82 -28.75
CA ASP C 517 19.74 -45.17 -28.79
C ASP C 517 20.51 -45.37 -30.10
N LYS C 518 19.92 -46.04 -31.10
CA LYS C 518 20.55 -46.30 -32.40
C LYS C 518 19.59 -46.07 -33.58
N ILE C 519 18.30 -46.34 -33.38
CA ILE C 519 17.22 -46.07 -34.34
C ILE C 519 15.95 -45.62 -33.63
N LEU C 520 15.12 -44.87 -34.36
CA LEU C 520 13.74 -44.53 -34.04
C LEU C 520 12.84 -45.24 -35.03
N ILE C 521 11.87 -45.99 -34.53
CA ILE C 521 10.90 -46.77 -35.30
C ILE C 521 9.52 -46.18 -35.07
N VAL C 522 8.84 -45.79 -36.16
CA VAL C 522 7.54 -45.10 -36.14
C VAL C 522 6.50 -45.93 -36.88
N GLY C 523 5.39 -46.26 -36.23
CA GLY C 523 4.31 -47.08 -36.78
C GLY C 523 3.11 -46.24 -37.21
N ARG C 524 2.74 -46.36 -38.48
CA ARG C 524 1.56 -45.71 -39.06
C ARG C 524 0.31 -46.56 -38.86
N GLU C 525 -0.88 -45.97 -38.94
CA GLU C 525 -2.15 -46.71 -38.96
C GLU C 525 -2.38 -47.56 -40.22
N SER C 526 -1.59 -47.38 -41.28
CA SER C 526 -1.62 -48.29 -42.45
C SER C 526 -0.95 -49.64 -42.21
N GLY C 527 -0.18 -49.80 -41.13
CA GLY C 527 0.78 -50.90 -40.99
C GLY C 527 2.11 -50.67 -41.72
N THR C 528 2.34 -49.48 -42.28
CA THR C 528 3.68 -49.01 -42.63
C THR C 528 4.49 -48.75 -41.35
N ILE C 529 5.74 -49.19 -41.30
CA ILE C 529 6.67 -48.86 -40.21
C ILE C 529 7.88 -48.17 -40.82
N GLN C 530 8.26 -47.02 -40.29
CA GLN C 530 9.38 -46.20 -40.77
C GLN C 530 10.58 -46.38 -39.84
N ARG C 531 11.77 -46.59 -40.40
CA ARG C 531 13.03 -46.65 -39.67
C ARG C 531 13.81 -45.36 -39.90
N TYR C 532 14.16 -44.67 -38.82
CA TYR C 532 14.96 -43.47 -38.81
C TYR C 532 16.24 -43.69 -38.00
N SER C 533 17.33 -43.06 -38.39
CA SER C 533 18.56 -43.03 -37.57
C SER C 533 18.40 -42.19 -36.30
N LEU C 534 19.33 -42.38 -35.36
CA LEU C 534 19.65 -41.49 -34.24
C LEU C 534 21.19 -41.52 -34.06
N PRO C 535 21.84 -40.55 -33.38
CA PRO C 535 21.30 -39.33 -32.77
C PRO C 535 20.74 -38.29 -33.74
N ASN C 536 21.24 -38.22 -34.97
CA ASN C 536 20.64 -37.42 -36.04
C ASN C 536 19.51 -38.20 -36.75
N VAL C 537 18.42 -37.54 -37.13
CA VAL C 537 17.23 -38.18 -37.73
C VAL C 537 17.24 -38.09 -39.26
N GLY C 538 17.53 -39.20 -39.92
CA GLY C 538 17.32 -39.38 -41.36
C GLY C 538 16.52 -40.65 -41.64
N LEU C 539 15.65 -40.64 -42.65
CA LEU C 539 14.84 -41.79 -43.03
C LEU C 539 15.71 -42.86 -43.71
N ILE C 540 15.82 -44.03 -43.08
CA ILE C 540 16.65 -45.15 -43.55
C ILE C 540 15.85 -46.07 -44.47
N GLN C 541 14.69 -46.56 -44.04
CA GLN C 541 13.81 -47.40 -44.87
C GLN C 541 12.35 -47.32 -44.42
N LYS C 542 11.41 -47.54 -45.35
CA LYS C 542 10.00 -47.81 -45.07
C LYS C 542 9.71 -49.29 -45.24
N TYR C 543 9.16 -49.92 -44.21
CA TYR C 543 8.63 -51.29 -44.25
C TYR C 543 7.11 -51.25 -44.31
N SER C 544 6.46 -52.31 -44.78
CA SER C 544 5.00 -52.47 -44.67
C SER C 544 4.65 -53.87 -44.20
N LEU C 545 3.59 -53.95 -43.38
CA LEU C 545 3.19 -55.12 -42.61
C LEU C 545 1.68 -55.34 -42.72
N ASN C 546 1.22 -56.54 -42.36
CA ASN C 546 -0.19 -56.93 -42.42
C ASN C 546 -1.01 -56.49 -41.18
N CYS C 547 -0.50 -55.59 -40.34
CA CYS C 547 -1.13 -55.20 -39.07
C CYS C 547 -0.82 -53.75 -38.67
N ARG C 548 -1.73 -53.12 -37.91
CA ARG C 548 -1.42 -51.96 -37.07
C ARG C 548 -0.70 -52.40 -35.80
N ALA C 549 0.29 -51.63 -35.37
CA ALA C 549 0.98 -51.83 -34.11
C ALA C 549 0.27 -51.12 -32.95
N TYR C 550 -0.10 -51.87 -31.93
CA TYR C 550 -0.50 -51.38 -30.62
C TYR C 550 0.71 -50.98 -29.79
N GLN C 551 1.79 -51.77 -29.80
CA GLN C 551 3.07 -51.44 -29.15
C GLN C 551 4.26 -51.87 -30.01
N LEU C 552 5.39 -51.22 -29.80
CA LEU C 552 6.64 -51.50 -30.49
C LEU C 552 7.78 -51.49 -29.47
N SER C 553 8.72 -52.44 -29.50
CA SER C 553 9.96 -52.38 -28.71
C SER C 553 11.11 -53.14 -29.36
N LEU C 554 12.34 -52.64 -29.17
CA LEU C 554 13.56 -53.06 -29.86
C LEU C 554 14.55 -53.75 -28.90
N ASN C 555 15.20 -54.81 -29.36
CA ASN C 555 16.32 -55.40 -28.62
C ASN C 555 17.51 -54.42 -28.57
N CYS C 556 18.43 -54.53 -27.61
CA CYS C 556 19.48 -53.52 -27.43
C CYS C 556 20.39 -53.38 -28.67
N ASN C 557 20.72 -54.50 -29.33
CA ASN C 557 21.47 -54.52 -30.59
C ASN C 557 20.69 -53.88 -31.76
N SER C 558 19.42 -53.54 -31.58
CA SER C 558 18.59 -52.75 -32.51
C SER C 558 18.37 -53.41 -33.88
N SER C 559 18.17 -54.73 -33.90
CA SER C 559 17.91 -55.51 -35.13
C SER C 559 16.62 -56.32 -35.10
N ARG C 560 16.04 -56.60 -33.93
CA ARG C 560 14.75 -57.28 -33.79
C ARG C 560 13.72 -56.35 -33.20
N LEU C 561 12.58 -56.19 -33.86
CA LEU C 561 11.46 -55.40 -33.39
C LEU C 561 10.34 -56.33 -32.94
N ALA C 562 9.94 -56.24 -31.67
CA ALA C 562 8.80 -56.96 -31.13
C ALA C 562 7.55 -56.10 -31.26
N ILE C 563 6.64 -56.50 -32.15
CA ILE C 563 5.44 -55.77 -32.57
C ILE C 563 4.23 -56.44 -31.95
N ILE C 564 3.40 -55.72 -31.20
CA ILE C 564 2.09 -56.24 -30.77
C ILE C 564 1.03 -55.62 -31.65
N ASP C 565 0.21 -56.44 -32.30
CA ASP C 565 -0.89 -55.98 -33.15
C ASP C 565 -2.02 -55.32 -32.35
N ILE C 566 -2.90 -54.56 -33.02
CA ILE C 566 -4.17 -54.07 -32.44
C ILE C 566 -5.04 -55.17 -31.83
N SER C 567 -4.92 -56.42 -32.31
CA SER C 567 -5.66 -57.57 -31.81
C SER C 567 -5.03 -58.27 -30.59
N GLY C 568 -3.89 -57.80 -30.08
CA GLY C 568 -3.23 -58.39 -28.90
C GLY C 568 -2.37 -59.63 -29.20
N VAL C 569 -1.88 -59.75 -30.44
CA VAL C 569 -1.04 -60.86 -30.94
C VAL C 569 0.41 -60.39 -31.07
N LEU C 570 1.38 -61.17 -30.58
CA LEU C 570 2.82 -60.85 -30.69
C LEU C 570 3.42 -61.28 -32.02
N THR C 571 4.39 -60.55 -32.54
CA THR C 571 5.27 -61.03 -33.63
C THR C 571 6.65 -60.36 -33.51
N PHE C 572 7.72 -61.03 -33.95
CA PHE C 572 9.06 -60.44 -34.08
C PHE C 572 9.37 -60.18 -35.55
N PHE C 573 9.96 -59.02 -35.82
CA PHE C 573 10.38 -58.62 -37.15
C PHE C 573 11.89 -58.33 -37.11
N ASP C 574 12.70 -59.09 -37.85
CA ASP C 574 14.14 -58.91 -37.91
C ASP C 574 14.48 -57.87 -38.99
N LEU C 575 14.71 -56.64 -38.54
CA LEU C 575 14.77 -55.42 -39.34
C LEU C 575 15.84 -55.44 -40.43
N ASP C 576 16.98 -56.06 -40.15
CA ASP C 576 18.15 -56.09 -41.04
C ASP C 576 18.16 -57.30 -41.98
N ALA C 577 17.31 -58.30 -41.74
CA ALA C 577 17.40 -59.60 -42.37
C ALA C 577 17.09 -59.51 -43.87
N ARG C 578 18.00 -60.00 -44.72
CA ARG C 578 17.75 -60.19 -46.15
C ARG C 578 16.84 -61.38 -46.37
N VAL C 579 15.89 -61.27 -47.31
CA VAL C 579 14.97 -62.33 -47.72
C VAL C 579 14.87 -62.34 -49.24
N THR C 580 14.94 -63.53 -49.86
CA THR C 580 14.52 -63.68 -51.26
C THR C 580 13.00 -63.84 -51.28
N ASP C 581 12.30 -62.87 -51.87
CA ASP C 581 10.85 -62.94 -52.06
C ASP C 581 10.43 -64.10 -52.99
N SER C 582 9.15 -64.50 -52.97
CA SER C 582 8.61 -65.48 -53.92
C SER C 582 8.74 -65.03 -55.40
N THR C 583 8.83 -63.72 -55.67
CA THR C 583 9.17 -63.17 -57.00
C THR C 583 10.65 -63.28 -57.36
N GLY C 584 11.52 -63.61 -56.39
CA GLY C 584 12.98 -63.54 -56.50
C GLY C 584 13.59 -62.18 -56.11
N GLN C 585 12.79 -61.14 -55.94
CA GLN C 585 13.26 -59.81 -55.53
C GLN C 585 13.87 -59.86 -54.11
N GLN C 586 14.95 -59.13 -53.87
CA GLN C 586 15.65 -59.12 -52.57
C GLN C 586 15.02 -58.11 -51.59
N VAL C 587 14.22 -58.64 -50.67
CA VAL C 587 13.55 -57.93 -49.57
C VAL C 587 14.47 -57.78 -48.36
N VAL C 588 14.25 -56.75 -47.56
CA VAL C 588 14.89 -56.55 -46.26
C VAL C 588 13.81 -56.38 -45.17
N GLY C 589 14.03 -56.97 -44.00
CA GLY C 589 13.05 -57.09 -42.92
C GLY C 589 12.25 -58.39 -43.04
N GLU C 590 12.40 -59.32 -42.08
CA GLU C 590 11.70 -60.61 -42.09
C GLU C 590 10.73 -60.75 -40.92
N LEU C 591 9.46 -61.09 -41.19
CA LEU C 591 8.52 -61.49 -40.16
C LEU C 591 8.88 -62.90 -39.68
N LEU C 592 9.34 -63.05 -38.45
CA LEU C 592 9.69 -64.36 -37.90
C LEU C 592 8.46 -65.21 -37.56
N LYS C 593 8.62 -66.54 -37.59
CA LYS C 593 7.56 -67.54 -37.37
C LYS C 593 6.84 -67.45 -36.01
N LEU C 594 7.43 -66.79 -35.03
CA LEU C 594 6.87 -66.59 -33.70
C LEU C 594 5.45 -66.01 -33.76
N GLU C 595 4.55 -66.57 -32.96
CA GLU C 595 3.26 -65.96 -32.62
C GLU C 595 2.82 -66.36 -31.20
N ARG C 596 2.18 -65.45 -30.47
CA ARG C 596 1.58 -65.65 -29.13
C ARG C 596 0.37 -64.73 -28.98
N ARG C 597 -0.58 -65.02 -28.09
CA ARG C 597 -1.85 -64.27 -27.97
C ARG C 597 -2.13 -63.76 -26.56
N ASP C 598 -2.87 -62.65 -26.49
CA ASP C 598 -3.10 -61.86 -25.28
C ASP C 598 -1.80 -61.31 -24.68
N VAL C 599 -0.89 -60.81 -25.52
CA VAL C 599 0.30 -60.08 -25.07
C VAL C 599 0.03 -58.60 -24.89
N TRP C 600 0.50 -58.02 -23.80
CA TRP C 600 0.22 -56.61 -23.49
C TRP C 600 1.31 -55.87 -22.74
N ASP C 601 2.23 -56.60 -22.10
CA ASP C 601 3.43 -56.06 -21.50
C ASP C 601 4.62 -56.91 -21.89
N MET C 602 5.74 -56.24 -22.15
CA MET C 602 6.91 -56.86 -22.73
C MET C 602 8.18 -56.07 -22.37
N LYS C 603 9.34 -56.72 -22.39
CA LYS C 603 10.60 -56.09 -22.05
C LYS C 603 11.75 -56.86 -22.68
N TRP C 604 12.48 -56.28 -23.63
CA TRP C 604 13.77 -56.84 -24.02
C TRP C 604 14.79 -56.62 -22.89
N ALA C 605 15.63 -57.60 -22.57
CA ALA C 605 16.67 -57.44 -21.54
C ALA C 605 17.64 -56.31 -21.92
N LYS C 606 18.10 -55.54 -20.92
CA LYS C 606 18.96 -54.37 -21.13
C LYS C 606 20.35 -54.74 -21.64
N ASP C 607 20.89 -55.85 -21.14
CA ASP C 607 22.23 -56.35 -21.40
C ASP C 607 22.31 -57.30 -22.61
N ASN C 608 21.37 -58.25 -22.71
CA ASN C 608 21.42 -59.36 -23.66
C ASN C 608 20.52 -59.12 -24.90
N PRO C 609 21.00 -59.38 -26.14
CA PRO C 609 20.28 -59.05 -27.36
C PRO C 609 19.14 -60.01 -27.74
N ASP C 610 18.96 -61.14 -27.05
CA ASP C 610 17.98 -62.18 -27.38
C ASP C 610 17.15 -62.69 -26.20
N LEU C 611 17.48 -62.33 -24.95
CA LEU C 611 16.58 -62.47 -23.80
C LEU C 611 15.46 -61.44 -23.85
N PHE C 612 14.26 -61.90 -23.57
CA PHE C 612 13.04 -61.11 -23.70
C PHE C 612 12.01 -61.63 -22.71
N ALA C 613 11.10 -60.77 -22.27
CA ALA C 613 10.02 -61.17 -21.39
C ALA C 613 8.71 -60.56 -21.87
N MET C 614 7.62 -61.23 -21.56
CA MET C 614 6.34 -61.02 -22.22
C MET C 614 5.24 -61.59 -21.34
N MET C 615 4.31 -60.77 -20.91
CA MET C 615 3.14 -61.22 -20.14
C MET C 615 2.09 -61.84 -21.06
N GLU C 616 1.29 -62.78 -20.54
CA GLU C 616 -0.02 -63.08 -21.13
C GLU C 616 -1.18 -62.66 -20.22
N LYS C 617 -1.34 -63.27 -19.04
CA LYS C 617 -2.46 -62.99 -18.13
C LYS C 617 -2.02 -62.82 -16.69
N THR C 618 -1.94 -63.88 -15.92
CA THR C 618 -1.20 -63.89 -14.63
C THR C 618 0.06 -64.77 -14.77
N ARG C 619 0.67 -64.76 -15.96
CA ARG C 619 1.83 -65.59 -16.34
C ARG C 619 2.81 -64.76 -17.16
N MET C 620 4.11 -64.90 -16.89
CA MET C 620 5.18 -64.35 -17.72
C MET C 620 5.97 -65.44 -18.41
N TYR C 621 6.04 -65.41 -19.74
CA TYR C 621 6.76 -66.39 -20.54
C TYR C 621 8.07 -65.80 -21.06
N VAL C 622 9.12 -65.87 -20.22
CA VAL C 622 10.47 -65.43 -20.58
C VAL C 622 10.99 -66.20 -21.80
N PHE C 623 11.66 -65.54 -22.74
CA PHE C 623 12.20 -66.18 -23.95
C PHE C 623 13.73 -66.11 -23.95
N ARG C 624 14.37 -67.09 -24.59
CA ARG C 624 15.72 -66.95 -25.17
C ARG C 624 15.61 -67.18 -26.67
N ASN C 625 16.02 -66.23 -27.51
CA ASN C 625 15.73 -66.26 -28.94
C ASN C 625 14.20 -66.42 -29.14
N LEU C 626 13.70 -67.29 -30.03
CA LEU C 626 12.26 -67.57 -30.17
C LEU C 626 11.73 -68.64 -29.20
N ASP C 627 12.56 -69.23 -28.33
CA ASP C 627 12.20 -70.37 -27.49
C ASP C 627 11.80 -69.95 -26.07
N PRO C 628 10.54 -70.17 -25.65
CA PRO C 628 10.07 -69.82 -24.33
C PRO C 628 10.60 -70.73 -23.23
N GLU C 629 10.91 -70.17 -22.08
CA GLU C 629 11.12 -70.90 -20.85
C GLU C 629 9.77 -71.33 -20.23
N GLU C 630 9.88 -71.96 -19.07
CA GLU C 630 8.81 -72.16 -18.09
C GLU C 630 8.09 -70.84 -17.75
N PRO C 631 6.75 -70.76 -17.78
CA PRO C 631 6.02 -69.57 -17.36
C PRO C 631 6.07 -69.34 -15.85
N ILE C 632 6.20 -68.07 -15.46
CA ILE C 632 6.27 -67.63 -14.06
C ILE C 632 4.92 -67.02 -13.65
N GLN C 633 4.34 -67.46 -12.53
CA GLN C 633 3.09 -66.94 -11.94
C GLN C 633 3.30 -65.52 -11.42
N THR C 634 2.55 -64.53 -11.92
CA THR C 634 2.73 -63.10 -11.58
C THR C 634 1.58 -62.21 -12.06
N SER C 635 1.11 -61.27 -11.24
CA SER C 635 0.16 -60.24 -11.71
C SER C 635 0.84 -58.98 -12.26
N GLY C 636 1.89 -58.53 -11.59
CA GLY C 636 2.46 -57.19 -11.76
C GLY C 636 3.18 -56.96 -13.09
N TYR C 637 3.45 -55.68 -13.36
CA TYR C 637 4.03 -55.16 -14.60
C TYR C 637 5.55 -55.38 -14.63
N ILE C 638 6.12 -55.63 -15.81
CA ILE C 638 7.56 -55.84 -16.01
C ILE C 638 8.30 -54.51 -15.90
N CYS C 639 9.03 -54.40 -14.80
CA CYS C 639 9.60 -53.19 -14.23
C CYS C 639 11.03 -52.93 -14.75
N ASN C 640 11.92 -53.93 -14.67
CA ASN C 640 13.31 -53.88 -15.13
C ASN C 640 13.81 -55.29 -15.50
N PHE C 641 14.69 -55.45 -16.50
CA PHE C 641 15.27 -56.75 -16.88
C PHE C 641 16.77 -56.63 -17.21
N GLU C 642 17.62 -57.07 -16.29
CA GLU C 642 19.08 -57.12 -16.44
C GLU C 642 19.72 -58.08 -15.42
N ASP C 643 20.97 -58.51 -15.64
CA ASP C 643 21.70 -59.42 -14.74
C ASP C 643 20.92 -60.70 -14.41
N LEU C 644 20.27 -61.31 -15.42
CA LEU C 644 19.46 -62.52 -15.31
C LEU C 644 18.24 -62.39 -14.35
N GLU C 645 17.87 -61.19 -13.95
CA GLU C 645 16.74 -60.93 -13.07
C GLU C 645 15.73 -60.01 -13.75
N ILE C 646 14.45 -60.31 -13.53
CA ILE C 646 13.34 -59.43 -13.92
C ILE C 646 12.66 -58.92 -12.65
N LYS C 647 12.69 -57.60 -12.45
CA LYS C 647 11.88 -56.95 -11.42
C LYS C 647 10.48 -56.74 -11.97
N SER C 648 9.51 -56.94 -11.10
CA SER C 648 8.09 -56.81 -11.36
C SER C 648 7.46 -55.93 -10.29
N VAL C 649 6.47 -55.10 -10.65
CA VAL C 649 5.81 -54.17 -9.71
C VAL C 649 4.29 -54.30 -9.73
N LEU C 650 3.70 -54.37 -8.54
CA LEU C 650 2.29 -54.65 -8.29
C LEU C 650 1.50 -53.33 -8.18
N LEU C 651 1.47 -52.54 -9.27
CA LEU C 651 0.78 -51.23 -9.33
C LEU C 651 -0.68 -51.30 -8.86
N ASP C 652 -1.34 -52.42 -9.19
CA ASP C 652 -2.72 -52.72 -8.81
C ASP C 652 -2.93 -52.83 -7.29
N GLU C 653 -1.90 -53.16 -6.52
CA GLU C 653 -1.94 -53.14 -5.06
C GLU C 653 -1.53 -51.75 -4.52
N ILE C 654 -0.46 -51.16 -5.08
CA ILE C 654 0.05 -49.84 -4.69
C ILE C 654 -1.07 -48.79 -4.74
N LEU C 655 -1.83 -48.75 -5.83
CA LEU C 655 -2.84 -47.73 -6.09
C LEU C 655 -4.17 -47.95 -5.32
N LYS C 656 -4.31 -49.00 -4.51
CA LYS C 656 -5.41 -49.15 -3.54
C LYS C 656 -5.22 -48.28 -2.29
N ASP C 657 -3.98 -48.07 -1.88
CA ASP C 657 -3.58 -47.18 -0.77
C ASP C 657 -2.22 -46.52 -1.05
N PRO C 658 -2.13 -45.61 -2.05
CA PRO C 658 -0.88 -45.07 -2.60
C PRO C 658 -0.02 -44.29 -1.60
N GLU C 659 -0.56 -43.89 -0.45
CA GLU C 659 0.19 -43.22 0.60
C GLU C 659 0.88 -44.13 1.62
N HIS C 660 0.72 -45.47 1.52
CA HIS C 660 1.36 -46.42 2.43
C HIS C 660 1.88 -47.70 1.73
N PRO C 661 2.62 -47.60 0.61
CA PRO C 661 3.15 -48.78 -0.09
C PRO C 661 4.09 -49.60 0.79
N ASN C 662 4.19 -50.89 0.47
CA ASN C 662 4.95 -51.88 1.23
C ASN C 662 6.01 -52.52 0.32
N LYS C 663 7.15 -52.93 0.88
CA LYS C 663 8.26 -53.59 0.18
C LYS C 663 7.77 -54.72 -0.76
N ASP C 664 6.78 -55.50 -0.32
CA ASP C 664 6.23 -56.64 -1.05
C ASP C 664 5.56 -56.27 -2.38
N TYR C 665 5.19 -55.01 -2.61
CA TYR C 665 4.56 -54.59 -3.86
C TYR C 665 5.53 -54.50 -5.05
N LEU C 666 6.80 -54.85 -4.85
CA LEU C 666 7.78 -55.08 -5.90
C LEU C 666 8.40 -56.48 -5.71
N ILE C 667 8.43 -57.32 -6.74
CA ILE C 667 8.90 -58.70 -6.64
C ILE C 667 9.96 -58.97 -7.70
N ASN C 668 11.02 -59.66 -7.29
CA ASN C 668 12.19 -60.06 -8.08
C ASN C 668 12.04 -61.49 -8.60
N PHE C 669 12.19 -61.68 -9.91
CA PHE C 669 12.19 -62.99 -10.55
C PHE C 669 13.59 -63.31 -11.06
N GLU C 670 13.96 -64.58 -10.99
CA GLU C 670 15.23 -65.08 -11.51
C GLU C 670 14.95 -65.95 -12.73
N ILE C 671 15.53 -65.64 -13.90
CA ILE C 671 15.29 -66.47 -15.08
C ILE C 671 16.01 -67.82 -14.97
N ARG C 672 15.64 -68.82 -15.78
CA ARG C 672 15.95 -70.24 -15.47
C ARG C 672 17.46 -70.54 -15.32
N SER C 673 18.36 -69.95 -16.11
CA SER C 673 19.81 -70.13 -15.97
C SER C 673 20.36 -69.76 -14.59
N LEU C 674 19.77 -68.74 -13.95
CA LEU C 674 20.12 -68.33 -12.61
C LEU C 674 19.54 -69.26 -11.54
N ARG C 675 18.28 -69.68 -11.67
CA ARG C 675 17.67 -70.64 -10.74
C ARG C 675 18.33 -72.00 -10.82
N ASP C 676 18.65 -72.50 -12.01
CA ASP C 676 19.42 -73.73 -12.17
C ASP C 676 20.77 -73.65 -11.47
N SER C 677 21.50 -72.54 -11.63
CA SER C 677 22.79 -72.35 -10.97
C SER C 677 22.67 -72.24 -9.45
N ARG C 678 21.64 -71.55 -8.94
CA ARG C 678 21.36 -71.53 -7.50
C ARG C 678 20.93 -72.90 -6.97
N ALA C 679 20.19 -73.68 -7.76
CA ALA C 679 19.84 -75.05 -7.41
C ALA C 679 21.07 -75.96 -7.39
N LEU C 680 21.94 -75.94 -8.40
CA LEU C 680 23.18 -76.72 -8.40
C LEU C 680 24.02 -76.44 -7.17
N ILE C 681 24.21 -75.17 -6.81
CA ILE C 681 25.02 -74.79 -5.65
C ILE C 681 24.44 -75.39 -4.38
N GLU C 682 23.12 -75.53 -4.27
CA GLU C 682 22.45 -76.14 -3.12
C GLU C 682 22.46 -77.69 -3.13
N LYS C 683 22.34 -78.31 -4.32
CA LYS C 683 22.27 -79.77 -4.53
C LYS C 683 23.65 -80.41 -4.72
N VAL C 684 24.34 -80.05 -5.81
CA VAL C 684 25.67 -80.56 -6.21
C VAL C 684 26.80 -79.98 -5.35
N GLY C 685 26.55 -78.85 -4.69
CA GLY C 685 27.50 -78.21 -3.78
C GLY C 685 28.54 -77.34 -4.50
N ILE C 686 29.09 -76.39 -3.75
CA ILE C 686 29.92 -75.28 -4.24
C ILE C 686 31.11 -75.75 -5.09
N LYS C 687 31.70 -76.90 -4.75
CA LYS C 687 32.84 -77.48 -5.47
C LYS C 687 32.53 -77.75 -6.94
N ASP C 688 31.60 -78.66 -7.22
CA ASP C 688 31.33 -79.14 -8.59
C ASP C 688 30.26 -78.34 -9.34
N ALA C 689 29.43 -77.54 -8.66
CA ALA C 689 28.53 -76.58 -9.31
C ALA C 689 29.28 -75.62 -10.27
N SER C 690 30.53 -75.29 -9.95
CA SER C 690 31.40 -74.48 -10.79
C SER C 690 31.62 -75.08 -12.18
N GLN C 691 31.53 -76.41 -12.35
CA GLN C 691 31.69 -77.02 -13.67
C GLN C 691 30.60 -76.56 -14.65
N PHE C 692 29.34 -76.46 -14.23
CA PHE C 692 28.27 -75.96 -15.08
C PHE C 692 28.51 -74.51 -15.50
N ILE C 693 29.06 -73.70 -14.60
CA ILE C 693 29.36 -72.31 -14.89
C ILE C 693 30.60 -72.22 -15.79
N GLU C 694 31.62 -73.06 -15.63
CA GLU C 694 32.71 -73.16 -16.60
C GLU C 694 32.23 -73.68 -17.97
N ASP C 695 31.22 -74.55 -18.02
CA ASP C 695 30.59 -75.01 -19.26
C ASP C 695 29.78 -73.89 -19.94
N ASN C 696 29.04 -73.10 -19.17
CA ASN C 696 28.17 -72.02 -19.63
C ASN C 696 28.29 -70.79 -18.71
N PRO C 697 29.31 -69.95 -18.89
CA PRO C 697 29.62 -68.86 -17.97
C PRO C 697 28.71 -67.65 -18.17
N HIS C 698 28.46 -66.92 -17.09
CA HIS C 698 27.85 -65.58 -17.14
C HIS C 698 28.34 -64.74 -15.95
N PRO C 699 28.66 -63.46 -16.10
CA PRO C 699 29.16 -62.63 -15.00
C PRO C 699 28.28 -62.59 -13.76
N ARG C 700 26.96 -62.76 -13.88
CA ARG C 700 26.06 -62.86 -12.72
C ARG C 700 26.28 -64.14 -11.93
N LEU C 701 26.63 -65.24 -12.59
CA LEU C 701 26.80 -66.56 -11.98
C LEU C 701 28.12 -66.69 -11.24
N TRP C 702 29.18 -66.07 -11.74
CA TRP C 702 30.43 -65.99 -11.00
C TRP C 702 30.23 -65.26 -9.67
N ARG C 703 29.49 -64.15 -9.64
CA ARG C 703 29.20 -63.47 -8.37
C ARG C 703 28.40 -64.35 -7.40
N LEU C 704 27.42 -65.10 -7.90
CA LEU C 704 26.62 -66.02 -7.07
C LEU C 704 27.49 -67.11 -6.43
N LEU C 705 28.37 -67.73 -7.20
CA LEU C 705 29.34 -68.69 -6.69
C LEU C 705 30.30 -68.05 -5.67
N ALA C 706 30.73 -66.82 -5.90
CA ALA C 706 31.60 -66.10 -4.98
C ALA C 706 30.93 -65.82 -3.62
N GLU C 707 29.74 -65.26 -3.62
CA GLU C 707 29.00 -65.00 -2.39
C GLU C 707 28.59 -66.29 -1.67
N ALA C 708 28.31 -67.38 -2.39
CA ALA C 708 28.08 -68.70 -1.80
C ALA C 708 29.36 -69.22 -1.13
N ALA C 709 30.49 -69.21 -1.84
CA ALA C 709 31.76 -69.67 -1.33
C ALA C 709 32.22 -68.87 -0.12
N LEU C 710 32.11 -67.53 -0.14
CA LEU C 710 32.37 -66.70 1.04
C LEU C 710 31.52 -67.13 2.24
N GLN C 711 30.21 -67.34 2.09
CA GLN C 711 29.35 -67.66 3.22
C GLN C 711 29.67 -69.03 3.81
N LYS C 712 30.09 -70.01 3.01
CA LYS C 712 30.62 -71.31 3.49
C LYS C 712 32.14 -71.29 3.76
N LEU C 713 32.76 -70.12 3.77
CA LEU C 713 34.19 -69.87 4.03
C LEU C 713 35.19 -70.52 3.05
N ASP C 714 34.77 -70.96 1.87
CA ASP C 714 35.64 -71.53 0.83
C ASP C 714 36.46 -70.45 0.10
N LEU C 715 37.45 -69.86 0.78
CA LEU C 715 38.22 -68.73 0.25
C LEU C 715 38.93 -69.02 -1.07
N TYR C 716 39.34 -70.27 -1.32
CA TYR C 716 39.91 -70.69 -2.60
C TYR C 716 38.92 -70.55 -3.76
N THR C 717 37.72 -71.11 -3.64
CA THR C 717 36.71 -71.02 -4.70
C THR C 717 36.15 -69.61 -4.81
N ALA C 718 35.95 -68.91 -3.70
CA ALA C 718 35.57 -67.51 -3.71
C ALA C 718 36.61 -66.68 -4.47
N GLU C 719 37.91 -66.91 -4.26
CA GLU C 719 38.96 -66.21 -5.01
C GLU C 719 38.86 -66.46 -6.51
N GLN C 720 38.69 -67.72 -6.93
CA GLN C 720 38.51 -68.04 -8.34
C GLN C 720 37.24 -67.41 -8.93
N ALA C 721 36.13 -67.37 -8.18
CA ALA C 721 34.91 -66.74 -8.64
C ALA C 721 35.05 -65.21 -8.80
N PHE C 722 35.70 -64.54 -7.86
CA PHE C 722 36.01 -63.12 -8.02
C PHE C 722 36.99 -62.88 -9.17
N VAL C 723 37.98 -63.75 -9.40
CA VAL C 723 38.85 -63.66 -10.57
C VAL C 723 38.07 -63.75 -11.87
N ARG C 724 37.16 -64.71 -12.00
CA ARG C 724 36.43 -64.97 -13.24
C ARG C 724 35.50 -63.83 -13.65
N CYS C 725 34.98 -63.06 -12.70
CA CYS C 725 34.27 -61.80 -12.98
C CYS C 725 35.09 -60.53 -12.72
N LYS C 726 36.41 -60.65 -12.53
CA LYS C 726 37.38 -59.54 -12.45
C LYS C 726 37.11 -58.54 -11.32
N ASP C 727 36.59 -58.99 -10.19
CA ASP C 727 36.34 -58.13 -9.04
C ASP C 727 37.57 -58.00 -8.14
N TYR C 728 38.38 -56.96 -8.35
CA TYR C 728 39.58 -56.78 -7.52
C TYR C 728 39.25 -56.45 -6.06
N GLN C 729 38.08 -55.87 -5.77
CA GLN C 729 37.65 -55.64 -4.39
C GLN C 729 37.40 -56.98 -3.71
N GLY C 730 36.76 -57.92 -4.41
CA GLY C 730 36.53 -59.28 -3.94
C GLY C 730 37.83 -60.06 -3.73
N ILE C 731 38.75 -60.02 -4.70
CA ILE C 731 40.06 -60.67 -4.57
C ILE C 731 40.81 -60.16 -3.34
N LYS C 732 40.91 -58.84 -3.13
CA LYS C 732 41.51 -58.30 -1.90
C LYS C 732 40.78 -58.79 -0.66
N PHE C 733 39.45 -58.85 -0.70
CA PHE C 733 38.69 -59.27 0.47
C PHE C 733 38.95 -60.73 0.86
N VAL C 734 38.95 -61.66 -0.10
CA VAL C 734 39.26 -63.07 0.24
C VAL C 734 40.68 -63.20 0.77
N LYS C 735 41.65 -62.49 0.18
CA LYS C 735 43.02 -62.52 0.70
C LYS C 735 43.08 -62.01 2.12
N ARG C 736 42.43 -60.89 2.42
CA ARG C 736 42.38 -60.35 3.78
C ARG C 736 41.77 -61.36 4.75
N LEU C 737 40.64 -61.99 4.41
CA LEU C 737 40.07 -63.06 5.24
C LEU C 737 41.08 -64.21 5.42
N GLY C 738 41.77 -64.59 4.36
CA GLY C 738 42.78 -65.66 4.34
C GLY C 738 44.05 -65.39 5.16
N LYS C 739 44.19 -64.21 5.75
CA LYS C 739 45.26 -63.86 6.72
C LYS C 739 44.78 -63.88 8.16
N LEU C 740 43.48 -63.84 8.43
CA LEU C 740 42.95 -63.79 9.80
C LEU C 740 43.14 -65.12 10.53
N LEU C 741 43.35 -65.04 11.84
CA LEU C 741 43.65 -66.20 12.70
C LEU C 741 42.41 -66.91 13.24
N SER C 742 41.31 -66.19 13.46
CA SER C 742 40.13 -66.67 14.19
C SER C 742 38.94 -66.89 13.27
N GLU C 743 38.34 -68.08 13.30
CA GLU C 743 37.11 -68.38 12.57
C GLU C 743 35.94 -67.49 12.99
N SER C 744 35.80 -67.13 14.28
CA SER C 744 34.74 -66.23 14.74
C SER C 744 34.89 -64.86 14.09
N MET C 745 36.12 -64.38 13.99
CA MET C 745 36.45 -63.12 13.35
C MET C 745 36.24 -63.17 11.83
N LYS C 746 36.64 -64.26 11.16
CA LYS C 746 36.29 -64.46 9.75
C LYS C 746 34.78 -64.44 9.54
N GLN C 747 33.98 -65.00 10.45
CA GLN C 747 32.53 -64.85 10.37
C GLN C 747 32.10 -63.38 10.51
N ALA C 748 32.56 -62.67 11.54
CA ALA C 748 32.18 -61.28 11.75
C ALA C 748 32.52 -60.39 10.55
N GLU C 749 33.70 -60.56 9.97
CA GLU C 749 34.14 -59.85 8.78
C GLU C 749 33.31 -60.23 7.56
N VAL C 750 33.06 -61.53 7.29
CA VAL C 750 32.34 -61.90 6.06
C VAL C 750 30.86 -61.56 6.13
N VAL C 751 30.23 -61.65 7.31
CA VAL C 751 28.88 -61.14 7.57
C VAL C 751 28.78 -59.66 7.18
N GLY C 752 29.84 -58.88 7.38
CA GLY C 752 29.88 -57.48 6.98
C GLY C 752 29.75 -57.27 5.47
N TYR C 753 30.33 -58.17 4.66
CA TYR C 753 30.44 -58.00 3.21
C TYR C 753 29.10 -57.84 2.50
N PHE C 754 28.08 -58.57 2.95
CA PHE C 754 26.75 -58.55 2.36
C PHE C 754 25.93 -57.31 2.74
N GLY C 755 26.37 -56.53 3.74
CA GLY C 755 25.60 -55.43 4.31
C GLY C 755 24.81 -55.77 5.59
N ARG C 756 25.20 -56.83 6.31
CA ARG C 756 24.53 -57.28 7.54
C ARG C 756 25.15 -56.66 8.79
N PHE C 757 25.41 -55.35 8.76
CA PHE C 757 26.28 -54.67 9.73
C PHE C 757 25.85 -54.85 11.18
N GLU C 758 24.54 -54.89 11.44
CA GLU C 758 23.99 -55.16 12.77
C GLU C 758 24.39 -56.54 13.31
N GLU C 759 24.41 -57.55 12.45
CA GLU C 759 24.86 -58.91 12.79
C GLU C 759 26.36 -58.97 13.02
N ALA C 760 27.15 -58.29 12.18
CA ALA C 760 28.59 -58.18 12.40
C ALA C 760 28.89 -57.50 13.75
N GLU C 761 28.19 -56.42 14.08
CA GLU C 761 28.36 -55.72 15.36
C GLU C 761 28.05 -56.64 16.53
N ARG C 762 26.92 -57.33 16.50
CA ARG C 762 26.57 -58.32 17.52
C ARG C 762 27.63 -59.40 17.63
N THR C 763 28.18 -59.85 16.50
CA THR C 763 29.27 -60.83 16.50
C THR C 763 30.49 -60.28 17.22
N TYR C 764 30.90 -59.05 16.94
CA TYR C 764 32.01 -58.43 17.66
C TYR C 764 31.74 -58.23 19.16
N LEU C 765 30.52 -57.84 19.55
CA LEU C 765 30.17 -57.75 20.97
C LEU C 765 30.21 -59.12 21.67
N GLU C 766 29.71 -60.18 21.02
CA GLU C 766 29.81 -61.55 21.53
C GLU C 766 31.27 -62.04 21.62
N MET C 767 32.14 -61.60 20.70
CA MET C 767 33.58 -61.87 20.70
C MET C 767 34.37 -61.11 21.79
N ASP C 768 33.75 -60.24 22.59
CA ASP C 768 34.42 -59.28 23.48
C ASP C 768 35.35 -58.30 22.72
N ARG C 769 34.97 -57.96 21.50
CA ARG C 769 35.64 -56.98 20.64
C ARG C 769 34.77 -55.72 20.47
N ARG C 770 34.40 -55.09 21.59
CA ARG C 770 33.66 -53.80 21.56
C ARG C 770 34.42 -52.76 20.72
N ASP C 771 35.74 -52.86 20.69
CA ASP C 771 36.57 -52.02 19.84
C ASP C 771 36.32 -52.24 18.35
N LEU C 772 36.16 -53.47 17.89
CA LEU C 772 35.78 -53.74 16.49
C LEU C 772 34.32 -53.35 16.23
N ALA C 773 33.43 -53.46 17.22
CA ALA C 773 32.06 -52.99 17.09
C ALA C 773 32.01 -51.47 16.83
N ILE C 774 32.70 -50.68 17.66
CA ILE C 774 32.86 -49.25 17.43
C ILE C 774 33.59 -48.99 16.11
N GLY C 775 34.64 -49.73 15.78
CA GLY C 775 35.35 -49.59 14.50
C GLY C 775 34.44 -49.75 13.27
N LEU C 776 33.57 -50.76 13.27
CA LEU C 776 32.57 -50.95 12.22
C LEU C 776 31.60 -49.75 12.15
N ARG C 777 31.11 -49.25 13.29
CA ARG C 777 30.21 -48.11 13.32
C ARG C 777 30.88 -46.80 12.88
N LEU C 778 32.15 -46.58 13.22
CA LEU C 778 32.92 -45.46 12.70
C LEU C 778 32.97 -45.52 11.18
N LYS C 779 33.31 -46.69 10.60
CA LYS C 779 33.38 -46.87 9.14
C LYS C 779 32.01 -46.61 8.48
N LEU C 780 30.90 -47.04 9.10
CA LEU C 780 29.54 -46.82 8.59
C LEU C 780 28.97 -45.41 8.84
N GLY C 781 29.59 -44.62 9.71
CA GLY C 781 29.13 -43.27 10.06
C GLY C 781 27.94 -43.22 11.04
N ASP C 782 27.61 -44.30 11.75
CA ASP C 782 26.55 -44.25 12.77
C ASP C 782 27.08 -43.68 14.09
N TRP C 783 27.30 -42.38 14.10
CA TRP C 783 27.91 -41.69 15.23
C TRP C 783 27.04 -41.70 16.50
N PHE C 784 25.72 -41.78 16.38
CA PHE C 784 24.84 -42.02 17.52
C PHE C 784 25.14 -43.38 18.14
N ARG C 785 25.31 -44.43 17.33
CA ARG C 785 25.72 -45.74 17.86
C ARG C 785 27.13 -45.73 18.41
N VAL C 786 28.09 -45.08 17.76
CA VAL C 786 29.45 -44.91 18.29
C VAL C 786 29.38 -44.37 19.72
N LEU C 787 28.65 -43.28 19.90
CA LEU C 787 28.50 -42.65 21.22
C LEU C 787 27.69 -43.52 22.19
N GLN C 788 26.66 -44.23 21.71
CA GLN C 788 25.87 -45.14 22.54
C GLN C 788 26.72 -46.31 23.07
N LEU C 789 27.57 -46.90 22.24
CA LEU C 789 28.50 -47.94 22.68
C LEU C 789 29.50 -47.38 23.69
N LEU C 790 30.10 -46.20 23.43
CA LEU C 790 31.06 -45.60 24.36
C LEU C 790 30.44 -45.28 25.72
N LYS C 791 29.18 -44.82 25.75
CA LYS C 791 28.43 -44.59 26.99
C LYS C 791 28.05 -45.88 27.73
N THR C 792 27.68 -46.93 26.99
CA THR C 792 27.15 -48.18 27.57
C THR C 792 28.21 -49.23 27.88
N GLY C 793 29.40 -49.14 27.30
CA GLY C 793 30.51 -50.08 27.53
C GLY C 793 31.09 -50.05 28.95
N SER C 794 31.82 -51.10 29.30
CA SER C 794 32.47 -51.26 30.62
C SER C 794 33.76 -50.45 30.78
N GLY C 795 34.46 -50.15 29.69
CA GLY C 795 35.74 -49.44 29.71
C GLY C 795 35.59 -47.92 29.71
N ASP C 796 36.61 -47.22 30.22
CA ASP C 796 36.69 -45.75 30.18
C ASP C 796 36.82 -45.26 28.74
N ALA C 797 35.80 -44.61 28.19
CA ALA C 797 35.75 -44.13 26.81
C ALA C 797 36.83 -43.07 26.53
N ASP C 798 37.57 -43.23 25.43
CA ASP C 798 38.65 -42.32 25.07
C ASP C 798 38.14 -40.89 24.84
N ASP C 799 38.77 -39.92 25.51
CA ASP C 799 38.31 -38.53 25.51
C ASP C 799 38.28 -37.93 24.10
N SER C 800 39.35 -38.11 23.34
CA SER C 800 39.43 -37.68 21.93
C SER C 800 38.42 -38.41 21.03
N LEU C 801 37.98 -39.61 21.40
CA LEU C 801 36.95 -40.34 20.66
C LEU C 801 35.55 -39.85 21.01
N LEU C 802 35.22 -39.57 22.28
CA LEU C 802 33.98 -38.88 22.64
C LEU C 802 33.91 -37.49 21.99
N GLU C 803 35.04 -36.78 21.92
CA GLU C 803 35.15 -35.52 21.21
C GLU C 803 34.86 -35.70 19.71
N GLN C 804 35.51 -36.67 19.07
CA GLN C 804 35.25 -37.00 17.66
C GLN C 804 33.79 -37.37 17.43
N ALA C 805 33.20 -38.16 18.33
CA ALA C 805 31.84 -38.63 18.21
C ALA C 805 30.85 -37.48 18.29
N ASN C 806 30.93 -36.66 19.35
CA ASN C 806 30.08 -35.49 19.45
C ASN C 806 30.27 -34.57 18.25
N ASN C 807 31.50 -34.26 17.84
CA ASN C 807 31.70 -33.33 16.74
C ASN C 807 31.14 -33.85 15.42
N ALA C 808 31.20 -35.15 15.14
CA ALA C 808 30.58 -35.71 13.95
C ALA C 808 29.03 -35.69 14.00
N ILE C 809 28.42 -35.85 15.18
CA ILE C 809 26.96 -35.69 15.33
C ILE C 809 26.57 -34.21 15.20
N GLY C 810 27.34 -33.29 15.78
CA GLY C 810 27.19 -31.86 15.55
C GLY C 810 27.23 -31.53 14.06
N ASP C 811 28.24 -32.01 13.34
CA ASP C 811 28.35 -31.85 11.89
C ASP C 811 27.16 -32.45 11.14
N TYR C 812 26.68 -33.63 11.55
CA TYR C 812 25.53 -34.28 10.93
C TYR C 812 24.31 -33.37 10.93
N PHE C 813 23.99 -32.73 12.07
CA PHE C 813 22.89 -31.79 12.15
C PHE C 813 23.19 -30.43 11.51
N ALA C 814 24.39 -29.88 11.66
CA ALA C 814 24.73 -28.60 11.06
C ALA C 814 24.68 -28.67 9.53
N ASP C 815 25.18 -29.75 8.93
CA ASP C 815 25.11 -29.96 7.47
C ASP C 815 23.66 -30.08 6.96
N ARG C 816 22.73 -30.47 7.83
CA ARG C 816 21.27 -30.53 7.58
C ARG C 816 20.55 -29.26 8.04
N GLN C 817 21.29 -28.18 8.33
CA GLN C 817 20.79 -26.86 8.74
C GLN C 817 19.96 -26.88 10.04
N LYS C 818 20.13 -27.91 10.89
CA LYS C 818 19.50 -28.03 12.20
C LYS C 818 20.42 -27.48 13.31
N TRP C 819 20.73 -26.20 13.24
CA TRP C 819 21.72 -25.54 14.11
C TRP C 819 21.45 -25.75 15.60
N LEU C 820 20.20 -25.70 16.03
CA LEU C 820 19.81 -25.92 17.43
C LEU C 820 20.14 -27.33 17.93
N ASN C 821 20.08 -28.35 17.06
CA ASN C 821 20.58 -29.68 17.38
C ASN C 821 22.11 -29.69 17.39
N ALA C 822 22.77 -29.10 16.39
CA ALA C 822 24.23 -29.09 16.31
C ALA C 822 24.90 -28.51 17.56
N VAL C 823 24.35 -27.45 18.14
CA VAL C 823 24.81 -26.83 19.38
C VAL C 823 24.88 -27.84 20.53
N GLN C 824 23.88 -28.71 20.68
CA GLN C 824 23.82 -29.70 21.77
C GLN C 824 25.04 -30.62 21.78
N TYR C 825 25.57 -30.95 20.60
CA TYR C 825 26.74 -31.81 20.45
C TYR C 825 28.04 -31.00 20.42
N TYR C 826 28.12 -29.92 19.66
CA TYR C 826 29.33 -29.10 19.58
C TYR C 826 29.77 -28.50 20.91
N VAL C 827 28.85 -28.21 21.84
CA VAL C 827 29.19 -27.70 23.18
C VAL C 827 29.79 -28.78 24.10
N GLN C 828 29.42 -30.04 23.89
CA GLN C 828 30.05 -31.21 24.53
C GLN C 828 31.38 -31.53 23.85
N GLY C 829 31.42 -31.51 22.52
CA GLY C 829 32.57 -31.85 21.70
C GLY C 829 33.63 -30.74 21.56
N ARG C 830 33.51 -29.64 22.31
CA ARG C 830 34.48 -28.52 22.32
C ARG C 830 34.86 -28.06 20.91
N ASN C 831 33.84 -27.67 20.13
CA ASN C 831 34.01 -27.17 18.77
C ASN C 831 33.64 -25.69 18.66
N GLN C 832 34.35 -24.83 19.39
CA GLN C 832 34.09 -23.39 19.44
C GLN C 832 33.96 -22.76 18.05
N GLU C 833 34.78 -23.19 17.09
CA GLU C 833 34.86 -22.66 15.73
C GLU C 833 33.62 -22.90 14.85
N ARG C 834 32.75 -23.87 15.17
CA ARG C 834 31.42 -24.02 14.55
C ARG C 834 30.26 -23.78 15.52
N LEU C 835 30.50 -23.84 16.82
CA LEU C 835 29.56 -23.37 17.82
C LEU C 835 29.26 -21.88 17.63
N ALA C 836 30.24 -21.07 17.23
CA ALA C 836 30.03 -19.68 16.83
C ALA C 836 29.10 -19.55 15.62
N GLU C 837 29.35 -20.30 14.55
CA GLU C 837 28.51 -20.29 13.34
C GLU C 837 27.06 -20.65 13.69
N CYS C 838 26.86 -21.62 14.57
CA CYS C 838 25.53 -22.00 15.00
C CYS C 838 24.86 -20.88 15.81
N TYR C 839 25.48 -20.35 16.87
CA TYR C 839 24.88 -19.28 17.66
C TYR C 839 24.57 -18.02 16.84
N TYR C 840 25.33 -17.75 15.77
CA TYR C 840 25.05 -16.67 14.83
C TYR C 840 23.83 -16.97 13.93
N MET C 841 23.78 -18.13 13.27
CA MET C 841 22.65 -18.52 12.41
C MET C 841 21.33 -18.71 13.19
N LEU C 842 21.43 -19.19 14.42
CA LEU C 842 20.35 -19.34 15.41
C LEU C 842 19.91 -17.99 16.02
N GLU C 843 20.66 -16.91 15.78
CA GLU C 843 20.46 -15.57 16.31
C GLU C 843 20.38 -15.57 17.85
N ASP C 844 21.37 -16.18 18.50
CA ASP C 844 21.53 -16.18 19.94
C ASP C 844 22.77 -15.38 20.34
N TYR C 845 22.63 -14.06 20.41
CA TYR C 845 23.72 -13.18 20.78
C TYR C 845 24.11 -13.27 22.26
N GLU C 846 23.28 -13.88 23.12
CA GLU C 846 23.71 -14.27 24.47
C GLU C 846 24.59 -15.52 24.43
N GLY C 847 24.26 -16.49 23.57
CA GLY C 847 25.09 -17.65 23.31
C GLY C 847 26.45 -17.25 22.75
N LEU C 848 26.45 -16.46 21.68
CA LEU C 848 27.68 -15.99 21.06
C LEU C 848 28.51 -15.11 22.00
N GLU C 849 27.90 -14.38 22.94
CA GLU C 849 28.64 -13.65 23.98
C GLU C 849 29.33 -14.63 24.96
N ASN C 850 28.59 -15.59 25.50
CA ASN C 850 29.17 -16.56 26.43
C ASN C 850 30.17 -17.51 25.77
N LEU C 851 30.10 -17.68 24.44
CA LEU C 851 31.19 -18.29 23.69
C LEU C 851 32.44 -17.42 23.68
N ALA C 852 32.38 -16.19 23.13
CA ALA C 852 33.56 -15.34 23.04
C ALA C 852 34.17 -14.99 24.41
N ILE C 853 33.36 -14.79 25.45
CA ILE C 853 33.91 -14.55 26.79
C ILE C 853 34.64 -15.77 27.36
N SER C 854 34.38 -16.99 26.88
CA SER C 854 35.08 -18.20 27.36
C SER C 854 36.50 -18.39 26.79
N LEU C 855 36.82 -17.80 25.63
CA LEU C 855 38.09 -18.06 24.92
C LEU C 855 39.31 -17.42 25.62
N PRO C 856 40.53 -17.96 25.39
CA PRO C 856 41.79 -17.32 25.76
C PRO C 856 42.06 -16.00 25.02
N GLU C 857 42.83 -15.09 25.59
CA GLU C 857 43.30 -13.94 24.82
C GLU C 857 44.16 -14.39 23.64
N ASN C 858 44.13 -13.61 22.55
CA ASN C 858 44.77 -13.89 21.26
C ASN C 858 44.28 -15.17 20.55
N HIS C 859 43.22 -15.82 21.02
CA HIS C 859 42.65 -17.01 20.37
C HIS C 859 42.12 -16.72 18.97
N LYS C 860 42.40 -17.60 18.00
CA LYS C 860 42.16 -17.40 16.55
C LYS C 860 40.71 -17.08 16.18
N LEU C 861 39.73 -17.44 17.01
CA LEU C 861 38.30 -17.23 16.74
C LEU C 861 37.78 -15.86 17.20
N LEU C 862 38.43 -15.20 18.16
CA LEU C 862 37.97 -13.89 18.63
C LEU C 862 37.80 -12.82 17.55
N PRO C 863 38.66 -12.67 16.51
CA PRO C 863 38.45 -11.65 15.47
C PRO C 863 37.27 -11.95 14.55
N GLU C 864 36.87 -13.21 14.37
CA GLU C 864 35.65 -13.48 13.59
C GLU C 864 34.39 -13.27 14.44
N ILE C 865 34.36 -13.70 15.71
CA ILE C 865 33.21 -13.36 16.55
C ILE C 865 33.07 -11.83 16.71
N ALA C 866 34.18 -11.10 16.82
CA ALA C 866 34.16 -9.64 16.81
C ALA C 866 33.49 -9.08 15.52
N GLN C 867 33.84 -9.60 14.34
CA GLN C 867 33.15 -9.20 13.10
C GLN C 867 31.67 -9.59 13.08
N MET C 868 31.26 -10.71 13.68
CA MET C 868 29.84 -11.05 13.80
C MET C 868 29.09 -9.98 14.59
N PHE C 869 29.61 -9.58 15.75
CA PHE C 869 29.00 -8.51 16.54
C PHE C 869 28.95 -7.16 15.78
N VAL C 870 29.95 -6.84 14.93
CA VAL C 870 29.90 -5.66 14.06
C VAL C 870 28.80 -5.76 12.99
N ARG C 871 28.65 -6.90 12.30
CA ARG C 871 27.65 -7.10 11.21
C ARG C 871 26.20 -6.94 11.69
N VAL C 872 25.99 -7.22 12.98
CA VAL C 872 24.74 -7.14 13.72
C VAL C 872 24.55 -5.81 14.50
N GLY C 873 25.59 -4.98 14.62
CA GLY C 873 25.50 -3.64 15.20
C GLY C 873 25.73 -3.53 16.71
N MET C 874 26.38 -4.50 17.36
CA MET C 874 26.60 -4.54 18.80
C MET C 874 28.00 -4.03 19.17
N CYS C 875 28.10 -2.81 19.72
CA CYS C 875 29.40 -2.20 19.98
C CYS C 875 30.14 -2.80 21.19
N GLU C 876 29.51 -2.94 22.36
CA GLU C 876 30.20 -3.41 23.58
C GLU C 876 30.74 -4.84 23.44
N GLN C 877 29.98 -5.74 22.79
CA GLN C 877 30.42 -7.10 22.51
C GLN C 877 31.61 -7.14 21.54
N ALA C 878 31.55 -6.38 20.44
CA ALA C 878 32.68 -6.27 19.51
C ALA C 878 33.92 -5.64 20.17
N VAL C 879 33.75 -4.59 20.99
CA VAL C 879 34.85 -4.00 21.78
C VAL C 879 35.44 -5.02 22.76
N THR C 880 34.61 -5.80 23.46
CA THR C 880 35.09 -6.89 24.33
C THR C 880 35.92 -7.91 23.54
N ALA C 881 35.44 -8.36 22.38
CA ALA C 881 36.16 -9.32 21.54
C ALA C 881 37.47 -8.77 20.98
N PHE C 882 37.52 -7.52 20.46
CA PHE C 882 38.75 -6.89 19.99
C PHE C 882 39.74 -6.55 21.11
N LEU C 883 39.29 -6.41 22.37
CA LEU C 883 40.19 -6.31 23.52
C LEU C 883 40.73 -7.70 23.96
N LYS C 884 39.91 -8.77 24.02
CA LYS C 884 40.45 -10.12 24.23
C LYS C 884 41.35 -10.57 23.09
N CYS C 885 41.14 -10.15 21.85
CA CYS C 885 42.06 -10.46 20.76
C CYS C 885 43.35 -9.59 20.78
N SER C 886 43.51 -8.69 21.75
CA SER C 886 44.62 -7.72 21.83
C SER C 886 44.82 -6.96 20.50
N GLN C 887 43.74 -6.41 19.97
CA GLN C 887 43.60 -5.94 18.59
C GLN C 887 43.00 -4.52 18.56
N PRO C 888 43.56 -3.56 19.35
CA PRO C 888 42.84 -2.37 19.83
C PRO C 888 42.41 -1.40 18.72
N LYS C 889 43.15 -1.30 17.62
CA LYS C 889 42.80 -0.41 16.50
C LYS C 889 41.42 -0.75 15.91
N ALA C 890 41.03 -2.02 15.90
CA ALA C 890 39.73 -2.41 15.38
C ALA C 890 38.59 -2.06 16.35
N ALA C 891 38.84 -2.07 17.66
CA ALA C 891 37.89 -1.60 18.66
C ALA C 891 37.57 -0.12 18.43
N VAL C 892 38.60 0.74 18.32
CA VAL C 892 38.41 2.17 18.04
C VAL C 892 37.59 2.36 16.75
N ASP C 893 38.02 1.72 15.67
CA ASP C 893 37.35 1.79 14.36
C ASP C 893 35.88 1.34 14.43
N THR C 894 35.58 0.33 15.26
CA THR C 894 34.21 -0.14 15.52
C THR C 894 33.39 0.90 16.29
N CYS C 895 33.97 1.55 17.30
CA CYS C 895 33.31 2.64 18.00
C CYS C 895 33.02 3.82 17.05
N VAL C 896 33.94 4.14 16.13
CA VAL C 896 33.72 5.12 15.07
C VAL C 896 32.58 4.69 14.14
N HIS C 897 32.61 3.46 13.62
CA HIS C 897 31.63 2.95 12.66
C HIS C 897 30.20 2.95 13.22
N LEU C 898 30.03 2.54 14.49
CA LEU C 898 28.74 2.53 15.18
C LEU C 898 28.41 3.86 15.89
N ASN C 899 29.14 4.94 15.57
CA ASN C 899 28.97 6.31 16.11
C ASN C 899 29.02 6.42 17.65
N GLN C 900 29.67 5.47 18.32
CA GLN C 900 29.97 5.51 19.76
C GLN C 900 31.22 6.37 20.01
N TRP C 901 31.19 7.63 19.57
CA TRP C 901 32.35 8.56 19.61
C TRP C 901 32.91 8.77 21.03
N ASN C 902 32.08 8.67 22.08
CA ASN C 902 32.54 8.67 23.48
C ASN C 902 33.52 7.51 23.73
N LYS C 903 33.08 6.27 23.48
CA LYS C 903 33.90 5.06 23.64
C LYS C 903 35.08 5.02 22.67
N ALA C 904 34.92 5.60 21.48
CA ALA C 904 36.00 5.74 20.50
C ALA C 904 37.17 6.57 21.05
N VAL C 905 36.89 7.68 21.76
CA VAL C 905 37.91 8.60 22.32
C VAL C 905 38.35 8.22 23.74
N GLU C 906 37.52 7.48 24.49
CA GLU C 906 37.79 7.04 25.87
C GLU C 906 38.88 5.97 26.01
N LEU C 907 39.29 5.31 24.91
CA LEU C 907 40.41 4.35 24.87
C LEU C 907 41.79 5.06 24.95
N ALA C 908 41.97 5.88 26.00
CA ALA C 908 43.01 6.90 26.18
C ALA C 908 44.48 6.42 26.14
N LYS C 909 44.71 5.10 26.11
CA LYS C 909 46.04 4.46 26.03
C LYS C 909 46.77 4.70 24.69
N ASN C 910 46.11 5.23 23.66
CA ASN C 910 46.65 5.33 22.30
C ASN C 910 46.69 6.77 21.75
N HIS C 911 47.70 7.07 20.92
CA HIS C 911 47.87 8.32 20.16
C HIS C 911 46.73 8.59 19.16
N SER C 912 46.16 7.50 18.63
CA SER C 912 45.04 7.50 17.69
C SER C 912 43.85 8.29 18.22
N MET C 913 43.67 8.38 19.55
CA MET C 913 42.60 9.17 20.18
C MET C 913 42.62 10.65 19.73
N LYS C 914 43.81 11.25 19.66
CA LYS C 914 43.98 12.62 19.16
C LYS C 914 43.73 12.71 17.65
N GLU C 915 44.22 11.71 16.90
CA GLU C 915 44.01 11.63 15.45
C GLU C 915 42.51 11.55 15.08
N ILE C 916 41.75 10.66 15.73
CA ILE C 916 40.29 10.58 15.52
C ILE C 916 39.56 11.83 16.00
N GLY C 917 40.11 12.60 16.94
CA GLY C 917 39.56 13.94 17.23
C GLY C 917 39.55 14.87 16.01
N SER C 918 40.52 14.76 15.10
CA SER C 918 40.47 15.46 13.80
C SER C 918 39.42 14.90 12.83
N LEU C 919 39.14 13.58 12.85
CA LEU C 919 38.06 12.97 12.05
C LEU C 919 36.68 13.39 12.59
N LEU C 920 36.52 13.44 13.91
CA LEU C 920 35.32 13.90 14.60
C LEU C 920 35.01 15.36 14.21
N ALA C 921 36.02 16.24 14.22
CA ALA C 921 35.90 17.62 13.73
C ALA C 921 35.46 17.65 12.25
N ARG C 922 36.07 16.86 11.37
CA ARG C 922 35.71 16.82 9.95
C ARG C 922 34.28 16.31 9.70
N TYR C 923 33.85 15.28 10.42
CA TYR C 923 32.49 14.75 10.38
C TYR C 923 31.48 15.81 10.85
N ALA C 924 31.77 16.50 11.96
CA ALA C 924 30.96 17.63 12.42
C ALA C 924 30.88 18.77 11.40
N SER C 925 32.00 19.14 10.75
CA SER C 925 32.00 20.12 9.65
C SER C 925 31.11 19.66 8.49
N HIS C 926 31.07 18.38 8.15
CA HIS C 926 30.18 17.88 7.11
C HIS C 926 28.71 17.92 7.54
N LEU C 927 28.38 17.62 8.81
CA LEU C 927 27.03 17.85 9.33
C LEU C 927 26.63 19.34 9.28
N LEU C 928 27.57 20.25 9.53
CA LEU C 928 27.36 21.70 9.43
C LEU C 928 27.24 22.18 7.97
N GLU C 929 27.90 21.54 7.00
CA GLU C 929 27.61 21.73 5.57
C GLU C 929 26.20 21.26 5.20
N LYS C 930 25.70 20.18 5.84
CA LYS C 930 24.29 19.78 5.81
C LYS C 930 23.38 20.65 6.71
N ASN C 931 23.96 21.65 7.39
CA ASN C 931 23.33 22.59 8.32
C ASN C 931 22.63 21.96 9.56
N LYS C 932 23.00 20.73 9.93
CA LYS C 932 22.45 19.94 11.04
C LYS C 932 23.06 20.35 12.40
N THR C 933 22.95 21.62 12.78
CA THR C 933 23.64 22.20 13.96
C THR C 933 23.31 21.47 15.27
N LEU C 934 22.07 21.02 15.45
CA LEU C 934 21.67 20.24 16.64
C LEU C 934 22.35 18.87 16.70
N ASP C 935 22.54 18.20 15.56
CA ASP C 935 23.31 16.95 15.52
C ASP C 935 24.80 17.19 15.76
N ALA C 936 25.37 18.29 15.25
CA ALA C 936 26.74 18.67 15.57
C ALA C 936 26.90 19.00 17.08
N ILE C 937 25.92 19.65 17.71
CA ILE C 937 25.88 19.83 19.17
C ILE C 937 25.84 18.48 19.89
N GLU C 938 24.96 17.55 19.49
CA GLU C 938 24.86 16.24 20.13
C GLU C 938 26.13 15.41 19.90
N LEU C 939 26.73 15.47 18.73
CA LEU C 939 28.00 14.84 18.40
C LEU C 939 29.16 15.41 19.23
N TYR C 940 29.23 16.74 19.42
CA TYR C 940 30.21 17.36 20.30
C TYR C 940 29.96 17.00 21.76
N ARG C 941 28.70 16.90 22.21
CA ARG C 941 28.36 16.35 23.52
C ARG C 941 28.80 14.88 23.64
N LYS C 942 28.58 14.01 22.64
CA LYS C 942 29.09 12.63 22.63
C LYS C 942 30.63 12.58 22.61
N ALA C 943 31.29 13.51 21.93
CA ALA C 943 32.74 13.69 21.94
C ALA C 943 33.31 14.18 23.29
N ASN C 944 32.45 14.55 24.24
CA ASN C 944 32.81 15.28 25.45
C ASN C 944 33.48 16.63 25.14
N TYR C 945 33.20 17.21 23.98
CA TYR C 945 33.62 18.54 23.57
C TYR C 945 32.66 19.59 24.16
N PHE C 946 32.48 19.57 25.49
CA PHE C 946 31.38 20.31 26.11
C PHE C 946 31.48 21.82 25.91
N PHE C 947 32.69 22.37 25.79
CA PHE C 947 32.90 23.77 25.45
C PHE C 947 32.36 24.12 24.07
N ASP C 948 32.63 23.30 23.06
CA ASP C 948 32.15 23.55 21.70
C ASP C 948 30.65 23.28 21.55
N ALA C 949 30.13 22.27 22.25
CA ALA C 949 28.68 22.11 22.38
C ALA C 949 28.03 23.32 23.09
N ALA C 950 28.62 23.84 24.18
CA ALA C 950 28.13 25.03 24.86
C ALA C 950 28.16 26.27 23.95
N LYS C 951 29.24 26.46 23.20
CA LYS C 951 29.41 27.57 22.24
C LYS C 951 28.35 27.53 21.15
N LEU C 952 28.12 26.38 20.51
CA LEU C 952 27.05 26.23 19.51
C LEU C 952 25.65 26.41 20.12
N MET C 953 25.39 25.86 21.31
CA MET C 953 24.11 26.07 21.99
C MET C 953 23.90 27.57 22.34
N PHE C 954 24.96 28.27 22.76
CA PHE C 954 24.92 29.72 22.96
C PHE C 954 24.67 30.48 21.65
N LYS C 955 25.28 30.06 20.53
CA LYS C 955 25.03 30.64 19.20
C LYS C 955 23.55 30.56 18.84
N ILE C 956 22.90 29.41 19.05
CA ILE C 956 21.45 29.29 18.86
C ILE C 956 20.70 30.20 19.85
N ALA C 957 21.05 30.18 21.14
CA ALA C 957 20.39 31.00 22.16
C ALA C 957 20.49 32.51 21.88
N ASP C 958 21.59 32.96 21.29
CA ASP C 958 21.84 34.33 20.85
C ASP C 958 20.98 34.71 19.63
N GLU C 959 20.97 33.89 18.58
CA GLU C 959 20.12 34.12 17.41
C GLU C 959 18.64 34.08 17.77
N GLU C 960 18.19 33.09 18.54
CA GLU C 960 16.80 32.96 18.94
C GLU C 960 16.37 34.09 19.87
N ALA C 961 17.26 34.59 20.72
CA ALA C 961 17.04 35.85 21.46
C ALA C 961 16.86 37.03 20.49
N LYS C 962 17.76 37.21 19.53
CA LYS C 962 17.74 38.34 18.58
C LYS C 962 16.56 38.31 17.60
N LYS C 963 16.02 37.13 17.28
CA LYS C 963 14.73 36.99 16.56
C LYS C 963 13.52 37.47 17.36
N GLY C 964 13.64 37.68 18.67
CA GLY C 964 12.49 37.88 19.55
C GLY C 964 11.64 36.62 19.73
N SER C 965 12.28 35.44 19.82
CA SER C 965 11.59 34.16 20.05
C SER C 965 10.87 34.12 21.41
N LYS C 966 10.03 33.10 21.63
CA LYS C 966 9.31 32.87 22.90
C LYS C 966 10.29 32.92 24.10
N PRO C 967 10.13 33.81 25.10
CA PRO C 967 11.12 34.01 26.16
C PRO C 967 11.51 32.73 26.91
N LEU C 968 10.54 31.86 27.21
CA LEU C 968 10.78 30.58 27.90
C LEU C 968 11.60 29.59 27.05
N ARG C 969 11.37 29.52 25.74
CA ARG C 969 12.26 28.78 24.81
C ARG C 969 13.69 29.31 24.89
N VAL C 970 13.86 30.63 24.98
CA VAL C 970 15.20 31.22 25.06
C VAL C 970 15.85 30.99 26.44
N LYS C 971 15.09 30.99 27.54
CA LYS C 971 15.57 30.49 28.85
C LYS C 971 16.09 29.04 28.73
N LYS C 972 15.30 28.13 28.14
CA LYS C 972 15.67 26.72 27.93
C LYS C 972 16.97 26.59 27.14
N LEU C 973 17.13 27.36 26.06
CA LEU C 973 18.36 27.38 25.24
C LEU C 973 19.59 27.85 26.03
N TYR C 974 19.51 28.95 26.79
CA TYR C 974 20.66 29.32 27.61
C TYR C 974 20.92 28.33 28.74
N VAL C 975 19.90 27.73 29.36
CA VAL C 975 20.08 26.67 30.37
C VAL C 975 20.80 25.44 29.78
N LEU C 976 20.42 24.99 28.58
CA LEU C 976 21.14 23.92 27.88
C LEU C 976 22.63 24.25 27.68
N SER C 977 22.95 25.50 27.32
CA SER C 977 24.34 25.95 27.19
C SER C 977 25.05 25.99 28.56
N ALA C 978 24.44 26.59 29.58
CA ALA C 978 25.03 26.70 30.91
C ALA C 978 25.36 25.33 31.51
N LEU C 979 24.46 24.36 31.36
CA LEU C 979 24.70 22.97 31.76
C LEU C 979 25.87 22.33 31.00
N LEU C 980 26.09 22.66 29.72
CA LEU C 980 27.29 22.22 29.00
C LEU C 980 28.56 22.92 29.48
N ILE C 981 28.49 24.19 29.87
CA ILE C 981 29.63 24.90 30.47
C ILE C 981 29.99 24.26 31.82
N GLU C 982 29.01 23.98 32.65
CA GLU C 982 29.21 23.19 33.86
C GLU C 982 29.82 21.82 33.55
N GLN C 983 29.38 21.11 32.51
CA GLN C 983 30.01 19.84 32.11
C GLN C 983 31.45 20.01 31.61
N TYR C 984 31.79 21.13 30.97
CA TYR C 984 33.18 21.41 30.65
C TYR C 984 34.01 21.72 31.91
N HIS C 985 33.48 22.50 32.84
CA HIS C 985 34.13 22.73 34.15
C HIS C 985 34.32 21.42 34.92
N GLU C 986 33.33 20.54 34.90
CA GLU C 986 33.43 19.19 35.45
C GLU C 986 34.56 18.40 34.78
N GLN C 987 34.71 18.52 33.45
CA GLN C 987 35.79 17.87 32.72
C GLN C 987 37.20 18.38 33.12
N MET C 988 37.34 19.56 33.73
CA MET C 988 38.63 20.04 34.23
C MET C 988 39.18 19.21 35.40
N LYS C 989 38.33 18.42 36.07
CA LYS C 989 38.67 17.60 37.23
C LYS C 989 39.38 16.30 36.87
N ARG C 1021 35.87 35.06 27.91
CA ARG C 1021 35.22 35.05 29.22
C ARG C 1021 33.83 34.38 29.20
N PHE C 1022 33.39 33.89 28.05
CA PHE C 1022 32.25 32.97 27.93
C PHE C 1022 32.46 31.69 28.76
N THR C 1023 33.73 31.29 28.95
CA THR C 1023 34.17 30.23 29.86
C THR C 1023 33.86 30.49 31.34
N ASP C 1024 33.57 31.73 31.76
CA ASP C 1024 33.64 32.15 33.17
C ASP C 1024 32.30 32.61 33.77
N ASN C 1025 31.22 32.67 32.97
CA ASN C 1025 29.95 33.35 33.31
C ASN C 1025 28.72 32.51 32.91
N ALA C 1026 28.73 31.22 33.23
CA ALA C 1026 27.94 30.18 32.55
C ALA C 1026 26.43 30.47 32.40
N TRP C 1027 25.80 30.99 33.45
CA TRP C 1027 24.35 31.11 33.54
C TRP C 1027 23.79 32.45 33.04
N ARG C 1028 24.62 33.37 32.55
CA ARG C 1028 24.23 34.77 32.30
C ARG C 1028 22.98 34.92 31.41
N GLY C 1029 22.90 34.18 30.31
CA GLY C 1029 21.72 34.26 29.43
C GLY C 1029 20.48 33.58 30.01
N ALA C 1030 20.68 32.54 30.82
CA ALA C 1030 19.60 31.87 31.52
C ALA C 1030 19.00 32.80 32.57
N GLU C 1031 19.85 33.49 33.36
CA GLU C 1031 19.41 34.52 34.30
C GLU C 1031 18.60 35.61 33.58
N ALA C 1032 19.11 36.12 32.45
CA ALA C 1032 18.48 37.20 31.71
C ALA C 1032 17.04 36.84 31.30
N TYR C 1033 16.86 35.72 30.60
CA TYR C 1033 15.53 35.32 30.18
C TYR C 1033 14.66 34.88 31.35
N HIS C 1034 15.21 34.23 32.38
CA HIS C 1034 14.47 33.90 33.59
C HIS C 1034 13.89 35.14 34.27
N PHE C 1035 14.70 36.16 34.53
CA PHE C 1035 14.22 37.40 35.13
C PHE C 1035 13.28 38.18 34.19
N PHE C 1036 13.49 38.12 32.88
CA PHE C 1036 12.56 38.70 31.90
C PHE C 1036 11.19 38.02 31.88
N ILE C 1037 11.14 36.69 32.01
CA ILE C 1037 9.88 35.95 32.19
C ILE C 1037 9.26 36.27 33.55
N LEU C 1038 10.05 36.26 34.63
CA LEU C 1038 9.58 36.53 35.99
C LEU C 1038 8.97 37.93 36.15
N ALA C 1039 9.58 38.96 35.55
CA ALA C 1039 9.01 40.30 35.53
C ALA C 1039 7.64 40.32 34.81
N GLN C 1040 7.51 39.63 33.68
CA GLN C 1040 6.21 39.51 33.00
C GLN C 1040 5.19 38.69 33.81
N ARG C 1041 5.60 37.59 34.46
CA ARG C 1041 4.74 36.85 35.40
C ARG C 1041 4.27 37.75 36.54
N GLN C 1042 5.17 38.49 37.17
CA GLN C 1042 4.83 39.42 38.25
C GLN C 1042 3.91 40.55 37.78
N LEU C 1043 4.01 41.00 36.53
CA LEU C 1043 3.07 41.94 35.92
C LEU C 1043 1.67 41.30 35.74
N TYR C 1044 1.58 40.10 35.16
CA TYR C 1044 0.30 39.38 35.03
C TYR C 1044 -0.31 38.98 36.40
N GLU C 1045 0.51 38.73 37.41
CA GLU C 1045 0.10 38.51 38.81
C GLU C 1045 -0.34 39.80 39.54
N GLY C 1046 -0.27 40.97 38.89
CA GLY C 1046 -0.61 42.26 39.50
C GLY C 1046 0.39 42.75 40.56
N CYS C 1047 1.49 42.03 40.76
CA CYS C 1047 2.55 42.31 41.72
C CYS C 1047 3.57 43.30 41.14
N VAL C 1048 3.09 44.43 40.60
CA VAL C 1048 3.86 45.30 39.69
C VAL C 1048 5.13 45.90 40.31
N ASP C 1049 5.18 46.08 41.64
CA ASP C 1049 6.40 46.54 42.33
C ASP C 1049 7.49 45.46 42.36
N THR C 1050 7.12 44.18 42.43
CA THR C 1050 8.07 43.07 42.25
C THR C 1050 8.50 42.96 40.79
N ALA C 1051 7.55 43.09 39.85
CA ALA C 1051 7.85 43.17 38.42
C ALA C 1051 8.85 44.29 38.11
N LEU C 1052 8.68 45.45 38.77
CA LEU C 1052 9.57 46.60 38.68
C LEU C 1052 10.98 46.27 39.20
N LYS C 1053 11.13 45.68 40.41
CA LYS C 1053 12.43 45.26 40.94
C LYS C 1053 13.12 44.25 40.00
N THR C 1054 12.39 43.26 39.50
CA THR C 1054 12.94 42.30 38.56
C THR C 1054 13.35 42.98 37.24
N ALA C 1055 12.54 43.89 36.71
CA ALA C 1055 12.88 44.64 35.50
C ALA C 1055 14.06 45.62 35.69
N LEU C 1056 14.22 46.21 36.88
CA LEU C 1056 15.41 46.98 37.22
C LEU C 1056 16.67 46.10 37.17
N HIS C 1057 16.62 44.91 37.77
CA HIS C 1057 17.74 43.95 37.71
C HIS C 1057 18.16 43.59 36.27
N LEU C 1058 17.23 43.64 35.30
CA LEU C 1058 17.55 43.39 33.90
C LEU C 1058 18.46 44.45 33.24
N LYS C 1059 18.66 45.63 33.85
CA LYS C 1059 19.60 46.65 33.34
C LYS C 1059 20.99 46.08 33.05
N ASP C 1060 21.43 45.07 33.80
CA ASP C 1060 22.75 44.47 33.64
C ASP C 1060 22.93 43.63 32.36
N TYR C 1061 21.85 43.23 31.67
CA TYR C 1061 21.85 42.17 30.64
C TYR C 1061 21.60 42.68 29.21
N GLU C 1062 21.91 43.95 28.94
CA GLU C 1062 21.76 44.57 27.61
C GLU C 1062 22.57 43.91 26.50
N ASP C 1063 23.62 43.18 26.84
CA ASP C 1063 24.41 42.37 25.91
C ASP C 1063 23.65 41.10 25.43
N ILE C 1064 22.61 40.67 26.16
CA ILE C 1064 21.85 39.46 25.86
C ILE C 1064 20.44 39.80 25.38
N ILE C 1065 19.67 40.56 26.15
CA ILE C 1065 18.31 40.97 25.79
C ILE C 1065 18.40 42.40 25.23
N PRO C 1066 17.89 42.68 24.01
CA PRO C 1066 17.98 44.01 23.44
C PRO C 1066 17.34 45.08 24.35
N PRO C 1067 17.91 46.30 24.44
CA PRO C 1067 17.45 47.31 25.39
C PRO C 1067 15.97 47.67 25.23
N VAL C 1068 15.44 47.59 24.01
CA VAL C 1068 14.02 47.85 23.70
C VAL C 1068 13.10 47.04 24.61
N GLU C 1069 13.24 45.72 24.67
CA GLU C 1069 12.41 44.90 25.53
C GLU C 1069 12.58 45.25 27.02
N ILE C 1070 13.82 45.41 27.47
CA ILE C 1070 14.13 45.72 28.86
C ILE C 1070 13.45 47.02 29.26
N TYR C 1071 13.76 48.11 28.57
CA TYR C 1071 13.30 49.43 28.96
C TYR C 1071 11.83 49.65 28.64
N SER C 1072 11.24 48.93 27.67
CA SER C 1072 9.79 48.90 27.52
C SER C 1072 9.11 48.27 28.73
N LEU C 1073 9.56 47.09 29.15
CA LEU C 1073 8.98 46.40 30.30
C LEU C 1073 9.22 47.16 31.61
N LEU C 1074 10.42 47.74 31.78
CA LEU C 1074 10.74 48.59 32.92
C LEU C 1074 9.87 49.84 32.93
N ALA C 1075 9.74 50.56 31.81
CA ALA C 1075 8.87 51.74 31.71
C ALA C 1075 7.42 51.38 32.04
N LEU C 1076 6.90 50.26 31.52
CA LEU C 1076 5.55 49.78 31.80
C LEU C 1076 5.36 49.51 33.30
N CYS C 1077 6.24 48.71 33.91
CA CYS C 1077 6.12 48.41 35.34
C CYS C 1077 6.32 49.64 36.22
N ALA C 1078 7.23 50.54 35.85
CA ALA C 1078 7.46 51.80 36.55
C ALA C 1078 6.23 52.72 36.47
N CYS C 1079 5.59 52.82 35.30
CA CYS C 1079 4.36 53.59 35.10
C CYS C 1079 3.19 52.99 35.90
N ALA C 1080 2.96 51.68 35.81
CA ALA C 1080 1.95 50.98 36.61
C ALA C 1080 2.21 51.10 38.14
N SER C 1081 3.48 51.18 38.55
CA SER C 1081 3.91 51.43 39.92
C SER C 1081 3.80 52.92 40.35
N ARG C 1082 3.58 53.85 39.42
CA ARG C 1082 3.65 55.32 39.59
C ARG C 1082 5.05 55.86 39.92
N ALA C 1083 6.07 55.08 39.59
CA ALA C 1083 7.48 55.47 39.56
C ALA C 1083 7.80 56.20 38.23
N PHE C 1084 7.16 57.34 37.97
CA PHE C 1084 7.28 58.01 36.67
C PHE C 1084 8.66 58.64 36.40
N GLY C 1085 9.50 58.81 37.42
CA GLY C 1085 10.91 59.19 37.27
C GLY C 1085 11.76 58.01 36.82
N THR C 1086 11.56 56.84 37.40
CA THR C 1086 12.15 55.58 36.92
C THR C 1086 11.65 55.25 35.51
N CYS C 1087 10.38 55.53 35.23
CA CYS C 1087 9.82 55.47 33.88
C CYS C 1087 10.52 56.47 32.94
N SER C 1088 10.75 57.71 33.40
CA SER C 1088 11.54 58.72 32.68
C SER C 1088 12.95 58.23 32.37
N LYS C 1089 13.64 57.59 33.34
CA LYS C 1089 14.95 56.93 33.12
C LYS C 1089 14.86 55.93 31.95
N ALA C 1090 13.90 55.02 32.01
CA ALA C 1090 13.68 54.03 30.96
C ALA C 1090 13.37 54.67 29.60
N PHE C 1091 12.57 55.74 29.56
CA PHE C 1091 12.29 56.46 28.31
C PHE C 1091 13.50 57.19 27.74
N ILE C 1092 14.34 57.80 28.58
CA ILE C 1092 15.59 58.42 28.13
C ILE C 1092 16.50 57.34 27.53
N LYS C 1093 16.61 56.19 28.21
CA LYS C 1093 17.40 55.05 27.73
C LYS C 1093 16.88 54.54 26.39
N LEU C 1094 15.56 54.37 26.24
CA LEU C 1094 14.93 54.03 24.96
C LEU C 1094 15.25 55.05 23.86
N LYS C 1095 14.98 56.34 24.06
CA LYS C 1095 15.15 57.33 22.97
C LYS C 1095 16.62 57.44 22.52
N SER C 1096 17.58 57.16 23.40
CA SER C 1096 19.00 57.18 23.06
C SER C 1096 19.42 56.14 22.00
N LEU C 1097 18.61 55.09 21.78
CA LEU C 1097 19.00 53.94 20.96
C LEU C 1097 19.14 54.30 19.47
N GLU C 1098 20.34 54.11 18.95
CA GLU C 1098 20.75 54.47 17.60
C GLU C 1098 20.09 53.59 16.51
N THR C 1099 19.57 52.42 16.90
CA THR C 1099 18.81 51.52 16.03
C THR C 1099 17.39 52.01 15.73
N LEU C 1100 16.83 52.93 16.53
CA LEU C 1100 15.49 53.46 16.34
C LEU C 1100 15.42 54.53 15.24
N SER C 1101 14.32 54.55 14.50
CA SER C 1101 13.94 55.68 13.63
C SER C 1101 13.53 56.91 14.46
N SER C 1102 13.62 58.09 13.87
CA SER C 1102 13.08 59.33 14.42
C SER C 1102 11.58 59.22 14.74
N GLU C 1103 10.83 58.49 13.92
CA GLU C 1103 9.42 58.17 14.18
C GLU C 1103 9.25 57.42 15.51
N GLN C 1104 10.01 56.33 15.72
CA GLN C 1104 9.91 55.55 16.96
C GLN C 1104 10.36 56.38 18.17
N LYS C 1105 11.46 57.13 18.05
CA LYS C 1105 11.92 58.07 19.09
C LYS C 1105 10.82 59.05 19.47
N GLN C 1106 10.15 59.64 18.48
CA GLN C 1106 9.02 60.53 18.69
C GLN C 1106 7.83 59.80 19.34
N GLN C 1107 7.50 58.58 18.93
CA GLN C 1107 6.38 57.85 19.52
C GLN C 1107 6.61 57.56 21.01
N TYR C 1108 7.83 57.14 21.38
CA TYR C 1108 8.22 56.96 22.77
C TYR C 1108 8.21 58.30 23.54
N GLU C 1109 8.69 59.38 22.93
CA GLU C 1109 8.58 60.71 23.52
C GLU C 1109 7.12 61.13 23.73
N ASP C 1110 6.23 60.89 22.77
CA ASP C 1110 4.80 61.19 22.89
C ASP C 1110 4.18 60.48 24.09
N LEU C 1111 4.49 59.19 24.26
CA LEU C 1111 4.01 58.43 25.41
C LEU C 1111 4.61 58.92 26.74
N ALA C 1112 5.90 59.21 26.76
CA ALA C 1112 6.58 59.76 27.92
C ALA C 1112 5.97 61.11 28.34
N LEU C 1113 5.80 62.03 27.38
CA LEU C 1113 5.18 63.32 27.64
C LEU C 1113 3.70 63.18 28.02
N GLU C 1114 2.95 62.23 27.47
CA GLU C 1114 1.59 61.93 27.92
C GLU C 1114 1.57 61.54 29.40
N ILE C 1115 2.44 60.62 29.81
CA ILE C 1115 2.57 60.23 31.23
C ILE C 1115 3.00 61.43 32.08
N PHE C 1116 4.00 62.19 31.61
CA PHE C 1116 4.57 63.29 32.35
C PHE C 1116 3.54 64.41 32.57
N THR C 1117 2.76 64.77 31.55
CA THR C 1117 1.72 65.80 31.65
C THR C 1117 0.51 65.33 32.45
N LYS C 1118 0.06 64.09 32.27
CA LYS C 1118 -1.09 63.54 33.03
C LYS C 1118 -0.79 63.26 34.50
N HIS C 1119 0.43 62.83 34.85
CA HIS C 1119 0.87 62.71 36.24
C HIS C 1119 2.10 63.58 36.51
N THR C 1120 3.29 63.04 36.28
CA THR C 1120 4.58 63.74 36.44
C THR C 1120 5.66 62.93 35.73
N SER C 1121 6.85 63.49 35.55
CA SER C 1121 8.04 62.76 35.10
C SER C 1121 8.98 62.38 36.27
N LYS C 1122 8.45 62.34 37.50
CA LYS C 1122 9.16 62.05 38.76
C LYS C 1122 8.50 60.89 39.50
N ASP C 1123 9.22 60.23 40.41
CA ASP C 1123 8.66 59.11 41.18
C ASP C 1123 7.67 59.57 42.26
N ASN C 1124 6.38 59.27 42.10
CA ASN C 1124 5.37 59.40 43.17
C ASN C 1124 5.52 58.30 44.23
N ARG C 1125 5.97 57.11 43.81
CA ARG C 1125 6.51 56.05 44.68
C ARG C 1125 7.87 55.62 44.15
N LYS C 1126 8.85 55.40 45.03
CA LYS C 1126 10.27 55.29 44.68
C LYS C 1126 10.77 53.84 44.81
N PRO C 1127 11.30 53.20 43.74
CA PRO C 1127 12.20 52.08 43.89
C PRO C 1127 13.56 52.56 44.41
N GLU C 1128 14.31 51.67 45.07
CA GLU C 1128 15.63 51.96 45.66
C GLU C 1128 16.75 50.98 45.25
N LEU C 1129 16.48 50.03 44.35
CA LEU C 1129 17.43 48.98 43.91
C LEU C 1129 18.69 49.53 43.22
N ASP C 1130 18.62 50.74 42.65
CA ASP C 1130 19.79 51.47 42.12
C ASP C 1130 20.92 51.62 43.17
N SER C 1131 20.59 51.58 44.46
CA SER C 1131 21.59 51.55 45.55
C SER C 1131 22.60 50.39 45.44
N LEU C 1132 22.21 49.27 44.80
CA LEU C 1132 23.12 48.20 44.42
C LEU C 1132 23.65 48.38 42.99
N MET C 1133 22.78 48.76 42.05
CA MET C 1133 23.09 48.72 40.61
C MET C 1133 24.11 49.79 40.16
N GLU C 1134 24.47 50.75 41.03
CA GLU C 1134 25.64 51.61 40.82
C GLU C 1134 27.00 50.90 41.05
N GLY C 1135 27.03 49.72 41.65
CA GLY C 1135 28.16 48.79 41.67
C GLY C 1135 29.31 49.09 42.64
N GLY C 1136 29.48 50.35 43.08
CA GLY C 1136 30.62 50.76 43.93
C GLY C 1136 30.68 50.04 45.29
N GLU C 1137 29.55 49.96 45.99
CA GLU C 1137 29.39 49.20 47.24
C GLU C 1137 29.33 47.67 47.04
N GLY C 1138 29.43 47.18 45.81
CA GLY C 1138 29.14 45.80 45.44
C GLY C 1138 27.64 45.51 45.33
N LYS C 1139 27.27 44.23 45.19
CA LYS C 1139 25.88 43.78 44.98
C LYS C 1139 25.52 42.61 45.90
N LEU C 1140 24.30 42.63 46.45
CA LEU C 1140 23.65 41.45 47.03
C LEU C 1140 23.17 40.52 45.91
N PRO C 1141 23.19 39.19 46.09
CA PRO C 1141 22.71 38.25 45.07
C PRO C 1141 21.19 38.37 44.90
N THR C 1142 20.72 38.54 43.67
CA THR C 1142 19.28 38.56 43.35
C THR C 1142 18.71 37.14 43.43
N CYS C 1143 17.68 36.95 44.24
CA CYS C 1143 16.98 35.69 44.43
C CYS C 1143 16.30 35.23 43.13
N VAL C 1144 16.60 34.01 42.64
CA VAL C 1144 15.96 33.47 41.42
C VAL C 1144 14.48 33.11 41.63
N ALA C 1145 13.99 33.00 42.87
CA ALA C 1145 12.55 32.81 43.12
C ALA C 1145 11.72 34.10 43.05
N THR C 1146 12.32 35.29 43.21
CA THR C 1146 11.57 36.55 43.41
C THR C 1146 12.08 37.76 42.62
N GLY C 1147 13.31 37.73 42.10
CA GLY C 1147 13.89 38.87 41.38
C GLY C 1147 14.23 40.09 42.26
N SER C 1148 14.39 39.86 43.57
CA SER C 1148 14.80 40.86 44.57
C SER C 1148 16.11 40.45 45.25
N PRO C 1149 16.93 41.40 45.75
CA PRO C 1149 18.18 41.10 46.43
C PRO C 1149 17.97 40.32 47.74
N ILE C 1150 18.82 39.34 47.99
CA ILE C 1150 18.82 38.53 49.23
C ILE C 1150 19.43 39.35 50.37
N THR C 1151 18.61 39.74 51.35
CA THR C 1151 19.05 40.43 52.58
C THR C 1151 19.45 39.47 53.71
N GLU C 1152 19.21 38.17 53.56
CA GLU C 1152 19.62 37.14 54.53
C GLU C 1152 21.15 37.05 54.67
N TYR C 1153 21.64 36.82 55.88
CA TYR C 1153 23.08 36.67 56.16
C TYR C 1153 23.66 35.38 55.53
N GLN C 1154 22.95 34.27 55.69
CA GLN C 1154 23.21 32.98 55.05
C GLN C 1154 21.88 32.34 54.62
N PHE C 1155 21.89 31.62 53.50
CA PHE C 1155 20.70 31.26 52.73
C PHE C 1155 20.98 30.06 51.81
N TRP C 1156 19.94 29.43 51.26
CA TRP C 1156 20.08 28.30 50.34
C TRP C 1156 20.72 28.71 49.01
N MET C 1157 21.51 27.81 48.43
CA MET C 1157 22.11 27.95 47.10
C MET C 1157 22.05 26.63 46.33
N CYS C 1158 21.68 26.70 45.04
CA CYS C 1158 21.48 25.52 44.20
C CYS C 1158 22.78 24.77 43.92
N SER C 1159 22.86 23.48 44.25
CA SER C 1159 24.05 22.67 43.94
C SER C 1159 24.43 22.60 42.45
N VAL C 1160 23.48 22.85 41.53
CA VAL C 1160 23.77 22.90 40.08
C VAL C 1160 24.20 24.29 39.63
N CYS C 1161 23.30 25.28 39.64
CA CYS C 1161 23.60 26.61 39.08
C CYS C 1161 24.33 27.55 40.04
N LYS C 1162 24.33 27.22 41.34
CA LYS C 1162 24.93 27.98 42.46
C LYS C 1162 24.41 29.40 42.65
N HIS C 1163 23.17 29.67 42.23
CA HIS C 1163 22.42 30.87 42.61
C HIS C 1163 21.76 30.69 43.98
N GLY C 1164 21.62 31.78 44.73
CA GLY C 1164 20.94 31.82 46.01
C GLY C 1164 19.42 31.95 45.90
N VAL C 1165 18.70 31.44 46.90
CA VAL C 1165 17.26 31.67 47.10
C VAL C 1165 16.99 31.91 48.59
N LEU C 1166 16.05 32.81 48.90
CA LEU C 1166 15.60 33.07 50.27
C LEU C 1166 15.09 31.78 50.94
N ALA C 1167 15.50 31.52 52.17
CA ALA C 1167 15.23 30.26 52.88
C ALA C 1167 13.72 29.95 53.06
N GLN C 1168 12.87 30.98 53.03
CA GLN C 1168 11.43 30.85 53.05
C GLN C 1168 10.90 30.50 51.65
N GLU C 1169 11.33 31.22 50.61
CA GLU C 1169 10.82 31.07 49.25
C GLU C 1169 11.22 29.74 48.59
N ILE C 1170 12.41 29.23 48.87
CA ILE C 1170 12.85 27.92 48.34
C ILE C 1170 11.93 26.77 48.79
N SER C 1171 11.24 26.90 49.93
CA SER C 1171 10.29 25.89 50.42
C SER C 1171 9.09 25.69 49.47
N HIS C 1172 8.81 26.67 48.59
CA HIS C 1172 7.72 26.62 47.61
C HIS C 1172 8.01 25.70 46.41
N TYR C 1173 9.25 25.25 46.23
CA TYR C 1173 9.72 24.58 45.02
C TYR C 1173 10.32 23.19 45.25
N SER C 1174 10.10 22.33 44.27
CA SER C 1174 10.72 21.01 44.10
C SER C 1174 11.95 21.09 43.20
N PHE C 1175 11.96 22.03 42.25
CA PHE C 1175 13.04 22.23 41.28
C PHE C 1175 13.50 23.71 41.27
N CYS C 1176 14.80 23.95 41.08
CA CYS C 1176 15.39 25.28 41.04
C CYS C 1176 14.65 26.19 40.03
N PRO C 1177 14.17 27.38 40.43
CA PRO C 1177 13.41 28.25 39.52
C PRO C 1177 14.19 28.67 38.26
N LEU C 1178 15.51 28.77 38.34
CA LEU C 1178 16.36 29.05 37.18
C LEU C 1178 16.59 27.80 36.32
N CYS C 1179 17.29 26.79 36.83
CA CYS C 1179 17.81 25.68 36.02
C CYS C 1179 16.93 24.44 35.97
N HIS C 1180 15.84 24.38 36.74
CA HIS C 1180 14.92 23.25 36.85
C HIS C 1180 15.56 21.91 37.28
N SER C 1181 16.78 21.95 37.82
CA SER C 1181 17.38 20.83 38.55
C SER C 1181 16.62 20.60 39.87
N PRO C 1182 16.51 19.37 40.39
CA PRO C 1182 15.88 19.12 41.69
C PRO C 1182 16.62 19.86 42.82
N VAL C 1183 15.85 20.40 43.76
CA VAL C 1183 16.35 21.24 44.86
C VAL C 1183 17.25 20.45 45.81
N GLY C 1184 18.49 20.93 45.97
CA GLY C 1184 19.53 20.41 46.87
C GLY C 1184 20.85 21.15 46.68
N MET D 131 -23.96 37.18 18.33
CA MET D 131 -23.19 37.89 19.40
C MET D 131 -23.59 39.36 19.48
N THR D 132 -23.81 39.89 20.68
CA THR D 132 -23.98 41.33 20.93
C THR D 132 -22.65 42.08 20.93
N TYR D 133 -22.69 43.42 20.90
CA TYR D 133 -21.53 44.29 21.11
C TYR D 133 -20.76 43.96 22.40
N ARG D 134 -21.46 43.76 23.53
CA ARG D 134 -20.86 43.36 24.81
C ARG D 134 -20.15 42.01 24.73
N ASP D 135 -20.74 41.03 24.03
CA ASP D 135 -20.14 39.70 23.86
C ASP D 135 -18.82 39.74 23.08
N LEU D 136 -18.73 40.61 22.06
CA LEU D 136 -17.50 40.86 21.31
C LEU D 136 -16.45 41.59 22.18
N ASP D 137 -16.88 42.57 22.96
CA ASP D 137 -15.99 43.42 23.78
C ASP D 137 -15.16 42.63 24.80
N ASN D 138 -15.56 41.40 25.15
CA ASN D 138 -14.74 40.45 25.92
C ASN D 138 -13.34 40.22 25.34
N ASP D 139 -13.13 40.38 24.03
CA ASP D 139 -11.79 40.32 23.42
C ASP D 139 -10.82 41.37 23.99
N LEU D 140 -11.34 42.48 24.50
CA LEU D 140 -10.57 43.65 24.96
C LEU D 140 -10.65 43.89 26.48
N MET D 141 -11.76 43.47 27.12
CA MET D 141 -12.10 43.81 28.52
C MET D 141 -11.00 43.50 29.56
N LYS D 142 -10.39 42.31 29.51
CA LYS D 142 -9.37 41.86 30.48
C LYS D 142 -8.00 42.53 30.25
N TYR D 143 -7.54 42.55 29.00
CA TYR D 143 -6.27 43.16 28.59
C TYR D 143 -6.22 44.68 28.86
N SER D 144 -7.37 45.38 28.86
CA SER D 144 -7.46 46.81 29.17
C SER D 144 -6.77 47.22 30.49
N ALA D 145 -6.81 46.36 31.51
CA ALA D 145 -6.19 46.61 32.82
C ALA D 145 -4.64 46.64 32.77
N ILE D 146 -4.03 46.00 31.77
CA ILE D 146 -2.58 46.10 31.48
C ILE D 146 -2.30 47.26 30.52
N GLN D 147 -3.16 47.48 29.53
CA GLN D 147 -3.02 48.57 28.55
C GLN D 147 -3.11 49.96 29.18
N THR D 148 -3.89 50.14 30.25
CA THR D 148 -4.37 51.45 30.72
C THR D 148 -4.14 51.70 32.21
N LEU D 149 -3.81 52.94 32.56
CA LEU D 149 -3.52 53.38 33.93
C LEU D 149 -4.49 54.50 34.35
N ASP D 150 -5.18 54.27 35.48
CA ASP D 150 -6.08 55.22 36.15
C ASP D 150 -7.24 55.76 35.28
N GLY D 151 -7.51 55.12 34.15
CA GLY D 151 -8.43 55.60 33.10
C GLY D 151 -7.94 56.85 32.34
N GLU D 152 -6.72 57.32 32.62
CA GLU D 152 -6.15 58.54 32.02
C GLU D 152 -5.07 58.26 30.97
N ILE D 153 -4.31 57.16 31.09
CA ILE D 153 -3.13 56.86 30.26
C ILE D 153 -3.30 55.51 29.53
N ASP D 154 -2.80 55.43 28.30
CA ASP D 154 -2.74 54.22 27.46
C ASP D 154 -1.28 53.89 27.07
N LEU D 155 -0.83 52.66 27.35
CA LEU D 155 0.53 52.15 27.23
C LEU D 155 0.74 51.20 26.03
N LYS D 156 -0.22 51.04 25.10
CA LYS D 156 -0.25 49.92 24.13
C LYS D 156 1.05 49.71 23.34
N LEU D 157 1.73 50.79 22.95
CA LEU D 157 3.05 50.77 22.28
C LEU D 157 4.10 49.95 23.04
N LEU D 158 4.16 50.09 24.38
CA LEU D 158 5.04 49.27 25.23
C LEU D 158 4.56 47.82 25.31
N THR D 159 3.24 47.61 25.37
CA THR D 159 2.67 46.25 25.53
C THR D 159 2.99 45.30 24.37
N LYS D 160 3.37 45.82 23.19
CA LYS D 160 3.85 45.03 22.05
C LYS D 160 5.02 44.09 22.39
N VAL D 161 5.82 44.43 23.40
CA VAL D 161 6.94 43.62 23.92
C VAL D 161 6.49 42.38 24.69
N LEU D 162 5.30 42.39 25.31
CA LEU D 162 4.86 41.30 26.19
C LEU D 162 4.60 40.00 25.42
N ALA D 163 5.16 38.89 25.89
CA ALA D 163 4.68 37.56 25.53
C ALA D 163 3.36 37.26 26.28
N PRO D 164 2.42 36.48 25.71
CA PRO D 164 1.11 36.25 26.31
C PRO D 164 1.21 35.41 27.60
N GLU D 165 0.26 35.60 28.51
CA GLU D 165 0.33 35.01 29.86
C GLU D 165 0.54 33.49 29.84
N HIS D 166 -0.18 32.74 29.01
CA HIS D 166 -0.08 31.28 28.95
C HIS D 166 1.27 30.76 28.43
N GLU D 167 2.08 31.60 27.77
CA GLU D 167 3.47 31.28 27.38
C GLU D 167 4.51 31.86 28.35
N VAL D 168 4.13 32.87 29.15
CA VAL D 168 4.95 33.49 30.21
C VAL D 168 4.86 32.72 31.54
N ARG D 169 3.75 32.04 31.84
CA ARG D 169 3.62 31.19 33.04
C ARG D 169 4.67 30.06 33.05
N GLU D 170 5.10 29.68 34.25
CA GLU D 170 6.12 28.65 34.52
C GLU D 170 5.64 27.69 35.63
N ASP D 171 6.17 26.46 35.65
CA ASP D 171 5.74 25.37 36.55
C ASP D 171 6.90 24.86 37.43
N ASP D 172 6.59 24.39 38.64
CA ASP D 172 7.53 23.67 39.52
C ASP D 172 7.73 22.21 39.04
N VAL D 173 8.35 22.08 37.86
CA VAL D 173 8.59 20.81 37.15
C VAL D 173 10.05 20.76 36.68
N GLY D 174 10.69 19.59 36.79
CA GLY D 174 12.11 19.42 36.54
C GLY D 174 12.49 19.19 35.07
N TRP D 175 13.74 19.53 34.74
CA TRP D 175 14.35 19.30 33.41
C TRP D 175 15.57 18.37 33.51
N ASP D 176 15.82 17.60 32.45
CA ASP D 176 17.01 16.76 32.26
C ASP D 176 17.56 16.99 30.85
N TRP D 177 18.88 17.02 30.65
CA TRP D 177 19.48 17.58 29.42
C TRP D 177 19.03 16.88 28.14
N ASP D 178 19.02 15.53 28.12
CA ASP D 178 18.54 14.74 26.98
C ASP D 178 17.11 15.12 26.57
N HIS D 179 16.18 15.17 27.53
CA HIS D 179 14.80 15.57 27.29
C HIS D 179 14.70 17.03 26.88
N LEU D 180 15.35 17.93 27.61
CA LEU D 180 15.27 19.38 27.38
C LEU D 180 15.79 19.74 25.98
N PHE D 181 16.88 19.12 25.54
CA PHE D 181 17.39 19.22 24.18
C PHE D 181 16.39 18.65 23.16
N THR D 182 15.83 17.46 23.42
CA THR D 182 14.85 16.82 22.53
C THR D 182 13.63 17.72 22.34
N GLU D 183 13.08 18.25 23.43
CA GLU D 183 11.94 19.16 23.44
C GLU D 183 12.25 20.44 22.64
N VAL D 184 13.33 21.15 22.96
CA VAL D 184 13.76 22.36 22.24
C VAL D 184 14.05 22.08 20.76
N SER D 185 14.49 20.88 20.41
CA SER D 185 14.70 20.42 19.02
C SER D 185 13.40 20.05 18.29
N SER D 186 12.34 19.71 19.02
CA SER D 186 11.05 19.27 18.45
C SER D 186 10.11 20.42 18.05
N GLU D 187 10.28 21.60 18.66
CA GLU D 187 9.48 22.82 18.41
C GLU D 187 9.60 23.36 16.98
#